data_1O8R
#
_entry.id   1O8R
#
_cell.length_a   1.000
_cell.length_b   1.000
_cell.length_c   1.000
_cell.angle_alpha   90.00
_cell.angle_beta   90.00
_cell.angle_gamma   90.00
#
_symmetry.space_group_name_H-M   'P 1'
#
_entity_poly.entity_id   1
_entity_poly.type   'polypeptide(L)'
_entity_poly.pdbx_seq_one_letter_code
;VTVQDGNFSFSLESVKKLKDLQEPQEPRVGKLRNFAPIPGEPVVPILCSNPNFPEELKPLCKEPNAQEILQRLEEIAEDP
GTCEICAYAACTGC
;
_entity_poly.pdbx_strand_id   A
#
# COMPACT_ATOMS: atom_id res chain seq x y z
N VAL A 1 -0.64 13.43 0.95
CA VAL A 1 0.05 12.67 2.04
C VAL A 1 -0.03 11.17 1.77
N THR A 2 1.06 10.56 1.37
CA THR A 2 1.03 9.09 1.09
C THR A 2 2.13 8.37 1.88
N VAL A 3 2.01 7.09 1.99
CA VAL A 3 3.04 6.30 2.73
C VAL A 3 4.24 6.02 1.81
N GLN A 4 5.41 6.44 2.18
CA GLN A 4 6.60 6.21 1.32
C GLN A 4 7.56 5.22 1.98
N ASP A 5 7.84 4.12 1.31
CA ASP A 5 8.78 3.11 1.88
C ASP A 5 10.17 3.31 1.26
N GLY A 6 10.37 4.39 0.57
CA GLY A 6 11.70 4.64 -0.06
C GLY A 6 11.63 5.98 -0.82
N ASN A 7 12.20 6.04 -1.98
CA ASN A 7 12.17 7.31 -2.76
C ASN A 7 10.91 7.37 -3.63
N PHE A 8 9.96 6.53 -3.37
CA PHE A 8 8.71 6.53 -4.18
C PHE A 8 7.49 6.70 -3.27
N SER A 9 6.61 7.61 -3.61
CA SER A 9 5.40 7.82 -2.76
C SER A 9 4.33 6.77 -3.10
N PHE A 10 3.89 6.02 -2.12
CA PHE A 10 2.85 4.98 -2.40
C PHE A 10 1.58 5.27 -1.57
N SER A 11 0.45 5.29 -2.21
CA SER A 11 -0.82 5.56 -1.47
C SER A 11 -1.23 4.31 -0.68
N LEU A 12 -2.24 4.41 0.14
CA LEU A 12 -2.68 3.23 0.93
C LEU A 12 -3.99 2.66 0.38
N GLU A 13 -4.56 3.29 -0.61
CA GLU A 13 -5.83 2.76 -1.18
C GLU A 13 -5.61 1.42 -1.87
N SER A 14 -4.99 1.43 -3.02
CA SER A 14 -4.74 0.16 -3.75
C SER A 14 -4.14 -0.90 -2.80
N VAL A 15 -3.19 -0.51 -1.98
CA VAL A 15 -2.58 -1.49 -1.05
C VAL A 15 -3.65 -2.04 -0.10
N LYS A 16 -4.41 -1.19 0.52
CA LYS A 16 -5.48 -1.68 1.43
C LYS A 16 -6.39 -2.64 0.68
N LYS A 17 -6.91 -2.22 -0.44
CA LYS A 17 -7.80 -3.11 -1.24
C LYS A 17 -6.95 -4.08 -2.08
N LEU A 18 -5.67 -4.11 -1.84
CA LEU A 18 -4.78 -5.03 -2.61
C LEU A 18 -5.19 -6.49 -2.38
N LYS A 19 -5.45 -6.86 -1.17
CA LYS A 19 -5.85 -8.28 -0.89
C LYS A 19 -7.22 -8.57 -1.51
N ASP A 20 -8.10 -7.60 -1.53
CA ASP A 20 -9.44 -7.82 -2.12
C ASP A 20 -9.75 -6.73 -3.14
N LEU A 21 -9.23 -6.85 -4.34
CA LEU A 21 -9.50 -5.81 -5.36
C LEU A 21 -10.34 -6.40 -6.51
N GLN A 22 -11.45 -5.78 -6.82
CA GLN A 22 -12.30 -6.29 -7.92
C GLN A 22 -13.02 -5.13 -8.61
N GLU A 23 -12.28 -4.15 -9.05
CA GLU A 23 -12.90 -2.98 -9.72
C GLU A 23 -11.82 -2.04 -10.28
N PRO A 24 -12.23 -1.17 -11.16
CA PRO A 24 -11.28 -0.20 -11.77
C PRO A 24 -10.67 0.70 -10.71
N GLN A 25 -9.62 1.42 -11.04
CA GLN A 25 -8.99 2.32 -10.04
C GLN A 25 -10.05 3.12 -9.29
N GLU A 26 -9.90 3.25 -7.99
CA GLU A 26 -10.91 4.00 -7.20
C GLU A 26 -10.25 5.20 -6.51
N PRO A 27 -10.67 6.38 -6.89
CA PRO A 27 -10.11 7.62 -6.30
C PRO A 27 -10.38 7.67 -4.80
N ARG A 28 -10.33 8.84 -4.21
CA ARG A 28 -10.59 8.95 -2.75
C ARG A 28 -11.96 8.34 -2.40
N VAL A 29 -12.04 7.68 -1.28
CA VAL A 29 -13.35 7.07 -0.89
C VAL A 29 -13.85 7.67 0.43
N GLY A 30 -15.12 7.98 0.51
CA GLY A 30 -15.66 8.57 1.77
C GLY A 30 -15.32 7.66 2.95
N LYS A 31 -15.16 6.39 2.71
CA LYS A 31 -14.83 5.46 3.83
C LYS A 31 -13.38 5.65 4.26
N LEU A 32 -13.05 5.28 5.47
CA LEU A 32 -11.65 5.46 5.96
C LEU A 32 -10.83 4.19 5.66
N ARG A 33 -9.64 4.37 5.16
CA ARG A 33 -8.79 3.18 4.85
C ARG A 33 -8.33 2.51 6.15
N ASN A 34 -9.24 2.01 6.93
CA ASN A 34 -8.85 1.35 8.21
C ASN A 34 -9.59 0.01 8.36
N PHE A 35 -10.23 -0.44 7.31
CA PHE A 35 -10.97 -1.74 7.40
C PHE A 35 -10.17 -2.86 6.74
N ALA A 36 -8.94 -2.58 6.38
CA ALA A 36 -8.10 -3.62 5.74
C ALA A 36 -7.91 -4.82 6.68
N PRO A 37 -7.84 -5.99 6.11
CA PRO A 37 -7.65 -7.22 6.92
C PRO A 37 -6.29 -7.19 7.64
N ILE A 38 -5.72 -8.34 7.88
CA ILE A 38 -4.40 -8.38 8.58
C ILE A 38 -3.30 -8.76 7.60
N PRO A 39 -2.18 -8.08 7.68
CA PRO A 39 -1.04 -8.35 6.79
C PRO A 39 -0.53 -9.78 6.98
N GLY A 40 -0.08 -10.40 5.92
CA GLY A 40 0.44 -11.79 6.05
C GLY A 40 0.17 -12.56 4.76
N GLU A 41 0.28 -11.91 3.64
CA GLU A 41 0.02 -12.61 2.34
C GLU A 41 1.06 -12.18 1.29
N PRO A 42 2.30 -12.51 1.55
CA PRO A 42 3.40 -12.17 0.64
C PRO A 42 3.20 -12.83 -0.73
N VAL A 43 2.75 -12.08 -1.70
CA VAL A 43 2.53 -12.67 -3.06
C VAL A 43 3.10 -11.73 -4.13
N VAL A 44 3.92 -12.25 -5.00
CA VAL A 44 4.51 -11.39 -6.07
C VAL A 44 4.91 -12.22 -7.28
N PRO A 45 3.95 -12.45 -8.15
CA PRO A 45 4.18 -13.25 -9.37
C PRO A 45 5.23 -12.56 -10.25
N ILE A 46 5.14 -12.71 -11.55
CA ILE A 46 6.14 -12.05 -12.44
C ILE A 46 6.18 -10.55 -12.10
N LEU A 47 5.04 -9.93 -12.08
CA LEU A 47 5.00 -8.47 -11.73
C LEU A 47 4.32 -8.30 -10.38
N CYS A 48 3.02 -8.45 -10.34
CA CYS A 48 2.29 -8.31 -9.05
C CYS A 48 1.07 -9.24 -9.04
N SER A 49 0.70 -9.72 -7.88
CA SER A 49 -0.47 -10.64 -7.81
C SER A 49 -1.73 -9.95 -8.33
N ASN A 50 -2.03 -8.78 -7.84
CA ASN A 50 -3.24 -8.04 -8.29
C ASN A 50 -2.98 -7.36 -9.64
N PRO A 51 -3.72 -7.77 -10.64
CA PRO A 51 -3.57 -7.19 -12.00
C PRO A 51 -3.85 -5.68 -11.97
N ASN A 52 -4.36 -5.19 -10.87
CA ASN A 52 -4.65 -3.74 -10.77
C ASN A 52 -4.24 -3.23 -9.39
N PHE A 53 -3.11 -3.67 -8.91
CA PHE A 53 -2.64 -3.22 -7.57
C PHE A 53 -2.00 -1.84 -7.69
N PRO A 54 -1.50 -1.35 -6.58
CA PRO A 54 -0.83 -0.02 -6.58
C PRO A 54 0.32 -0.02 -7.59
N GLU A 55 0.01 -0.01 -8.86
CA GLU A 55 1.07 -0.03 -9.90
C GLU A 55 2.24 0.87 -9.48
N GLU A 56 1.95 1.97 -8.85
CA GLU A 56 3.06 2.88 -8.42
C GLU A 56 4.05 2.08 -7.56
N LEU A 57 3.64 0.93 -7.08
CA LEU A 57 4.54 0.09 -6.25
C LEU A 57 5.17 -1.00 -7.12
N LYS A 58 4.98 -0.90 -8.41
CA LYS A 58 5.55 -1.92 -9.34
C LYS A 58 6.96 -2.31 -8.90
N PRO A 59 7.80 -1.33 -8.70
CA PRO A 59 9.18 -1.60 -8.27
C PRO A 59 9.19 -2.48 -7.02
N LEU A 60 8.33 -2.20 -6.08
CA LEU A 60 8.29 -3.03 -4.84
C LEU A 60 8.04 -4.49 -5.21
N CYS A 61 7.16 -4.74 -6.14
CA CYS A 61 6.87 -6.15 -6.53
C CYS A 61 8.08 -6.75 -7.27
N LYS A 62 8.85 -5.92 -7.92
CA LYS A 62 10.04 -6.45 -8.66
C LYS A 62 11.26 -6.49 -7.73
N GLU A 63 11.07 -6.21 -6.48
CA GLU A 63 12.21 -6.24 -5.52
C GLU A 63 12.06 -7.41 -4.55
N PRO A 64 13.17 -8.00 -4.19
CA PRO A 64 13.16 -9.17 -3.27
C PRO A 64 12.55 -8.79 -1.91
N ASN A 65 12.56 -7.53 -1.57
CA ASN A 65 11.98 -7.12 -0.26
C ASN A 65 10.46 -6.94 -0.38
N ALA A 66 9.91 -7.06 -1.56
CA ALA A 66 8.44 -6.90 -1.71
C ALA A 66 7.70 -7.79 -0.70
N GLN A 67 8.19 -8.98 -0.49
CA GLN A 67 7.51 -9.88 0.49
C GLN A 67 7.37 -9.18 1.84
N GLU A 68 8.40 -8.51 2.28
CA GLU A 68 8.33 -7.80 3.60
C GLU A 68 7.59 -6.47 3.42
N ILE A 69 7.77 -5.82 2.31
CA ILE A 69 7.09 -4.51 2.08
C ILE A 69 5.58 -4.74 1.95
N LEU A 70 5.18 -5.62 1.08
CA LEU A 70 3.71 -5.88 0.90
C LEU A 70 3.04 -5.97 2.27
N GLN A 71 3.47 -6.87 3.11
CA GLN A 71 2.84 -6.99 4.45
C GLN A 71 2.81 -5.62 5.14
N ARG A 72 3.95 -4.99 5.25
CA ARG A 72 3.99 -3.65 5.91
C ARG A 72 2.91 -2.74 5.30
N LEU A 73 2.94 -2.56 4.01
CA LEU A 73 1.92 -1.71 3.35
C LEU A 73 0.52 -2.08 3.84
N GLU A 74 0.22 -3.35 3.88
CA GLU A 74 -1.12 -3.80 4.33
C GLU A 74 -1.40 -3.26 5.74
N GLU A 75 -0.44 -3.35 6.62
CA GLU A 75 -0.67 -2.84 8.01
C GLU A 75 -0.92 -1.34 7.99
N ILE A 76 -0.04 -0.58 7.40
CA ILE A 76 -0.26 0.91 7.36
C ILE A 76 -1.56 1.21 6.62
N ALA A 77 -1.92 0.39 5.66
CA ALA A 77 -3.18 0.62 4.92
C ALA A 77 -4.37 0.49 5.87
N GLU A 78 -4.24 -0.36 6.86
CA GLU A 78 -5.35 -0.54 7.85
C GLU A 78 -5.13 0.38 9.04
N ASP A 79 -4.26 1.35 8.90
CA ASP A 79 -3.98 2.29 10.02
C ASP A 79 -2.95 3.33 9.60
N PRO A 80 -3.31 4.58 9.72
CA PRO A 80 -2.40 5.68 9.34
C PRO A 80 -1.12 5.65 10.19
N GLY A 81 -1.24 5.82 11.47
CA GLY A 81 -0.03 5.80 12.34
C GLY A 81 0.61 7.19 12.33
N THR A 82 1.91 7.25 12.27
CA THR A 82 2.58 8.58 12.26
C THR A 82 2.55 9.17 10.84
N CYS A 83 2.37 8.34 9.85
CA CYS A 83 2.32 8.86 8.45
C CYS A 83 1.24 9.96 8.34
N GLU A 84 0.05 9.65 8.74
CA GLU A 84 -1.05 10.67 8.65
C GLU A 84 -0.69 11.93 9.45
N ILE A 85 0.07 11.80 10.50
CA ILE A 85 0.43 13.01 11.30
C ILE A 85 1.84 13.48 10.93
N CYS A 86 2.38 12.99 9.86
CA CYS A 86 3.75 13.41 9.45
C CYS A 86 4.71 13.29 10.63
N ALA A 87 4.37 12.50 11.61
CA ALA A 87 5.28 12.33 12.78
C ALA A 87 6.63 11.77 12.33
N TYR A 88 6.71 11.30 11.12
CA TYR A 88 7.99 10.74 10.61
C TYR A 88 8.06 10.84 9.09
N ALA A 89 9.10 10.33 8.50
CA ALA A 89 9.22 10.39 7.00
C ALA A 89 8.29 9.36 6.35
N ALA A 90 7.53 8.65 7.14
CA ALA A 90 6.60 7.65 6.57
C ALA A 90 5.63 8.29 5.58
N CYS A 91 5.21 9.50 5.86
CA CYS A 91 4.26 10.18 4.93
C CYS A 91 4.93 11.39 4.26
N THR A 92 4.85 11.46 2.95
CA THR A 92 5.48 12.61 2.23
C THR A 92 4.41 13.57 1.73
N GLY A 93 4.75 14.81 1.50
CA GLY A 93 3.75 15.79 1.01
C GLY A 93 3.25 16.64 2.18
N CYS A 94 3.77 16.40 3.35
CA CYS A 94 3.34 17.20 4.53
C CYS A 94 4.14 18.50 4.63
N VAL A 1 -2.04 13.19 2.45
CA VAL A 1 -0.68 12.63 2.70
C VAL A 1 -0.53 11.28 2.01
N THR A 2 0.66 10.94 1.59
CA THR A 2 0.87 9.65 0.90
C THR A 2 1.92 8.80 1.63
N VAL A 3 1.76 7.51 1.62
CA VAL A 3 2.74 6.63 2.31
C VAL A 3 3.90 6.32 1.37
N GLN A 4 5.10 6.69 1.74
CA GLN A 4 6.26 6.43 0.84
C GLN A 4 7.18 5.35 1.43
N ASP A 5 7.31 4.25 0.76
CA ASP A 5 8.19 3.16 1.28
C ASP A 5 9.59 3.30 0.69
N GLY A 6 9.85 4.41 0.04
CA GLY A 6 11.19 4.63 -0.56
C GLY A 6 11.22 6.00 -1.25
N ASN A 7 11.73 6.06 -2.44
CA ASN A 7 11.78 7.36 -3.17
C ASN A 7 10.47 7.59 -3.93
N PHE A 8 9.51 6.72 -3.76
CA PHE A 8 8.21 6.89 -4.47
C PHE A 8 7.06 6.93 -3.47
N SER A 9 6.12 7.80 -3.65
CA SER A 9 4.97 7.89 -2.71
C SER A 9 3.93 6.81 -3.03
N PHE A 10 3.59 5.99 -2.08
CA PHE A 10 2.58 4.92 -2.32
C PHE A 10 1.32 5.17 -1.49
N SER A 11 0.18 5.22 -2.12
CA SER A 11 -1.09 5.47 -1.36
C SER A 11 -1.47 4.21 -0.58
N LEU A 12 -2.41 4.32 0.33
CA LEU A 12 -2.83 3.13 1.13
C LEU A 12 -4.04 2.45 0.48
N GLU A 13 -4.76 3.14 -0.35
CA GLU A 13 -5.96 2.53 -1.00
C GLU A 13 -5.57 1.29 -1.80
N SER A 14 -4.81 1.45 -2.85
CA SER A 14 -4.40 0.27 -3.66
C SER A 14 -4.01 -0.89 -2.75
N VAL A 15 -3.20 -0.64 -1.77
CA VAL A 15 -2.80 -1.73 -0.84
C VAL A 15 -4.02 -2.25 -0.08
N LYS A 16 -4.79 -1.38 0.50
CA LYS A 16 -6.00 -1.84 1.24
C LYS A 16 -6.87 -2.67 0.28
N LYS A 17 -7.13 -2.14 -0.89
CA LYS A 17 -7.95 -2.90 -1.88
C LYS A 17 -7.08 -3.94 -2.60
N LEU A 18 -5.85 -4.08 -2.19
CA LEU A 18 -4.96 -5.07 -2.85
C LEU A 18 -5.46 -6.49 -2.60
N LYS A 19 -5.98 -6.75 -1.43
CA LYS A 19 -6.49 -8.12 -1.13
C LYS A 19 -7.57 -8.51 -2.14
N ASP A 20 -8.39 -7.58 -2.54
CA ASP A 20 -9.46 -7.91 -3.52
C ASP A 20 -9.48 -6.85 -4.64
N LEU A 21 -9.40 -7.29 -5.87
CA LEU A 21 -9.42 -6.32 -7.01
C LEU A 21 -10.86 -6.02 -7.42
N GLN A 22 -11.24 -4.78 -7.44
CA GLN A 22 -12.64 -4.43 -7.84
C GLN A 22 -12.65 -3.09 -8.58
N GLU A 23 -11.89 -2.97 -9.63
CA GLU A 23 -11.87 -1.70 -10.40
C GLU A 23 -11.55 -0.52 -9.49
N PRO A 24 -10.37 -0.55 -8.92
CA PRO A 24 -9.94 0.53 -8.00
C PRO A 24 -9.85 1.87 -8.75
N GLN A 25 -10.95 2.33 -9.27
CA GLN A 25 -10.93 3.64 -10.02
C GLN A 25 -10.55 4.78 -9.07
N GLU A 26 -10.69 4.57 -7.79
CA GLU A 26 -10.34 5.64 -6.82
C GLU A 26 -11.30 6.83 -6.96
N PRO A 27 -12.58 6.54 -6.87
CA PRO A 27 -13.61 7.59 -6.99
C PRO A 27 -13.44 8.63 -5.87
N ARG A 28 -13.86 9.84 -6.11
CA ARG A 28 -13.72 10.90 -5.06
C ARG A 28 -14.56 10.53 -3.84
N VAL A 29 -13.94 10.03 -2.80
CA VAL A 29 -14.71 9.65 -1.59
C VAL A 29 -14.15 10.39 -0.36
N GLY A 30 -15.01 10.82 0.52
CA GLY A 30 -14.52 11.54 1.74
C GLY A 30 -14.35 10.55 2.88
N LYS A 31 -14.58 9.29 2.64
CA LYS A 31 -14.42 8.28 3.72
C LYS A 31 -12.95 7.91 3.90
N LEU A 32 -12.54 7.60 5.10
CA LEU A 32 -11.12 7.24 5.34
C LEU A 32 -10.97 5.71 5.40
N ARG A 33 -10.14 5.15 4.56
CA ARG A 33 -9.96 3.66 4.57
C ARG A 33 -9.23 3.22 5.85
N ASN A 34 -9.68 2.17 6.46
CA ASN A 34 -9.00 1.69 7.71
C ASN A 34 -9.58 0.34 8.14
N PHE A 35 -10.01 -0.46 7.20
CA PHE A 35 -10.59 -1.78 7.55
C PHE A 35 -9.62 -2.90 7.11
N ALA A 36 -8.45 -2.55 6.67
CA ALA A 36 -7.47 -3.59 6.22
C ALA A 36 -7.18 -4.56 7.37
N PRO A 37 -7.41 -5.82 7.12
CA PRO A 37 -7.16 -6.87 8.14
C PRO A 37 -5.68 -6.90 8.53
N ILE A 38 -5.15 -8.07 8.78
CA ILE A 38 -3.71 -8.17 9.15
C ILE A 38 -2.92 -8.81 8.00
N PRO A 39 -1.61 -8.69 8.08
CA PRO A 39 -0.73 -9.25 7.03
C PRO A 39 -0.92 -10.77 6.93
N GLY A 40 -0.56 -11.34 5.82
CA GLY A 40 -0.73 -12.81 5.65
C GLY A 40 -1.04 -13.14 4.19
N GLU A 41 -0.71 -12.27 3.28
CA GLU A 41 -0.98 -12.54 1.84
C GLU A 41 0.25 -12.18 1.00
N PRO A 42 1.11 -13.14 0.84
CA PRO A 42 2.36 -12.93 0.06
C PRO A 42 2.03 -12.56 -1.39
N VAL A 43 2.77 -11.65 -1.95
CA VAL A 43 2.50 -11.24 -3.36
C VAL A 43 3.79 -11.24 -4.17
N VAL A 44 3.69 -11.12 -5.46
CA VAL A 44 4.91 -11.12 -6.32
C VAL A 44 5.59 -12.48 -6.29
N PRO A 45 4.84 -13.50 -6.65
CA PRO A 45 5.40 -14.88 -6.67
C PRO A 45 6.55 -14.96 -7.67
N ILE A 46 6.36 -14.40 -8.84
CA ILE A 46 7.43 -14.42 -9.87
C ILE A 46 7.36 -13.14 -10.71
N LEU A 47 6.17 -12.70 -11.02
CA LEU A 47 6.01 -11.45 -11.82
C LEU A 47 4.79 -10.67 -11.33
N CYS A 48 4.92 -9.97 -10.24
CA CYS A 48 3.77 -9.19 -9.70
C CYS A 48 2.56 -10.11 -9.48
N SER A 49 1.80 -9.84 -8.44
CA SER A 49 0.60 -10.70 -8.17
C SER A 49 -0.66 -10.02 -8.70
N ASN A 50 -1.10 -8.99 -8.06
CA ASN A 50 -2.33 -8.27 -8.53
C ASN A 50 -1.99 -7.40 -9.75
N PRO A 51 -2.55 -7.77 -10.88
CA PRO A 51 -2.30 -7.00 -12.13
C PRO A 51 -2.79 -5.56 -11.99
N ASN A 52 -3.52 -5.27 -10.95
CA ASN A 52 -4.04 -3.88 -10.76
C ASN A 52 -3.74 -3.39 -9.34
N PHE A 53 -2.62 -3.80 -8.79
CA PHE A 53 -2.27 -3.34 -7.41
C PHE A 53 -1.68 -1.94 -7.47
N PRO A 54 -1.23 -1.43 -6.35
CA PRO A 54 -0.64 -0.08 -6.33
C PRO A 54 0.56 -0.03 -7.27
N GLU A 55 0.31 0.01 -8.55
CA GLU A 55 1.41 0.06 -9.54
C GLU A 55 2.51 1.01 -9.07
N GLU A 56 2.15 2.10 -8.45
CA GLU A 56 3.20 3.04 -7.94
C GLU A 56 4.19 2.26 -7.08
N LEU A 57 3.81 1.10 -6.64
CA LEU A 57 4.71 0.25 -5.81
C LEU A 57 5.44 -0.73 -6.73
N LYS A 58 5.40 -0.47 -8.01
CA LYS A 58 6.07 -1.36 -8.99
C LYS A 58 7.43 -1.84 -8.46
N PRO A 59 8.24 -0.89 -8.05
CA PRO A 59 9.59 -1.25 -7.52
C PRO A 59 9.46 -2.30 -6.42
N LEU A 60 8.51 -2.14 -5.53
CA LEU A 60 8.34 -3.14 -4.45
C LEU A 60 8.04 -4.52 -5.06
N CYS A 61 7.28 -4.57 -6.11
CA CYS A 61 6.97 -5.88 -6.75
C CYS A 61 8.23 -6.47 -7.40
N LYS A 62 9.11 -5.63 -7.87
CA LYS A 62 10.35 -6.15 -8.50
C LYS A 62 11.43 -6.30 -7.45
N GLU A 63 11.14 -5.95 -6.23
CA GLU A 63 12.15 -6.08 -5.15
C GLU A 63 12.04 -7.45 -4.48
N PRO A 64 13.17 -8.05 -4.22
CA PRO A 64 13.19 -9.38 -3.57
C PRO A 64 12.51 -9.32 -2.21
N ASN A 65 12.41 -8.14 -1.64
CA ASN A 65 11.75 -8.01 -0.30
C ASN A 65 10.25 -7.75 -0.46
N ALA A 66 9.78 -7.62 -1.68
CA ALA A 66 8.32 -7.36 -1.87
C ALA A 66 7.50 -8.31 -0.99
N GLN A 67 7.97 -9.51 -0.81
CA GLN A 67 7.22 -10.47 0.05
C GLN A 67 7.05 -9.90 1.46
N GLU A 68 8.10 -9.36 2.02
CA GLU A 68 7.99 -8.78 3.39
C GLU A 68 7.38 -7.38 3.32
N ILE A 69 7.76 -6.60 2.35
CA ILE A 69 7.20 -5.23 2.22
C ILE A 69 5.67 -5.29 2.10
N LEU A 70 5.17 -6.17 1.28
CA LEU A 70 3.69 -6.30 1.11
C LEU A 70 3.00 -6.29 2.48
N GLN A 71 3.34 -7.22 3.33
CA GLN A 71 2.71 -7.26 4.68
C GLN A 71 2.74 -5.87 5.31
N ARG A 72 3.91 -5.30 5.45
CA ARG A 72 4.01 -3.95 6.07
C ARG A 72 2.99 -3.01 5.42
N LEU A 73 3.00 -2.91 4.11
CA LEU A 73 2.03 -2.02 3.44
C LEU A 73 0.61 -2.30 3.92
N GLU A 74 0.22 -3.55 3.93
CA GLU A 74 -1.15 -3.90 4.39
C GLU A 74 -1.42 -3.29 5.76
N GLU A 75 -0.56 -3.56 6.72
CA GLU A 75 -0.77 -2.99 8.09
C GLU A 75 -0.88 -1.46 8.03
N ILE A 76 0.09 -0.80 7.48
CA ILE A 76 0.03 0.69 7.39
C ILE A 76 -1.22 1.11 6.62
N ALA A 77 -1.54 0.43 5.56
CA ALA A 77 -2.75 0.78 4.77
C ALA A 77 -3.97 0.84 5.71
N GLU A 78 -4.03 -0.04 6.66
CA GLU A 78 -5.18 -0.03 7.62
C GLU A 78 -5.20 1.28 8.41
N ASP A 79 -4.07 1.72 8.87
CA ASP A 79 -4.04 3.00 9.65
C ASP A 79 -2.85 3.85 9.23
N PRO A 80 -3.06 5.15 9.20
CA PRO A 80 -1.98 6.08 8.80
C PRO A 80 -0.77 5.95 9.72
N GLY A 81 -0.99 5.94 11.02
CA GLY A 81 0.15 5.83 11.96
C GLY A 81 0.83 7.18 12.10
N THR A 82 2.13 7.20 12.11
CA THR A 82 2.85 8.51 12.23
C THR A 82 2.80 9.24 10.88
N CYS A 83 2.63 8.50 9.82
CA CYS A 83 2.57 9.13 8.47
C CYS A 83 1.60 10.32 8.49
N GLU A 84 0.38 10.10 8.92
CA GLU A 84 -0.61 11.21 8.95
C GLU A 84 -0.16 12.36 9.85
N ILE A 85 0.48 12.07 10.95
CA ILE A 85 0.92 13.17 11.86
C ILE A 85 2.29 13.71 11.42
N CYS A 86 2.76 13.31 10.28
CA CYS A 86 4.09 13.81 9.79
C CYS A 86 5.17 13.60 10.86
N ALA A 87 4.94 12.71 11.79
CA ALA A 87 5.97 12.47 12.84
C ALA A 87 7.07 11.58 12.27
N TYR A 88 6.92 11.11 11.07
CA TYR A 88 7.96 10.24 10.45
C TYR A 88 8.04 10.49 8.95
N ALA A 89 9.08 10.02 8.32
CA ALA A 89 9.21 10.23 6.84
C ALA A 89 8.26 9.32 6.07
N ALA A 90 7.44 8.57 6.78
CA ALA A 90 6.49 7.64 6.08
C ALA A 90 5.51 8.44 5.22
N CYS A 91 5.16 9.63 5.62
CA CYS A 91 4.20 10.44 4.82
C CYS A 91 4.92 11.60 4.13
N THR A 92 4.83 11.67 2.83
CA THR A 92 5.50 12.78 2.09
C THR A 92 4.46 13.79 1.61
N GLY A 93 4.84 15.03 1.50
CA GLY A 93 3.88 16.06 1.04
C GLY A 93 3.35 16.83 2.25
N CYS A 94 3.68 16.40 3.43
CA CYS A 94 3.20 17.10 4.65
C CYS A 94 3.41 18.61 4.52
N VAL A 1 -0.35 13.58 2.34
CA VAL A 1 -0.17 12.46 3.30
C VAL A 1 -0.09 11.13 2.56
N THR A 2 1.06 10.78 2.06
CA THR A 2 1.20 9.49 1.32
C THR A 2 2.27 8.61 1.97
N VAL A 3 2.08 7.33 1.96
CA VAL A 3 3.08 6.41 2.58
C VAL A 3 4.15 6.03 1.54
N GLN A 4 5.38 6.35 1.80
CA GLN A 4 6.45 6.00 0.82
C GLN A 4 7.43 4.99 1.43
N ASP A 5 7.87 4.04 0.64
CA ASP A 5 8.84 3.03 1.14
C ASP A 5 10.21 3.24 0.49
N GLY A 6 10.40 4.37 -0.13
CA GLY A 6 11.71 4.65 -0.79
C GLY A 6 11.66 6.02 -1.45
N ASN A 7 12.14 6.13 -2.65
CA ASN A 7 12.11 7.44 -3.36
C ASN A 7 10.75 7.67 -4.00
N PHE A 8 9.82 6.77 -3.77
CA PHE A 8 8.46 6.94 -4.36
C PHE A 8 7.40 6.93 -3.27
N SER A 9 6.29 7.59 -3.49
CA SER A 9 5.22 7.62 -2.45
C SER A 9 4.07 6.69 -2.86
N PHE A 10 3.58 5.91 -1.93
CA PHE A 10 2.47 4.98 -2.27
C PHE A 10 1.25 5.26 -1.37
N SER A 11 0.08 5.32 -1.94
CA SER A 11 -1.14 5.60 -1.14
C SER A 11 -1.52 4.35 -0.32
N LEU A 12 -2.42 4.50 0.63
CA LEU A 12 -2.82 3.32 1.45
C LEU A 12 -4.09 2.69 0.89
N GLU A 13 -4.79 3.39 0.03
CA GLU A 13 -6.03 2.81 -0.55
C GLU A 13 -5.71 1.60 -1.43
N SER A 14 -5.07 1.84 -2.56
CA SER A 14 -4.72 0.70 -3.46
C SER A 14 -4.24 -0.50 -2.65
N VAL A 15 -3.27 -0.32 -1.80
CA VAL A 15 -2.77 -1.47 -1.00
C VAL A 15 -3.94 -2.08 -0.21
N LYS A 16 -4.74 -1.26 0.41
CA LYS A 16 -5.90 -1.80 1.17
C LYS A 16 -6.73 -2.70 0.24
N LYS A 17 -7.19 -2.16 -0.86
CA LYS A 17 -7.99 -2.97 -1.82
C LYS A 17 -7.05 -3.80 -2.70
N LEU A 18 -5.80 -3.90 -2.33
CA LEU A 18 -4.83 -4.69 -3.13
C LEU A 18 -5.19 -6.17 -3.09
N LYS A 19 -5.66 -6.65 -1.97
CA LYS A 19 -6.03 -8.10 -1.86
C LYS A 19 -7.05 -8.48 -2.92
N ASP A 20 -8.09 -7.71 -3.07
CA ASP A 20 -9.13 -8.04 -4.10
C ASP A 20 -9.51 -6.79 -4.89
N LEU A 21 -9.99 -6.96 -6.10
CA LEU A 21 -10.39 -5.79 -6.91
C LEU A 21 -11.90 -5.80 -7.14
N GLN A 22 -12.58 -4.76 -6.74
CA GLN A 22 -14.06 -4.72 -6.93
C GLN A 22 -14.49 -3.34 -7.43
N GLU A 23 -15.65 -3.24 -8.03
CA GLU A 23 -16.11 -1.91 -8.53
C GLU A 23 -15.03 -1.28 -9.42
N PRO A 24 -15.33 -0.12 -9.93
CA PRO A 24 -14.38 0.59 -10.82
C PRO A 24 -13.04 0.83 -10.09
N GLN A 25 -12.08 1.39 -10.77
CA GLN A 25 -10.76 1.64 -10.13
C GLN A 25 -10.96 2.16 -8.71
N GLU A 26 -11.17 3.44 -8.55
CA GLU A 26 -11.37 3.99 -7.18
C GLU A 26 -12.64 4.84 -7.12
N PRO A 27 -13.76 4.17 -7.01
CA PRO A 27 -15.07 4.86 -6.95
C PRO A 27 -15.16 5.73 -5.69
N ARG A 28 -15.62 6.95 -5.82
CA ARG A 28 -15.73 7.84 -4.62
C ARG A 28 -14.49 7.68 -3.73
N VAL A 29 -13.47 8.44 -3.99
CA VAL A 29 -12.23 8.34 -3.16
C VAL A 29 -12.60 8.26 -1.67
N GLY A 30 -12.16 7.23 -0.99
CA GLY A 30 -12.47 7.09 0.45
C GLY A 30 -11.50 7.94 1.28
N LYS A 31 -11.95 9.05 1.81
CA LYS A 31 -11.05 9.91 2.61
C LYS A 31 -10.52 9.15 3.83
N LEU A 32 -11.28 8.21 4.33
CA LEU A 32 -10.81 7.44 5.52
C LEU A 32 -10.52 5.98 5.15
N ARG A 33 -9.42 5.46 5.62
CA ARG A 33 -9.08 4.04 5.31
C ARG A 33 -8.91 3.26 6.63
N ASN A 34 -9.44 2.08 6.71
CA ASN A 34 -9.30 1.30 7.98
C ASN A 34 -9.50 -0.20 7.75
N PHE A 35 -10.68 -0.60 7.38
CA PHE A 35 -10.94 -2.05 7.16
C PHE A 35 -10.01 -2.64 6.09
N ALA A 36 -8.75 -2.77 6.39
CA ALA A 36 -7.81 -3.35 5.40
C ALA A 36 -7.92 -4.88 5.41
N PRO A 37 -7.42 -5.49 4.36
CA PRO A 37 -7.46 -6.97 4.25
C PRO A 37 -6.60 -7.63 5.34
N ILE A 38 -5.93 -6.84 6.14
CA ILE A 38 -5.08 -7.42 7.23
C ILE A 38 -3.83 -8.09 6.61
N PRO A 39 -2.69 -7.65 7.05
CA PRO A 39 -1.40 -8.21 6.55
C PRO A 39 -1.31 -9.70 6.90
N GLY A 40 -0.21 -10.31 6.54
CA GLY A 40 -0.05 -11.76 6.84
C GLY A 40 -0.29 -12.58 5.57
N GLU A 41 -0.31 -11.93 4.44
CA GLU A 41 -0.54 -12.67 3.16
C GLU A 41 0.48 -12.22 2.11
N PRO A 42 1.72 -12.54 2.35
CA PRO A 42 2.80 -12.16 1.42
C PRO A 42 2.60 -12.82 0.06
N VAL A 43 2.77 -12.07 -1.01
CA VAL A 43 2.58 -12.67 -2.37
C VAL A 43 2.80 -11.60 -3.43
N VAL A 44 4.01 -11.44 -3.91
CA VAL A 44 4.28 -10.42 -4.95
C VAL A 44 5.12 -11.02 -6.08
N PRO A 45 4.54 -11.97 -6.76
CA PRO A 45 5.25 -12.64 -7.89
C PRO A 45 5.62 -11.62 -8.96
N ILE A 46 6.58 -11.94 -9.80
CA ILE A 46 6.97 -10.99 -10.87
C ILE A 46 5.74 -10.45 -11.58
N LEU A 47 4.73 -11.26 -11.75
CA LEU A 47 3.50 -10.79 -12.44
C LEU A 47 2.56 -10.11 -11.44
N CYS A 48 2.97 -10.03 -10.20
CA CYS A 48 2.10 -9.38 -9.17
C CYS A 48 0.75 -10.10 -9.08
N SER A 49 0.32 -10.43 -7.89
CA SER A 49 -0.97 -11.14 -7.73
C SER A 49 -2.13 -10.29 -8.26
N ASN A 50 -2.32 -9.12 -7.72
CA ASN A 50 -3.44 -8.26 -8.20
C ASN A 50 -3.05 -7.55 -9.49
N PRO A 51 -3.72 -7.90 -10.56
CA PRO A 51 -3.44 -7.27 -11.88
C PRO A 51 -3.71 -5.76 -11.82
N ASN A 52 -4.27 -5.29 -10.75
CA ASN A 52 -4.56 -3.84 -10.63
C ASN A 52 -4.14 -3.33 -9.26
N PHE A 53 -3.01 -3.78 -8.77
CA PHE A 53 -2.53 -3.28 -7.43
C PHE A 53 -1.88 -1.92 -7.60
N PRO A 54 -1.46 -1.34 -6.52
CA PRO A 54 -0.81 -0.01 -6.59
C PRO A 54 0.42 -0.10 -7.49
N GLU A 55 0.20 -0.16 -8.78
CA GLU A 55 1.32 -0.28 -9.74
C GLU A 55 2.50 0.59 -9.29
N GLU A 56 2.22 1.67 -8.61
CA GLU A 56 3.34 2.52 -8.14
C GLU A 56 4.33 1.65 -7.37
N LEU A 57 3.88 0.51 -6.92
CA LEU A 57 4.79 -0.43 -6.19
C LEU A 57 5.50 -1.35 -7.19
N LYS A 58 5.39 -1.05 -8.46
CA LYS A 58 6.05 -1.89 -9.49
C LYS A 58 7.44 -2.31 -9.01
N PRO A 59 8.23 -1.37 -8.57
CA PRO A 59 9.58 -1.67 -8.09
C PRO A 59 9.52 -2.73 -6.99
N LEU A 60 8.59 -2.62 -6.09
CA LEU A 60 8.50 -3.64 -5.00
C LEU A 60 8.30 -5.03 -5.61
N CYS A 61 7.46 -5.16 -6.60
CA CYS A 61 7.25 -6.49 -7.23
C CYS A 61 8.55 -6.99 -7.86
N LYS A 62 9.41 -6.10 -8.27
CA LYS A 62 10.69 -6.53 -8.89
C LYS A 62 11.79 -6.70 -7.83
N GLU A 63 11.51 -6.39 -6.60
CA GLU A 63 12.55 -6.54 -5.54
C GLU A 63 12.13 -7.63 -4.55
N PRO A 64 13.10 -8.38 -4.10
CA PRO A 64 12.85 -9.48 -3.13
C PRO A 64 12.30 -8.93 -1.82
N ASN A 65 12.42 -7.65 -1.59
CA ASN A 65 11.91 -7.06 -0.32
C ASN A 65 10.40 -6.87 -0.37
N ALA A 66 9.82 -6.89 -1.54
CA ALA A 66 8.34 -6.71 -1.64
C ALA A 66 7.63 -7.70 -0.71
N GLN A 67 8.15 -8.90 -0.59
CA GLN A 67 7.50 -9.88 0.31
C GLN A 67 7.37 -9.30 1.72
N GLU A 68 8.41 -8.66 2.20
CA GLU A 68 8.35 -8.05 3.55
C GLU A 68 7.62 -6.71 3.48
N ILE A 69 7.82 -5.98 2.42
CA ILE A 69 7.13 -4.66 2.29
C ILE A 69 5.62 -4.86 2.13
N LEU A 70 5.22 -5.73 1.23
CA LEU A 70 3.76 -5.98 1.04
C LEU A 70 3.06 -6.08 2.39
N GLN A 71 3.41 -7.05 3.19
CA GLN A 71 2.74 -7.19 4.52
C GLN A 71 2.71 -5.83 5.25
N ARG A 72 3.85 -5.19 5.36
CA ARG A 72 3.88 -3.87 6.05
C ARG A 72 2.88 -2.90 5.40
N LEU A 73 2.98 -2.70 4.12
CA LEU A 73 2.04 -1.77 3.44
C LEU A 73 0.60 -2.07 3.87
N GLU A 74 0.19 -3.31 3.76
CA GLU A 74 -1.20 -3.65 4.18
C GLU A 74 -1.46 -3.17 5.61
N GLU A 75 -0.57 -3.48 6.52
CA GLU A 75 -0.77 -3.03 7.92
C GLU A 75 -0.97 -1.52 7.97
N ILE A 76 -0.05 -0.77 7.41
CA ILE A 76 -0.21 0.71 7.40
C ILE A 76 -1.55 1.07 6.76
N ALA A 77 -1.95 0.33 5.76
CA ALA A 77 -3.25 0.61 5.11
C ALA A 77 -4.38 0.56 6.15
N GLU A 78 -4.23 -0.29 7.13
CA GLU A 78 -5.28 -0.39 8.19
C GLU A 78 -5.44 0.97 8.88
N ASP A 79 -4.35 1.61 9.20
CA ASP A 79 -4.44 2.94 9.88
C ASP A 79 -3.30 3.85 9.44
N PRO A 80 -3.53 5.13 9.52
CA PRO A 80 -2.52 6.13 9.12
C PRO A 80 -1.25 5.97 9.98
N GLY A 81 -1.40 5.96 11.28
CA GLY A 81 -0.20 5.81 12.16
C GLY A 81 0.48 7.17 12.30
N THR A 82 1.78 7.21 12.28
CA THR A 82 2.48 8.51 12.40
C THR A 82 2.48 9.24 11.06
N CYS A 83 2.25 8.52 9.99
CA CYS A 83 2.23 9.17 8.66
C CYS A 83 1.24 10.33 8.64
N GLU A 84 0.02 10.07 9.03
CA GLU A 84 -1.00 11.16 9.02
C GLU A 84 -0.58 12.33 9.92
N ILE A 85 0.16 12.06 10.96
CA ILE A 85 0.58 13.17 11.87
C ILE A 85 1.97 13.67 11.49
N CYS A 86 2.47 13.29 10.35
CA CYS A 86 3.82 13.74 9.91
C CYS A 86 4.87 13.50 11.01
N ALA A 87 4.58 12.62 11.93
CA ALA A 87 5.57 12.34 13.01
C ALA A 87 6.69 11.44 12.47
N TYR A 88 6.51 10.92 11.29
CA TYR A 88 7.54 10.03 10.68
C TYR A 88 7.73 10.37 9.21
N ALA A 89 8.79 9.91 8.61
CA ALA A 89 9.02 10.21 7.17
C ALA A 89 8.09 9.36 6.30
N ALA A 90 7.24 8.57 6.90
CA ALA A 90 6.32 7.71 6.12
C ALA A 90 5.37 8.57 5.28
N CYS A 91 4.94 9.69 5.81
CA CYS A 91 4.00 10.56 5.05
C CYS A 91 4.76 11.71 4.38
N THR A 92 4.70 11.80 3.08
CA THR A 92 5.42 12.89 2.36
C THR A 92 4.42 13.97 1.92
N GLY A 93 4.89 15.18 1.76
CA GLY A 93 3.97 16.27 1.33
C GLY A 93 3.47 17.04 2.55
N CYS A 94 3.71 16.52 3.72
CA CYS A 94 3.25 17.22 4.96
C CYS A 94 4.07 18.48 5.20
N VAL A 1 -0.81 13.41 2.92
CA VAL A 1 -0.29 12.32 3.79
C VAL A 1 -0.24 11.00 3.00
N THR A 2 0.92 10.62 2.55
CA THR A 2 1.03 9.35 1.78
C THR A 2 2.11 8.45 2.39
N VAL A 3 1.97 7.16 2.23
CA VAL A 3 2.98 6.23 2.79
C VAL A 3 4.11 6.00 1.77
N GLN A 4 5.30 6.44 2.06
CA GLN A 4 6.41 6.25 1.10
C GLN A 4 7.40 5.20 1.63
N ASP A 5 7.57 4.13 0.92
CA ASP A 5 8.52 3.07 1.37
C ASP A 5 9.85 3.22 0.62
N GLY A 6 9.97 4.26 -0.16
CA GLY A 6 11.24 4.46 -0.93
C GLY A 6 11.19 5.82 -1.64
N ASN A 7 11.72 5.90 -2.83
CA ASN A 7 11.71 7.19 -3.57
C ASN A 7 10.34 7.42 -4.22
N PHE A 8 9.41 6.53 -3.99
CA PHE A 8 8.05 6.71 -4.61
C PHE A 8 6.98 6.81 -3.52
N SER A 9 6.01 7.66 -3.72
CA SER A 9 4.93 7.82 -2.70
C SER A 9 3.83 6.79 -2.97
N PHE A 10 3.46 6.02 -1.97
CA PHE A 10 2.39 5.01 -2.17
C PHE A 10 1.18 5.31 -1.29
N SER A 11 0.00 5.33 -1.87
CA SER A 11 -1.23 5.61 -1.06
C SER A 11 -1.66 4.36 -0.30
N LEU A 12 -2.67 4.48 0.53
CA LEU A 12 -3.14 3.29 1.31
C LEU A 12 -4.38 2.68 0.66
N GLU A 13 -4.94 3.34 -0.32
CA GLU A 13 -6.17 2.79 -0.97
C GLU A 13 -5.86 1.51 -1.76
N SER A 14 -5.16 1.62 -2.86
CA SER A 14 -4.85 0.42 -3.68
C SER A 14 -4.21 -0.68 -2.82
N VAL A 15 -3.20 -0.35 -2.07
CA VAL A 15 -2.54 -1.40 -1.22
C VAL A 15 -3.59 -2.06 -0.31
N LYS A 16 -4.38 -1.29 0.38
CA LYS A 16 -5.41 -1.91 1.25
C LYS A 16 -6.27 -2.85 0.40
N LYS A 17 -6.80 -2.36 -0.68
CA LYS A 17 -7.63 -3.21 -1.58
C LYS A 17 -6.72 -4.05 -2.48
N LEU A 18 -5.45 -4.10 -2.17
CA LEU A 18 -4.50 -4.90 -3.00
C LEU A 18 -4.90 -6.37 -2.97
N LYS A 19 -5.10 -6.93 -1.80
CA LYS A 19 -5.49 -8.37 -1.72
C LYS A 19 -6.85 -8.57 -2.39
N ASP A 20 -7.72 -7.59 -2.30
CA ASP A 20 -9.06 -7.72 -2.94
C ASP A 20 -9.35 -6.46 -3.76
N LEU A 21 -9.18 -6.54 -5.05
CA LEU A 21 -9.44 -5.34 -5.91
C LEU A 21 -10.86 -5.38 -6.49
N GLN A 22 -11.61 -4.33 -6.31
CA GLN A 22 -12.99 -4.29 -6.85
C GLN A 22 -13.22 -2.94 -7.54
N GLU A 23 -14.07 -2.91 -8.54
CA GLU A 23 -14.31 -1.62 -9.26
C GLU A 23 -12.97 -0.90 -9.49
N PRO A 24 -12.39 -1.15 -10.63
CA PRO A 24 -11.10 -0.53 -10.98
C PRO A 24 -11.20 1.01 -10.96
N GLN A 25 -10.09 1.68 -11.11
CA GLN A 25 -10.11 3.17 -11.11
C GLN A 25 -10.70 3.68 -9.79
N GLU A 26 -10.16 3.24 -8.68
CA GLU A 26 -10.68 3.70 -7.36
C GLU A 26 -12.20 3.55 -7.30
N PRO A 27 -12.64 2.50 -6.64
CA PRO A 27 -14.10 2.24 -6.50
C PRO A 27 -14.78 3.38 -5.74
N ARG A 28 -14.02 4.15 -5.00
CA ARG A 28 -14.62 5.27 -4.23
C ARG A 28 -15.74 4.74 -3.33
N VAL A 29 -15.44 3.77 -2.52
CA VAL A 29 -16.48 3.21 -1.60
C VAL A 29 -15.91 3.03 -0.20
N GLY A 30 -16.71 3.26 0.81
CA GLY A 30 -16.21 3.09 2.21
C GLY A 30 -15.77 4.46 2.75
N LYS A 31 -16.42 4.93 3.79
CA LYS A 31 -16.06 6.25 4.36
C LYS A 31 -14.60 6.24 4.83
N LEU A 32 -14.16 5.18 5.46
CA LEU A 32 -12.75 5.12 5.93
C LEU A 32 -12.02 3.95 5.27
N ARG A 33 -10.76 4.13 4.96
CA ARG A 33 -9.99 3.02 4.31
C ARG A 33 -9.33 2.15 5.39
N ASN A 34 -10.09 1.68 6.32
CA ASN A 34 -9.51 0.82 7.41
C ASN A 34 -9.94 -0.63 7.21
N PHE A 35 -9.01 -1.52 7.00
CA PHE A 35 -9.37 -2.95 6.80
C PHE A 35 -8.12 -3.84 7.00
N ALA A 36 -7.96 -4.39 8.17
CA ALA A 36 -6.78 -5.26 8.43
C ALA A 36 -6.48 -6.13 7.21
N PRO A 37 -5.54 -5.69 6.41
CA PRO A 37 -5.15 -6.42 5.19
C PRO A 37 -4.52 -7.77 5.55
N ILE A 38 -4.21 -7.98 6.81
CA ILE A 38 -3.58 -9.27 7.21
C ILE A 38 -2.30 -9.51 6.42
N PRO A 39 -1.21 -9.01 6.95
CA PRO A 39 0.10 -9.16 6.28
C PRO A 39 0.47 -10.64 6.14
N GLY A 40 1.43 -10.96 5.32
CA GLY A 40 1.83 -12.37 5.14
C GLY A 40 1.31 -12.88 3.80
N GLU A 41 0.80 -11.99 2.98
CA GLU A 41 0.27 -12.42 1.65
C GLU A 41 0.96 -11.62 0.53
N PRO A 42 2.13 -12.09 0.17
CA PRO A 42 2.92 -11.44 -0.90
C PRO A 42 2.15 -11.45 -2.22
N VAL A 43 2.17 -10.36 -2.94
CA VAL A 43 1.44 -10.32 -4.24
C VAL A 43 2.41 -10.10 -5.40
N VAL A 44 3.48 -10.86 -5.43
CA VAL A 44 4.47 -10.71 -6.54
C VAL A 44 5.17 -12.05 -6.81
N PRO A 45 4.38 -13.08 -7.01
CA PRO A 45 4.93 -14.43 -7.28
C PRO A 45 5.85 -14.41 -8.50
N ILE A 46 5.77 -13.38 -9.30
CA ILE A 46 6.62 -13.30 -10.51
C ILE A 46 6.35 -12.00 -11.27
N LEU A 47 5.14 -11.49 -11.19
CA LEU A 47 4.81 -10.23 -11.90
C LEU A 47 3.58 -9.58 -11.26
N CYS A 48 3.71 -9.06 -10.06
CA CYS A 48 2.56 -8.40 -9.38
C CYS A 48 1.30 -9.27 -9.54
N SER A 49 0.93 -9.98 -8.50
CA SER A 49 -0.28 -10.83 -8.58
C SER A 49 -1.49 -10.03 -9.08
N ASN A 50 -1.76 -8.91 -8.48
CA ASN A 50 -2.92 -8.09 -8.91
C ASN A 50 -2.57 -7.26 -10.16
N PRO A 51 -3.20 -7.61 -11.26
CA PRO A 51 -2.95 -6.90 -12.54
C PRO A 51 -3.40 -5.43 -12.43
N ASN A 52 -4.13 -5.10 -11.41
CA ASN A 52 -4.60 -3.69 -11.25
C ASN A 52 -4.18 -3.14 -9.89
N PHE A 53 -3.08 -3.60 -9.36
CA PHE A 53 -2.61 -3.07 -8.05
C PHE A 53 -1.89 -1.74 -8.27
N PRO A 54 -1.47 -1.13 -7.20
CA PRO A 54 -0.75 0.16 -7.30
C PRO A 54 0.49 -0.05 -8.18
N GLU A 55 0.30 -0.15 -9.46
CA GLU A 55 1.44 -0.38 -10.38
C GLU A 55 2.65 0.44 -9.92
N GLU A 56 2.43 1.54 -9.27
CA GLU A 56 3.58 2.35 -8.78
C GLU A 56 4.50 1.45 -7.95
N LEU A 57 3.98 0.31 -7.54
CA LEU A 57 4.80 -0.64 -6.73
C LEU A 57 5.46 -1.66 -7.67
N LYS A 58 5.37 -1.44 -8.96
CA LYS A 58 5.99 -2.39 -9.93
C LYS A 58 7.35 -2.87 -9.41
N PRO A 59 8.18 -1.94 -9.02
CA PRO A 59 9.51 -2.30 -8.49
C PRO A 59 9.36 -3.27 -7.31
N LEU A 60 8.46 -3.00 -6.41
CA LEU A 60 8.27 -3.91 -5.23
C LEU A 60 8.03 -5.34 -5.73
N CYS A 61 7.20 -5.51 -6.73
CA CYS A 61 6.93 -6.88 -7.25
C CYS A 61 8.20 -7.47 -7.85
N LYS A 62 9.09 -6.64 -8.33
CA LYS A 62 10.35 -7.16 -8.93
C LYS A 62 11.44 -7.22 -7.86
N GLU A 63 11.10 -6.94 -6.64
CA GLU A 63 12.12 -6.99 -5.56
C GLU A 63 11.80 -8.12 -4.58
N PRO A 64 12.82 -8.84 -4.18
CA PRO A 64 12.63 -9.96 -3.24
C PRO A 64 12.09 -9.43 -1.91
N ASN A 65 12.28 -8.16 -1.65
CA ASN A 65 11.79 -7.59 -0.37
C ASN A 65 10.29 -7.28 -0.45
N ALA A 66 9.71 -7.34 -1.61
CA ALA A 66 8.25 -7.05 -1.72
C ALA A 66 7.48 -7.82 -0.65
N GLN A 67 7.92 -9.02 -0.34
CA GLN A 67 7.21 -9.81 0.70
C GLN A 67 7.23 -9.07 2.04
N GLU A 68 8.35 -8.48 2.39
CA GLU A 68 8.43 -7.73 3.67
C GLU A 68 7.81 -6.34 3.49
N ILE A 69 8.04 -5.72 2.37
CA ILE A 69 7.46 -4.37 2.13
C ILE A 69 5.93 -4.45 2.13
N LEU A 70 5.39 -5.44 1.45
CA LEU A 70 3.92 -5.58 1.41
C LEU A 70 3.33 -5.57 2.82
N GLN A 71 3.81 -6.43 3.67
CA GLN A 71 3.28 -6.46 5.07
C GLN A 71 3.22 -5.05 5.65
N ARG A 72 4.32 -4.34 5.60
CA ARG A 72 4.34 -2.96 6.16
C ARG A 72 3.29 -2.09 5.47
N LEU A 73 3.42 -1.89 4.18
CA LEU A 73 2.43 -1.04 3.46
C LEU A 73 1.00 -1.42 3.89
N GLU A 74 0.67 -2.68 3.81
CA GLU A 74 -0.71 -3.10 4.21
C GLU A 74 -1.03 -2.65 5.64
N GLU A 75 -0.14 -2.87 6.56
CA GLU A 75 -0.40 -2.46 7.97
C GLU A 75 -0.71 -0.95 8.05
N ILE A 76 0.15 -0.14 7.50
CA ILE A 76 -0.11 1.33 7.56
C ILE A 76 -1.38 1.67 6.78
N ALA A 77 -1.63 0.98 5.70
CA ALA A 77 -2.85 1.26 4.90
C ALA A 77 -4.09 1.05 5.78
N GLU A 78 -4.04 0.12 6.69
CA GLU A 78 -5.21 -0.13 7.57
C GLU A 78 -5.55 1.12 8.40
N ASP A 79 -4.55 1.83 8.85
CA ASP A 79 -4.84 3.06 9.66
C ASP A 79 -3.74 4.09 9.47
N PRO A 80 -4.06 5.32 9.81
CA PRO A 80 -3.09 6.43 9.69
C PRO A 80 -1.87 6.19 10.59
N GLY A 81 -2.07 6.11 11.87
CA GLY A 81 -0.91 5.88 12.78
C GLY A 81 -0.12 7.17 12.91
N THR A 82 1.18 7.09 12.96
CA THR A 82 2.01 8.32 13.07
C THR A 82 2.13 8.98 11.70
N CYS A 83 1.96 8.22 10.65
CA CYS A 83 2.06 8.79 9.28
C CYS A 83 1.16 10.02 9.16
N GLU A 84 -0.08 9.89 9.52
CA GLU A 84 -1.02 11.05 9.40
C GLU A 84 -0.53 12.24 10.23
N ILE A 85 0.10 11.99 11.34
CA ILE A 85 0.59 13.14 12.18
C ILE A 85 2.07 13.42 11.90
N CYS A 86 2.59 12.87 10.83
CA CYS A 86 4.03 13.11 10.49
C CYS A 86 4.93 12.71 11.67
N ALA A 87 4.41 11.98 12.61
CA ALA A 87 5.24 11.56 13.78
C ALA A 87 6.36 10.62 13.30
N TYR A 88 6.23 10.10 12.11
CA TYR A 88 7.29 9.18 11.58
C TYR A 88 7.55 9.47 10.11
N ALA A 89 8.59 8.91 9.56
CA ALA A 89 8.92 9.15 8.13
C ALA A 89 7.96 8.36 7.23
N ALA A 90 7.01 7.67 7.82
CA ALA A 90 6.04 6.88 6.99
C ALA A 90 5.23 7.81 6.10
N CYS A 91 4.88 8.97 6.58
CA CYS A 91 4.08 9.92 5.73
C CYS A 91 4.97 11.02 5.18
N THR A 92 5.04 11.15 3.88
CA THR A 92 5.88 12.21 3.28
C THR A 92 5.01 13.27 2.60
N GLY A 93 5.57 14.39 2.27
CA GLY A 93 4.77 15.47 1.61
C GLY A 93 4.23 16.42 2.67
N CYS A 94 4.05 15.96 3.88
CA CYS A 94 3.53 16.84 4.96
C CYS A 94 4.64 17.75 5.49
N VAL A 1 -0.95 12.82 2.37
CA VAL A 1 -0.63 11.72 3.34
C VAL A 1 -0.42 10.41 2.59
N THR A 2 0.76 10.21 2.04
CA THR A 2 1.03 8.94 1.31
C THR A 2 2.18 8.18 1.97
N VAL A 3 2.14 6.87 1.92
CA VAL A 3 3.22 6.07 2.55
C VAL A 3 4.35 5.83 1.53
N GLN A 4 5.53 6.29 1.82
CA GLN A 4 6.66 6.09 0.87
C GLN A 4 7.69 5.13 1.46
N ASP A 5 8.07 4.13 0.72
CA ASP A 5 9.08 3.16 1.23
C ASP A 5 10.48 3.58 0.78
N GLY A 6 10.85 3.26 -0.43
CA GLY A 6 12.20 3.64 -0.92
C GLY A 6 12.13 5.00 -1.62
N ASN A 7 12.60 5.08 -2.84
CA ASN A 7 12.56 6.37 -3.57
C ASN A 7 11.19 6.56 -4.25
N PHE A 8 10.26 5.70 -3.97
CA PHE A 8 8.91 5.82 -4.61
C PHE A 8 7.83 6.00 -3.53
N SER A 9 6.89 6.88 -3.76
CA SER A 9 5.81 7.10 -2.75
C SER A 9 4.65 6.14 -3.02
N PHE A 10 4.19 5.46 -2.00
CA PHE A 10 3.07 4.50 -2.19
C PHE A 10 1.86 4.90 -1.34
N SER A 11 0.70 5.03 -1.94
CA SER A 11 -0.51 5.41 -1.15
C SER A 11 -1.01 4.22 -0.35
N LEU A 12 -1.93 4.43 0.55
CA LEU A 12 -2.45 3.30 1.37
C LEU A 12 -3.82 2.83 0.87
N GLU A 13 -4.36 3.49 -0.13
CA GLU A 13 -5.70 3.07 -0.66
C GLU A 13 -5.58 1.78 -1.47
N SER A 14 -5.03 1.85 -2.65
CA SER A 14 -4.90 0.63 -3.50
C SER A 14 -4.43 -0.57 -2.67
N VAL A 15 -3.49 -0.37 -1.79
CA VAL A 15 -3.01 -1.51 -0.96
C VAL A 15 -4.14 -1.98 -0.04
N LYS A 16 -4.83 -1.08 0.60
CA LYS A 16 -5.95 -1.51 1.48
C LYS A 16 -6.89 -2.41 0.67
N LYS A 17 -7.24 -1.99 -0.52
CA LYS A 17 -8.15 -2.81 -1.37
C LYS A 17 -7.34 -3.93 -2.05
N LEU A 18 -6.06 -3.97 -1.84
CA LEU A 18 -5.22 -5.02 -2.47
C LEU A 18 -5.59 -6.40 -1.91
N LYS A 19 -5.82 -6.49 -0.63
CA LYS A 19 -6.19 -7.80 -0.02
C LYS A 19 -7.43 -8.38 -0.71
N ASP A 20 -8.43 -7.56 -0.91
CA ASP A 20 -9.67 -8.05 -1.58
C ASP A 20 -9.87 -7.31 -2.91
N LEU A 21 -9.04 -7.58 -3.88
CA LEU A 21 -9.18 -6.88 -5.19
C LEU A 21 -10.60 -7.05 -5.74
N GLN A 22 -11.11 -8.26 -5.74
CA GLN A 22 -12.48 -8.48 -6.27
C GLN A 22 -12.64 -7.76 -7.62
N GLU A 23 -13.84 -7.73 -8.15
CA GLU A 23 -14.05 -7.05 -9.45
C GLU A 23 -13.45 -5.64 -9.40
N PRO A 24 -12.95 -5.18 -10.52
CA PRO A 24 -12.35 -3.84 -10.61
C PRO A 24 -13.38 -2.76 -10.25
N GLN A 25 -13.02 -1.83 -9.42
CA GLN A 25 -13.98 -0.75 -9.03
C GLN A 25 -13.26 0.35 -8.26
N GLU A 26 -12.17 0.85 -8.78
CA GLU A 26 -11.43 1.92 -8.06
C GLU A 26 -11.10 3.08 -9.02
N PRO A 27 -12.09 3.53 -9.74
CA PRO A 27 -11.90 4.65 -10.69
C PRO A 27 -11.42 5.90 -9.95
N ARG A 28 -11.82 6.05 -8.72
CA ARG A 28 -11.40 7.25 -7.92
C ARG A 28 -11.07 6.83 -6.48
N VAL A 29 -10.58 7.74 -5.69
CA VAL A 29 -10.25 7.40 -4.28
C VAL A 29 -10.99 8.34 -3.33
N GLY A 30 -11.17 7.92 -2.10
CA GLY A 30 -11.89 8.78 -1.12
C GLY A 30 -10.88 9.71 -0.43
N LYS A 31 -11.35 10.55 0.45
CA LYS A 31 -10.42 11.48 1.16
C LYS A 31 -9.43 10.69 2.01
N LEU A 32 -9.89 9.66 2.66
CA LEU A 32 -8.97 8.85 3.51
C LEU A 32 -9.59 7.47 3.79
N ARG A 33 -8.81 6.43 3.68
CA ARG A 33 -9.35 5.07 3.94
C ARG A 33 -8.48 4.33 4.96
N ASN A 34 -9.09 3.71 5.93
CA ASN A 34 -8.29 2.98 6.96
C ASN A 34 -9.10 1.80 7.51
N PHE A 35 -9.71 1.03 6.66
CA PHE A 35 -10.51 -0.13 7.13
C PHE A 35 -9.80 -1.45 6.80
N ALA A 36 -8.58 -1.36 6.33
CA ALA A 36 -7.83 -2.60 5.99
C ALA A 36 -7.75 -3.53 7.21
N PRO A 37 -8.20 -4.75 7.03
CA PRO A 37 -8.19 -5.74 8.14
C PRO A 37 -6.76 -6.02 8.60
N ILE A 38 -6.05 -6.85 7.88
CA ILE A 38 -4.65 -7.17 8.29
C ILE A 38 -3.90 -7.85 7.14
N PRO A 39 -2.61 -7.64 7.10
CA PRO A 39 -1.76 -8.25 6.04
C PRO A 39 -1.90 -9.77 6.03
N GLY A 40 -1.96 -10.35 4.87
CA GLY A 40 -2.09 -11.83 4.78
C GLY A 40 -0.71 -12.46 4.61
N GLU A 41 -0.19 -12.42 3.41
CA GLU A 41 1.16 -13.02 3.17
C GLU A 41 1.87 -12.27 2.04
N PRO A 42 3.18 -12.31 2.08
CA PRO A 42 4.00 -11.63 1.04
C PRO A 42 3.72 -12.23 -0.34
N VAL A 43 3.65 -11.40 -1.36
CA VAL A 43 3.38 -11.92 -2.72
C VAL A 43 3.40 -10.78 -3.73
N VAL A 44 4.55 -10.24 -4.02
CA VAL A 44 4.64 -9.12 -5.00
C VAL A 44 5.72 -9.42 -6.04
N PRO A 45 5.47 -10.42 -6.84
CA PRO A 45 6.42 -10.83 -7.89
C PRO A 45 6.61 -9.69 -8.91
N ILE A 46 7.64 -9.77 -9.72
CA ILE A 46 7.88 -8.70 -10.72
C ILE A 46 6.58 -8.39 -11.47
N LEU A 47 5.84 -9.40 -11.85
CA LEU A 47 4.57 -9.16 -12.58
C LEU A 47 3.44 -8.84 -11.60
N CYS A 48 3.73 -8.88 -10.32
CA CYS A 48 2.68 -8.59 -9.31
C CYS A 48 1.51 -9.57 -9.45
N SER A 49 1.11 -10.19 -8.39
CA SER A 49 -0.02 -11.16 -8.46
C SER A 49 -1.30 -10.46 -8.92
N ASN A 50 -1.58 -9.31 -8.37
CA ASN A 50 -2.81 -8.56 -8.78
C ASN A 50 -2.56 -7.81 -10.11
N PRO A 51 -3.23 -8.25 -11.14
CA PRO A 51 -3.09 -7.61 -12.46
C PRO A 51 -3.48 -6.13 -12.41
N ASN A 52 -4.07 -5.71 -11.32
CA ASN A 52 -4.48 -4.29 -11.20
C ASN A 52 -4.13 -3.74 -9.81
N PHE A 53 -2.97 -4.07 -9.31
CA PHE A 53 -2.57 -3.56 -7.96
C PHE A 53 -2.05 -2.13 -8.11
N PRO A 54 -1.72 -1.51 -7.01
CA PRO A 54 -1.19 -0.14 -7.05
C PRO A 54 0.06 -0.11 -7.92
N GLU A 55 -0.11 -0.17 -9.21
CA GLU A 55 1.04 -0.18 -10.14
C GLU A 55 2.13 0.77 -9.63
N GLU A 56 1.75 1.81 -8.94
CA GLU A 56 2.77 2.75 -8.41
C GLU A 56 3.82 1.95 -7.64
N LEU A 57 3.47 0.74 -7.25
CA LEU A 57 4.43 -0.13 -6.51
C LEU A 57 5.23 -0.98 -7.51
N LYS A 58 5.10 -0.70 -8.78
CA LYS A 58 5.84 -1.49 -9.80
C LYS A 58 7.25 -1.81 -9.32
N PRO A 59 7.97 -0.80 -8.88
CA PRO A 59 9.35 -1.01 -8.39
C PRO A 59 9.34 -2.06 -7.27
N LEU A 60 8.40 -1.98 -6.36
CA LEU A 60 8.35 -2.98 -5.27
C LEU A 60 8.29 -4.40 -5.85
N CYS A 61 7.53 -4.59 -6.88
CA CYS A 61 7.44 -5.95 -7.49
C CYS A 61 8.83 -6.43 -7.92
N LYS A 62 9.74 -5.53 -8.14
CA LYS A 62 11.11 -5.94 -8.56
C LYS A 62 12.11 -5.59 -7.46
N GLU A 63 11.71 -5.72 -6.23
CA GLU A 63 12.63 -5.38 -5.10
C GLU A 63 12.62 -6.49 -4.05
N PRO A 64 13.77 -6.77 -3.50
CA PRO A 64 13.89 -7.81 -2.46
C PRO A 64 13.06 -7.42 -1.23
N ASN A 65 12.85 -6.15 -1.02
CA ASN A 65 12.05 -5.71 0.16
C ASN A 65 10.55 -5.87 -0.12
N ALA A 66 10.18 -5.96 -1.36
CA ALA A 66 8.73 -6.11 -1.70
C ALA A 66 8.07 -7.15 -0.78
N GLN A 67 8.69 -8.28 -0.62
CA GLN A 67 8.11 -9.34 0.26
C GLN A 67 7.81 -8.77 1.66
N GLU A 68 8.72 -8.00 2.20
CA GLU A 68 8.50 -7.42 3.55
C GLU A 68 7.60 -6.19 3.47
N ILE A 69 7.70 -5.44 2.41
CA ILE A 69 6.85 -4.22 2.27
C ILE A 69 5.37 -4.61 2.22
N LEU A 70 5.03 -5.61 1.45
CA LEU A 70 3.60 -6.04 1.36
C LEU A 70 2.95 -6.05 2.75
N GLN A 71 3.38 -6.93 3.61
CA GLN A 71 2.77 -6.97 4.98
C GLN A 71 2.70 -5.57 5.57
N ARG A 72 3.80 -4.88 5.63
CA ARG A 72 3.80 -3.50 6.19
C ARG A 72 2.70 -2.66 5.53
N LEU A 73 2.74 -2.52 4.24
CA LEU A 73 1.69 -1.72 3.54
C LEU A 73 0.30 -2.10 4.07
N GLU A 74 -0.01 -3.37 4.09
CA GLU A 74 -1.35 -3.80 4.60
C GLU A 74 -1.61 -3.19 5.98
N GLU A 75 -0.76 -3.46 6.93
CA GLU A 75 -0.97 -2.90 8.30
C GLU A 75 -1.18 -1.38 8.25
N ILE A 76 -0.26 -0.67 7.67
CA ILE A 76 -0.42 0.81 7.59
C ILE A 76 -1.74 1.15 6.89
N ALA A 77 -2.09 0.40 5.89
CA ALA A 77 -3.38 0.66 5.18
C ALA A 77 -4.53 0.61 6.18
N GLU A 78 -4.42 -0.22 7.17
CA GLU A 78 -5.51 -0.33 8.18
C GLU A 78 -5.74 1.03 8.86
N ASP A 79 -4.67 1.71 9.22
CA ASP A 79 -4.83 3.03 9.88
C ASP A 79 -3.68 3.96 9.49
N PRO A 80 -3.92 5.23 9.61
CA PRO A 80 -2.89 6.25 9.26
C PRO A 80 -1.65 6.08 10.14
N GLY A 81 -1.84 5.97 11.43
CA GLY A 81 -0.66 5.81 12.34
C GLY A 81 0.04 7.16 12.49
N THR A 82 1.34 7.16 12.50
CA THR A 82 2.08 8.45 12.64
C THR A 82 2.21 9.12 11.27
N CYS A 83 2.01 8.38 10.22
CA CYS A 83 2.14 8.98 8.86
C CYS A 83 1.18 10.17 8.72
N GLU A 84 -0.06 9.98 9.08
CA GLU A 84 -1.04 11.10 8.96
C GLU A 84 -0.64 12.29 9.83
N ILE A 85 0.06 12.06 10.91
CA ILE A 85 0.47 13.22 11.77
C ILE A 85 1.90 13.66 11.44
N CYS A 86 2.47 13.11 10.41
CA CYS A 86 3.86 13.49 10.03
C CYS A 86 4.84 13.17 11.15
N ALA A 87 4.44 12.36 12.09
CA ALA A 87 5.36 12.00 13.21
C ALA A 87 6.53 11.17 12.68
N TYR A 88 6.40 10.63 11.50
CA TYR A 88 7.50 9.81 10.92
C TYR A 88 7.65 10.13 9.42
N ALA A 89 8.73 9.72 8.82
CA ALA A 89 8.94 10.00 7.38
C ALA A 89 8.04 9.09 6.53
N ALA A 90 7.23 8.28 7.16
CA ALA A 90 6.33 7.38 6.38
C ALA A 90 5.36 8.19 5.52
N CYS A 91 4.95 9.34 5.98
CA CYS A 91 3.99 10.16 5.20
C CYS A 91 4.72 11.32 4.50
N THR A 92 4.72 11.33 3.20
CA THR A 92 5.41 12.44 2.46
C THR A 92 4.38 13.41 1.89
N GLY A 93 4.78 14.62 1.61
CA GLY A 93 3.82 15.61 1.06
C GLY A 93 3.29 16.49 2.18
N CYS A 94 3.26 15.98 3.38
CA CYS A 94 2.75 16.78 4.53
C CYS A 94 3.35 18.19 4.51
N VAL A 1 0.92 13.69 1.91
CA VAL A 1 0.55 12.71 2.98
C VAL A 1 0.45 11.30 2.39
N THR A 2 1.52 10.79 1.84
CA THR A 2 1.47 9.43 1.25
C THR A 2 2.49 8.52 1.94
N VAL A 3 2.21 7.25 2.03
CA VAL A 3 3.18 6.31 2.69
C VAL A 3 4.24 5.87 1.67
N GLN A 4 5.47 6.18 1.92
CA GLN A 4 6.54 5.78 0.96
C GLN A 4 7.46 4.72 1.57
N ASP A 5 7.95 3.81 0.77
CA ASP A 5 8.86 2.76 1.30
C ASP A 5 10.30 3.05 0.87
N GLY A 6 10.54 4.24 0.38
CA GLY A 6 11.92 4.60 -0.06
C GLY A 6 11.86 5.94 -0.79
N ASN A 7 12.39 6.02 -1.98
CA ASN A 7 12.36 7.30 -2.73
C ASN A 7 11.02 7.46 -3.47
N PHE A 8 10.11 6.55 -3.25
CA PHE A 8 8.78 6.64 -3.93
C PHE A 8 7.65 6.64 -2.91
N SER A 9 6.66 7.46 -3.11
CA SER A 9 5.52 7.49 -2.14
C SER A 9 4.37 6.62 -2.64
N PHE A 10 3.75 5.87 -1.77
CA PHE A 10 2.62 5.00 -2.21
C PHE A 10 1.37 5.30 -1.36
N SER A 11 0.22 5.36 -1.99
CA SER A 11 -1.03 5.64 -1.23
C SER A 11 -1.39 4.45 -0.34
N LEU A 12 -2.29 4.64 0.59
CA LEU A 12 -2.68 3.52 1.49
C LEU A 12 -3.97 2.86 0.99
N GLU A 13 -4.66 3.50 0.09
CA GLU A 13 -5.93 2.92 -0.43
C GLU A 13 -5.64 1.66 -1.27
N SER A 14 -5.13 1.83 -2.45
CA SER A 14 -4.84 0.64 -3.31
C SER A 14 -4.22 -0.48 -2.48
N VAL A 15 -3.22 -0.16 -1.69
CA VAL A 15 -2.58 -1.23 -0.87
C VAL A 15 -3.62 -1.87 0.05
N LYS A 16 -4.44 -1.09 0.68
CA LYS A 16 -5.48 -1.68 1.57
C LYS A 16 -6.33 -2.65 0.76
N LYS A 17 -6.92 -2.18 -0.31
CA LYS A 17 -7.76 -3.06 -1.16
C LYS A 17 -6.87 -3.87 -2.10
N LEU A 18 -5.58 -3.88 -1.87
CA LEU A 18 -4.65 -4.64 -2.74
C LEU A 18 -4.98 -6.14 -2.67
N LYS A 19 -5.27 -6.64 -1.50
CA LYS A 19 -5.60 -8.09 -1.37
C LYS A 19 -7.01 -8.35 -1.91
N ASP A 20 -8.00 -7.80 -1.28
CA ASP A 20 -9.40 -8.02 -1.77
C ASP A 20 -9.53 -7.56 -3.22
N LEU A 21 -8.89 -6.49 -3.58
CA LEU A 21 -8.97 -5.98 -4.98
C LEU A 21 -10.43 -5.84 -5.40
N GLN A 22 -11.31 -5.57 -4.47
CA GLN A 22 -12.76 -5.43 -4.82
C GLN A 22 -13.09 -3.95 -5.03
N GLU A 23 -14.01 -3.65 -5.90
CA GLU A 23 -14.38 -2.23 -6.15
C GLU A 23 -13.11 -1.38 -6.36
N PRO A 24 -12.52 -1.54 -7.51
CA PRO A 24 -11.29 -0.80 -7.85
C PRO A 24 -11.57 0.71 -7.88
N GLN A 25 -11.95 1.26 -6.76
CA GLN A 25 -12.22 2.73 -6.71
C GLN A 25 -11.79 3.31 -5.36
N GLU A 26 -11.76 4.60 -5.23
CA GLU A 26 -11.35 5.21 -3.94
C GLU A 26 -12.44 6.16 -3.42
N PRO A 27 -13.54 5.59 -3.04
CA PRO A 27 -14.68 6.40 -2.51
C PRO A 27 -14.25 7.16 -1.25
N ARG A 28 -14.77 8.34 -1.05
CA ARG A 28 -14.39 9.13 0.16
C ARG A 28 -15.61 9.29 1.09
N VAL A 29 -15.70 8.46 2.08
CA VAL A 29 -16.85 8.57 3.02
C VAL A 29 -16.36 8.70 4.46
N GLY A 30 -16.67 9.80 5.11
CA GLY A 30 -16.20 9.99 6.51
C GLY A 30 -14.69 10.17 6.53
N LYS A 31 -14.08 10.33 5.38
CA LYS A 31 -12.60 10.51 5.33
C LYS A 31 -11.91 9.42 6.15
N LEU A 32 -12.35 8.20 6.04
CA LEU A 32 -11.70 7.10 6.81
C LEU A 32 -11.04 6.11 5.87
N ARG A 33 -9.77 5.85 6.05
CA ARG A 33 -9.07 4.89 5.16
C ARG A 33 -8.63 3.66 5.96
N ASN A 34 -9.55 3.03 6.63
CA ASN A 34 -9.19 1.81 7.43
C ASN A 34 -10.14 0.65 7.10
N PHE A 35 -9.65 -0.55 7.16
CA PHE A 35 -10.52 -1.73 6.86
C PHE A 35 -9.76 -3.02 7.17
N ALA A 36 -8.79 -3.35 6.36
CA ALA A 36 -8.00 -4.59 6.61
C ALA A 36 -7.39 -4.56 8.01
N PRO A 37 -7.85 -5.44 8.86
CA PRO A 37 -7.34 -5.51 10.24
C PRO A 37 -5.85 -5.81 10.26
N ILE A 38 -5.35 -6.49 9.26
CA ILE A 38 -3.90 -6.81 9.22
C ILE A 38 -3.50 -7.26 7.81
N PRO A 39 -2.21 -7.40 7.60
CA PRO A 39 -1.68 -7.81 6.29
C PRO A 39 -2.18 -9.22 5.93
N GLY A 40 -2.36 -9.50 4.67
CA GLY A 40 -2.85 -10.84 4.26
C GLY A 40 -1.65 -11.76 3.99
N GLU A 41 -0.99 -11.58 2.89
CA GLU A 41 0.18 -12.43 2.56
C GLU A 41 0.97 -11.84 1.39
N PRO A 42 2.27 -11.99 1.44
CA PRO A 42 3.14 -11.46 0.37
C PRO A 42 2.82 -12.14 -0.97
N VAL A 43 2.79 -11.39 -2.04
CA VAL A 43 2.49 -11.99 -3.37
C VAL A 43 3.33 -11.32 -4.46
N VAL A 44 4.03 -12.10 -5.24
CA VAL A 44 4.87 -11.48 -6.32
C VAL A 44 5.14 -12.50 -7.44
N PRO A 45 4.11 -12.80 -8.19
CA PRO A 45 4.24 -13.75 -9.32
C PRO A 45 5.24 -13.19 -10.34
N ILE A 46 5.02 -13.41 -11.60
CA ILE A 46 5.96 -12.85 -12.61
C ILE A 46 6.20 -11.38 -12.31
N LEU A 47 5.19 -10.73 -11.80
CA LEU A 47 5.31 -9.29 -11.44
C LEU A 47 4.53 -9.03 -10.15
N CYS A 48 3.23 -9.00 -10.23
CA CYS A 48 2.39 -8.77 -9.01
C CYS A 48 1.16 -9.69 -9.07
N SER A 49 0.81 -10.28 -7.96
CA SER A 49 -0.37 -11.19 -7.95
C SER A 49 -1.65 -10.41 -8.24
N ASN A 50 -1.80 -9.26 -7.64
CA ASN A 50 -3.02 -8.44 -7.88
C ASN A 50 -2.92 -7.69 -9.21
N PRO A 51 -3.72 -8.11 -10.17
CA PRO A 51 -3.72 -7.47 -11.50
C PRO A 51 -4.07 -5.99 -11.41
N ASN A 52 -4.65 -5.58 -10.32
CA ASN A 52 -5.02 -4.14 -10.18
C ASN A 52 -4.45 -3.56 -8.87
N PHE A 53 -3.27 -3.97 -8.49
CA PHE A 53 -2.68 -3.42 -7.24
C PHE A 53 -2.06 -2.06 -7.55
N PRO A 54 -1.62 -1.37 -6.53
CA PRO A 54 -1.00 -0.05 -6.73
C PRO A 54 0.20 -0.20 -7.67
N GLU A 55 -0.06 -0.37 -8.94
CA GLU A 55 1.05 -0.55 -9.91
C GLU A 55 2.22 0.36 -9.57
N GLU A 56 1.97 1.47 -8.95
CA GLU A 56 3.09 2.37 -8.56
C GLU A 56 4.12 1.56 -7.78
N LEU A 57 3.71 0.40 -7.30
CA LEU A 57 4.65 -0.47 -6.53
C LEU A 57 5.36 -1.43 -7.50
N LYS A 58 5.20 -1.22 -8.78
CA LYS A 58 5.85 -2.10 -9.78
C LYS A 58 7.26 -2.47 -9.32
N PRO A 59 8.03 -1.47 -8.98
CA PRO A 59 9.41 -1.71 -8.51
C PRO A 59 9.41 -2.71 -7.35
N LEU A 60 8.49 -2.56 -6.43
CA LEU A 60 8.45 -3.51 -5.28
C LEU A 60 8.29 -4.94 -5.81
N CYS A 61 7.49 -5.13 -6.81
CA CYS A 61 7.29 -6.51 -7.36
C CYS A 61 8.59 -7.02 -7.99
N LYS A 62 9.41 -6.14 -8.49
CA LYS A 62 10.69 -6.59 -9.12
C LYS A 62 11.82 -6.67 -8.10
N GLU A 63 11.53 -6.47 -6.84
CA GLU A 63 12.61 -6.55 -5.81
C GLU A 63 12.27 -7.62 -4.76
N PRO A 64 13.30 -8.22 -4.23
CA PRO A 64 13.13 -9.29 -3.21
C PRO A 64 12.47 -8.75 -1.94
N ASN A 65 12.53 -7.47 -1.72
CA ASN A 65 11.93 -6.90 -0.48
C ASN A 65 10.40 -6.76 -0.64
N ALA A 66 9.91 -6.92 -1.84
CA ALA A 66 8.44 -6.80 -2.06
C ALA A 66 7.66 -7.59 -0.99
N GLN A 67 8.06 -8.79 -0.72
CA GLN A 67 7.35 -9.62 0.30
C GLN A 67 7.35 -8.91 1.65
N GLU A 68 8.44 -8.34 2.04
CA GLU A 68 8.50 -7.63 3.36
C GLU A 68 7.80 -6.28 3.25
N ILE A 69 7.86 -5.65 2.11
CA ILE A 69 7.21 -4.32 1.96
C ILE A 69 5.69 -4.49 1.86
N LEU A 70 5.24 -5.43 1.06
CA LEU A 70 3.78 -5.65 0.92
C LEU A 70 3.11 -5.73 2.29
N GLN A 71 3.51 -6.66 3.11
CA GLN A 71 2.88 -6.79 4.46
C GLN A 71 2.87 -5.43 5.16
N ARG A 72 4.00 -4.79 5.24
CA ARG A 72 4.05 -3.45 5.91
C ARG A 72 2.98 -2.54 5.32
N LEU A 73 2.97 -2.37 4.02
CA LEU A 73 1.95 -1.49 3.39
C LEU A 73 0.55 -1.89 3.87
N GLU A 74 0.23 -3.15 3.83
CA GLU A 74 -1.12 -3.59 4.28
C GLU A 74 -1.40 -3.07 5.69
N GLU A 75 -0.47 -3.23 6.60
CA GLU A 75 -0.68 -2.74 7.98
C GLU A 75 -0.97 -1.24 7.97
N ILE A 76 -0.15 -0.48 7.29
CA ILE A 76 -0.38 1.00 7.24
C ILE A 76 -1.72 1.27 6.54
N ALA A 77 -2.04 0.52 5.53
CA ALA A 77 -3.32 0.74 4.82
C ALA A 77 -4.49 0.66 5.82
N GLU A 78 -4.35 -0.18 6.81
CA GLU A 78 -5.43 -0.32 7.83
C GLU A 78 -5.64 1.01 8.58
N ASP A 79 -4.57 1.69 8.92
CA ASP A 79 -4.71 2.97 9.66
C ASP A 79 -3.57 3.92 9.29
N PRO A 80 -3.71 5.15 9.68
CA PRO A 80 -2.68 6.18 9.39
C PRO A 80 -1.33 5.75 9.96
N GLY A 81 -1.28 5.50 11.25
CA GLY A 81 0.01 5.08 11.87
C GLY A 81 0.95 6.29 11.93
N THR A 82 0.47 7.41 12.41
CA THR A 82 1.32 8.63 12.51
C THR A 82 1.59 9.22 11.11
N CYS A 83 1.84 8.40 10.14
CA CYS A 83 2.11 8.94 8.77
C CYS A 83 1.16 10.10 8.47
N GLU A 84 -0.11 9.91 8.73
CA GLU A 84 -1.09 10.99 8.45
C GLU A 84 -0.81 12.23 9.32
N ILE A 85 -0.50 12.04 10.57
CA ILE A 85 -0.22 13.23 11.44
C ILE A 85 1.25 13.67 11.30
N CYS A 86 1.90 13.25 10.25
CA CYS A 86 3.32 13.65 10.04
C CYS A 86 4.16 13.32 11.28
N ALA A 87 3.65 12.47 12.15
CA ALA A 87 4.43 12.11 13.37
C ALA A 87 5.67 11.30 12.97
N TYR A 88 5.64 10.69 11.82
CA TYR A 88 6.80 9.88 11.37
C TYR A 88 7.15 10.25 9.92
N ALA A 89 8.27 9.79 9.43
CA ALA A 89 8.66 10.11 8.02
C ALA A 89 7.91 9.19 7.05
N ALA A 90 7.10 8.32 7.55
CA ALA A 90 6.33 7.39 6.66
C ALA A 90 5.46 8.19 5.69
N CYS A 91 5.07 9.38 6.06
CA CYS A 91 4.22 10.19 5.15
C CYS A 91 4.99 11.40 4.60
N THR A 92 4.98 11.58 3.31
CA THR A 92 5.71 12.74 2.72
C THR A 92 4.71 13.70 2.06
N GLY A 93 5.14 14.90 1.78
CA GLY A 93 4.22 15.89 1.14
C GLY A 93 3.45 16.65 2.22
N CYS A 94 3.31 16.08 3.39
CA CYS A 94 2.57 16.79 4.48
C CYS A 94 1.40 17.58 3.91
N VAL A 1 -0.50 13.21 2.98
CA VAL A 1 -0.48 12.03 3.88
C VAL A 1 -0.39 10.74 3.06
N THR A 2 0.75 10.42 2.53
CA THR A 2 0.89 9.18 1.72
C THR A 2 2.03 8.30 2.25
N VAL A 3 1.91 7.02 2.12
CA VAL A 3 2.98 6.11 2.60
C VAL A 3 4.10 6.02 1.55
N GLN A 4 5.24 6.57 1.84
CA GLN A 4 6.35 6.52 0.84
C GLN A 4 7.49 5.65 1.34
N ASP A 5 7.98 4.78 0.50
CA ASP A 5 9.11 3.90 0.91
C ASP A 5 10.44 4.51 0.46
N GLY A 6 10.69 4.48 -0.82
CA GLY A 6 11.95 5.08 -1.34
C GLY A 6 11.66 6.46 -1.93
N ASN A 7 12.11 6.72 -3.13
CA ASN A 7 11.85 8.04 -3.75
C ASN A 7 10.43 8.11 -4.31
N PHE A 8 9.64 7.10 -4.11
CA PHE A 8 8.24 7.13 -4.64
C PHE A 8 7.23 7.02 -3.50
N SER A 9 6.21 7.84 -3.53
CA SER A 9 5.18 7.80 -2.46
C SER A 9 4.10 6.77 -2.80
N PHE A 10 3.69 5.97 -1.86
CA PHE A 10 2.66 4.94 -2.15
C PHE A 10 1.38 5.21 -1.34
N SER A 11 0.26 5.30 -2.00
CA SER A 11 -1.02 5.55 -1.28
C SER A 11 -1.49 4.26 -0.60
N LEU A 12 -2.52 4.33 0.20
CA LEU A 12 -3.02 3.11 0.90
C LEU A 12 -4.28 2.57 0.21
N GLU A 13 -4.67 3.15 -0.88
CA GLU A 13 -5.91 2.67 -1.59
C GLU A 13 -5.65 1.32 -2.26
N SER A 14 -4.90 1.31 -3.33
CA SER A 14 -4.64 0.02 -4.04
C SER A 14 -4.17 -1.05 -3.05
N VAL A 15 -3.26 -0.71 -2.17
CA VAL A 15 -2.78 -1.72 -1.19
C VAL A 15 -3.96 -2.25 -0.37
N LYS A 16 -4.75 -1.39 0.19
CA LYS A 16 -5.93 -1.87 0.96
C LYS A 16 -6.76 -2.79 0.08
N LYS A 17 -7.15 -2.31 -1.08
CA LYS A 17 -7.94 -3.15 -2.01
C LYS A 17 -7.00 -4.09 -2.78
N LEU A 18 -5.78 -4.22 -2.33
CA LEU A 18 -4.82 -5.12 -3.02
C LEU A 18 -5.32 -6.56 -3.01
N LYS A 19 -5.89 -6.99 -1.91
CA LYS A 19 -6.42 -8.39 -1.85
C LYS A 19 -7.50 -8.58 -2.91
N ASP A 20 -8.40 -7.64 -3.03
CA ASP A 20 -9.48 -7.76 -4.06
C ASP A 20 -9.27 -6.72 -5.15
N LEU A 21 -9.01 -7.15 -6.36
CA LEU A 21 -8.79 -6.16 -7.45
C LEU A 21 -10.07 -5.94 -8.25
N GLN A 22 -10.68 -4.81 -8.08
CA GLN A 22 -11.94 -4.52 -8.84
C GLN A 22 -12.48 -3.13 -8.44
N GLU A 23 -11.67 -2.12 -8.58
CA GLU A 23 -12.13 -0.74 -8.22
C GLU A 23 -11.42 0.29 -9.10
N PRO A 24 -11.97 1.49 -9.10
CA PRO A 24 -11.40 2.59 -9.91
C PRO A 24 -9.96 2.89 -9.45
N GLN A 25 -9.15 3.40 -10.34
CA GLN A 25 -7.74 3.72 -9.96
C GLN A 25 -7.73 4.74 -8.81
N GLU A 26 -7.19 5.91 -9.04
CA GLU A 26 -7.15 6.94 -7.95
C GLU A 26 -7.69 8.27 -8.47
N PRO A 27 -8.95 8.28 -8.81
CA PRO A 27 -9.61 9.51 -9.32
C PRO A 27 -9.57 10.61 -8.27
N ARG A 28 -9.72 10.26 -7.02
CA ARG A 28 -9.70 11.29 -5.94
C ARG A 28 -8.95 10.76 -4.72
N VAL A 29 -8.35 11.62 -3.95
CA VAL A 29 -7.60 11.17 -2.75
C VAL A 29 -8.13 11.88 -1.50
N GLY A 30 -8.20 11.19 -0.40
CA GLY A 30 -8.71 11.82 0.86
C GLY A 30 -9.72 10.90 1.53
N LYS A 31 -9.66 9.62 1.24
CA LYS A 31 -10.63 8.67 1.88
C LYS A 31 -9.93 7.86 2.97
N LEU A 32 -10.67 7.41 3.95
CA LEU A 32 -10.04 6.62 5.04
C LEU A 32 -9.86 5.17 4.61
N ARG A 33 -8.74 4.57 4.92
CA ARG A 33 -8.51 3.16 4.51
C ARG A 33 -8.12 2.32 5.73
N ASN A 34 -8.58 1.10 5.81
CA ASN A 34 -8.23 0.24 6.96
C ASN A 34 -7.82 -1.16 6.48
N PHE A 35 -7.40 -2.01 7.38
CA PHE A 35 -6.98 -3.38 6.96
C PHE A 35 -6.84 -4.27 8.19
N ALA A 36 -6.62 -5.54 8.00
CA ALA A 36 -6.47 -6.47 9.15
C ALA A 36 -5.29 -6.05 10.03
N PRO A 37 -5.41 -6.30 11.31
CA PRO A 37 -4.35 -5.94 12.27
C PRO A 37 -3.05 -6.68 11.93
N ILE A 38 -3.15 -7.82 11.31
CA ILE A 38 -1.93 -8.59 10.95
C ILE A 38 -1.95 -8.95 9.46
N PRO A 39 -0.95 -8.51 8.74
CA PRO A 39 -0.85 -8.80 7.29
C PRO A 39 -0.79 -10.31 7.05
N GLY A 40 -1.47 -10.79 6.05
CA GLY A 40 -1.44 -12.25 5.75
C GLY A 40 -1.73 -12.48 4.27
N GLU A 41 -1.58 -11.47 3.47
CA GLU A 41 -1.85 -11.64 2.00
C GLU A 41 -0.63 -11.19 1.19
N PRO A 42 0.38 -12.04 1.20
CA PRO A 42 1.62 -11.74 0.44
C PRO A 42 1.34 -11.62 -1.05
N VAL A 43 2.05 -10.77 -1.74
CA VAL A 43 1.81 -10.61 -3.20
C VAL A 43 3.10 -10.88 -3.99
N VAL A 44 3.00 -10.94 -5.29
CA VAL A 44 4.21 -11.19 -6.12
C VAL A 44 4.73 -12.62 -5.90
N PRO A 45 3.85 -13.58 -5.98
CA PRO A 45 4.25 -15.00 -5.80
C PRO A 45 5.25 -15.40 -6.89
N ILE A 46 4.92 -15.15 -8.12
CA ILE A 46 5.85 -15.50 -9.23
C ILE A 46 6.21 -14.26 -10.04
N LEU A 47 5.28 -13.34 -10.15
CA LEU A 47 5.55 -12.09 -10.91
C LEU A 47 4.33 -11.18 -10.84
N CYS A 48 4.34 -10.21 -9.96
CA CYS A 48 3.17 -9.28 -9.85
C CYS A 48 1.87 -10.08 -9.81
N SER A 49 1.33 -10.29 -8.63
CA SER A 49 0.06 -11.07 -8.52
C SER A 49 -1.11 -10.28 -9.11
N ASN A 50 -1.42 -9.16 -8.52
CA ASN A 50 -2.56 -8.34 -9.04
C ASN A 50 -2.12 -7.52 -10.26
N PRO A 51 -2.66 -7.87 -11.40
CA PRO A 51 -2.32 -7.16 -12.65
C PRO A 51 -2.78 -5.70 -12.58
N ASN A 52 -3.53 -5.36 -11.57
CA ASN A 52 -4.03 -3.97 -11.44
C ASN A 52 -3.76 -3.45 -10.02
N PHE A 53 -2.71 -3.91 -9.39
CA PHE A 53 -2.39 -3.43 -8.01
C PHE A 53 -1.76 -2.04 -8.11
N PRO A 54 -1.34 -1.52 -6.99
CA PRO A 54 -0.71 -0.19 -6.99
C PRO A 54 0.53 -0.23 -7.89
N GLU A 55 0.31 -0.24 -9.18
CA GLU A 55 1.45 -0.31 -10.14
C GLU A 55 2.61 0.56 -9.66
N GLU A 56 2.33 1.64 -9.00
CA GLU A 56 3.44 2.50 -8.50
C GLU A 56 4.41 1.63 -7.71
N LEU A 57 3.93 0.53 -7.18
CA LEU A 57 4.80 -0.40 -6.41
C LEU A 57 5.53 -1.34 -7.37
N LYS A 58 5.49 -1.05 -8.65
CA LYS A 58 6.17 -1.93 -9.64
C LYS A 58 7.51 -2.42 -9.09
N PRO A 59 8.32 -1.51 -8.62
CA PRO A 59 9.64 -1.87 -8.07
C PRO A 59 9.46 -2.90 -6.94
N LEU A 60 8.52 -2.67 -6.05
CA LEU A 60 8.31 -3.63 -4.94
C LEU A 60 8.11 -5.04 -5.50
N CYS A 61 7.32 -5.18 -6.53
CA CYS A 61 7.08 -6.53 -7.11
C CYS A 61 8.36 -7.05 -7.79
N LYS A 62 9.19 -6.16 -8.27
CA LYS A 62 10.45 -6.61 -8.94
C LYS A 62 11.51 -6.97 -7.91
N GLU A 63 11.19 -6.90 -6.65
CA GLU A 63 12.20 -7.24 -5.60
C GLU A 63 11.63 -8.31 -4.65
N PRO A 64 12.49 -9.22 -4.25
CA PRO A 64 12.08 -10.31 -3.33
C PRO A 64 11.59 -9.73 -2.00
N ASN A 65 11.80 -8.47 -1.77
CA ASN A 65 11.35 -7.85 -0.49
C ASN A 65 9.85 -7.54 -0.56
N ALA A 66 9.29 -7.54 -1.74
CA ALA A 66 7.83 -7.24 -1.88
C ALA A 66 7.03 -8.07 -0.87
N GLN A 67 7.45 -9.29 -0.63
CA GLN A 67 6.71 -10.15 0.34
C GLN A 67 6.75 -9.52 1.73
N GLU A 68 7.88 -8.99 2.12
CA GLU A 68 7.97 -8.35 3.47
C GLU A 68 7.38 -6.93 3.41
N ILE A 69 7.65 -6.21 2.36
CA ILE A 69 7.11 -4.83 2.25
C ILE A 69 5.58 -4.88 2.17
N LEU A 70 5.04 -5.80 1.43
CA LEU A 70 3.56 -5.90 1.31
C LEU A 70 2.91 -5.96 2.70
N GLN A 71 3.31 -6.89 3.52
CA GLN A 71 2.71 -6.99 4.88
C GLN A 71 2.74 -5.62 5.57
N ARG A 72 3.90 -5.03 5.67
CA ARG A 72 4.00 -3.70 6.34
C ARG A 72 3.00 -2.72 5.71
N LEU A 73 3.07 -2.52 4.42
CA LEU A 73 2.13 -1.59 3.76
C LEU A 73 0.69 -1.87 4.21
N GLU A 74 0.29 -3.11 4.18
CA GLU A 74 -1.10 -3.44 4.61
C GLU A 74 -1.35 -2.92 6.03
N GLU A 75 -0.46 -3.19 6.95
CA GLU A 75 -0.65 -2.72 8.35
C GLU A 75 -0.83 -1.21 8.39
N ILE A 76 0.11 -0.47 7.86
CA ILE A 76 -0.03 1.02 7.86
C ILE A 76 -1.34 1.42 7.18
N ALA A 77 -1.71 0.70 6.16
CA ALA A 77 -2.99 1.02 5.45
C ALA A 77 -4.15 0.91 6.44
N GLU A 78 -4.02 0.06 7.42
CA GLU A 78 -5.11 -0.11 8.42
C GLU A 78 -5.33 1.20 9.18
N ASP A 79 -4.27 1.87 9.56
CA ASP A 79 -4.42 3.15 10.31
C ASP A 79 -3.31 4.13 9.94
N PRO A 80 -3.57 5.39 10.18
CA PRO A 80 -2.58 6.45 9.88
C PRO A 80 -1.32 6.26 10.72
N GLY A 81 -1.46 6.24 12.02
CA GLY A 81 -0.25 6.07 12.88
C GLY A 81 0.50 7.40 12.96
N THR A 82 1.81 7.36 12.94
CA THR A 82 2.59 8.63 13.00
C THR A 82 2.59 9.30 11.62
N CYS A 83 2.35 8.53 10.59
CA CYS A 83 2.33 9.12 9.23
C CYS A 83 1.40 10.33 9.18
N GLU A 84 0.18 10.14 9.61
CA GLU A 84 -0.80 11.28 9.59
C GLU A 84 -0.29 12.47 10.39
N ILE A 85 0.42 12.24 11.46
CA ILE A 85 0.93 13.38 12.27
C ILE A 85 2.35 13.75 11.86
N CYS A 86 2.81 13.22 10.75
CA CYS A 86 4.18 13.54 10.28
C CYS A 86 5.21 13.19 11.36
N ALA A 87 4.83 12.41 12.32
CA ALA A 87 5.80 12.03 13.40
C ALA A 87 6.90 11.15 12.82
N TYR A 88 6.75 10.72 11.60
CA TYR A 88 7.79 9.85 10.98
C TYR A 88 7.89 10.13 9.48
N ALA A 89 8.91 9.64 8.83
CA ALA A 89 9.07 9.87 7.37
C ALA A 89 8.09 9.00 6.58
N ALA A 90 7.23 8.27 7.25
CA ALA A 90 6.26 7.40 6.55
C ALA A 90 5.28 8.24 5.71
N CYS A 91 4.88 9.37 6.23
CA CYS A 91 3.92 10.24 5.47
C CYS A 91 4.67 11.37 4.75
N THR A 92 4.54 11.43 3.45
CA THR A 92 5.24 12.52 2.70
C THR A 92 4.22 13.52 2.15
N GLY A 93 4.64 14.74 1.95
CA GLY A 93 3.69 15.77 1.42
C GLY A 93 3.16 16.62 2.58
N CYS A 94 3.25 16.13 3.78
CA CYS A 94 2.76 16.91 4.95
C CYS A 94 3.53 18.23 5.07
N VAL A 1 -0.18 13.66 2.41
CA VAL A 1 -0.02 12.56 3.40
C VAL A 1 -0.14 11.21 2.69
N THR A 2 0.92 10.73 2.12
CA THR A 2 0.86 9.41 1.42
C THR A 2 1.91 8.45 2.00
N VAL A 3 1.65 7.17 1.91
CA VAL A 3 2.63 6.18 2.45
C VAL A 3 3.74 5.93 1.42
N GLN A 4 4.93 6.35 1.71
CA GLN A 4 6.04 6.15 0.74
C GLN A 4 7.05 5.13 1.27
N ASP A 5 7.30 4.08 0.53
CA ASP A 5 8.29 3.07 0.98
C ASP A 5 9.70 3.57 0.69
N GLY A 6 10.12 3.50 -0.54
CA GLY A 6 11.49 3.98 -0.90
C GLY A 6 11.39 5.36 -1.53
N ASN A 7 11.91 5.54 -2.71
CA ASN A 7 11.84 6.86 -3.37
C ASN A 7 10.48 7.05 -4.06
N PHE A 8 9.59 6.10 -3.90
CA PHE A 8 8.26 6.22 -4.56
C PHE A 8 7.15 6.33 -3.49
N SER A 9 6.26 7.27 -3.64
CA SER A 9 5.16 7.44 -2.64
C SER A 9 3.99 6.50 -2.97
N PHE A 10 3.53 5.75 -2.01
CA PHE A 10 2.40 4.82 -2.28
C PHE A 10 1.19 5.18 -1.42
N SER A 11 0.02 5.28 -2.01
CA SER A 11 -1.19 5.64 -1.22
C SER A 11 -1.68 4.42 -0.42
N LEU A 12 -2.62 4.61 0.46
CA LEU A 12 -3.12 3.46 1.28
C LEU A 12 -4.39 2.87 0.64
N GLU A 13 -4.91 3.50 -0.38
CA GLU A 13 -6.15 2.99 -1.03
C GLU A 13 -5.85 1.69 -1.80
N SER A 14 -5.16 1.79 -2.90
CA SER A 14 -4.85 0.57 -3.71
C SER A 14 -4.41 -0.58 -2.79
N VAL A 15 -3.47 -0.35 -1.93
CA VAL A 15 -3.01 -1.44 -1.02
C VAL A 15 -4.21 -1.97 -0.22
N LYS A 16 -4.97 -1.10 0.38
CA LYS A 16 -6.16 -1.60 1.14
C LYS A 16 -7.02 -2.45 0.22
N LYS A 17 -7.36 -1.91 -0.92
CA LYS A 17 -8.18 -2.69 -1.90
C LYS A 17 -7.29 -3.67 -2.67
N LEU A 18 -6.07 -3.84 -2.23
CA LEU A 18 -5.16 -4.78 -2.94
C LEU A 18 -5.69 -6.21 -2.83
N LYS A 19 -6.32 -6.53 -1.73
CA LYS A 19 -6.88 -7.91 -1.57
C LYS A 19 -7.94 -8.17 -2.64
N ASP A 20 -8.77 -7.21 -2.90
CA ASP A 20 -9.83 -7.39 -3.94
C ASP A 20 -9.44 -6.60 -5.20
N LEU A 21 -9.37 -7.25 -6.33
CA LEU A 21 -9.00 -6.55 -7.58
C LEU A 21 -10.25 -6.07 -8.32
N GLN A 22 -10.28 -4.82 -8.70
CA GLN A 22 -11.46 -4.29 -9.44
C GLN A 22 -11.01 -3.50 -10.66
N GLU A 23 -11.92 -3.12 -11.52
CA GLU A 23 -11.53 -2.34 -12.73
C GLU A 23 -10.48 -1.27 -12.36
N PRO A 24 -9.73 -0.86 -13.35
CA PRO A 24 -8.68 0.16 -13.13
C PRO A 24 -9.30 1.49 -12.67
N GLN A 25 -9.98 1.48 -11.56
CA GLN A 25 -10.60 2.74 -11.06
C GLN A 25 -10.07 3.09 -9.67
N GLU A 26 -9.71 4.33 -9.44
CA GLU A 26 -9.17 4.71 -8.11
C GLU A 26 -9.83 6.01 -7.63
N PRO A 27 -11.11 5.94 -7.38
CA PRO A 27 -11.86 7.13 -6.90
C PRO A 27 -11.31 7.60 -5.55
N ARG A 28 -11.43 8.86 -5.24
CA ARG A 28 -10.92 9.36 -3.94
C ARG A 28 -12.08 9.74 -3.02
N VAL A 29 -11.95 9.45 -1.74
CA VAL A 29 -13.04 9.79 -0.79
C VAL A 29 -12.52 10.67 0.33
N GLY A 30 -13.23 11.69 0.69
CA GLY A 30 -12.77 12.60 1.79
C GLY A 30 -12.49 11.76 3.04
N LYS A 31 -13.22 10.71 3.24
CA LYS A 31 -12.99 9.86 4.45
C LYS A 31 -11.68 9.09 4.30
N LEU A 32 -10.96 8.91 5.38
CA LEU A 32 -9.67 8.17 5.30
C LEU A 32 -9.91 6.66 5.44
N ARG A 33 -9.41 5.88 4.54
CA ARG A 33 -9.61 4.41 4.62
C ARG A 33 -8.75 3.82 5.75
N ASN A 34 -9.30 2.92 6.52
CA ASN A 34 -8.51 2.31 7.62
C ASN A 34 -9.07 0.94 8.00
N PHE A 35 -9.83 0.34 7.13
CA PHE A 35 -10.41 -0.99 7.44
C PHE A 35 -9.59 -2.10 6.77
N ALA A 36 -8.37 -1.79 6.39
CA ALA A 36 -7.52 -2.82 5.73
C ALA A 36 -7.40 -4.07 6.62
N PRO A 37 -7.52 -5.22 6.00
CA PRO A 37 -7.42 -6.50 6.75
C PRO A 37 -6.04 -6.67 7.37
N ILE A 38 -5.58 -7.87 7.52
CA ILE A 38 -4.23 -8.10 8.11
C ILE A 38 -3.22 -8.46 7.02
N PRO A 39 -2.03 -7.91 7.14
CA PRO A 39 -0.97 -8.18 6.15
C PRO A 39 -0.60 -9.67 6.15
N GLY A 40 0.30 -10.06 5.29
CA GLY A 40 0.71 -11.49 5.23
C GLY A 40 0.14 -12.13 3.96
N GLU A 41 -0.42 -11.35 3.09
CA GLU A 41 -1.00 -11.90 1.83
C GLU A 41 0.11 -12.08 0.79
N PRO A 42 -0.01 -13.11 0.00
CA PRO A 42 1.00 -13.40 -1.06
C PRO A 42 1.05 -12.25 -2.06
N VAL A 43 2.20 -11.66 -2.26
CA VAL A 43 2.31 -10.53 -3.23
C VAL A 43 3.64 -10.61 -3.99
N VAL A 44 3.70 -9.99 -5.13
CA VAL A 44 4.95 -10.01 -5.94
C VAL A 44 5.33 -11.44 -6.35
N PRO A 45 4.38 -12.13 -6.93
CA PRO A 45 4.62 -13.51 -7.40
C PRO A 45 5.68 -13.51 -8.51
N ILE A 46 5.57 -14.39 -9.46
CA ILE A 46 6.57 -14.43 -10.57
C ILE A 46 6.47 -13.14 -11.39
N LEU A 47 5.30 -12.58 -11.48
CA LEU A 47 5.12 -11.32 -12.25
C LEU A 47 3.96 -10.52 -11.65
N CYS A 48 4.17 -9.95 -10.50
CA CYS A 48 3.09 -9.13 -9.85
C CYS A 48 1.81 -9.96 -9.71
N SER A 49 1.23 -9.98 -8.55
CA SER A 49 -0.02 -10.76 -8.36
C SER A 49 -1.22 -10.01 -8.93
N ASN A 50 -1.61 -8.94 -8.30
CA ASN A 50 -2.76 -8.15 -8.81
C ASN A 50 -2.33 -7.30 -10.02
N PRO A 51 -2.86 -7.64 -11.17
CA PRO A 51 -2.52 -6.89 -12.40
C PRO A 51 -3.01 -5.45 -12.30
N ASN A 52 -3.80 -5.15 -11.30
CA ASN A 52 -4.31 -3.76 -11.15
C ASN A 52 -4.00 -3.23 -9.74
N PHE A 53 -2.91 -3.66 -9.17
CA PHE A 53 -2.54 -3.18 -7.81
C PHE A 53 -1.89 -1.79 -7.94
N PRO A 54 -1.50 -1.24 -6.83
CA PRO A 54 -0.85 0.09 -6.85
C PRO A 54 0.41 0.01 -7.71
N GLU A 55 0.25 -0.03 -9.00
CA GLU A 55 1.41 -0.14 -9.93
C GLU A 55 2.57 0.73 -9.41
N GLU A 56 2.27 1.77 -8.70
CA GLU A 56 3.37 2.62 -8.15
C GLU A 56 4.33 1.72 -7.36
N LEU A 57 3.87 0.55 -7.00
CA LEU A 57 4.73 -0.41 -6.25
C LEU A 57 5.46 -1.32 -7.23
N LYS A 58 5.39 -1.02 -8.50
CA LYS A 58 6.07 -1.88 -9.52
C LYS A 58 7.45 -2.33 -9.01
N PRO A 59 8.24 -1.39 -8.56
CA PRO A 59 9.57 -1.74 -8.04
C PRO A 59 9.44 -2.81 -6.96
N LEU A 60 8.49 -2.68 -6.08
CA LEU A 60 8.32 -3.69 -5.01
C LEU A 60 8.11 -5.07 -5.64
N CYS A 61 7.39 -5.14 -6.72
CA CYS A 61 7.15 -6.46 -7.37
C CYS A 61 8.47 -7.05 -7.88
N LYS A 62 9.40 -6.21 -8.24
CA LYS A 62 10.71 -6.73 -8.73
C LYS A 62 11.77 -6.60 -7.64
N GLU A 63 11.36 -6.68 -6.40
CA GLU A 63 12.33 -6.53 -5.29
C GLU A 63 12.18 -7.69 -4.30
N PRO A 64 13.29 -8.23 -3.87
CA PRO A 64 13.28 -9.34 -2.90
C PRO A 64 12.67 -8.87 -1.57
N ASN A 65 12.78 -7.60 -1.28
CA ASN A 65 12.22 -7.08 0.00
C ASN A 65 10.71 -6.85 -0.12
N ALA A 66 10.18 -6.89 -1.30
CA ALA A 66 8.71 -6.66 -1.47
C ALA A 66 7.93 -7.49 -0.45
N GLN A 67 8.37 -8.70 -0.19
CA GLN A 67 7.65 -9.56 0.79
C GLN A 67 7.59 -8.84 2.15
N GLU A 68 8.66 -8.20 2.54
CA GLU A 68 8.66 -7.47 3.84
C GLU A 68 7.96 -6.13 3.68
N ILE A 69 8.19 -5.47 2.57
CA ILE A 69 7.54 -4.13 2.35
C ILE A 69 6.02 -4.31 2.26
N LEU A 70 5.58 -5.21 1.42
CA LEU A 70 4.12 -5.43 1.28
C LEU A 70 3.46 -5.53 2.66
N GLN A 71 3.89 -6.47 3.46
CA GLN A 71 3.30 -6.62 4.82
C GLN A 71 3.15 -5.24 5.48
N ARG A 72 4.22 -4.49 5.51
CA ARG A 72 4.15 -3.14 6.15
C ARG A 72 3.09 -2.28 5.46
N LEU A 73 3.19 -2.09 4.18
CA LEU A 73 2.19 -1.25 3.46
C LEU A 73 0.77 -1.65 3.88
N GLU A 74 0.45 -2.92 3.78
CA GLU A 74 -0.92 -3.37 4.16
C GLU A 74 -1.22 -2.98 5.61
N GLU A 75 -0.29 -3.21 6.52
CA GLU A 75 -0.54 -2.86 7.95
C GLU A 75 -0.84 -1.37 8.06
N ILE A 76 0.03 -0.53 7.55
CA ILE A 76 -0.22 0.93 7.63
C ILE A 76 -1.52 1.28 6.90
N ALA A 77 -1.82 0.56 5.85
CA ALA A 77 -3.08 0.82 5.11
C ALA A 77 -4.27 0.68 6.05
N GLU A 78 -4.17 -0.22 7.00
CA GLU A 78 -5.29 -0.41 7.96
C GLU A 78 -5.53 0.86 8.76
N ASP A 79 -4.48 1.53 9.16
CA ASP A 79 -4.66 2.79 9.95
C ASP A 79 -3.53 3.78 9.64
N PRO A 80 -3.82 5.03 9.84
CA PRO A 80 -2.81 6.10 9.58
C PRO A 80 -1.57 5.87 10.42
N GLY A 81 -1.69 5.92 11.72
CA GLY A 81 -0.51 5.71 12.59
C GLY A 81 0.31 7.01 12.64
N THR A 82 1.61 6.90 12.60
CA THR A 82 2.44 8.13 12.64
C THR A 82 2.52 8.77 11.25
N CYS A 83 2.25 8.00 10.22
CA CYS A 83 2.29 8.57 8.85
C CYS A 83 1.40 9.81 8.76
N GLU A 84 0.16 9.68 9.13
CA GLU A 84 -0.77 10.84 9.07
C GLU A 84 -0.24 12.02 9.90
N ILE A 85 0.46 11.76 10.96
CA ILE A 85 0.98 12.88 11.80
C ILE A 85 2.42 13.19 11.44
N CYS A 86 2.89 12.66 10.34
CA CYS A 86 4.31 12.94 9.92
C CYS A 86 5.29 12.60 11.05
N ALA A 87 4.86 11.82 12.01
CA ALA A 87 5.77 11.47 13.13
C ALA A 87 6.93 10.60 12.62
N TYR A 88 6.82 10.10 11.41
CA TYR A 88 7.90 9.25 10.85
C TYR A 88 8.01 9.46 9.35
N ALA A 89 8.97 8.85 8.72
CA ALA A 89 9.14 9.01 7.25
C ALA A 89 8.09 8.20 6.50
N ALA A 90 7.20 7.56 7.21
CA ALA A 90 6.15 6.73 6.54
C ALA A 90 5.26 7.62 5.66
N CYS A 91 5.04 8.85 6.05
CA CYS A 91 4.18 9.74 5.23
C CYS A 91 4.99 10.90 4.66
N THR A 92 4.99 11.05 3.36
CA THR A 92 5.76 12.16 2.73
C THR A 92 4.81 13.12 2.02
N GLY A 93 5.25 14.32 1.75
CA GLY A 93 4.37 15.31 1.05
C GLY A 93 3.69 16.20 2.08
N CYS A 94 3.39 15.67 3.23
CA CYS A 94 2.71 16.49 4.28
C CYS A 94 3.64 17.60 4.76
N VAL A 1 -0.90 13.31 2.40
CA VAL A 1 0.15 12.50 3.08
C VAL A 1 0.12 11.06 2.57
N THR A 2 1.23 10.56 2.09
CA THR A 2 1.25 9.16 1.57
C THR A 2 2.41 8.37 2.19
N VAL A 3 2.34 7.07 2.10
CA VAL A 3 3.45 6.23 2.66
C VAL A 3 4.56 6.12 1.62
N GLN A 4 5.73 6.63 1.93
CA GLN A 4 6.84 6.57 0.95
C GLN A 4 7.91 5.56 1.40
N ASP A 5 8.04 4.48 0.69
CA ASP A 5 9.07 3.46 1.06
C ASP A 5 10.34 3.73 0.25
N GLY A 6 10.35 4.79 -0.52
CA GLY A 6 11.55 5.12 -1.34
C GLY A 6 11.39 6.53 -1.92
N ASN A 7 11.92 6.77 -3.09
CA ASN A 7 11.79 8.12 -3.71
C ASN A 7 10.42 8.29 -4.36
N PHE A 8 9.53 7.35 -4.16
CA PHE A 8 8.17 7.46 -4.78
C PHE A 8 7.08 7.51 -3.70
N SER A 9 6.01 8.21 -3.96
CA SER A 9 4.91 8.29 -2.95
C SER A 9 3.92 7.15 -3.17
N PHE A 10 3.72 6.31 -2.19
CA PHE A 10 2.79 5.17 -2.36
C PHE A 10 1.50 5.39 -1.54
N SER A 11 0.38 5.48 -2.21
CA SER A 11 -0.91 5.67 -1.47
C SER A 11 -1.27 4.38 -0.73
N LEU A 12 -2.25 4.43 0.13
CA LEU A 12 -2.64 3.20 0.88
C LEU A 12 -3.94 2.61 0.32
N GLU A 13 -4.51 3.24 -0.66
CA GLU A 13 -5.78 2.71 -1.24
C GLU A 13 -5.55 1.37 -1.95
N SER A 14 -4.87 1.39 -3.06
CA SER A 14 -4.60 0.13 -3.82
C SER A 14 -4.22 -1.01 -2.87
N VAL A 15 -3.27 -0.78 -2.00
CA VAL A 15 -2.86 -1.86 -1.06
C VAL A 15 -4.07 -2.32 -0.25
N LYS A 16 -4.81 -1.40 0.31
CA LYS A 16 -6.01 -1.80 1.10
C LYS A 16 -6.90 -2.67 0.22
N LYS A 17 -7.27 -2.18 -0.93
CA LYS A 17 -8.12 -2.97 -1.87
C LYS A 17 -7.24 -3.97 -2.63
N LEU A 18 -6.02 -4.14 -2.22
CA LEU A 18 -5.11 -5.10 -2.91
C LEU A 18 -5.70 -6.51 -2.85
N LYS A 19 -6.39 -6.84 -1.79
CA LYS A 19 -7.00 -8.19 -1.68
C LYS A 19 -8.11 -8.34 -2.72
N ASP A 20 -8.87 -7.29 -2.94
CA ASP A 20 -9.98 -7.36 -3.94
C ASP A 20 -9.71 -6.33 -5.05
N LEU A 21 -8.99 -6.70 -6.06
CA LEU A 21 -8.68 -5.76 -7.17
C LEU A 21 -9.96 -5.27 -7.86
N GLN A 22 -10.95 -6.12 -7.95
CA GLN A 22 -12.22 -5.72 -8.62
C GLN A 22 -13.08 -4.86 -7.68
N GLU A 23 -14.02 -4.14 -8.22
CA GLU A 23 -14.89 -3.29 -7.36
C GLU A 23 -14.05 -2.30 -6.55
N PRO A 24 -13.76 -1.17 -7.16
CA PRO A 24 -12.94 -0.12 -6.49
C PRO A 24 -13.67 0.41 -5.26
N GLN A 25 -13.27 -0.01 -4.10
CA GLN A 25 -13.95 0.49 -2.85
C GLN A 25 -13.73 1.99 -2.70
N GLU A 26 -12.58 2.47 -3.07
CA GLU A 26 -12.30 3.93 -2.96
C GLU A 26 -11.78 4.49 -4.28
N PRO A 27 -12.66 4.60 -5.23
CA PRO A 27 -12.29 5.11 -6.57
C PRO A 27 -11.78 6.55 -6.47
N ARG A 28 -12.13 7.25 -5.42
CA ARG A 28 -11.66 8.66 -5.27
C ARG A 28 -10.84 8.80 -3.98
N VAL A 29 -10.40 10.00 -3.67
CA VAL A 29 -9.60 10.21 -2.44
C VAL A 29 -10.37 11.09 -1.45
N GLY A 30 -10.13 10.91 -0.18
CA GLY A 30 -10.85 11.74 0.84
C GLY A 30 -11.88 10.88 1.56
N LYS A 31 -12.11 9.69 1.09
CA LYS A 31 -13.10 8.80 1.75
C LYS A 31 -12.44 8.00 2.88
N LEU A 32 -13.21 7.28 3.65
CA LEU A 32 -12.62 6.48 4.76
C LEU A 32 -11.69 5.40 4.19
N ARG A 33 -10.44 5.45 4.54
CA ARG A 33 -9.48 4.42 4.03
C ARG A 33 -8.56 3.94 5.16
N ASN A 34 -9.10 3.27 6.13
CA ASN A 34 -8.25 2.78 7.26
C ASN A 34 -8.64 1.35 7.61
N PHE A 35 -8.32 0.40 6.79
CA PHE A 35 -8.67 -1.02 7.09
C PHE A 35 -8.13 -1.95 5.99
N ALA A 36 -6.88 -2.32 6.07
CA ALA A 36 -6.31 -3.23 5.05
C ALA A 36 -6.77 -4.67 5.29
N PRO A 37 -6.82 -5.43 4.23
CA PRO A 37 -7.26 -6.85 4.33
C PRO A 37 -6.28 -7.67 5.18
N ILE A 38 -6.01 -7.22 6.37
CA ILE A 38 -5.07 -7.98 7.26
C ILE A 38 -3.74 -8.25 6.53
N PRO A 39 -2.69 -7.64 7.03
CA PRO A 39 -1.34 -7.83 6.43
C PRO A 39 -0.92 -9.30 6.49
N GLY A 40 0.05 -9.68 5.71
CA GLY A 40 0.51 -11.10 5.71
C GLY A 40 -0.02 -11.81 4.46
N GLU A 41 -0.36 -11.06 3.44
CA GLU A 41 -0.87 -11.69 2.19
C GLU A 41 0.00 -11.29 1.00
N PRO A 42 1.18 -11.85 0.94
CA PRO A 42 2.12 -11.55 -0.16
C PRO A 42 1.51 -11.94 -1.51
N VAL A 43 1.78 -11.18 -2.53
CA VAL A 43 1.22 -11.50 -3.87
C VAL A 43 2.26 -11.24 -4.96
N VAL A 44 3.42 -11.82 -4.84
CA VAL A 44 4.48 -11.61 -5.87
C VAL A 44 5.15 -12.93 -6.23
N PRO A 45 4.34 -13.89 -6.60
CA PRO A 45 4.86 -15.23 -6.98
C PRO A 45 5.82 -15.11 -8.18
N ILE A 46 5.54 -14.20 -9.07
CA ILE A 46 6.43 -14.03 -10.26
C ILE A 46 6.50 -12.55 -10.66
N LEU A 47 5.40 -11.84 -10.54
CA LEU A 47 5.41 -10.39 -10.91
C LEU A 47 4.05 -9.78 -10.62
N CYS A 48 3.93 -9.06 -9.53
CA CYS A 48 2.62 -8.41 -9.19
C CYS A 48 1.45 -9.29 -9.63
N SER A 49 0.92 -10.10 -8.75
CA SER A 49 -0.21 -10.99 -9.13
C SER A 49 -1.42 -10.17 -9.59
N ASN A 50 -1.69 -9.07 -8.95
CA ASN A 50 -2.85 -8.23 -9.34
C ASN A 50 -2.49 -7.36 -10.55
N PRO A 51 -3.13 -7.63 -11.67
CA PRO A 51 -2.87 -6.86 -12.90
C PRO A 51 -3.23 -5.38 -12.71
N ASN A 52 -3.82 -5.04 -11.60
CA ASN A 52 -4.19 -3.62 -11.36
C ASN A 52 -3.87 -3.21 -9.93
N PHE A 53 -2.85 -3.77 -9.34
CA PHE A 53 -2.49 -3.39 -7.95
C PHE A 53 -1.85 -2.00 -7.97
N PRO A 54 -1.39 -1.55 -6.83
CA PRO A 54 -0.74 -0.23 -6.76
C PRO A 54 0.49 -0.23 -7.67
N GLU A 55 0.27 -0.21 -8.95
CA GLU A 55 1.40 -0.24 -9.92
C GLU A 55 2.57 0.60 -9.39
N GLU A 56 2.30 1.64 -8.66
CA GLU A 56 3.42 2.45 -8.12
C GLU A 56 4.37 1.53 -7.36
N LEU A 57 3.85 0.44 -6.85
CA LEU A 57 4.71 -0.52 -6.11
C LEU A 57 5.40 -1.47 -7.10
N LYS A 58 5.26 -1.21 -8.37
CA LYS A 58 5.89 -2.08 -9.39
C LYS A 58 7.29 -2.52 -8.93
N PRO A 59 8.09 -1.56 -8.55
CA PRO A 59 9.45 -1.87 -8.06
C PRO A 59 9.38 -2.87 -6.92
N LEU A 60 8.49 -2.67 -5.98
CA LEU A 60 8.37 -3.63 -4.85
C LEU A 60 8.23 -5.05 -5.38
N CYS A 61 7.42 -5.24 -6.39
CA CYS A 61 7.24 -6.61 -6.96
C CYS A 61 8.54 -7.08 -7.62
N LYS A 62 9.33 -6.17 -8.10
CA LYS A 62 10.60 -6.57 -8.77
C LYS A 62 11.70 -6.83 -7.74
N GLU A 63 11.39 -6.78 -6.48
CA GLU A 63 12.43 -7.04 -5.45
C GLU A 63 11.94 -8.10 -4.46
N PRO A 64 12.87 -8.91 -4.01
CA PRO A 64 12.54 -9.99 -3.05
C PRO A 64 11.99 -9.40 -1.74
N ASN A 65 12.12 -8.12 -1.55
CA ASN A 65 11.61 -7.50 -0.29
C ASN A 65 10.10 -7.28 -0.40
N ALA A 66 9.57 -7.29 -1.59
CA ALA A 66 8.09 -7.08 -1.75
C ALA A 66 7.32 -7.95 -0.75
N GLN A 67 7.77 -9.16 -0.54
CA GLN A 67 7.06 -10.06 0.40
C GLN A 67 6.99 -9.42 1.79
N GLU A 68 8.08 -8.85 2.25
CA GLU A 68 8.07 -8.20 3.60
C GLU A 68 7.43 -6.81 3.52
N ILE A 69 7.72 -6.09 2.46
CA ILE A 69 7.13 -4.73 2.32
C ILE A 69 5.62 -4.81 2.19
N LEU A 70 5.13 -5.68 1.36
CA LEU A 70 3.65 -5.81 1.18
C LEU A 70 2.96 -5.92 2.55
N GLN A 71 3.34 -6.89 3.34
CA GLN A 71 2.70 -7.04 4.68
C GLN A 71 2.72 -5.70 5.41
N ARG A 72 3.86 -5.08 5.53
CA ARG A 72 3.93 -3.77 6.23
C ARG A 72 2.94 -2.78 5.60
N LEU A 73 2.98 -2.65 4.30
CA LEU A 73 2.03 -1.71 3.64
C LEU A 73 0.60 -2.00 4.10
N GLU A 74 0.20 -3.24 4.06
CA GLU A 74 -1.18 -3.60 4.49
C GLU A 74 -1.43 -3.09 5.92
N GLU A 75 -0.56 -3.41 6.84
CA GLU A 75 -0.76 -2.95 8.25
C GLU A 75 -0.97 -1.44 8.29
N ILE A 76 -0.05 -0.68 7.75
CA ILE A 76 -0.21 0.79 7.75
C ILE A 76 -1.54 1.17 7.09
N ALA A 77 -1.94 0.42 6.11
CA ALA A 77 -3.23 0.72 5.42
C ALA A 77 -4.37 0.65 6.44
N GLU A 78 -4.25 -0.21 7.41
CA GLU A 78 -5.32 -0.32 8.44
C GLU A 78 -5.52 1.02 9.15
N ASP A 79 -4.44 1.70 9.46
CA ASP A 79 -4.58 3.01 10.16
C ASP A 79 -3.41 3.93 9.77
N PRO A 80 -3.66 5.21 9.88
CA PRO A 80 -2.62 6.21 9.54
C PRO A 80 -1.38 6.03 10.40
N GLY A 81 -1.53 6.09 11.70
CA GLY A 81 -0.35 5.91 12.59
C GLY A 81 0.41 7.24 12.67
N THR A 82 1.71 7.20 12.65
CA THR A 82 2.49 8.46 12.71
C THR A 82 2.54 9.12 11.34
N CYS A 83 2.31 8.36 10.30
CA CYS A 83 2.35 8.93 8.93
C CYS A 83 1.39 10.12 8.83
N GLU A 84 0.15 9.92 9.20
CA GLU A 84 -0.84 11.02 9.11
C GLU A 84 -0.46 12.20 10.02
N ILE A 85 0.25 11.95 11.08
CA ILE A 85 0.63 13.08 11.98
C ILE A 85 2.05 13.55 11.67
N CYS A 86 2.59 13.16 10.55
CA CYS A 86 3.97 13.60 10.18
C CYS A 86 4.95 13.35 11.33
N ALA A 87 4.61 12.49 12.24
CA ALA A 87 5.53 12.20 13.38
C ALA A 87 6.78 11.47 12.88
N TYR A 88 6.73 11.00 11.66
CA TYR A 88 7.92 10.27 11.10
C TYR A 88 8.02 10.50 9.59
N ALA A 89 9.05 10.00 8.97
CA ALA A 89 9.19 10.19 7.50
C ALA A 89 8.24 9.24 6.75
N ALA A 90 7.47 8.48 7.47
CA ALA A 90 6.53 7.53 6.81
C ALA A 90 5.60 8.29 5.86
N CYS A 91 5.14 9.45 6.26
CA CYS A 91 4.22 10.23 5.38
C CYS A 91 4.96 11.42 4.76
N THR A 92 4.89 11.56 3.47
CA THR A 92 5.58 12.71 2.81
C THR A 92 4.54 13.70 2.27
N GLY A 93 4.92 14.93 2.10
CA GLY A 93 3.96 15.95 1.58
C GLY A 93 3.27 16.67 2.75
N CYS A 94 3.31 16.08 3.91
CA CYS A 94 2.65 16.73 5.09
C CYS A 94 1.33 17.38 4.68
N VAL A 1 0.82 13.25 2.70
CA VAL A 1 0.36 12.16 3.61
C VAL A 1 0.23 10.85 2.82
N THR A 2 1.30 10.38 2.23
CA THR A 2 1.22 9.12 1.46
C THR A 2 2.24 8.11 1.97
N VAL A 3 1.94 6.85 1.90
CA VAL A 3 2.90 5.81 2.39
C VAL A 3 3.99 5.58 1.33
N GLN A 4 5.19 5.99 1.61
CA GLN A 4 6.29 5.79 0.62
C GLN A 4 7.29 4.74 1.13
N ASP A 5 7.48 3.69 0.36
CA ASP A 5 8.45 2.64 0.78
C ASP A 5 9.80 2.89 0.10
N GLY A 6 9.92 3.98 -0.59
CA GLY A 6 11.20 4.30 -1.29
C GLY A 6 11.09 5.69 -1.92
N ASN A 7 11.61 5.85 -3.10
CA ASN A 7 11.54 7.19 -3.77
C ASN A 7 10.17 7.40 -4.39
N PHE A 8 9.27 6.47 -4.22
CA PHE A 8 7.90 6.63 -4.80
C PHE A 8 6.84 6.59 -3.70
N SER A 9 5.94 7.53 -3.71
CA SER A 9 4.87 7.55 -2.67
C SER A 9 3.76 6.56 -3.03
N PHE A 10 3.35 5.75 -2.09
CA PHE A 10 2.28 4.75 -2.38
C PHE A 10 1.04 5.03 -1.53
N SER A 11 -0.11 5.10 -2.15
CA SER A 11 -1.37 5.38 -1.38
C SER A 11 -1.72 4.19 -0.50
N LEU A 12 -2.56 4.39 0.48
CA LEU A 12 -2.95 3.27 1.38
C LEU A 12 -4.15 2.51 0.79
N GLU A 13 -4.94 3.17 -0.01
CA GLU A 13 -6.12 2.49 -0.62
C GLU A 13 -5.67 1.32 -1.50
N SER A 14 -4.98 1.60 -2.57
CA SER A 14 -4.53 0.49 -3.47
C SER A 14 -3.97 -0.67 -2.64
N VAL A 15 -3.01 -0.40 -1.79
CA VAL A 15 -2.43 -1.50 -0.96
C VAL A 15 -3.51 -2.13 -0.07
N LYS A 16 -4.27 -1.32 0.62
CA LYS A 16 -5.34 -1.89 1.48
C LYS A 16 -6.30 -2.70 0.63
N LYS A 17 -6.87 -2.10 -0.38
CA LYS A 17 -7.80 -2.85 -1.27
C LYS A 17 -7.02 -3.70 -2.27
N LEU A 18 -5.72 -3.77 -2.14
CA LEU A 18 -4.92 -4.58 -3.09
C LEU A 18 -5.12 -6.07 -2.82
N LYS A 19 -5.37 -6.42 -1.58
CA LYS A 19 -5.58 -7.86 -1.25
C LYS A 19 -6.73 -8.42 -2.09
N ASP A 20 -7.76 -7.64 -2.29
CA ASP A 20 -8.92 -8.11 -3.10
C ASP A 20 -8.98 -7.33 -4.42
N LEU A 21 -8.46 -7.88 -5.48
CA LEU A 21 -8.50 -7.15 -6.78
C LEU A 21 -9.86 -7.31 -7.45
N GLN A 22 -10.60 -6.24 -7.56
CA GLN A 22 -11.94 -6.31 -8.21
C GLN A 22 -12.19 -5.06 -9.05
N GLU A 23 -12.67 -5.23 -10.25
CA GLU A 23 -12.94 -4.05 -11.12
C GLU A 23 -11.63 -3.27 -11.36
N PRO A 24 -11.42 -2.88 -12.60
CA PRO A 24 -10.20 -2.12 -12.96
C PRO A 24 -10.16 -0.79 -12.20
N GLN A 25 -8.98 -0.24 -12.01
CA GLN A 25 -8.88 1.05 -11.27
C GLN A 25 -9.54 0.93 -9.90
N GLU A 26 -9.88 2.04 -9.30
CA GLU A 26 -10.52 1.99 -7.95
C GLU A 26 -12.01 2.31 -8.06
N PRO A 27 -12.83 1.31 -7.83
CA PRO A 27 -14.30 1.49 -7.90
C PRO A 27 -14.77 2.52 -6.86
N ARG A 28 -14.01 2.68 -5.81
CA ARG A 28 -14.42 3.67 -4.76
C ARG A 28 -13.28 4.66 -4.51
N VAL A 29 -13.61 5.89 -4.21
CA VAL A 29 -12.55 6.91 -3.96
C VAL A 29 -12.63 7.41 -2.52
N GLY A 30 -11.51 7.51 -1.85
CA GLY A 30 -11.53 8.00 -0.44
C GLY A 30 -10.12 7.89 0.15
N LYS A 31 -9.44 9.00 0.28
CA LYS A 31 -8.06 8.96 0.86
C LYS A 31 -8.09 8.39 2.28
N LEU A 32 -9.18 8.56 2.97
CA LEU A 32 -9.27 8.02 4.36
C LEU A 32 -9.90 6.63 4.37
N ARG A 33 -9.25 5.67 4.97
CA ARG A 33 -9.80 4.29 5.01
C ARG A 33 -9.44 3.63 6.35
N ASN A 34 -10.23 2.69 6.79
CA ASN A 34 -9.93 2.04 8.10
C ASN A 34 -10.11 0.51 8.02
N PHE A 35 -10.10 -0.04 6.83
CA PHE A 35 -10.25 -1.51 6.71
C PHE A 35 -8.89 -2.20 6.85
N ALA A 36 -8.77 -3.11 7.77
CA ALA A 36 -7.45 -3.81 7.95
C ALA A 36 -7.28 -4.91 6.90
N PRO A 37 -6.32 -4.72 6.04
CA PRO A 37 -6.04 -5.72 4.97
C PRO A 37 -5.54 -7.03 5.59
N ILE A 38 -4.69 -7.74 4.89
CA ILE A 38 -4.17 -9.02 5.45
C ILE A 38 -2.64 -9.08 5.27
N PRO A 39 -1.95 -8.40 6.16
CA PRO A 39 -0.47 -8.37 6.11
C PRO A 39 0.11 -9.78 6.25
N GLY A 40 1.25 -10.01 5.66
CA GLY A 40 1.87 -11.37 5.76
C GLY A 40 1.49 -12.19 4.53
N GLU A 41 1.00 -11.54 3.51
CA GLU A 41 0.60 -12.28 2.28
C GLU A 41 1.49 -11.87 1.10
N PRO A 42 2.38 -12.74 0.72
CA PRO A 42 3.30 -12.44 -0.40
C PRO A 42 2.51 -12.22 -1.69
N VAL A 43 2.97 -11.33 -2.53
CA VAL A 43 2.24 -11.06 -3.80
C VAL A 43 3.23 -10.69 -4.91
N VAL A 44 4.22 -11.51 -5.15
CA VAL A 44 5.20 -11.19 -6.21
C VAL A 44 5.97 -12.45 -6.65
N PRO A 45 5.29 -13.28 -7.39
CA PRO A 45 5.92 -14.53 -7.89
C PRO A 45 7.11 -14.18 -8.78
N ILE A 46 6.97 -13.17 -9.59
CA ILE A 46 8.08 -12.74 -10.48
C ILE A 46 7.99 -11.23 -10.67
N LEU A 47 6.78 -10.74 -10.80
CA LEU A 47 6.57 -9.28 -10.97
C LEU A 47 5.48 -8.83 -9.99
N CYS A 48 4.37 -8.37 -10.46
CA CYS A 48 3.28 -7.94 -9.52
C CYS A 48 2.06 -8.85 -9.70
N SER A 49 1.70 -9.58 -8.68
CA SER A 49 0.52 -10.49 -8.79
C SER A 49 -0.73 -9.74 -9.24
N ASN A 50 -1.12 -8.74 -8.51
CA ASN A 50 -2.35 -7.97 -8.90
C ASN A 50 -2.02 -6.96 -10.00
N PRO A 51 -2.57 -7.19 -11.17
CA PRO A 51 -2.36 -6.28 -12.32
C PRO A 51 -2.97 -4.91 -12.04
N ASN A 52 -3.80 -4.82 -11.03
CA ASN A 52 -4.44 -3.51 -10.71
C ASN A 52 -3.99 -3.01 -9.33
N PHE A 53 -2.87 -3.49 -8.86
CA PHE A 53 -2.38 -3.03 -7.52
C PHE A 53 -1.70 -1.68 -7.70
N PRO A 54 -1.30 -1.09 -6.61
CA PRO A 54 -0.60 0.21 -6.67
C PRO A 54 0.63 0.08 -7.54
N GLU A 55 0.44 0.03 -8.84
CA GLU A 55 1.59 -0.14 -9.77
C GLU A 55 2.78 0.70 -9.29
N GLU A 56 2.53 1.78 -8.60
CA GLU A 56 3.67 2.59 -8.10
C GLU A 56 4.61 1.68 -7.31
N LEU A 57 4.11 0.54 -6.89
CA LEU A 57 4.94 -0.43 -6.14
C LEU A 57 5.70 -1.32 -7.13
N LYS A 58 5.56 -1.06 -8.40
CA LYS A 58 6.26 -1.88 -9.43
C LYS A 58 7.68 -2.22 -8.96
N PRO A 59 8.41 -1.21 -8.56
CA PRO A 59 9.78 -1.44 -8.08
C PRO A 59 9.80 -2.48 -6.96
N LEU A 60 8.85 -2.45 -6.07
CA LEU A 60 8.84 -3.45 -4.97
C LEU A 60 8.70 -4.85 -5.56
N CYS A 61 7.92 -5.00 -6.60
CA CYS A 61 7.74 -6.34 -7.21
C CYS A 61 9.08 -6.84 -7.80
N LYS A 62 9.92 -5.93 -8.20
CA LYS A 62 11.23 -6.35 -8.80
C LYS A 62 12.22 -6.73 -7.70
N GLU A 63 11.90 -6.45 -6.45
CA GLU A 63 12.84 -6.80 -5.35
C GLU A 63 12.22 -7.87 -4.45
N PRO A 64 13.05 -8.76 -3.96
CA PRO A 64 12.57 -9.85 -3.08
C PRO A 64 11.99 -9.29 -1.77
N ASN A 65 12.20 -8.02 -1.52
CA ASN A 65 11.67 -7.42 -0.26
C ASN A 65 10.19 -7.05 -0.43
N ALA A 66 9.71 -7.02 -1.64
CA ALA A 66 8.28 -6.68 -1.86
C ALA A 66 7.38 -7.48 -0.92
N GLN A 67 7.70 -8.74 -0.71
CA GLN A 67 6.86 -9.58 0.19
C GLN A 67 6.86 -8.99 1.61
N GLU A 68 7.99 -8.50 2.06
CA GLU A 68 8.05 -7.91 3.42
C GLU A 68 7.50 -6.48 3.40
N ILE A 69 7.76 -5.75 2.34
CA ILE A 69 7.24 -4.36 2.25
C ILE A 69 5.72 -4.37 2.12
N LEU A 70 5.20 -5.26 1.31
CA LEU A 70 3.71 -5.32 1.13
C LEU A 70 3.01 -5.43 2.48
N GLN A 71 3.37 -6.39 3.28
CA GLN A 71 2.74 -6.55 4.61
C GLN A 71 2.72 -5.22 5.37
N ARG A 72 3.86 -4.60 5.53
CA ARG A 72 3.91 -3.30 6.25
C ARG A 72 2.87 -2.33 5.69
N LEU A 73 2.90 -2.10 4.41
CA LEU A 73 1.92 -1.16 3.80
C LEU A 73 0.49 -1.51 4.24
N GLU A 74 0.13 -2.76 4.16
CA GLU A 74 -1.24 -3.16 4.57
C GLU A 74 -1.52 -2.71 6.01
N GLU A 75 -0.61 -2.94 6.91
CA GLU A 75 -0.83 -2.53 8.32
C GLU A 75 -1.09 -1.03 8.42
N ILE A 76 -0.20 -0.22 7.89
CA ILE A 76 -0.39 1.25 7.96
C ILE A 76 -1.68 1.64 7.22
N ALA A 77 -1.96 0.98 6.14
CA ALA A 77 -3.20 1.30 5.37
C ALA A 77 -4.43 1.05 6.24
N GLU A 78 -4.37 0.08 7.10
CA GLU A 78 -5.53 -0.22 7.98
C GLU A 78 -5.92 1.01 8.81
N ASP A 79 -4.96 1.77 9.24
CA ASP A 79 -5.29 2.97 10.07
C ASP A 79 -4.17 4.02 9.98
N PRO A 80 -4.56 5.26 10.13
CA PRO A 80 -3.59 6.38 10.07
C PRO A 80 -2.55 6.24 11.19
N GLY A 81 -1.53 5.47 10.98
CA GLY A 81 -0.47 5.30 12.02
C GLY A 81 0.22 6.65 12.20
N THR A 82 1.53 6.65 12.25
CA THR A 82 2.26 7.94 12.41
C THR A 82 2.34 8.66 11.07
N CYS A 83 2.05 7.97 10.01
CA CYS A 83 2.10 8.60 8.66
C CYS A 83 1.24 9.86 8.64
N GLU A 84 0.00 9.77 9.04
CA GLU A 84 -0.90 10.96 9.03
C GLU A 84 -0.29 12.12 9.84
N ILE A 85 0.43 11.83 10.90
CA ILE A 85 1.01 12.92 11.71
C ILE A 85 2.47 13.16 11.32
N CYS A 86 2.90 12.58 10.24
CA CYS A 86 4.32 12.78 9.80
C CYS A 86 5.29 12.42 10.93
N ALA A 87 4.83 11.70 11.92
CA ALA A 87 5.73 11.32 13.04
C ALA A 87 6.83 10.39 12.53
N TYR A 88 6.69 9.90 11.32
CA TYR A 88 7.72 8.99 10.76
C TYR A 88 7.89 9.23 9.26
N ALA A 89 8.87 8.61 8.66
CA ALA A 89 9.09 8.81 7.19
C ALA A 89 8.02 8.05 6.39
N ALA A 90 7.08 7.44 7.06
CA ALA A 90 6.02 6.68 6.32
C ALA A 90 5.18 7.62 5.46
N CYS A 91 4.94 8.82 5.92
CA CYS A 91 4.11 9.77 5.12
C CYS A 91 5.00 10.87 4.50
N THR A 92 4.99 10.97 3.21
CA THR A 92 5.82 12.02 2.54
C THR A 92 4.93 13.17 2.06
N GLY A 93 5.48 14.34 1.90
CA GLY A 93 4.67 15.50 1.42
C GLY A 93 4.21 16.32 2.63
N CYS A 94 4.50 15.86 3.82
CA CYS A 94 4.08 16.63 5.03
C CYS A 94 4.80 17.98 5.09
N VAL A 1 -1.03 12.97 2.97
CA VAL A 1 -0.62 11.87 3.88
C VAL A 1 -0.38 10.58 3.10
N THR A 2 0.49 10.62 2.12
CA THR A 2 0.77 9.40 1.31
C THR A 2 1.90 8.59 1.95
N VAL A 3 1.90 7.31 1.75
CA VAL A 3 2.97 6.47 2.34
C VAL A 3 4.11 6.31 1.32
N GLN A 4 5.29 6.73 1.68
CA GLN A 4 6.44 6.61 0.74
C GLN A 4 7.45 5.56 1.23
N ASP A 5 7.83 4.66 0.38
CA ASP A 5 8.81 3.60 0.79
C ASP A 5 10.14 3.82 0.06
N GLY A 6 10.27 4.93 -0.62
CA GLY A 6 11.54 5.20 -1.36
C GLY A 6 11.42 6.56 -2.06
N ASN A 7 11.85 6.63 -3.30
CA ASN A 7 11.77 7.93 -4.03
C ASN A 7 10.36 8.12 -4.60
N PHE A 8 9.49 7.17 -4.40
CA PHE A 8 8.10 7.29 -4.93
C PHE A 8 7.09 7.26 -3.78
N SER A 9 6.03 8.02 -3.89
CA SER A 9 5.01 8.03 -2.81
C SER A 9 3.93 6.97 -3.09
N PHE A 10 3.65 6.15 -2.12
CA PHE A 10 2.61 5.09 -2.33
C PHE A 10 1.37 5.40 -1.48
N SER A 11 0.24 5.59 -2.13
CA SER A 11 -1.01 5.88 -1.36
C SER A 11 -1.47 4.65 -0.59
N LEU A 12 -2.39 4.80 0.32
CA LEU A 12 -2.86 3.63 1.10
C LEU A 12 -4.13 3.05 0.48
N GLU A 13 -4.59 3.61 -0.61
CA GLU A 13 -5.82 3.08 -1.26
C GLU A 13 -5.53 1.76 -1.98
N SER A 14 -4.79 1.81 -3.06
CA SER A 14 -4.48 0.57 -3.81
C SER A 14 -3.91 -0.51 -2.88
N VAL A 15 -3.09 -0.13 -1.94
CA VAL A 15 -2.52 -1.14 -1.01
C VAL A 15 -3.62 -1.72 -0.13
N LYS A 16 -4.34 -0.89 0.57
CA LYS A 16 -5.44 -1.42 1.43
C LYS A 16 -6.36 -2.30 0.57
N LYS A 17 -6.87 -1.74 -0.50
CA LYS A 17 -7.76 -2.53 -1.40
C LYS A 17 -6.92 -3.41 -2.33
N LEU A 18 -5.63 -3.47 -2.10
CA LEU A 18 -4.74 -4.30 -2.95
C LEU A 18 -5.25 -5.75 -2.99
N LYS A 19 -5.64 -6.28 -1.86
CA LYS A 19 -6.15 -7.69 -1.84
C LYS A 19 -7.35 -7.82 -2.77
N ASP A 20 -8.31 -6.94 -2.64
CA ASP A 20 -9.51 -7.01 -3.52
C ASP A 20 -9.36 -6.03 -4.69
N LEU A 21 -9.13 -6.52 -5.87
CA LEU A 21 -8.97 -5.62 -7.03
C LEU A 21 -10.13 -5.81 -8.02
N GLN A 22 -10.81 -4.74 -8.36
CA GLN A 22 -11.95 -4.86 -9.31
C GLN A 22 -11.70 -3.98 -10.54
N GLU A 23 -12.26 -4.34 -11.67
CA GLU A 23 -12.06 -3.51 -12.89
C GLU A 23 -12.23 -2.03 -12.59
N PRO A 24 -13.33 -1.69 -11.96
CA PRO A 24 -13.62 -0.28 -11.62
C PRO A 24 -12.56 0.27 -10.67
N GLN A 25 -12.26 1.53 -10.75
CA GLN A 25 -11.22 2.13 -9.86
C GLN A 25 -11.89 2.84 -8.68
N GLU A 26 -11.13 3.18 -7.67
CA GLU A 26 -11.73 3.88 -6.49
C GLU A 26 -11.19 5.31 -6.40
N PRO A 27 -11.84 6.19 -7.11
CA PRO A 27 -11.43 7.62 -7.12
C PRO A 27 -11.53 8.22 -5.71
N ARG A 28 -12.21 7.55 -4.81
CA ARG A 28 -12.34 8.08 -3.42
C ARG A 28 -10.95 8.31 -2.83
N VAL A 29 -10.84 9.22 -1.91
CA VAL A 29 -9.51 9.50 -1.29
C VAL A 29 -9.24 8.51 -0.15
N GLY A 30 -8.00 8.17 0.07
CA GLY A 30 -7.68 7.20 1.16
C GLY A 30 -7.89 7.89 2.51
N LYS A 31 -9.09 8.32 2.78
CA LYS A 31 -9.36 9.00 4.08
C LYS A 31 -9.81 7.97 5.13
N LEU A 32 -10.95 7.36 4.92
CA LEU A 32 -11.44 6.35 5.90
C LEU A 32 -10.92 4.96 5.53
N ARG A 33 -10.18 4.85 4.46
CA ARG A 33 -9.64 3.51 4.06
C ARG A 33 -8.71 2.98 5.15
N ASN A 34 -9.26 2.52 6.24
CA ASN A 34 -8.42 1.98 7.34
C ASN A 34 -8.93 0.61 7.80
N PHE A 35 -9.60 -0.09 6.94
CA PHE A 35 -10.12 -1.44 7.34
C PHE A 35 -9.41 -2.53 6.54
N ALA A 36 -8.11 -2.48 6.49
CA ALA A 36 -7.35 -3.51 5.72
C ALA A 36 -7.61 -4.91 6.31
N PRO A 37 -7.70 -5.88 5.43
CA PRO A 37 -7.96 -7.27 5.86
C PRO A 37 -6.77 -7.85 6.64
N ILE A 38 -6.04 -7.02 7.36
CA ILE A 38 -4.87 -7.52 8.13
C ILE A 38 -3.87 -8.21 7.19
N PRO A 39 -2.62 -7.88 7.35
CA PRO A 39 -1.56 -8.46 6.51
C PRO A 39 -1.48 -9.98 6.71
N GLY A 40 -0.84 -10.68 5.81
CA GLY A 40 -0.75 -12.15 5.95
C GLY A 40 -0.71 -12.81 4.57
N GLU A 41 -0.96 -12.06 3.53
CA GLU A 41 -0.96 -12.65 2.16
C GLU A 41 0.11 -11.98 1.29
N PRO A 42 1.35 -12.36 1.53
CA PRO A 42 2.49 -11.79 0.77
C PRO A 42 2.36 -12.15 -0.72
N VAL A 43 2.45 -11.18 -1.58
CA VAL A 43 2.34 -11.47 -3.05
C VAL A 43 3.42 -10.70 -3.82
N VAL A 44 3.97 -11.30 -4.83
CA VAL A 44 5.02 -10.62 -5.64
C VAL A 44 5.71 -11.62 -6.58
N PRO A 45 6.16 -12.71 -6.03
CA PRO A 45 6.85 -13.74 -6.84
C PRO A 45 5.90 -14.30 -7.92
N ILE A 46 4.61 -14.11 -7.75
CA ILE A 46 3.65 -14.62 -8.77
C ILE A 46 3.43 -13.57 -9.85
N LEU A 47 4.45 -12.84 -10.20
CA LEU A 47 4.29 -11.80 -11.25
C LEU A 47 3.14 -10.86 -10.90
N CYS A 48 3.36 -9.98 -9.96
CA CYS A 48 2.27 -9.03 -9.56
C CYS A 48 0.94 -9.76 -9.46
N SER A 49 0.58 -10.18 -8.28
CA SER A 49 -0.71 -10.90 -8.10
C SER A 49 -1.88 -10.05 -8.62
N ASN A 50 -2.07 -8.90 -8.06
CA ASN A 50 -3.18 -8.02 -8.51
C ASN A 50 -2.79 -7.27 -9.79
N PRO A 51 -3.46 -7.57 -10.87
CA PRO A 51 -3.17 -6.92 -12.17
C PRO A 51 -3.42 -5.42 -12.09
N ASN A 52 -3.92 -4.94 -10.98
CA ASN A 52 -4.19 -3.48 -10.85
C ASN A 52 -3.82 -2.99 -9.46
N PHE A 53 -2.81 -3.57 -8.87
CA PHE A 53 -2.39 -3.13 -7.50
C PHE A 53 -1.64 -1.79 -7.61
N PRO A 54 -1.11 -1.32 -6.51
CA PRO A 54 -0.36 -0.04 -6.54
C PRO A 54 0.79 -0.13 -7.53
N GLU A 55 0.49 -0.12 -8.80
CA GLU A 55 1.55 -0.21 -9.84
C GLU A 55 2.75 0.65 -9.45
N GLU A 56 2.52 1.77 -8.83
CA GLU A 56 3.66 2.63 -8.41
C GLU A 56 4.63 1.79 -7.59
N LEU A 57 4.16 0.69 -7.08
CA LEU A 57 5.03 -0.22 -6.28
C LEU A 57 5.60 -1.31 -7.19
N LYS A 58 5.52 -1.08 -8.46
CA LYS A 58 6.04 -2.07 -9.45
C LYS A 58 7.35 -2.69 -8.97
N PRO A 59 8.29 -1.86 -8.62
CA PRO A 59 9.61 -2.35 -8.14
C PRO A 59 9.40 -3.33 -6.99
N LEU A 60 8.54 -3.01 -6.06
CA LEU A 60 8.30 -3.94 -4.92
C LEU A 60 7.80 -5.29 -5.45
N CYS A 61 7.01 -5.28 -6.50
CA CYS A 61 6.50 -6.57 -7.06
C CYS A 61 7.65 -7.41 -7.61
N LYS A 62 8.74 -6.78 -7.98
CA LYS A 62 9.89 -7.55 -8.52
C LYS A 62 11.08 -7.45 -7.55
N GLU A 63 10.78 -7.29 -6.29
CA GLU A 63 11.87 -7.17 -5.27
C GLU A 63 11.80 -8.32 -4.28
N PRO A 64 12.94 -8.83 -3.91
CA PRO A 64 13.00 -9.93 -2.92
C PRO A 64 12.45 -9.47 -1.58
N ASN A 65 12.52 -8.20 -1.31
CA ASN A 65 11.99 -7.68 0.00
C ASN A 65 10.48 -7.50 -0.09
N ALA A 66 9.94 -7.49 -1.28
CA ALA A 66 8.47 -7.31 -1.44
C ALA A 66 7.72 -8.19 -0.43
N GLN A 67 8.19 -9.38 -0.19
CA GLN A 67 7.50 -10.26 0.80
C GLN A 67 7.36 -9.55 2.14
N GLU A 68 8.39 -8.88 2.58
CA GLU A 68 8.32 -8.16 3.87
C GLU A 68 7.61 -6.82 3.69
N ILE A 69 7.87 -6.16 2.58
CA ILE A 69 7.19 -4.85 2.33
C ILE A 69 5.69 -5.04 2.21
N LEU A 70 5.26 -5.91 1.33
CA LEU A 70 3.80 -6.13 1.16
C LEU A 70 3.10 -6.20 2.52
N GLN A 71 3.42 -7.18 3.32
CA GLN A 71 2.77 -7.30 4.66
C GLN A 71 2.79 -5.95 5.38
N ARG A 72 3.94 -5.35 5.51
CA ARG A 72 4.02 -4.03 6.20
C ARG A 72 3.06 -3.03 5.56
N LEU A 73 3.15 -2.85 4.27
CA LEU A 73 2.24 -1.90 3.60
C LEU A 73 0.79 -2.17 4.01
N GLU A 74 0.35 -3.38 3.86
CA GLU A 74 -1.05 -3.71 4.24
C GLU A 74 -1.33 -3.27 5.68
N GLU A 75 -0.43 -3.54 6.58
CA GLU A 75 -0.66 -3.13 8.00
C GLU A 75 -0.86 -1.61 8.09
N ILE A 76 0.05 -0.84 7.56
CA ILE A 76 -0.11 0.64 7.61
C ILE A 76 -1.41 1.05 6.90
N ALA A 77 -1.74 0.37 5.83
CA ALA A 77 -3.00 0.71 5.11
C ALA A 77 -4.19 0.58 6.06
N GLU A 78 -4.13 -0.35 6.97
CA GLU A 78 -5.25 -0.54 7.93
C GLU A 78 -5.47 0.74 8.76
N ASP A 79 -4.41 1.38 9.16
CA ASP A 79 -4.56 2.64 9.96
C ASP A 79 -3.45 3.63 9.62
N PRO A 80 -3.74 4.88 9.80
CA PRO A 80 -2.76 5.95 9.52
C PRO A 80 -1.50 5.77 10.38
N GLY A 81 -1.65 5.77 11.67
CA GLY A 81 -0.45 5.59 12.55
C GLY A 81 0.27 6.93 12.67
N THR A 82 1.57 6.92 12.61
CA THR A 82 2.33 8.20 12.72
C THR A 82 2.38 8.90 11.36
N CYS A 83 2.17 8.18 10.30
CA CYS A 83 2.20 8.81 8.95
C CYS A 83 1.22 9.98 8.90
N GLU A 84 -0.02 9.75 9.25
CA GLU A 84 -1.03 10.83 9.23
C GLU A 84 -0.65 11.99 10.16
N ILE A 85 0.07 11.71 11.21
CA ILE A 85 0.45 12.82 12.14
C ILE A 85 1.87 13.31 11.82
N CYS A 86 2.40 12.94 10.69
CA CYS A 86 3.77 13.39 10.32
C CYS A 86 4.78 13.02 11.42
N ALA A 87 4.40 12.15 12.31
CA ALA A 87 5.34 11.76 13.40
C ALA A 87 6.56 11.06 12.80
N TYR A 88 6.50 10.70 11.55
CA TYR A 88 7.66 10.01 10.91
C TYR A 88 7.70 10.34 9.41
N ALA A 89 8.74 9.91 8.74
CA ALA A 89 8.86 10.20 7.28
C ALA A 89 7.94 9.28 6.48
N ALA A 90 7.16 8.48 7.14
CA ALA A 90 6.23 7.55 6.42
C ALA A 90 5.23 8.35 5.58
N CYS A 91 4.82 9.50 6.04
CA CYS A 91 3.83 10.32 5.28
C CYS A 91 4.52 11.53 4.64
N THR A 92 4.39 11.68 3.35
CA THR A 92 5.02 12.85 2.67
C THR A 92 3.94 13.84 2.20
N GLY A 93 4.29 15.09 2.10
CA GLY A 93 3.28 16.09 1.65
C GLY A 93 2.68 16.81 2.86
N CYS A 94 2.79 16.22 4.02
CA CYS A 94 2.23 16.86 5.24
C CYS A 94 3.01 18.13 5.57
N VAL A 1 -0.61 13.10 1.74
CA VAL A 1 -0.03 12.18 2.75
C VAL A 1 -0.03 10.74 2.23
N THR A 2 1.09 10.26 1.77
CA THR A 2 1.14 8.86 1.24
C THR A 2 2.19 8.04 1.99
N VAL A 3 2.08 6.74 1.91
CA VAL A 3 3.08 5.87 2.60
C VAL A 3 4.23 5.55 1.64
N GLN A 4 5.43 5.91 1.98
CA GLN A 4 6.57 5.62 1.07
C GLN A 4 7.50 4.56 1.67
N ASP A 5 7.90 3.60 0.88
CA ASP A 5 8.81 2.55 1.41
C ASP A 5 10.23 2.80 0.88
N GLY A 6 10.44 3.96 0.30
CA GLY A 6 11.78 4.29 -0.25
C GLY A 6 11.72 5.65 -0.95
N ASN A 7 12.24 5.74 -2.14
CA ASN A 7 12.21 7.04 -2.88
C ASN A 7 10.93 7.16 -3.71
N PHE A 8 9.99 6.27 -3.52
CA PHE A 8 8.73 6.35 -4.32
C PHE A 8 7.54 6.64 -3.39
N SER A 9 6.50 7.22 -3.92
CA SER A 9 5.30 7.52 -3.07
C SER A 9 4.17 6.54 -3.37
N PHE A 10 3.71 5.82 -2.38
CA PHE A 10 2.62 4.84 -2.62
C PHE A 10 1.38 5.20 -1.79
N SER A 11 0.24 5.29 -2.41
CA SER A 11 -1.00 5.62 -1.66
C SER A 11 -1.42 4.46 -0.76
N LEU A 12 -2.31 4.70 0.18
CA LEU A 12 -2.75 3.60 1.08
C LEU A 12 -4.06 2.98 0.57
N GLU A 13 -4.66 3.58 -0.42
CA GLU A 13 -5.94 3.04 -0.95
C GLU A 13 -5.70 1.72 -1.72
N SER A 14 -5.08 1.80 -2.87
CA SER A 14 -4.84 0.55 -3.66
C SER A 14 -4.34 -0.58 -2.75
N VAL A 15 -3.36 -0.30 -1.94
CA VAL A 15 -2.83 -1.35 -1.03
C VAL A 15 -3.94 -1.87 -0.12
N LYS A 16 -4.69 -1.00 0.49
CA LYS A 16 -5.80 -1.48 1.38
C LYS A 16 -6.72 -2.38 0.57
N LYS A 17 -7.24 -1.90 -0.52
CA LYS A 17 -8.13 -2.73 -1.37
C LYS A 17 -7.27 -3.65 -2.24
N LEU A 18 -6.00 -3.74 -1.95
CA LEU A 18 -5.10 -4.61 -2.75
C LEU A 18 -5.61 -6.06 -2.74
N LYS A 19 -5.99 -6.56 -1.60
CA LYS A 19 -6.49 -7.97 -1.55
C LYS A 19 -7.66 -8.15 -2.51
N ASP A 20 -8.61 -7.24 -2.50
CA ASP A 20 -9.77 -7.36 -3.41
C ASP A 20 -9.66 -6.36 -4.56
N LEU A 21 -9.66 -6.83 -5.78
CA LEU A 21 -9.54 -5.88 -6.94
C LEU A 21 -10.89 -5.21 -7.20
N GLN A 22 -10.89 -3.93 -7.47
CA GLN A 22 -12.17 -3.23 -7.73
C GLN A 22 -12.32 -2.92 -9.23
N GLU A 23 -13.36 -3.43 -9.84
CA GLU A 23 -13.56 -3.17 -11.29
C GLU A 23 -13.45 -1.68 -11.60
N PRO A 24 -14.24 -0.89 -10.89
CA PRO A 24 -14.22 0.57 -11.09
C PRO A 24 -12.81 1.15 -10.85
N GLN A 25 -12.48 2.22 -11.52
CA GLN A 25 -11.14 2.82 -11.34
C GLN A 25 -11.10 3.72 -10.10
N GLU A 26 -11.51 3.21 -8.97
CA GLU A 26 -11.50 4.05 -7.74
C GLU A 26 -12.26 5.35 -7.96
N PRO A 27 -13.56 5.23 -8.06
CA PRO A 27 -14.43 6.42 -8.28
C PRO A 27 -14.30 7.40 -7.10
N ARG A 28 -14.49 8.65 -7.35
CA ARG A 28 -14.38 9.65 -6.23
C ARG A 28 -13.13 9.37 -5.40
N VAL A 29 -12.99 10.03 -4.29
CA VAL A 29 -11.79 9.80 -3.43
C VAL A 29 -12.22 9.30 -2.04
N GLY A 30 -11.53 8.31 -1.53
CA GLY A 30 -11.90 7.77 -0.19
C GLY A 30 -11.00 8.42 0.87
N LYS A 31 -11.45 9.48 1.48
CA LYS A 31 -10.63 10.16 2.52
C LYS A 31 -10.33 9.19 3.68
N LEU A 32 -11.23 8.29 3.95
CA LEU A 32 -11.00 7.32 5.07
C LEU A 32 -10.37 6.04 4.54
N ARG A 33 -9.39 5.52 5.24
CA ARG A 33 -8.73 4.26 4.78
C ARG A 33 -8.43 3.36 5.98
N ASN A 34 -9.27 2.38 6.22
CA ASN A 34 -9.03 1.47 7.38
C ASN A 34 -9.33 0.02 6.99
N PHE A 35 -9.10 -0.90 7.90
CA PHE A 35 -9.37 -2.33 7.59
C PHE A 35 -8.52 -2.79 6.41
N ALA A 36 -7.22 -2.80 6.57
CA ALA A 36 -6.33 -3.25 5.47
C ALA A 36 -6.29 -4.78 5.40
N PRO A 37 -5.68 -5.28 4.36
CA PRO A 37 -5.55 -6.74 4.17
C PRO A 37 -4.71 -7.38 5.28
N ILE A 38 -4.12 -6.57 6.12
CA ILE A 38 -3.29 -7.12 7.23
C ILE A 38 -2.03 -7.78 6.65
N PRO A 39 -0.92 -7.53 7.29
CA PRO A 39 0.37 -8.12 6.83
C PRO A 39 0.31 -9.65 6.87
N GLY A 40 1.25 -10.30 6.24
CA GLY A 40 1.25 -11.79 6.24
C GLY A 40 0.77 -12.29 4.88
N GLU A 41 0.43 -11.40 3.99
CA GLU A 41 -0.03 -11.83 2.64
C GLU A 41 0.67 -11.03 1.55
N PRO A 42 1.92 -11.38 1.33
CA PRO A 42 2.73 -10.69 0.29
C PRO A 42 2.09 -10.87 -1.09
N VAL A 43 2.16 -9.86 -1.92
CA VAL A 43 1.56 -9.99 -3.28
C VAL A 43 2.66 -10.05 -4.34
N VAL A 44 3.64 -10.88 -4.13
CA VAL A 44 4.74 -11.00 -5.12
C VAL A 44 5.36 -12.41 -5.07
N PRO A 45 4.51 -13.41 -5.09
CA PRO A 45 5.00 -14.81 -5.05
C PRO A 45 5.88 -15.11 -6.27
N ILE A 46 5.30 -15.12 -7.44
CA ILE A 46 6.10 -15.41 -8.67
C ILE A 46 6.39 -14.11 -9.42
N LEU A 47 5.39 -13.52 -10.02
CA LEU A 47 5.60 -12.25 -10.76
C LEU A 47 4.37 -11.36 -10.62
N CYS A 48 4.42 -10.40 -9.73
CA CYS A 48 3.25 -9.50 -9.54
C CYS A 48 1.96 -10.32 -9.39
N SER A 49 1.51 -10.50 -8.18
CA SER A 49 0.27 -11.30 -7.96
C SER A 49 -0.95 -10.60 -8.57
N ASN A 50 -1.41 -9.54 -7.96
CA ASN A 50 -2.60 -8.82 -8.50
C ASN A 50 -2.20 -7.96 -9.70
N PRO A 51 -2.68 -8.34 -10.86
CA PRO A 51 -2.38 -7.57 -12.10
C PRO A 51 -3.01 -6.18 -12.01
N ASN A 52 -3.83 -5.96 -11.01
CA ASN A 52 -4.48 -4.63 -10.86
C ASN A 52 -4.08 -3.98 -9.54
N PHE A 53 -2.92 -4.31 -9.02
CA PHE A 53 -2.49 -3.71 -7.73
C PHE A 53 -1.92 -2.32 -8.01
N PRO A 54 -1.59 -1.61 -6.97
CA PRO A 54 -1.03 -0.26 -7.14
C PRO A 54 0.22 -0.34 -8.01
N GLU A 55 0.02 -0.50 -9.29
CA GLU A 55 1.18 -0.63 -10.23
C GLU A 55 2.29 0.34 -9.81
N GLU A 56 1.97 1.41 -9.15
CA GLU A 56 3.05 2.34 -8.70
C GLU A 56 4.08 1.54 -7.91
N LEU A 57 3.69 0.37 -7.46
CA LEU A 57 4.63 -0.49 -6.69
C LEU A 57 5.35 -1.44 -7.65
N LYS A 58 5.18 -1.24 -8.94
CA LYS A 58 5.85 -2.12 -9.93
C LYS A 58 7.28 -2.45 -9.49
N PRO A 59 8.03 -1.42 -9.17
CA PRO A 59 9.42 -1.63 -8.72
C PRO A 59 9.46 -2.60 -7.53
N LEU A 60 8.57 -2.44 -6.59
CA LEU A 60 8.56 -3.37 -5.42
C LEU A 60 8.37 -4.81 -5.90
N CYS A 61 7.58 -5.02 -6.91
CA CYS A 61 7.37 -6.40 -7.42
C CYS A 61 8.67 -6.96 -8.00
N LYS A 62 9.54 -6.10 -8.47
CA LYS A 62 10.81 -6.58 -9.08
C LYS A 62 11.92 -6.65 -8.03
N GLU A 63 11.63 -6.36 -6.79
CA GLU A 63 12.69 -6.40 -5.74
C GLU A 63 12.33 -7.44 -4.67
N PRO A 64 13.34 -8.08 -4.14
CA PRO A 64 13.14 -9.12 -3.09
C PRO A 64 12.50 -8.51 -1.83
N ASN A 65 12.56 -7.21 -1.68
CA ASN A 65 11.97 -6.59 -0.46
C ASN A 65 10.45 -6.46 -0.60
N ALA A 66 9.94 -6.64 -1.79
CA ALA A 66 8.46 -6.52 -1.99
C ALA A 66 7.72 -7.32 -0.92
N GLN A 67 8.19 -8.51 -0.62
CA GLN A 67 7.50 -9.33 0.42
C GLN A 67 7.47 -8.59 1.76
N GLU A 68 8.54 -7.93 2.11
CA GLU A 68 8.56 -7.19 3.41
C GLU A 68 7.84 -5.86 3.26
N ILE A 69 7.97 -5.22 2.13
CA ILE A 69 7.27 -3.91 1.93
C ILE A 69 5.76 -4.12 1.92
N LEU A 70 5.30 -5.12 1.23
CA LEU A 70 3.83 -5.38 1.17
C LEU A 70 3.25 -5.41 2.59
N GLN A 71 3.76 -6.27 3.43
CA GLN A 71 3.23 -6.35 4.82
C GLN A 71 3.12 -4.95 5.42
N ARG A 72 4.20 -4.20 5.42
CA ARG A 72 4.16 -2.83 6.01
C ARG A 72 2.99 -2.03 5.41
N LEU A 73 2.92 -1.94 4.11
CA LEU A 73 1.81 -1.18 3.48
C LEU A 73 0.46 -1.64 4.04
N GLU A 74 0.23 -2.92 4.08
CA GLU A 74 -1.06 -3.44 4.61
C GLU A 74 -1.31 -2.92 6.02
N GLU A 75 -0.34 -3.03 6.90
CA GLU A 75 -0.53 -2.55 8.30
C GLU A 75 -0.90 -1.07 8.32
N ILE A 76 -0.10 -0.24 7.71
CA ILE A 76 -0.41 1.21 7.69
C ILE A 76 -1.76 1.45 7.00
N ALA A 77 -2.04 0.70 5.98
CA ALA A 77 -3.34 0.86 5.27
C ALA A 77 -4.49 0.67 6.25
N GLU A 78 -4.31 -0.18 7.23
CA GLU A 78 -5.39 -0.42 8.22
C GLU A 78 -5.68 0.86 9.01
N ASP A 79 -4.66 1.60 9.37
CA ASP A 79 -4.89 2.85 10.14
C ASP A 79 -3.77 3.86 9.85
N PRO A 80 -4.08 5.12 10.05
CA PRO A 80 -3.10 6.19 9.82
C PRO A 80 -1.85 5.99 10.68
N GLY A 81 -1.98 6.09 11.98
CA GLY A 81 -0.80 5.90 12.87
C GLY A 81 0.00 7.20 12.93
N THR A 82 1.30 7.11 12.97
CA THR A 82 2.13 8.35 13.02
C THR A 82 2.20 9.00 11.64
N CYS A 83 1.91 8.25 10.61
CA CYS A 83 1.96 8.83 9.24
C CYS A 83 0.99 10.02 9.15
N GLU A 84 -0.24 9.82 9.54
CA GLU A 84 -1.23 10.93 9.47
C GLU A 84 -0.69 12.19 10.17
N ILE A 85 0.13 12.02 11.17
CA ILE A 85 0.68 13.21 11.88
C ILE A 85 2.13 13.46 11.46
N CYS A 86 2.58 12.79 10.43
CA CYS A 86 3.99 12.99 9.97
C CYS A 86 4.97 12.67 11.09
N ALA A 87 4.53 11.97 12.10
CA ALA A 87 5.44 11.63 13.23
C ALA A 87 6.47 10.59 12.77
N TYR A 88 6.24 9.97 11.65
CA TYR A 88 7.21 8.95 11.15
C TYR A 88 7.53 9.19 9.67
N ALA A 89 8.57 8.57 9.18
CA ALA A 89 8.93 8.77 7.75
C ALA A 89 7.93 8.04 6.84
N ALA A 90 6.95 7.39 7.42
CA ALA A 90 5.95 6.67 6.59
C ALA A 90 5.13 7.67 5.77
N CYS A 91 4.75 8.77 6.35
CA CYS A 91 3.95 9.78 5.60
C CYS A 91 4.88 10.83 4.99
N THR A 92 4.98 10.85 3.69
CA THR A 92 5.86 11.84 3.03
C THR A 92 5.04 12.88 2.28
N GLY A 93 3.74 12.79 2.38
CA GLY A 93 2.86 13.78 1.69
C GLY A 93 2.91 15.11 2.44
N CYS A 94 2.68 15.08 3.72
CA CYS A 94 2.70 16.34 4.52
C CYS A 94 3.79 17.28 4.00
N VAL A 1 -1.39 13.18 2.69
CA VAL A 1 0.01 12.71 2.51
C VAL A 1 0.02 11.32 1.86
N THR A 2 1.15 10.90 1.38
CA THR A 2 1.23 9.55 0.74
C THR A 2 2.20 8.66 1.51
N VAL A 3 1.93 7.38 1.56
CA VAL A 3 2.83 6.45 2.29
C VAL A 3 3.99 6.03 1.37
N GLN A 4 5.21 6.28 1.77
CA GLN A 4 6.36 5.89 0.91
C GLN A 4 7.18 4.78 1.55
N ASP A 5 7.38 3.69 0.85
CA ASP A 5 8.18 2.58 1.41
C ASP A 5 9.57 2.58 0.77
N GLY A 6 9.90 3.64 0.07
CA GLY A 6 11.24 3.72 -0.58
C GLY A 6 11.35 5.07 -1.31
N ASN A 7 11.92 5.06 -2.48
CA ASN A 7 12.06 6.35 -3.24
C ASN A 7 10.82 6.59 -4.10
N PHE A 8 9.72 5.95 -3.78
CA PHE A 8 8.48 6.14 -4.58
C PHE A 8 7.32 6.53 -3.67
N SER A 9 6.30 7.14 -4.22
CA SER A 9 5.13 7.54 -3.39
C SER A 9 3.96 6.57 -3.59
N PHE A 10 3.58 5.87 -2.57
CA PHE A 10 2.45 4.90 -2.70
C PHE A 10 1.29 5.30 -1.80
N SER A 11 0.10 5.40 -2.35
CA SER A 11 -1.08 5.78 -1.54
C SER A 11 -1.54 4.60 -0.67
N LEU A 12 -2.44 4.83 0.24
CA LEU A 12 -2.91 3.71 1.12
C LEU A 12 -4.16 3.06 0.53
N GLU A 13 -4.82 3.71 -0.39
CA GLU A 13 -6.05 3.12 -0.99
C GLU A 13 -5.70 1.84 -1.78
N SER A 14 -5.06 1.99 -2.91
CA SER A 14 -4.69 0.79 -3.72
C SER A 14 -4.16 -0.32 -2.81
N VAL A 15 -3.20 -0.01 -1.97
CA VAL A 15 -2.66 -1.06 -1.06
C VAL A 15 -3.79 -1.65 -0.24
N LYS A 16 -4.61 -0.84 0.35
CA LYS A 16 -5.76 -1.39 1.14
C LYS A 16 -6.56 -2.33 0.24
N LYS A 17 -6.99 -1.85 -0.89
CA LYS A 17 -7.77 -2.70 -1.84
C LYS A 17 -6.81 -3.58 -2.64
N LEU A 18 -5.57 -3.68 -2.23
CA LEU A 18 -4.59 -4.52 -2.97
C LEU A 18 -4.99 -6.00 -2.88
N LYS A 19 -5.53 -6.41 -1.77
CA LYS A 19 -5.96 -7.83 -1.62
C LYS A 19 -7.46 -7.96 -1.90
N ASP A 20 -7.87 -9.03 -2.51
CA ASP A 20 -9.33 -9.20 -2.81
C ASP A 20 -9.84 -7.99 -3.58
N LEU A 21 -9.15 -7.59 -4.61
CA LEU A 21 -9.60 -6.40 -5.40
C LEU A 21 -10.62 -6.83 -6.46
N GLN A 22 -11.74 -6.16 -6.52
CA GLN A 22 -12.78 -6.53 -7.53
C GLN A 22 -12.24 -6.30 -8.94
N GLU A 23 -12.93 -6.80 -9.94
CA GLU A 23 -12.45 -6.62 -11.34
C GLU A 23 -12.00 -5.16 -11.56
N PRO A 24 -12.88 -4.23 -11.27
CA PRO A 24 -12.55 -2.80 -11.44
C PRO A 24 -11.41 -2.39 -10.51
N GLN A 25 -10.47 -1.63 -11.00
CA GLN A 25 -9.34 -1.19 -10.15
C GLN A 25 -9.87 -0.45 -8.92
N GLU A 26 -10.88 0.34 -9.10
CA GLU A 26 -11.45 1.11 -7.96
C GLU A 26 -12.89 1.54 -8.29
N PRO A 27 -13.81 0.67 -7.99
CA PRO A 27 -15.25 0.94 -8.25
C PRO A 27 -15.71 2.19 -7.49
N ARG A 28 -15.17 2.42 -6.32
CA ARG A 28 -15.59 3.62 -5.53
C ARG A 28 -14.39 4.23 -4.82
N VAL A 29 -14.25 5.53 -4.88
CA VAL A 29 -13.10 6.19 -4.20
C VAL A 29 -13.60 7.31 -3.28
N GLY A 30 -13.10 7.38 -2.08
CA GLY A 30 -13.55 8.44 -1.14
C GLY A 30 -12.70 8.39 0.14
N LYS A 31 -13.05 9.17 1.11
CA LYS A 31 -12.27 9.18 2.39
C LYS A 31 -12.31 7.79 3.04
N LEU A 32 -13.29 6.99 2.69
CA LEU A 32 -13.38 5.63 3.29
C LEU A 32 -12.09 4.86 3.06
N ARG A 33 -11.37 4.56 4.10
CA ARG A 33 -10.09 3.81 3.94
C ARG A 33 -9.75 3.08 5.24
N ASN A 34 -8.57 2.51 5.33
CA ASN A 34 -8.19 1.78 6.58
C ASN A 34 -9.15 0.61 6.81
N PHE A 35 -9.40 -0.17 5.80
CA PHE A 35 -10.32 -1.33 5.96
C PHE A 35 -9.66 -2.61 5.45
N ALA A 36 -8.42 -2.53 5.06
CA ALA A 36 -7.72 -3.73 4.54
C ALA A 36 -7.54 -4.78 5.65
N PRO A 37 -7.35 -6.01 5.24
CA PRO A 37 -7.17 -7.13 6.19
C PRO A 37 -5.90 -6.92 7.02
N ILE A 38 -5.27 -7.99 7.43
CA ILE A 38 -4.03 -7.87 8.25
C ILE A 38 -2.81 -8.27 7.41
N PRO A 39 -1.72 -7.59 7.64
CA PRO A 39 -0.47 -7.87 6.90
C PRO A 39 0.00 -9.29 7.18
N GLY A 40 0.97 -9.77 6.44
CA GLY A 40 1.47 -11.15 6.67
C GLY A 40 1.29 -11.98 5.38
N GLU A 41 0.87 -11.35 4.32
CA GLU A 41 0.67 -12.09 3.04
C GLU A 41 1.30 -11.31 1.88
N PRO A 42 2.61 -11.33 1.83
CA PRO A 42 3.34 -10.63 0.75
C PRO A 42 2.95 -11.19 -0.61
N VAL A 43 2.91 -10.35 -1.62
CA VAL A 43 2.53 -10.84 -2.97
C VAL A 43 3.54 -10.35 -4.03
N VAL A 44 4.15 -11.25 -4.74
CA VAL A 44 5.14 -10.84 -5.78
C VAL A 44 5.37 -11.98 -6.79
N PRO A 45 4.31 -12.34 -7.48
CA PRO A 45 4.39 -13.42 -8.49
C PRO A 45 5.31 -13.00 -9.64
N ILE A 46 5.10 -13.53 -10.82
CA ILE A 46 5.97 -13.15 -11.97
C ILE A 46 5.74 -11.67 -12.31
N LEU A 47 4.52 -11.23 -12.24
CA LEU A 47 4.22 -9.80 -12.55
C LEU A 47 3.13 -9.28 -11.61
N CYS A 48 3.43 -9.22 -10.33
CA CYS A 48 2.41 -8.72 -9.35
C CYS A 48 1.15 -9.58 -9.43
N SER A 49 0.63 -9.99 -8.31
CA SER A 49 -0.60 -10.84 -8.32
C SER A 49 -1.78 -10.05 -8.89
N ASN A 50 -2.19 -9.01 -8.22
CA ASN A 50 -3.33 -8.20 -8.74
C ASN A 50 -2.85 -7.25 -9.82
N PRO A 51 -3.32 -7.46 -11.02
CA PRO A 51 -2.93 -6.60 -12.16
C PRO A 51 -3.45 -5.17 -11.96
N ASN A 52 -4.16 -4.92 -10.90
CA ASN A 52 -4.69 -3.55 -10.66
C ASN A 52 -4.24 -3.03 -9.29
N PHE A 53 -3.17 -3.55 -8.76
CA PHE A 53 -2.68 -3.07 -7.44
C PHE A 53 -1.91 -1.77 -7.64
N PRO A 54 -1.34 -1.25 -6.58
CA PRO A 54 -0.56 0.00 -6.68
C PRO A 54 0.56 -0.19 -7.71
N GLU A 55 0.21 -0.19 -8.98
CA GLU A 55 1.23 -0.38 -10.04
C GLU A 55 2.49 0.42 -9.70
N GLU A 56 2.34 1.59 -9.13
CA GLU A 56 3.54 2.39 -8.77
C GLU A 56 4.49 1.52 -7.94
N LEU A 57 3.99 0.44 -7.41
CA LEU A 57 4.85 -0.49 -6.61
C LEU A 57 5.37 -1.61 -7.52
N LYS A 58 5.15 -1.47 -8.79
CA LYS A 58 5.63 -2.49 -9.76
C LYS A 58 7.04 -2.95 -9.39
N PRO A 59 7.92 -2.01 -9.19
CA PRO A 59 9.31 -2.35 -8.81
C PRO A 59 9.31 -3.25 -7.58
N LEU A 60 8.47 -2.97 -6.60
CA LEU A 60 8.45 -3.83 -5.41
C LEU A 60 8.17 -5.27 -5.82
N CYS A 61 7.25 -5.48 -6.72
CA CYS A 61 6.95 -6.86 -7.17
C CYS A 61 8.20 -7.50 -7.80
N LYS A 62 9.10 -6.70 -8.29
CA LYS A 62 10.32 -7.25 -8.93
C LYS A 62 11.51 -7.20 -7.95
N GLU A 63 11.29 -6.74 -6.75
CA GLU A 63 12.41 -6.68 -5.77
C GLU A 63 12.11 -7.57 -4.55
N PRO A 64 13.15 -8.12 -4.00
CA PRO A 64 13.01 -9.02 -2.82
C PRO A 64 12.46 -8.26 -1.60
N ASN A 65 12.52 -6.96 -1.63
CA ASN A 65 12.02 -6.18 -0.46
C ASN A 65 10.50 -6.07 -0.48
N ALA A 66 9.89 -6.26 -1.62
CA ALA A 66 8.40 -6.18 -1.69
C ALA A 66 7.80 -6.98 -0.53
N GLN A 67 8.39 -8.10 -0.20
CA GLN A 67 7.85 -8.93 0.91
C GLN A 67 7.87 -8.14 2.22
N GLU A 68 8.92 -7.41 2.46
CA GLU A 68 9.00 -6.62 3.73
C GLU A 68 8.20 -5.32 3.57
N ILE A 69 8.17 -4.75 2.39
CA ILE A 69 7.39 -3.50 2.19
C ILE A 69 5.90 -3.81 2.19
N LEU A 70 5.49 -4.79 1.42
CA LEU A 70 4.03 -5.14 1.38
C LEU A 70 3.50 -5.27 2.81
N GLN A 71 4.09 -6.12 3.60
CA GLN A 71 3.60 -6.29 5.00
C GLN A 71 3.40 -4.92 5.65
N ARG A 72 4.39 -4.07 5.59
CA ARG A 72 4.25 -2.73 6.21
C ARG A 72 3.07 -1.97 5.60
N LEU A 73 3.11 -1.74 4.31
CA LEU A 73 1.98 -1.01 3.65
C LEU A 73 0.65 -1.60 4.12
N GLU A 74 0.48 -2.89 3.99
CA GLU A 74 -0.80 -3.51 4.42
C GLU A 74 -1.12 -3.09 5.86
N GLU A 75 -0.13 -3.08 6.72
CA GLU A 75 -0.38 -2.68 8.13
C GLU A 75 -0.76 -1.19 8.20
N ILE A 76 0.03 -0.34 7.61
CA ILE A 76 -0.29 1.11 7.63
C ILE A 76 -1.59 1.36 6.88
N ALA A 77 -1.79 0.68 5.78
CA ALA A 77 -3.04 0.86 5.00
C ALA A 77 -4.25 0.58 5.89
N GLU A 78 -4.12 -0.37 6.77
CA GLU A 78 -5.25 -0.70 7.68
C GLU A 78 -5.59 0.48 8.59
N ASP A 79 -4.59 1.20 9.05
CA ASP A 79 -4.87 2.36 9.93
C ASP A 79 -3.79 3.44 9.74
N PRO A 80 -4.14 4.65 10.09
CA PRO A 80 -3.21 5.80 9.96
C PRO A 80 -1.95 5.57 10.79
N GLY A 81 -2.06 5.64 12.10
CA GLY A 81 -0.87 5.43 12.95
C GLY A 81 -0.04 6.72 13.00
N THR A 82 1.26 6.61 12.97
CA THR A 82 2.11 7.84 13.00
C THR A 82 2.14 8.50 11.62
N CYS A 83 1.89 7.74 10.59
CA CYS A 83 1.91 8.33 9.22
C CYS A 83 0.98 9.54 9.17
N GLU A 84 -0.25 9.39 9.59
CA GLU A 84 -1.20 10.53 9.54
C GLU A 84 -0.65 11.74 10.30
N ILE A 85 0.10 11.52 11.35
CA ILE A 85 0.65 12.68 12.12
C ILE A 85 2.12 12.93 11.74
N CYS A 86 2.58 12.29 10.70
CA CYS A 86 3.99 12.50 10.27
C CYS A 86 4.96 12.09 11.39
N ALA A 87 4.47 11.47 12.42
CA ALA A 87 5.37 11.06 13.54
C ALA A 87 6.42 10.09 13.00
N TYR A 88 6.20 9.56 11.83
CA TYR A 88 7.17 8.59 11.24
C TYR A 88 7.41 8.93 9.76
N ALA A 89 8.45 8.39 9.20
CA ALA A 89 8.75 8.66 7.77
C ALA A 89 7.74 7.94 6.86
N ALA A 90 6.79 7.28 7.45
CA ALA A 90 5.77 6.54 6.63
C ALA A 90 4.94 7.52 5.80
N CYS A 91 4.53 8.61 6.39
CA CYS A 91 3.70 9.60 5.62
C CYS A 91 4.58 10.72 5.07
N THR A 92 4.67 10.84 3.77
CA THR A 92 5.51 11.92 3.18
C THR A 92 4.61 13.00 2.56
N GLY A 93 5.19 14.10 2.15
CA GLY A 93 4.36 15.19 1.55
C GLY A 93 4.11 16.28 2.59
N CYS A 94 4.05 15.91 3.84
CA CYS A 94 3.82 16.93 4.91
C CYS A 94 5.15 17.45 5.46
N VAL A 1 0.31 13.53 2.30
CA VAL A 1 0.09 12.47 3.34
C VAL A 1 0.09 11.10 2.67
N THR A 2 1.18 10.72 2.05
CA THR A 2 1.23 9.39 1.39
C THR A 2 2.35 8.54 2.00
N VAL A 3 2.22 7.23 1.96
CA VAL A 3 3.29 6.38 2.53
C VAL A 3 4.42 6.20 1.51
N GLN A 4 5.58 6.73 1.80
CA GLN A 4 6.72 6.61 0.84
C GLN A 4 7.80 5.69 1.41
N ASP A 5 8.27 4.76 0.62
CA ASP A 5 9.34 3.84 1.11
C ASP A 5 10.71 4.39 0.72
N GLY A 6 11.09 4.22 -0.52
CA GLY A 6 12.41 4.73 -0.97
C GLY A 6 12.21 6.10 -1.64
N ASN A 7 12.72 6.26 -2.83
CA ASN A 7 12.57 7.57 -3.53
C ASN A 7 11.19 7.68 -4.19
N PHE A 8 10.31 6.76 -3.89
CA PHE A 8 8.95 6.82 -4.50
C PHE A 8 7.86 6.83 -3.42
N SER A 9 6.86 7.65 -3.57
CA SER A 9 5.78 7.71 -2.55
C SER A 9 4.67 6.70 -2.88
N PHE A 10 4.23 5.94 -1.91
CA PHE A 10 3.17 4.93 -2.18
C PHE A 10 1.89 5.28 -1.41
N SER A 11 0.79 5.43 -2.09
CA SER A 11 -0.48 5.77 -1.39
C SER A 11 -1.01 4.56 -0.62
N LEU A 12 -2.03 4.74 0.17
CA LEU A 12 -2.57 3.58 0.97
C LEU A 12 -3.88 3.06 0.34
N GLU A 13 -4.30 3.63 -0.76
CA GLU A 13 -5.57 3.15 -1.39
C GLU A 13 -5.37 1.76 -2.02
N SER A 14 -4.76 1.71 -3.17
CA SER A 14 -4.54 0.39 -3.85
C SER A 14 -4.16 -0.68 -2.83
N VAL A 15 -3.23 -0.40 -1.97
CA VAL A 15 -2.80 -1.42 -0.98
C VAL A 15 -3.98 -1.74 -0.04
N LYS A 16 -4.61 -0.74 0.51
CA LYS A 16 -5.77 -1.02 1.41
C LYS A 16 -6.77 -1.90 0.67
N LYS A 17 -7.19 -1.49 -0.51
CA LYS A 17 -8.15 -2.30 -1.30
C LYS A 17 -7.41 -3.44 -2.01
N LEU A 18 -6.14 -3.58 -1.75
CA LEU A 18 -5.36 -4.67 -2.42
C LEU A 18 -6.02 -6.02 -2.15
N LYS A 19 -6.55 -6.22 -0.97
CA LYS A 19 -7.22 -7.52 -0.67
C LYS A 19 -8.24 -7.84 -1.74
N ASP A 20 -8.99 -6.86 -2.17
CA ASP A 20 -10.01 -7.10 -3.23
C ASP A 20 -9.59 -6.38 -4.52
N LEU A 21 -9.67 -7.03 -5.63
CA LEU A 21 -9.27 -6.37 -6.91
C LEU A 21 -10.39 -5.47 -7.42
N GLN A 22 -10.17 -4.18 -7.44
CA GLN A 22 -11.22 -3.25 -7.93
C GLN A 22 -10.57 -1.99 -8.52
N GLU A 23 -11.34 -1.15 -9.15
CA GLU A 23 -10.75 0.08 -9.75
C GLU A 23 -11.50 1.32 -9.27
N PRO A 24 -11.32 1.62 -8.00
CA PRO A 24 -11.99 2.80 -7.39
C PRO A 24 -11.53 4.09 -8.07
N GLN A 25 -12.44 4.97 -8.36
CA GLN A 25 -12.05 6.26 -9.03
C GLN A 25 -11.16 7.07 -8.08
N GLU A 26 -11.39 6.98 -6.81
CA GLU A 26 -10.57 7.75 -5.83
C GLU A 26 -10.30 9.16 -6.36
N PRO A 27 -11.36 9.86 -6.67
CA PRO A 27 -11.24 11.25 -7.18
C PRO A 27 -10.57 12.15 -6.15
N ARG A 28 -11.00 12.05 -4.91
CA ARG A 28 -10.40 12.89 -3.85
C ARG A 28 -10.17 12.04 -2.58
N VAL A 29 -9.33 12.50 -1.70
CA VAL A 29 -9.07 11.73 -0.46
C VAL A 29 -10.36 11.50 0.31
N GLY A 30 -10.62 10.30 0.75
CA GLY A 30 -11.87 10.01 1.49
C GLY A 30 -11.68 10.39 2.96
N LYS A 31 -12.72 10.32 3.75
CA LYS A 31 -12.59 10.67 5.19
C LYS A 31 -11.56 9.77 5.87
N LEU A 32 -11.63 8.49 5.63
CA LEU A 32 -10.65 7.56 6.27
C LEU A 32 -10.30 6.42 5.31
N ARG A 33 -9.06 6.02 5.26
CA ARG A 33 -8.67 4.90 4.37
C ARG A 33 -8.28 3.67 5.20
N ASN A 34 -9.16 3.23 6.06
CA ASN A 34 -8.84 2.04 6.90
C ASN A 34 -9.85 0.91 6.62
N PHE A 35 -9.37 -0.28 6.39
CA PHE A 35 -10.29 -1.41 6.11
C PHE A 35 -9.50 -2.70 5.93
N ALA A 36 -8.30 -2.61 5.40
CA ALA A 36 -7.48 -3.84 5.19
C ALA A 36 -7.32 -4.61 6.51
N PRO A 37 -7.96 -5.75 6.57
CA PRO A 37 -7.89 -6.59 7.79
C PRO A 37 -6.45 -7.07 8.03
N ILE A 38 -5.64 -6.24 8.61
CA ILE A 38 -4.21 -6.64 8.89
C ILE A 38 -3.57 -7.24 7.63
N PRO A 39 -2.28 -7.44 7.69
CA PRO A 39 -1.54 -8.02 6.55
C PRO A 39 -2.02 -9.45 6.26
N GLY A 40 -2.08 -9.83 5.01
CA GLY A 40 -2.54 -11.20 4.67
C GLY A 40 -1.31 -12.09 4.45
N GLU A 41 -0.67 -11.96 3.32
CA GLU A 41 0.54 -12.79 3.05
C GLU A 41 1.31 -12.21 1.85
N PRO A 42 2.59 -12.03 2.05
CA PRO A 42 3.45 -11.46 0.97
C PRO A 42 3.43 -12.38 -0.26
N VAL A 43 3.12 -11.84 -1.40
CA VAL A 43 3.08 -12.67 -2.63
C VAL A 43 3.66 -11.90 -3.83
N VAL A 44 4.43 -12.55 -4.65
CA VAL A 44 5.02 -11.85 -5.82
C VAL A 44 5.37 -12.85 -6.93
N PRO A 45 4.36 -13.22 -7.69
CA PRO A 45 4.53 -14.18 -8.80
C PRO A 45 5.53 -13.62 -9.82
N ILE A 46 5.30 -13.85 -11.09
CA ILE A 46 6.23 -13.31 -12.11
C ILE A 46 6.35 -11.80 -11.91
N LEU A 47 5.28 -11.17 -11.58
CA LEU A 47 5.29 -9.71 -11.33
C LEU A 47 4.51 -9.41 -10.06
N CYS A 48 3.21 -9.42 -10.13
CA CYS A 48 2.39 -9.14 -8.92
C CYS A 48 1.16 -10.05 -8.91
N SER A 49 0.79 -10.56 -7.76
CA SER A 49 -0.40 -11.46 -7.69
C SER A 49 -1.65 -10.73 -8.18
N ASN A 50 -1.88 -9.54 -7.70
CA ASN A 50 -3.08 -8.79 -8.14
C ASN A 50 -2.84 -8.13 -9.50
N PRO A 51 -3.57 -8.56 -10.49
CA PRO A 51 -3.43 -8.01 -11.86
C PRO A 51 -3.73 -6.51 -11.87
N ASN A 52 -4.25 -6.00 -10.79
CA ASN A 52 -4.55 -4.54 -10.74
C ASN A 52 -4.16 -3.97 -9.37
N PHE A 53 -3.09 -4.45 -8.81
CA PHE A 53 -2.65 -3.94 -7.48
C PHE A 53 -2.07 -2.54 -7.66
N PRO A 54 -1.55 -1.98 -6.59
CA PRO A 54 -0.94 -0.64 -6.67
C PRO A 54 0.20 -0.66 -7.70
N GLU A 55 -0.15 -0.69 -8.96
CA GLU A 55 0.90 -0.72 -10.02
C GLU A 55 2.03 0.26 -9.69
N GLU A 56 1.72 1.38 -9.11
CA GLU A 56 2.79 2.35 -8.75
C GLU A 56 3.85 1.62 -7.93
N LEU A 57 3.49 0.50 -7.37
CA LEU A 57 4.46 -0.30 -6.56
C LEU A 57 5.11 -1.35 -7.44
N LYS A 58 4.97 -1.21 -8.73
CA LYS A 58 5.59 -2.18 -9.68
C LYS A 58 6.99 -2.57 -9.19
N PRO A 59 7.79 -1.58 -8.92
CA PRO A 59 9.16 -1.85 -8.44
C PRO A 59 9.11 -2.75 -7.20
N LEU A 60 8.25 -2.43 -6.26
CA LEU A 60 8.16 -3.29 -5.06
C LEU A 60 8.06 -4.75 -5.47
N CYS A 61 7.20 -5.04 -6.41
CA CYS A 61 7.07 -6.46 -6.87
C CYS A 61 8.33 -6.91 -7.60
N LYS A 62 9.05 -5.99 -8.19
CA LYS A 62 10.29 -6.37 -8.93
C LYS A 62 11.48 -6.41 -7.97
N GLU A 63 11.25 -6.22 -6.70
CA GLU A 63 12.38 -6.25 -5.72
C GLU A 63 12.13 -7.33 -4.66
N PRO A 64 13.20 -7.94 -4.21
CA PRO A 64 13.10 -9.01 -3.18
C PRO A 64 12.50 -8.47 -1.88
N ASN A 65 12.50 -7.18 -1.71
CA ASN A 65 11.94 -6.60 -0.45
C ASN A 65 10.41 -6.54 -0.52
N ALA A 66 9.85 -6.75 -1.68
CA ALA A 66 8.36 -6.72 -1.80
C ALA A 66 7.73 -7.60 -0.72
N GLN A 67 8.31 -8.73 -0.46
CA GLN A 67 7.75 -9.65 0.58
C GLN A 67 7.64 -8.93 1.92
N GLU A 68 8.65 -8.20 2.32
CA GLU A 68 8.59 -7.47 3.62
C GLU A 68 7.79 -6.18 3.48
N ILE A 69 7.88 -5.53 2.35
CA ILE A 69 7.12 -4.27 2.15
C ILE A 69 5.62 -4.55 2.07
N LEU A 70 5.24 -5.51 1.26
CA LEU A 70 3.79 -5.84 1.13
C LEU A 70 3.14 -5.90 2.52
N GLN A 71 3.55 -6.81 3.34
CA GLN A 71 2.94 -6.92 4.70
C GLN A 71 2.89 -5.54 5.36
N ARG A 72 4.00 -4.85 5.43
CA ARG A 72 4.01 -3.51 6.05
C ARG A 72 2.90 -2.63 5.44
N LEU A 73 2.94 -2.44 4.16
CA LEU A 73 1.89 -1.60 3.51
C LEU A 73 0.50 -2.02 4.01
N GLU A 74 0.23 -3.30 4.02
CA GLU A 74 -1.10 -3.77 4.51
C GLU A 74 -1.35 -3.24 5.92
N GLU A 75 -0.36 -3.24 6.76
CA GLU A 75 -0.56 -2.73 8.15
C GLU A 75 -0.97 -1.26 8.13
N ILE A 76 -0.18 -0.43 7.50
CA ILE A 76 -0.52 1.02 7.44
C ILE A 76 -1.84 1.21 6.69
N ALA A 77 -2.02 0.51 5.60
CA ALA A 77 -3.29 0.63 4.83
C ALA A 77 -4.48 0.45 5.78
N GLU A 78 -4.36 -0.44 6.72
CA GLU A 78 -5.47 -0.68 7.68
C GLU A 78 -5.70 0.55 8.55
N ASP A 79 -4.65 1.17 9.01
CA ASP A 79 -4.82 2.38 9.87
C ASP A 79 -3.72 3.41 9.59
N PRO A 80 -4.04 4.65 9.83
CA PRO A 80 -3.07 5.75 9.60
C PRO A 80 -1.83 5.58 10.48
N GLY A 81 -1.97 5.74 11.77
CA GLY A 81 -0.80 5.60 12.67
C GLY A 81 -0.07 6.93 12.72
N THR A 82 1.24 6.91 12.73
CA THR A 82 2.00 8.19 12.78
C THR A 82 2.08 8.80 11.37
N CYS A 83 1.92 8.01 10.36
CA CYS A 83 1.99 8.55 8.97
C CYS A 83 0.98 9.68 8.79
N GLU A 84 -0.25 9.45 9.16
CA GLU A 84 -1.29 10.51 9.00
C GLU A 84 -0.96 11.74 9.85
N ILE A 85 -0.26 11.57 10.94
CA ILE A 85 0.07 12.74 11.80
C ILE A 85 1.51 13.20 11.57
N CYS A 86 2.14 12.71 10.54
CA CYS A 86 3.54 13.12 10.25
C CYS A 86 4.45 12.79 11.45
N ALA A 87 3.97 11.99 12.36
CA ALA A 87 4.81 11.64 13.55
C ALA A 87 6.03 10.84 13.10
N TYR A 88 5.96 10.23 11.95
CA TYR A 88 7.11 9.43 11.45
C TYR A 88 7.37 9.74 9.98
N ALA A 89 8.48 9.29 9.45
CA ALA A 89 8.78 9.55 8.02
C ALA A 89 7.91 8.69 7.11
N ALA A 90 7.05 7.90 7.69
CA ALA A 90 6.16 7.03 6.87
C ALA A 90 5.32 7.87 5.91
N CYS A 91 4.83 8.98 6.36
CA CYS A 91 3.99 9.84 5.47
C CYS A 91 4.78 11.05 4.97
N THR A 92 4.90 11.20 3.68
CA THR A 92 5.66 12.37 3.14
C THR A 92 4.68 13.45 2.65
N GLY A 93 5.19 14.60 2.33
CA GLY A 93 4.30 15.71 1.86
C GLY A 93 3.79 16.49 3.07
N CYS A 94 4.26 16.18 4.24
CA CYS A 94 3.81 16.91 5.45
C CYS A 94 4.44 18.31 5.48
N VAL A 1 -1.35 13.49 2.32
CA VAL A 1 -0.38 12.63 3.06
C VAL A 1 -0.24 11.27 2.35
N THR A 2 0.94 10.94 1.91
CA THR A 2 1.14 9.63 1.22
C THR A 2 2.27 8.85 1.87
N VAL A 3 2.23 7.55 1.78
CA VAL A 3 3.30 6.72 2.40
C VAL A 3 4.42 6.48 1.38
N GLN A 4 5.61 6.94 1.66
CA GLN A 4 6.73 6.75 0.70
C GLN A 4 7.76 5.76 1.27
N ASP A 5 8.28 4.90 0.44
CA ASP A 5 9.29 3.92 0.92
C ASP A 5 10.68 4.30 0.37
N GLY A 6 10.79 5.46 -0.23
CA GLY A 6 12.10 5.89 -0.79
C GLY A 6 11.93 7.25 -1.48
N ASN A 7 12.50 7.40 -2.64
CA ASN A 7 12.35 8.71 -3.35
C ASN A 7 10.99 8.75 -4.06
N PHE A 8 10.18 7.76 -3.85
CA PHE A 8 8.84 7.73 -4.49
C PHE A 8 7.75 7.69 -3.41
N SER A 9 6.53 8.04 -3.76
CA SER A 9 5.44 8.04 -2.74
C SER A 9 4.37 7.00 -3.08
N PHE A 10 3.97 6.21 -2.10
CA PHE A 10 2.93 5.17 -2.36
C PHE A 10 1.63 5.50 -1.63
N SER A 11 0.55 5.63 -2.34
CA SER A 11 -0.75 5.95 -1.67
C SER A 11 -1.22 4.75 -0.86
N LEU A 12 -2.21 4.92 -0.02
CA LEU A 12 -2.70 3.78 0.81
C LEU A 12 -4.02 3.22 0.25
N GLU A 13 -4.49 3.77 -0.85
CA GLU A 13 -5.77 3.25 -1.44
C GLU A 13 -5.55 1.90 -2.11
N SER A 14 -4.95 1.90 -3.27
CA SER A 14 -4.71 0.61 -3.98
C SER A 14 -4.23 -0.47 -3.01
N VAL A 15 -3.24 -0.17 -2.21
CA VAL A 15 -2.74 -1.19 -1.26
C VAL A 15 -3.90 -1.66 -0.36
N LYS A 16 -4.69 -0.76 0.14
CA LYS A 16 -5.82 -1.18 1.00
C LYS A 16 -6.69 -2.16 0.21
N LYS A 17 -7.15 -1.74 -0.95
CA LYS A 17 -7.98 -2.65 -1.79
C LYS A 17 -7.08 -3.61 -2.56
N LEU A 18 -5.83 -3.71 -2.19
CA LEU A 18 -4.90 -4.62 -2.90
C LEU A 18 -5.36 -6.07 -2.72
N LYS A 19 -5.80 -6.43 -1.54
CA LYS A 19 -6.27 -7.82 -1.32
C LYS A 19 -7.39 -8.14 -2.31
N ASP A 20 -8.30 -7.22 -2.51
CA ASP A 20 -9.41 -7.46 -3.47
C ASP A 20 -9.02 -6.91 -4.85
N LEU A 21 -8.90 -7.76 -5.83
CA LEU A 21 -8.50 -7.29 -7.18
C LEU A 21 -9.70 -6.62 -7.89
N GLN A 22 -9.55 -5.38 -8.26
CA GLN A 22 -10.66 -4.67 -8.97
C GLN A 22 -10.08 -3.53 -9.82
N GLU A 23 -10.89 -2.92 -10.65
CA GLU A 23 -10.38 -1.82 -11.50
C GLU A 23 -11.28 -0.58 -11.41
N PRO A 24 -11.49 -0.12 -10.20
CA PRO A 24 -12.34 1.07 -9.97
C PRO A 24 -11.75 2.29 -10.69
N GLN A 25 -12.58 3.16 -11.19
CA GLN A 25 -12.06 4.37 -11.91
C GLN A 25 -11.25 5.23 -10.94
N GLU A 26 -11.57 5.19 -9.68
CA GLU A 26 -10.81 5.99 -8.69
C GLU A 26 -10.57 7.41 -9.22
N PRO A 27 -11.62 8.06 -9.65
CA PRO A 27 -11.52 9.43 -10.20
C PRO A 27 -10.99 10.38 -9.12
N ARG A 28 -11.28 10.11 -7.88
CA ARG A 28 -10.80 11.00 -6.78
C ARG A 28 -10.22 10.16 -5.64
N VAL A 29 -9.23 10.67 -4.95
CA VAL A 29 -8.63 9.90 -3.83
C VAL A 29 -9.70 9.55 -2.79
N GLY A 30 -9.74 8.32 -2.37
CA GLY A 30 -10.76 7.91 -1.36
C GLY A 30 -10.55 8.71 -0.07
N LYS A 31 -11.51 9.50 0.32
CA LYS A 31 -11.35 10.30 1.57
C LYS A 31 -11.16 9.38 2.77
N LEU A 32 -11.77 8.22 2.74
CA LEU A 32 -11.62 7.26 3.87
C LEU A 32 -10.59 6.18 3.53
N ARG A 33 -9.69 5.92 4.43
CA ARG A 33 -8.65 4.88 4.15
C ARG A 33 -8.43 4.01 5.39
N ASN A 34 -8.70 2.73 5.31
CA ASN A 34 -8.49 1.84 6.48
C ASN A 34 -8.73 0.38 6.09
N PHE A 35 -9.53 -0.32 6.85
CA PHE A 35 -9.81 -1.75 6.53
C PHE A 35 -8.53 -2.58 6.63
N ALA A 36 -8.25 -3.10 7.80
CA ALA A 36 -7.00 -3.92 7.98
C ALA A 36 -6.91 -4.99 6.87
N PRO A 37 -6.00 -4.76 5.94
CA PRO A 37 -5.81 -5.72 4.83
C PRO A 37 -5.31 -7.07 5.34
N ILE A 38 -5.05 -7.17 6.62
CA ILE A 38 -4.55 -8.48 7.17
C ILE A 38 -3.20 -8.83 6.54
N PRO A 39 -2.19 -8.09 6.90
CA PRO A 39 -0.84 -8.33 6.36
C PRO A 39 -0.34 -9.72 6.75
N GLY A 40 0.56 -10.29 5.98
CA GLY A 40 1.07 -11.65 6.30
C GLY A 40 0.87 -12.56 5.09
N GLU A 41 0.87 -12.00 3.91
CA GLU A 41 0.69 -12.84 2.68
C GLU A 41 1.86 -12.62 1.71
N PRO A 42 3.00 -13.13 2.08
CA PRO A 42 4.22 -12.99 1.23
C PRO A 42 4.00 -13.65 -0.14
N VAL A 43 3.50 -12.90 -1.08
CA VAL A 43 3.27 -13.49 -2.44
C VAL A 43 3.76 -12.53 -3.52
N VAL A 44 4.56 -13.01 -4.44
CA VAL A 44 5.07 -12.11 -5.52
C VAL A 44 5.50 -12.94 -6.73
N PRO A 45 4.53 -13.47 -7.43
CA PRO A 45 4.81 -14.28 -8.64
C PRO A 45 5.50 -13.43 -9.71
N ILE A 46 6.35 -14.02 -10.49
CA ILE A 46 7.06 -13.23 -11.55
C ILE A 46 6.04 -12.41 -12.35
N LEU A 47 4.82 -12.86 -12.41
CA LEU A 47 3.78 -12.10 -13.17
C LEU A 47 2.99 -11.21 -12.21
N CYS A 48 3.43 -11.10 -10.99
CA CYS A 48 2.70 -10.24 -10.01
C CYS A 48 1.39 -10.90 -9.61
N SER A 49 1.14 -11.03 -8.34
CA SER A 49 -0.13 -11.67 -7.88
C SER A 49 -1.33 -10.95 -8.47
N ASN A 50 -1.71 -9.84 -7.90
CA ASN A 50 -2.88 -9.09 -8.43
C ASN A 50 -2.47 -8.26 -9.66
N PRO A 51 -3.00 -8.64 -10.80
CA PRO A 51 -2.69 -7.93 -12.06
C PRO A 51 -3.19 -6.48 -12.01
N ASN A 52 -3.88 -6.12 -10.96
CA ASN A 52 -4.40 -4.73 -10.86
C ASN A 52 -4.09 -4.13 -9.48
N PHE A 53 -3.03 -4.57 -8.87
CA PHE A 53 -2.68 -4.01 -7.52
C PHE A 53 -2.02 -2.65 -7.71
N PRO A 54 -1.56 -2.06 -6.63
CA PRO A 54 -0.90 -0.75 -6.71
C PRO A 54 0.26 -0.81 -7.71
N GLU A 55 -0.05 -0.82 -8.98
CA GLU A 55 1.01 -0.89 -10.02
C GLU A 55 2.16 0.07 -9.69
N GLU A 56 1.85 1.20 -9.11
CA GLU A 56 2.94 2.15 -8.75
C GLU A 56 3.97 1.41 -7.89
N LEU A 57 3.57 0.31 -7.33
CA LEU A 57 4.51 -0.49 -6.49
C LEU A 57 5.10 -1.61 -7.34
N LYS A 58 4.95 -1.51 -8.63
CA LYS A 58 5.49 -2.56 -9.54
C LYS A 58 6.87 -3.03 -9.06
N PRO A 59 7.75 -2.09 -8.81
CA PRO A 59 9.11 -2.44 -8.34
C PRO A 59 9.02 -3.33 -7.10
N LEU A 60 8.17 -2.99 -6.17
CA LEU A 60 8.04 -3.83 -4.95
C LEU A 60 7.68 -5.26 -5.36
N CYS A 61 6.84 -5.43 -6.34
CA CYS A 61 6.46 -6.80 -6.77
C CYS A 61 7.67 -7.51 -7.39
N LYS A 62 8.56 -6.77 -7.99
CA LYS A 62 9.76 -7.40 -8.62
C LYS A 62 10.94 -7.36 -7.64
N GLU A 63 10.72 -6.93 -6.44
CA GLU A 63 11.83 -6.87 -5.45
C GLU A 63 11.80 -8.08 -4.52
N PRO A 64 12.97 -8.54 -4.16
CA PRO A 64 13.07 -9.71 -3.25
C PRO A 64 12.45 -9.38 -1.88
N ASN A 65 12.44 -8.12 -1.52
CA ASN A 65 11.85 -7.73 -0.21
C ASN A 65 10.34 -7.50 -0.33
N ALA A 66 9.82 -7.60 -1.52
CA ALA A 66 8.35 -7.39 -1.71
C ALA A 66 7.57 -8.09 -0.59
N GLN A 67 7.99 -9.26 -0.22
CA GLN A 67 7.29 -10.01 0.86
C GLN A 67 7.35 -9.22 2.18
N GLU A 68 8.46 -8.61 2.47
CA GLU A 68 8.57 -7.83 3.74
C GLU A 68 7.92 -6.45 3.55
N ILE A 69 7.97 -5.92 2.37
CA ILE A 69 7.35 -4.58 2.12
C ILE A 69 5.82 -4.71 2.07
N LEU A 70 5.33 -5.70 1.38
CA LEU A 70 3.86 -5.87 1.29
C LEU A 70 3.23 -5.84 2.68
N GLN A 71 3.63 -6.74 3.55
CA GLN A 71 3.05 -6.74 4.92
C GLN A 71 3.06 -5.34 5.52
N ARG A 72 4.18 -4.68 5.52
CA ARG A 72 4.25 -3.30 6.08
C ARG A 72 3.20 -2.40 5.40
N LEU A 73 3.25 -2.29 4.10
CA LEU A 73 2.27 -1.43 3.40
C LEU A 73 0.84 -1.76 3.86
N GLU A 74 0.48 -3.02 3.83
CA GLU A 74 -0.89 -3.39 4.27
C GLU A 74 -1.18 -2.85 5.68
N GLU A 75 -0.29 -3.07 6.61
CA GLU A 75 -0.53 -2.57 7.99
C GLU A 75 -0.79 -1.06 7.98
N ILE A 76 0.07 -0.30 7.36
CA ILE A 76 -0.14 1.17 7.31
C ILE A 76 -1.43 1.49 6.56
N ALA A 77 -1.73 0.73 5.54
CA ALA A 77 -2.99 0.97 4.78
C ALA A 77 -4.19 0.92 5.72
N GLU A 78 -4.16 0.04 6.68
CA GLU A 78 -5.30 -0.05 7.64
C GLU A 78 -5.46 1.26 8.40
N ASP A 79 -4.38 1.89 8.76
CA ASP A 79 -4.48 3.17 9.52
C ASP A 79 -3.08 3.64 9.93
N PRO A 80 -2.50 4.48 9.11
CA PRO A 80 -1.15 5.02 9.39
C PRO A 80 -1.12 5.77 10.72
N GLY A 81 -1.09 5.06 11.82
CA GLY A 81 -1.06 5.73 13.15
C GLY A 81 -0.10 6.92 13.11
N THR A 82 1.18 6.66 13.13
CA THR A 82 2.17 7.77 13.10
C THR A 82 2.19 8.43 11.71
N CYS A 83 2.46 7.67 10.69
CA CYS A 83 2.49 8.25 9.31
C CYS A 83 1.38 9.29 9.16
N GLU A 84 0.17 8.93 9.49
CA GLU A 84 -0.96 9.90 9.35
C GLU A 84 -0.70 11.16 10.18
N ILE A 85 -0.22 11.00 11.38
CA ILE A 85 0.05 12.21 12.22
C ILE A 85 1.47 12.71 11.99
N CYS A 86 2.08 12.32 10.91
CA CYS A 86 3.48 12.78 10.61
C CYS A 86 4.42 12.40 11.75
N ALA A 87 4.00 11.51 12.61
CA ALA A 87 4.89 11.11 13.74
C ALA A 87 6.12 10.37 13.20
N TYR A 88 6.06 9.88 12.00
CA TYR A 88 7.22 9.16 11.43
C TYR A 88 7.47 9.60 9.98
N ALA A 89 8.62 9.28 9.44
CA ALA A 89 8.93 9.69 8.04
C ALA A 89 8.16 8.82 7.05
N ALA A 90 7.29 7.96 7.53
CA ALA A 90 6.52 7.08 6.61
C ALA A 90 5.51 7.91 5.81
N CYS A 91 5.00 8.96 6.38
CA CYS A 91 4.00 9.80 5.66
C CYS A 91 4.62 11.14 5.24
N THR A 92 4.59 11.45 3.98
CA THR A 92 5.17 12.75 3.52
C THR A 92 4.04 13.69 3.05
N GLY A 93 4.33 14.95 2.92
CA GLY A 93 3.28 15.90 2.46
C GLY A 93 2.62 16.55 3.67
N CYS A 94 3.00 16.13 4.85
CA CYS A 94 2.39 16.73 6.08
C CYS A 94 2.93 18.14 6.32
N VAL A 1 -0.55 13.54 2.07
CA VAL A 1 0.05 12.53 3.01
C VAL A 1 0.05 11.14 2.38
N THR A 2 1.15 10.70 1.87
CA THR A 2 1.21 9.36 1.24
C THR A 2 2.24 8.47 1.94
N VAL A 3 2.02 7.18 1.96
CA VAL A 3 3.00 6.27 2.61
C VAL A 3 4.07 5.86 1.60
N GLN A 4 5.31 6.19 1.87
CA GLN A 4 6.40 5.83 0.91
C GLN A 4 7.32 4.77 1.50
N ASP A 5 7.86 3.92 0.68
CA ASP A 5 8.78 2.86 1.17
C ASP A 5 10.20 3.14 0.67
N GLY A 6 10.43 4.31 0.15
CA GLY A 6 11.79 4.67 -0.35
C GLY A 6 11.73 6.03 -1.03
N ASN A 7 12.25 6.12 -2.23
CA ASN A 7 12.22 7.43 -2.95
C ASN A 7 10.86 7.63 -3.64
N PHE A 8 9.94 6.73 -3.41
CA PHE A 8 8.60 6.86 -4.06
C PHE A 8 7.49 6.82 -3.00
N SER A 9 6.43 7.52 -3.21
CA SER A 9 5.31 7.51 -2.21
C SER A 9 4.18 6.58 -2.70
N PHE A 10 3.64 5.79 -1.80
CA PHE A 10 2.55 4.87 -2.21
C PHE A 10 1.28 5.14 -1.39
N SER A 11 0.15 5.25 -2.03
CA SER A 11 -1.10 5.51 -1.28
C SER A 11 -1.52 4.28 -0.48
N LEU A 12 -2.45 4.44 0.43
CA LEU A 12 -2.90 3.27 1.25
C LEU A 12 -4.18 2.67 0.67
N GLU A 13 -4.77 3.32 -0.28
CA GLU A 13 -6.02 2.79 -0.89
C GLU A 13 -5.74 1.51 -1.69
N SER A 14 -5.09 1.62 -2.81
CA SER A 14 -4.80 0.41 -3.63
C SER A 14 -4.25 -0.71 -2.75
N VAL A 15 -3.32 -0.40 -1.88
CA VAL A 15 -2.75 -1.46 -1.00
C VAL A 15 -3.85 -2.00 -0.08
N LYS A 16 -4.55 -1.14 0.60
CA LYS A 16 -5.64 -1.63 1.51
C LYS A 16 -6.59 -2.51 0.69
N LYS A 17 -7.05 -2.00 -0.41
CA LYS A 17 -7.98 -2.81 -1.27
C LYS A 17 -7.18 -3.79 -2.11
N LEU A 18 -5.89 -3.90 -1.88
CA LEU A 18 -5.05 -4.84 -2.66
C LEU A 18 -5.54 -6.28 -2.44
N LYS A 19 -5.94 -6.61 -1.24
CA LYS A 19 -6.41 -8.00 -0.97
C LYS A 19 -7.66 -8.29 -1.80
N ASP A 20 -8.52 -7.32 -1.96
CA ASP A 20 -9.76 -7.54 -2.77
C ASP A 20 -9.72 -6.70 -4.05
N LEU A 21 -9.41 -7.32 -5.16
CA LEU A 21 -9.35 -6.56 -6.43
C LEU A 21 -10.50 -6.97 -7.35
N GLN A 22 -11.23 -6.02 -7.88
CA GLN A 22 -12.37 -6.35 -8.77
C GLN A 22 -12.18 -5.67 -10.14
N GLU A 23 -12.87 -6.15 -11.14
CA GLU A 23 -12.74 -5.54 -12.49
C GLU A 23 -12.74 -4.01 -12.40
N PRO A 24 -13.73 -3.48 -11.74
CA PRO A 24 -13.84 -2.01 -11.58
C PRO A 24 -12.63 -1.44 -10.84
N GLN A 25 -12.42 -0.16 -10.91
CA GLN A 25 -11.25 0.45 -10.22
C GLN A 25 -11.31 0.15 -8.72
N GLU A 26 -10.71 0.98 -7.91
CA GLU A 26 -10.74 0.75 -6.44
C GLU A 26 -11.49 1.88 -5.73
N PRO A 27 -12.79 1.80 -5.77
CA PRO A 27 -13.64 2.83 -5.12
C PRO A 27 -13.38 2.85 -3.61
N ARG A 28 -13.64 3.96 -2.96
CA ARG A 28 -13.42 4.04 -1.49
C ARG A 28 -14.61 4.70 -0.80
N VAL A 29 -14.84 4.36 0.44
CA VAL A 29 -15.99 4.97 1.17
C VAL A 29 -15.51 5.62 2.47
N GLY A 30 -15.97 6.80 2.77
CA GLY A 30 -15.54 7.48 4.02
C GLY A 30 -14.28 8.30 3.73
N LYS A 31 -14.17 9.47 4.33
CA LYS A 31 -12.97 10.32 4.08
C LYS A 31 -11.71 9.60 4.58
N LEU A 32 -11.81 8.84 5.63
CA LEU A 32 -10.62 8.12 6.16
C LEU A 32 -10.62 6.66 5.68
N ARG A 33 -9.46 6.11 5.40
CA ARG A 33 -9.40 4.70 4.95
C ARG A 33 -8.89 3.81 6.08
N ASN A 34 -9.76 3.11 6.74
CA ASN A 34 -9.31 2.22 7.86
C ASN A 34 -10.06 0.89 7.82
N PHE A 35 -9.49 -0.14 8.38
CA PHE A 35 -10.16 -1.47 8.38
C PHE A 35 -9.29 -2.50 9.12
N ALA A 36 -9.88 -3.58 9.56
CA ALA A 36 -9.10 -4.61 10.28
C ALA A 36 -7.90 -5.05 9.44
N PRO A 37 -6.72 -4.64 9.85
CA PRO A 37 -5.48 -4.98 9.13
C PRO A 37 -5.08 -6.43 9.44
N ILE A 38 -4.49 -7.07 8.48
CA ILE A 38 -4.05 -8.47 8.68
C ILE A 38 -2.78 -8.75 7.86
N PRO A 39 -1.74 -8.06 8.23
CA PRO A 39 -0.44 -8.21 7.52
C PRO A 39 0.08 -9.64 7.62
N GLY A 40 0.76 -10.11 6.62
CA GLY A 40 1.29 -11.51 6.67
C GLY A 40 0.84 -12.27 5.42
N GLU A 41 0.69 -11.59 4.32
CA GLU A 41 0.25 -12.28 3.06
C GLU A 41 1.29 -12.08 1.96
N PRO A 42 2.38 -12.80 2.06
CA PRO A 42 3.46 -12.70 1.06
C PRO A 42 2.96 -13.14 -0.32
N VAL A 43 3.25 -12.36 -1.33
CA VAL A 43 2.79 -12.72 -2.71
C VAL A 43 3.24 -11.65 -3.71
N VAL A 44 4.45 -11.72 -4.16
CA VAL A 44 4.94 -10.70 -5.14
C VAL A 44 5.57 -11.37 -6.36
N PRO A 45 4.74 -12.03 -7.13
CA PRO A 45 5.21 -12.71 -8.35
C PRO A 45 5.79 -11.71 -9.35
N ILE A 46 6.72 -12.11 -10.16
CA ILE A 46 7.31 -11.16 -11.14
C ILE A 46 6.20 -10.52 -11.98
N LEU A 47 5.08 -11.17 -12.10
CA LEU A 47 3.96 -10.59 -12.90
C LEU A 47 2.96 -9.91 -11.96
N CYS A 48 3.33 -9.72 -10.73
CA CYS A 48 2.40 -9.05 -9.76
C CYS A 48 1.10 -9.87 -9.65
N SER A 49 0.78 -10.32 -8.48
CA SER A 49 -0.47 -11.12 -8.31
C SER A 49 -1.69 -10.31 -8.71
N ASN A 50 -1.86 -9.14 -8.17
CA ASN A 50 -3.03 -8.30 -8.52
C ASN A 50 -2.80 -7.57 -9.85
N PRO A 51 -3.53 -7.96 -10.85
CA PRO A 51 -3.40 -7.34 -12.19
C PRO A 51 -3.67 -5.83 -12.12
N ASN A 52 -4.20 -5.37 -11.02
CA ASN A 52 -4.50 -3.91 -10.90
C ASN A 52 -4.09 -3.41 -9.51
N PHE A 53 -2.97 -3.84 -9.01
CA PHE A 53 -2.52 -3.38 -7.66
C PHE A 53 -1.89 -1.99 -7.78
N PRO A 54 -1.41 -1.49 -6.68
CA PRO A 54 -0.75 -0.15 -6.71
C PRO A 54 0.42 -0.17 -7.69
N GLU A 55 0.13 -0.14 -8.95
CA GLU A 55 1.22 -0.16 -9.98
C GLU A 55 2.36 0.76 -9.55
N GLU A 56 2.06 1.87 -8.93
CA GLU A 56 3.15 2.78 -8.48
C GLU A 56 4.15 1.97 -7.64
N LEU A 57 3.73 0.83 -7.17
CA LEU A 57 4.63 -0.03 -6.35
C LEU A 57 5.25 -1.09 -7.25
N LYS A 58 5.14 -0.91 -8.53
CA LYS A 58 5.70 -1.88 -9.50
C LYS A 58 7.08 -2.36 -9.05
N PRO A 59 7.96 -1.43 -8.77
CA PRO A 59 9.32 -1.79 -8.33
C PRO A 59 9.26 -2.74 -7.14
N LEU A 60 8.41 -2.47 -6.19
CA LEU A 60 8.31 -3.38 -5.01
C LEU A 60 7.90 -4.78 -5.47
N CYS A 61 7.09 -4.88 -6.50
CA CYS A 61 6.66 -6.22 -7.00
C CYS A 61 7.86 -6.97 -7.57
N LYS A 62 8.86 -6.27 -8.03
CA LYS A 62 10.05 -6.95 -8.60
C LYS A 62 11.22 -6.82 -7.64
N GLU A 63 10.93 -6.65 -6.38
CA GLU A 63 12.01 -6.51 -5.37
C GLU A 63 12.06 -7.74 -4.46
N PRO A 64 13.26 -8.12 -4.10
CA PRO A 64 13.44 -9.29 -3.20
C PRO A 64 12.78 -9.01 -1.86
N ASN A 65 12.74 -7.77 -1.44
CA ASN A 65 12.11 -7.44 -0.13
C ASN A 65 10.60 -7.25 -0.29
N ALA A 66 10.11 -7.27 -1.50
CA ALA A 66 8.65 -7.08 -1.72
C ALA A 66 7.86 -7.92 -0.71
N GLN A 67 8.29 -9.13 -0.47
CA GLN A 67 7.56 -9.99 0.50
C GLN A 67 7.45 -9.28 1.85
N GLU A 68 8.50 -8.63 2.28
CA GLU A 68 8.45 -7.91 3.59
C GLU A 68 7.75 -6.55 3.39
N ILE A 69 7.99 -5.91 2.28
CA ILE A 69 7.34 -4.59 2.03
C ILE A 69 5.83 -4.75 1.96
N LEU A 70 5.36 -5.70 1.18
CA LEU A 70 3.90 -5.91 1.07
C LEU A 70 3.24 -5.96 2.45
N GLN A 71 3.63 -6.90 3.27
CA GLN A 71 3.03 -7.01 4.63
C GLN A 71 3.00 -5.64 5.31
N ARG A 72 4.12 -4.97 5.39
CA ARG A 72 4.15 -3.64 6.04
C ARG A 72 3.12 -2.70 5.39
N LEU A 73 3.17 -2.57 4.10
CA LEU A 73 2.19 -1.68 3.40
C LEU A 73 0.76 -2.01 3.85
N GLU A 74 0.38 -3.25 3.79
CA GLU A 74 -1.00 -3.64 4.22
C GLU A 74 -1.28 -3.11 5.63
N GLU A 75 -0.36 -3.30 6.54
CA GLU A 75 -0.58 -2.82 7.93
C GLU A 75 -0.74 -1.29 7.96
N ILE A 76 0.21 -0.58 7.42
CA ILE A 76 0.12 0.91 7.42
C ILE A 76 -1.08 1.37 6.59
N ALA A 77 -1.26 0.78 5.45
CA ALA A 77 -2.41 1.18 4.58
C ALA A 77 -3.72 1.05 5.37
N GLU A 78 -3.84 0.05 6.18
CA GLU A 78 -5.09 -0.14 6.97
C GLU A 78 -5.30 1.01 7.97
N ASP A 79 -4.24 1.52 8.54
CA ASP A 79 -4.42 2.63 9.52
C ASP A 79 -3.38 3.74 9.28
N PRO A 80 -3.77 4.94 9.58
CA PRO A 80 -2.87 6.11 9.40
C PRO A 80 -1.61 5.95 10.25
N GLY A 81 -1.73 6.02 11.55
CA GLY A 81 -0.53 5.87 12.42
C GLY A 81 0.19 7.22 12.49
N THR A 82 1.49 7.22 12.44
CA THR A 82 2.24 8.50 12.50
C THR A 82 2.24 9.16 11.13
N CYS A 83 2.05 8.40 10.09
CA CYS A 83 2.05 9.00 8.72
C CYS A 83 1.04 10.15 8.66
N GLU A 84 -0.18 9.91 9.05
CA GLU A 84 -1.20 10.98 9.00
C GLU A 84 -0.78 12.19 9.85
N ILE A 85 -0.06 11.96 10.92
CA ILE A 85 0.36 13.11 11.78
C ILE A 85 1.80 13.51 11.46
N CYS A 86 2.33 13.02 10.38
CA CYS A 86 3.74 13.38 10.01
C CYS A 86 4.69 13.06 11.16
N ALA A 87 4.26 12.28 12.11
CA ALA A 87 5.15 11.93 13.25
C ALA A 87 6.39 11.18 12.74
N TYR A 88 6.33 10.69 11.53
CA TYR A 88 7.50 9.96 10.97
C TYR A 88 7.64 10.23 9.47
N ALA A 89 8.68 9.75 8.87
CA ALA A 89 8.89 9.99 7.41
C ALA A 89 7.94 9.11 6.59
N ALA A 90 7.10 8.35 7.23
CA ALA A 90 6.16 7.46 6.49
C ALA A 90 5.26 8.29 5.56
N CYS A 91 4.85 9.45 6.00
CA CYS A 91 3.97 10.29 5.14
C CYS A 91 4.75 11.45 4.52
N THR A 92 4.73 11.55 3.22
CA THR A 92 5.48 12.65 2.55
C THR A 92 4.50 13.72 2.05
N GLY A 93 4.98 14.91 1.79
CA GLY A 93 4.08 15.99 1.31
C GLY A 93 3.72 16.90 2.48
N CYS A 94 4.26 16.64 3.63
CA CYS A 94 3.95 17.48 4.82
C CYS A 94 5.22 18.20 5.31
N VAL A 1 -0.73 13.54 1.63
CA VAL A 1 -0.15 12.55 2.59
C VAL A 1 -0.09 11.17 1.93
N THR A 2 1.08 10.69 1.61
CA THR A 2 1.19 9.36 0.97
C THR A 2 2.22 8.49 1.69
N VAL A 3 2.08 7.19 1.61
CA VAL A 3 3.05 6.28 2.29
C VAL A 3 4.27 6.08 1.39
N GLN A 4 5.43 6.49 1.84
CA GLN A 4 6.65 6.32 1.02
C GLN A 4 7.59 5.31 1.65
N ASP A 5 8.02 4.34 0.89
CA ASP A 5 8.94 3.30 1.44
C ASP A 5 10.31 3.41 0.73
N GLY A 6 10.51 4.46 -0.03
CA GLY A 6 11.80 4.63 -0.74
C GLY A 6 11.80 5.98 -1.46
N ASN A 7 12.39 6.05 -2.62
CA ASN A 7 12.41 7.34 -3.37
C ASN A 7 11.10 7.53 -4.14
N PHE A 8 10.14 6.67 -3.91
CA PHE A 8 8.84 6.80 -4.63
C PHE A 8 7.68 6.90 -3.63
N SER A 9 6.66 7.66 -3.96
CA SER A 9 5.51 7.79 -3.02
C SER A 9 4.45 6.73 -3.34
N PHE A 10 4.09 5.93 -2.36
CA PHE A 10 3.07 4.87 -2.61
C PHE A 10 1.79 5.20 -1.85
N SER A 11 0.68 5.30 -2.55
CA SER A 11 -0.61 5.62 -1.87
C SER A 11 -0.98 4.51 -0.86
N LEU A 12 -1.78 4.85 0.12
CA LEU A 12 -2.17 3.83 1.14
C LEU A 12 -3.55 3.25 0.82
N GLU A 13 -4.34 3.95 0.05
CA GLU A 13 -5.70 3.44 -0.29
C GLU A 13 -5.60 2.12 -1.07
N SER A 14 -5.06 2.16 -2.26
CA SER A 14 -4.94 0.92 -3.07
C SER A 14 -4.39 -0.23 -2.22
N VAL A 15 -3.33 -0.01 -1.50
CA VAL A 15 -2.76 -1.11 -0.67
C VAL A 15 -3.79 -1.58 0.35
N LYS A 16 -4.45 -0.67 1.02
CA LYS A 16 -5.48 -1.08 2.01
C LYS A 16 -6.54 -1.92 1.31
N LYS A 17 -7.15 -1.39 0.29
CA LYS A 17 -8.18 -2.17 -0.47
C LYS A 17 -7.47 -3.13 -1.42
N LEU A 18 -6.17 -3.24 -1.31
CA LEU A 18 -5.40 -4.15 -2.20
C LEU A 18 -6.02 -5.56 -2.16
N LYS A 19 -6.45 -6.00 -1.01
CA LYS A 19 -7.07 -7.35 -0.95
C LYS A 19 -8.26 -7.43 -1.91
N ASP A 20 -9.10 -6.44 -1.92
CA ASP A 20 -10.25 -6.44 -2.85
C ASP A 20 -9.93 -5.63 -4.11
N LEU A 21 -9.87 -6.27 -5.24
CA LEU A 21 -9.55 -5.52 -6.49
C LEU A 21 -10.82 -5.16 -7.26
N GLN A 22 -10.95 -3.92 -7.65
CA GLN A 22 -12.16 -3.50 -8.41
C GLN A 22 -11.75 -2.85 -9.74
N GLU A 23 -12.56 -2.99 -10.76
CA GLU A 23 -12.21 -2.38 -12.07
C GLU A 23 -11.85 -0.89 -11.89
N PRO A 24 -12.74 -0.16 -11.26
CA PRO A 24 -12.51 1.29 -11.03
C PRO A 24 -11.25 1.50 -10.19
N GLN A 25 -10.33 2.28 -10.68
CA GLN A 25 -9.08 2.53 -9.91
C GLN A 25 -9.40 3.28 -8.61
N GLU A 26 -10.28 4.22 -8.66
CA GLU A 26 -10.65 4.99 -7.44
C GLU A 26 -11.60 6.14 -7.80
N PRO A 27 -12.83 5.78 -8.05
CA PRO A 27 -13.86 6.80 -8.42
C PRO A 27 -14.08 7.78 -7.27
N ARG A 28 -13.91 7.34 -6.06
CA ARG A 28 -14.11 8.25 -4.89
C ARG A 28 -13.00 8.05 -3.86
N VAL A 29 -12.79 9.01 -3.01
CA VAL A 29 -11.72 8.88 -1.97
C VAL A 29 -12.35 8.90 -0.57
N GLY A 30 -11.97 7.97 0.27
CA GLY A 30 -12.55 7.94 1.64
C GLY A 30 -11.61 8.66 2.61
N LYS A 31 -12.14 9.45 3.49
CA LYS A 31 -11.27 10.19 4.45
C LYS A 31 -10.48 9.19 5.31
N LEU A 32 -11.10 8.10 5.68
CA LEU A 32 -10.38 7.09 6.52
C LEU A 32 -10.31 5.75 5.77
N ARG A 33 -9.18 5.10 5.79
CA ARG A 33 -9.06 3.80 5.09
C ARG A 33 -8.58 2.71 6.06
N ASN A 34 -9.23 1.58 6.06
CA ASN A 34 -8.82 0.48 6.98
C ASN A 34 -9.45 -0.84 6.54
N PHE A 35 -8.95 -1.94 7.03
CA PHE A 35 -9.53 -3.27 6.63
C PHE A 35 -8.95 -4.38 7.50
N ALA A 36 -9.45 -5.58 7.36
CA ALA A 36 -8.94 -6.71 8.18
C ALA A 36 -7.41 -6.76 8.11
N PRO A 37 -6.84 -7.69 8.83
CA PRO A 37 -5.36 -7.84 8.85
C PRO A 37 -4.83 -8.17 7.46
N ILE A 38 -4.65 -7.19 6.63
CA ILE A 38 -4.14 -7.44 5.25
C ILE A 38 -2.68 -7.91 5.28
N PRO A 39 -1.88 -7.32 6.15
CA PRO A 39 -0.45 -7.71 6.25
C PRO A 39 -0.32 -9.16 6.73
N GLY A 40 0.68 -9.87 6.26
CA GLY A 40 0.86 -11.27 6.68
C GLY A 40 0.54 -12.21 5.52
N GLU A 41 0.29 -11.66 4.35
CA GLU A 41 -0.02 -12.52 3.18
C GLU A 41 0.72 -12.02 1.94
N PRO A 42 2.01 -12.21 1.94
CA PRO A 42 2.86 -11.78 0.80
C PRO A 42 2.44 -12.52 -0.48
N VAL A 43 2.56 -11.88 -1.61
CA VAL A 43 2.16 -12.55 -2.88
C VAL A 43 2.85 -11.89 -4.07
N VAL A 44 4.13 -12.11 -4.23
CA VAL A 44 4.86 -11.49 -5.38
C VAL A 44 5.63 -12.57 -6.15
N PRO A 45 4.89 -13.35 -6.89
CA PRO A 45 5.50 -14.44 -7.70
C PRO A 45 6.49 -13.86 -8.71
N ILE A 46 6.05 -12.93 -9.53
CA ILE A 46 6.98 -12.34 -10.53
C ILE A 46 6.27 -11.23 -11.32
N LEU A 47 5.02 -11.44 -11.65
CA LEU A 47 4.28 -10.39 -12.42
C LEU A 47 3.22 -9.74 -11.54
N CYS A 48 3.53 -9.51 -10.29
CA CYS A 48 2.54 -8.88 -9.37
C CYS A 48 1.25 -9.71 -9.31
N SER A 49 0.87 -10.13 -8.15
CA SER A 49 -0.38 -10.96 -8.03
C SER A 49 -1.59 -10.17 -8.51
N ASN A 50 -1.80 -9.01 -7.97
CA ASN A 50 -2.98 -8.18 -8.39
C ASN A 50 -2.66 -7.43 -9.70
N PRO A 51 -3.32 -7.84 -10.76
CA PRO A 51 -3.11 -7.20 -12.07
C PRO A 51 -3.48 -5.72 -12.04
N ASN A 52 -4.17 -5.30 -11.01
CA ASN A 52 -4.58 -3.87 -10.92
C ASN A 52 -4.17 -3.27 -9.57
N PHE A 53 -3.07 -3.72 -9.02
CA PHE A 53 -2.62 -3.15 -7.72
C PHE A 53 -1.93 -1.82 -7.96
N PRO A 54 -1.55 -1.14 -6.91
CA PRO A 54 -0.86 0.15 -7.05
C PRO A 54 0.38 -0.03 -7.92
N GLU A 55 0.19 -0.17 -9.20
CA GLU A 55 1.34 -0.37 -10.11
C GLU A 55 2.52 0.50 -9.69
N GLU A 56 2.27 1.60 -9.05
CA GLU A 56 3.39 2.45 -8.60
C GLU A 56 4.36 1.60 -7.76
N LEU A 57 3.89 0.47 -7.32
CA LEU A 57 4.76 -0.45 -6.52
C LEU A 57 5.38 -1.50 -7.44
N LYS A 58 5.25 -1.34 -8.73
CA LYS A 58 5.82 -2.32 -9.68
C LYS A 58 7.20 -2.78 -9.22
N PRO A 59 8.06 -1.84 -8.93
CA PRO A 59 9.42 -2.18 -8.46
C PRO A 59 9.34 -3.10 -7.24
N LEU A 60 8.45 -2.82 -6.33
CA LEU A 60 8.32 -3.70 -5.13
C LEU A 60 7.99 -5.13 -5.55
N CYS A 61 7.18 -5.28 -6.57
CA CYS A 61 6.82 -6.67 -7.02
C CYS A 61 8.04 -7.36 -7.61
N LYS A 62 8.96 -6.63 -8.15
CA LYS A 62 10.18 -7.27 -8.74
C LYS A 62 11.34 -7.12 -7.75
N GLU A 63 11.03 -6.97 -6.49
CA GLU A 63 12.10 -6.81 -5.47
C GLU A 63 12.13 -8.01 -4.54
N PRO A 64 13.31 -8.39 -4.14
CA PRO A 64 13.49 -9.52 -3.20
C PRO A 64 12.81 -9.20 -1.87
N ASN A 65 12.80 -7.95 -1.49
CA ASN A 65 12.18 -7.58 -0.18
C ASN A 65 10.68 -7.32 -0.36
N ALA A 66 10.17 -7.48 -1.55
CA ALA A 66 8.72 -7.24 -1.78
C ALA A 66 7.89 -7.93 -0.69
N GLN A 67 8.25 -9.14 -0.34
CA GLN A 67 7.50 -9.87 0.72
C GLN A 67 7.47 -9.04 2.01
N GLU A 68 8.57 -8.43 2.36
CA GLU A 68 8.59 -7.61 3.60
C GLU A 68 7.97 -6.24 3.34
N ILE A 69 8.16 -5.70 2.17
CA ILE A 69 7.57 -4.36 1.87
C ILE A 69 6.04 -4.49 1.80
N LEU A 70 5.54 -5.46 1.09
CA LEU A 70 4.07 -5.64 0.99
C LEU A 70 3.44 -5.71 2.38
N GLN A 71 3.92 -6.58 3.23
CA GLN A 71 3.34 -6.70 4.60
C GLN A 71 3.24 -5.32 5.26
N ARG A 72 4.32 -4.58 5.28
CA ARG A 72 4.28 -3.23 5.92
C ARG A 72 3.16 -2.37 5.33
N LEU A 73 3.20 -2.12 4.04
CA LEU A 73 2.14 -1.29 3.42
C LEU A 73 0.75 -1.71 3.92
N GLU A 74 0.48 -2.98 3.90
CA GLU A 74 -0.87 -3.46 4.37
C GLU A 74 -1.06 -3.11 5.85
N GLU A 75 -0.01 -2.99 6.61
CA GLU A 75 -0.17 -2.64 8.05
C GLU A 75 -0.62 -1.19 8.19
N ILE A 76 0.07 -0.29 7.54
CA ILE A 76 -0.33 1.15 7.63
C ILE A 76 -1.67 1.35 6.92
N ALA A 77 -1.88 0.64 5.84
CA ALA A 77 -3.15 0.76 5.11
C ALA A 77 -4.32 0.30 6.00
N GLU A 78 -4.04 -0.60 6.90
CA GLU A 78 -5.12 -1.11 7.80
C GLU A 78 -5.65 0.04 8.68
N ASP A 79 -4.80 0.95 9.07
CA ASP A 79 -5.27 2.07 9.93
C ASP A 79 -4.28 3.24 9.89
N PRO A 80 -4.82 4.42 10.00
CA PRO A 80 -3.98 5.65 9.99
C PRO A 80 -3.03 5.66 11.18
N GLY A 81 -1.90 5.01 11.05
CA GLY A 81 -0.91 5.00 12.16
C GLY A 81 -0.40 6.43 12.35
N THR A 82 0.90 6.60 12.41
CA THR A 82 1.45 7.97 12.58
C THR A 82 1.53 8.65 11.22
N CYS A 83 1.44 7.88 10.17
CA CYS A 83 1.51 8.46 8.80
C CYS A 83 0.51 9.62 8.65
N GLU A 84 -0.72 9.39 9.02
CA GLU A 84 -1.75 10.47 8.90
C GLU A 84 -1.38 11.69 9.74
N ILE A 85 -0.77 11.50 10.88
CA ILE A 85 -0.41 12.67 11.74
C ILE A 85 1.06 13.07 11.52
N CYS A 86 1.65 12.62 10.44
CA CYS A 86 3.07 12.98 10.15
C CYS A 86 3.95 12.70 11.37
N ALA A 87 3.48 11.90 12.29
CA ALA A 87 4.31 11.59 13.49
C ALA A 87 5.53 10.75 13.08
N TYR A 88 5.50 10.23 11.88
CA TYR A 88 6.66 9.41 11.39
C TYR A 88 6.92 9.70 9.92
N ALA A 89 8.02 9.21 9.40
CA ALA A 89 8.33 9.46 7.96
C ALA A 89 7.45 8.58 7.07
N ALA A 90 6.55 7.85 7.65
CA ALA A 90 5.66 6.97 6.85
C ALA A 90 4.86 7.79 5.82
N CYS A 91 4.39 8.93 6.21
CA CYS A 91 3.60 9.77 5.26
C CYS A 91 4.44 10.93 4.72
N THR A 92 4.50 11.08 3.42
CA THR A 92 5.31 12.19 2.84
C THR A 92 4.38 13.27 2.27
N GLY A 93 4.92 14.43 1.99
CA GLY A 93 4.08 15.52 1.42
C GLY A 93 3.68 16.48 2.56
N CYS A 94 3.99 16.14 3.77
CA CYS A 94 3.62 17.02 4.91
C CYS A 94 4.61 18.19 5.01
N VAL A 1 0.29 13.31 2.36
CA VAL A 1 0.68 12.32 3.42
C VAL A 1 0.48 10.90 2.90
N THR A 2 1.50 10.31 2.35
CA THR A 2 1.37 8.91 1.83
C THR A 2 2.51 8.03 2.36
N VAL A 3 2.36 6.75 2.26
CA VAL A 3 3.44 5.84 2.74
C VAL A 3 4.54 5.75 1.68
N GLN A 4 5.69 6.29 1.95
CA GLN A 4 6.79 6.25 0.94
C GLN A 4 7.89 5.30 1.40
N ASP A 5 8.19 4.29 0.62
CA ASP A 5 9.26 3.34 1.00
C ASP A 5 10.55 3.69 0.25
N GLY A 6 10.54 4.78 -0.47
CA GLY A 6 11.76 5.20 -1.22
C GLY A 6 11.52 6.55 -1.89
N ASN A 7 11.99 6.73 -3.08
CA ASN A 7 11.78 8.03 -3.77
C ASN A 7 10.37 8.09 -4.39
N PHE A 8 9.60 7.06 -4.21
CA PHE A 8 8.22 7.06 -4.79
C PHE A 8 7.17 7.08 -3.67
N SER A 9 6.14 7.86 -3.84
CA SER A 9 5.08 7.95 -2.79
C SER A 9 4.01 6.88 -3.05
N PHE A 10 3.68 6.09 -2.06
CA PHE A 10 2.65 5.03 -2.26
C PHE A 10 1.39 5.36 -1.45
N SER A 11 0.28 5.53 -2.11
CA SER A 11 -0.99 5.84 -1.37
C SER A 11 -1.45 4.61 -0.60
N LEU A 12 -2.41 4.78 0.27
CA LEU A 12 -2.91 3.61 1.07
C LEU A 12 -4.20 3.07 0.46
N GLU A 13 -4.64 3.62 -0.63
CA GLU A 13 -5.90 3.14 -1.28
C GLU A 13 -5.65 1.81 -2.01
N SER A 14 -4.95 1.85 -3.11
CA SER A 14 -4.69 0.58 -3.86
C SER A 14 -4.34 -0.55 -2.89
N VAL A 15 -3.42 -0.31 -1.99
CA VAL A 15 -3.05 -1.38 -1.02
C VAL A 15 -4.28 -1.81 -0.22
N LYS A 16 -5.02 -0.87 0.31
CA LYS A 16 -6.24 -1.26 1.07
C LYS A 16 -7.13 -2.13 0.18
N LYS A 17 -7.49 -1.63 -0.97
CA LYS A 17 -8.33 -2.44 -1.90
C LYS A 17 -7.46 -3.43 -2.66
N LEU A 18 -6.23 -3.60 -2.23
CA LEU A 18 -5.33 -4.56 -2.92
C LEU A 18 -5.93 -5.96 -2.92
N LYS A 19 -6.59 -6.34 -1.87
CA LYS A 19 -7.21 -7.71 -1.85
C LYS A 19 -8.12 -7.90 -3.06
N ASP A 20 -8.91 -6.90 -3.37
CA ASP A 20 -9.82 -7.03 -4.55
C ASP A 20 -9.21 -6.31 -5.76
N LEU A 21 -8.79 -7.04 -6.75
CA LEU A 21 -8.19 -6.41 -7.96
C LEU A 21 -9.24 -5.55 -8.68
N GLN A 22 -10.47 -6.01 -8.70
CA GLN A 22 -11.54 -5.22 -9.40
C GLN A 22 -11.67 -3.84 -8.76
N GLU A 23 -11.83 -2.82 -9.56
CA GLU A 23 -11.97 -1.45 -9.01
C GLU A 23 -11.93 -0.41 -10.13
N PRO A 24 -12.36 0.78 -9.81
CA PRO A 24 -12.37 1.88 -10.81
C PRO A 24 -10.95 2.20 -11.28
N GLN A 25 -10.82 2.78 -12.44
CA GLN A 25 -9.46 3.12 -12.96
C GLN A 25 -8.67 3.90 -11.91
N GLU A 26 -9.35 4.72 -11.13
CA GLU A 26 -8.64 5.51 -10.09
C GLU A 26 -7.39 6.17 -10.67
N PRO A 27 -7.61 7.01 -11.66
CA PRO A 27 -6.48 7.72 -12.30
C PRO A 27 -5.77 8.63 -11.29
N ARG A 28 -6.48 9.09 -10.30
CA ARG A 28 -5.85 9.96 -9.26
C ARG A 28 -6.42 9.63 -7.88
N VAL A 29 -5.71 9.98 -6.84
CA VAL A 29 -6.22 9.69 -5.47
C VAL A 29 -6.56 10.99 -4.74
N GLY A 30 -7.71 11.07 -4.14
CA GLY A 30 -8.09 12.32 -3.43
C GLY A 30 -8.07 12.06 -1.92
N LYS A 31 -9.03 11.33 -1.41
CA LYS A 31 -9.06 11.04 0.05
C LYS A 31 -8.29 9.75 0.35
N LEU A 32 -7.75 9.63 1.54
CA LEU A 32 -6.99 8.40 1.89
C LEU A 32 -7.85 7.44 2.71
N ARG A 33 -7.80 6.17 2.42
CA ARG A 33 -8.62 5.18 3.18
C ARG A 33 -7.69 4.27 3.99
N ASN A 34 -8.07 3.94 5.20
CA ASN A 34 -7.19 3.06 6.02
C ASN A 34 -7.97 1.82 6.49
N PHE A 35 -7.68 0.67 5.94
CA PHE A 35 -8.39 -0.56 6.37
C PHE A 35 -7.89 -1.76 5.56
N ALA A 36 -6.65 -2.14 5.73
CA ALA A 36 -6.12 -3.30 4.97
C ALA A 36 -6.84 -4.59 5.39
N PRO A 37 -7.03 -5.46 4.44
CA PRO A 37 -7.71 -6.75 4.72
C PRO A 37 -6.92 -7.59 5.72
N ILE A 38 -5.62 -7.46 5.72
CA ILE A 38 -4.76 -8.24 6.67
C ILE A 38 -3.35 -8.40 6.09
N PRO A 39 -2.38 -7.83 6.76
CA PRO A 39 -0.98 -7.91 6.30
C PRO A 39 -0.50 -9.37 6.30
N GLY A 40 0.47 -9.68 5.49
CA GLY A 40 0.98 -11.08 5.44
C GLY A 40 0.41 -11.79 4.22
N GLU A 41 -0.39 -11.13 3.44
CA GLU A 41 -0.98 -11.76 2.24
C GLU A 41 0.13 -12.06 1.21
N PRO A 42 0.03 -13.21 0.58
CA PRO A 42 1.02 -13.63 -0.42
C PRO A 42 1.03 -12.64 -1.60
N VAL A 43 2.08 -11.87 -1.74
CA VAL A 43 2.12 -10.89 -2.86
C VAL A 43 3.51 -10.90 -3.52
N VAL A 44 3.55 -10.76 -4.82
CA VAL A 44 4.86 -10.76 -5.52
C VAL A 44 5.62 -12.06 -5.26
N PRO A 45 5.00 -13.17 -5.60
CA PRO A 45 5.65 -14.48 -5.41
C PRO A 45 6.92 -14.57 -6.27
N ILE A 46 6.85 -14.09 -7.48
CA ILE A 46 8.04 -14.14 -8.38
C ILE A 46 8.23 -12.77 -9.05
N LEU A 47 7.16 -12.05 -9.25
CA LEU A 47 7.27 -10.72 -9.91
C LEU A 47 5.87 -10.08 -10.04
N CYS A 48 5.44 -9.35 -9.05
CA CYS A 48 4.09 -8.72 -9.13
C CYS A 48 3.02 -9.79 -9.33
N SER A 49 2.17 -10.00 -8.37
CA SER A 49 1.12 -11.05 -8.52
C SER A 49 -0.20 -10.41 -8.98
N ASN A 50 -0.66 -9.41 -8.28
CA ASN A 50 -1.94 -8.75 -8.67
C ASN A 50 -1.70 -7.77 -9.83
N PRO A 51 -2.22 -8.09 -10.98
CA PRO A 51 -2.07 -7.21 -12.17
C PRO A 51 -2.81 -5.89 -11.95
N ASN A 52 -3.64 -5.83 -10.96
CA ASN A 52 -4.41 -4.57 -10.70
C ASN A 52 -3.98 -3.96 -9.36
N PHE A 53 -2.84 -4.32 -8.87
CA PHE A 53 -2.36 -3.75 -7.57
C PHE A 53 -1.78 -2.36 -7.83
N PRO A 54 -1.44 -1.66 -6.77
CA PRO A 54 -0.85 -0.33 -6.93
C PRO A 54 0.41 -0.44 -7.77
N GLU A 55 0.24 -0.61 -9.07
CA GLU A 55 1.41 -0.76 -9.97
C GLU A 55 2.55 0.17 -9.55
N GLU A 56 2.25 1.26 -8.91
CA GLU A 56 3.35 2.15 -8.45
C GLU A 56 4.37 1.31 -7.67
N LEU A 57 3.94 0.19 -7.17
CA LEU A 57 4.86 -0.71 -6.42
C LEU A 57 5.64 -1.58 -7.40
N LYS A 58 5.52 -1.29 -8.68
CA LYS A 58 6.24 -2.10 -9.71
C LYS A 58 7.65 -2.45 -9.22
N PRO A 59 8.38 -1.45 -8.79
CA PRO A 59 9.76 -1.69 -8.30
C PRO A 59 9.76 -2.74 -7.19
N LEU A 60 8.81 -2.70 -6.29
CA LEU A 60 8.79 -3.70 -5.19
C LEU A 60 8.60 -5.11 -5.77
N CYS A 61 7.85 -5.24 -6.82
CA CYS A 61 7.64 -6.59 -7.41
C CYS A 61 8.95 -7.12 -8.02
N LYS A 62 9.80 -6.24 -8.46
CA LYS A 62 11.08 -6.69 -9.07
C LYS A 62 12.11 -7.03 -7.99
N GLU A 63 11.78 -6.83 -6.74
CA GLU A 63 12.76 -7.15 -5.66
C GLU A 63 12.14 -8.11 -4.64
N PRO A 64 12.96 -8.96 -4.08
CA PRO A 64 12.49 -9.96 -3.09
C PRO A 64 11.96 -9.25 -1.84
N ASN A 65 12.10 -7.96 -1.75
CA ASN A 65 11.60 -7.23 -0.55
C ASN A 65 10.09 -7.00 -0.66
N ALA A 66 9.57 -7.02 -1.85
CA ALA A 66 8.11 -6.80 -2.02
C ALA A 66 7.31 -7.67 -1.04
N GLN A 67 7.75 -8.89 -0.83
CA GLN A 67 7.02 -9.78 0.11
C GLN A 67 7.02 -9.18 1.52
N GLU A 68 8.12 -8.63 1.95
CA GLU A 68 8.17 -8.02 3.31
C GLU A 68 7.55 -6.62 3.29
N ILE A 69 7.78 -5.88 2.23
CA ILE A 69 7.20 -4.51 2.15
C ILE A 69 5.67 -4.57 2.10
N LEU A 70 5.13 -5.52 1.39
CA LEU A 70 3.64 -5.62 1.29
C LEU A 70 3.03 -5.74 2.69
N GLN A 71 3.51 -6.65 3.48
CA GLN A 71 2.93 -6.79 4.86
C GLN A 71 2.87 -5.43 5.55
N ARG A 72 3.97 -4.75 5.63
CA ARG A 72 3.97 -3.42 6.30
C ARG A 72 2.87 -2.53 5.70
N LEU A 73 2.87 -2.36 4.40
CA LEU A 73 1.83 -1.51 3.76
C LEU A 73 0.44 -1.91 4.29
N GLU A 74 0.13 -3.17 4.26
CA GLU A 74 -1.20 -3.61 4.76
C GLU A 74 -1.42 -3.11 6.19
N GLU A 75 -0.50 -3.35 7.08
CA GLU A 75 -0.67 -2.88 8.48
C GLU A 75 -0.95 -1.37 8.52
N ILE A 76 -0.07 -0.58 7.97
CA ILE A 76 -0.30 0.89 7.97
C ILE A 76 -1.62 1.20 7.27
N ALA A 77 -1.94 0.45 6.25
CA ALA A 77 -3.22 0.70 5.52
C ALA A 77 -4.40 0.59 6.51
N GLU A 78 -4.29 -0.30 7.47
CA GLU A 78 -5.40 -0.44 8.45
C GLU A 78 -5.62 0.87 9.20
N ASP A 79 -4.57 1.55 9.56
CA ASP A 79 -4.73 2.84 10.28
C ASP A 79 -3.59 3.81 9.92
N PRO A 80 -3.87 5.08 10.04
CA PRO A 80 -2.86 6.11 9.72
C PRO A 80 -1.61 5.93 10.59
N GLY A 81 -1.76 5.99 11.88
CA GLY A 81 -0.57 5.83 12.76
C GLY A 81 0.19 7.15 12.83
N THR A 82 1.49 7.10 12.78
CA THR A 82 2.28 8.36 12.84
C THR A 82 2.35 8.99 11.45
N CYS A 83 2.14 8.22 10.43
CA CYS A 83 2.20 8.79 9.05
C CYS A 83 1.24 9.98 8.93
N GLU A 84 0.00 9.78 9.26
CA GLU A 84 -0.98 10.90 9.15
C GLU A 84 -0.58 12.09 10.03
N ILE A 85 0.12 11.85 11.10
CA ILE A 85 0.51 12.99 11.99
C ILE A 85 1.96 13.42 11.69
N CYS A 86 2.50 12.96 10.59
CA CYS A 86 3.90 13.34 10.25
C CYS A 86 4.85 13.00 11.39
N ALA A 87 4.43 12.17 12.30
CA ALA A 87 5.32 11.80 13.44
C ALA A 87 6.51 10.98 12.93
N TYR A 88 6.40 10.48 11.72
CA TYR A 88 7.52 9.65 11.15
C TYR A 88 7.68 9.97 9.67
N ALA A 89 8.74 9.50 9.06
CA ALA A 89 8.97 9.77 7.62
C ALA A 89 8.06 8.88 6.77
N ALA A 90 7.22 8.11 7.40
CA ALA A 90 6.30 7.22 6.63
C ALA A 90 5.35 8.05 5.75
N CYS A 91 4.95 9.19 6.23
CA CYS A 91 4.01 10.04 5.42
C CYS A 91 4.76 11.20 4.78
N THR A 92 4.69 11.31 3.48
CA THR A 92 5.39 12.43 2.79
C THR A 92 4.35 13.40 2.20
N GLY A 93 4.72 14.64 2.02
CA GLY A 93 3.76 15.61 1.45
C GLY A 93 3.00 16.29 2.60
N CYS A 94 3.71 16.67 3.64
CA CYS A 94 3.03 17.33 4.80
C CYS A 94 2.10 18.44 4.31
N VAL A 1 -2.77 12.07 2.89
CA VAL A 1 -1.31 11.95 2.61
C VAL A 1 -1.02 10.66 1.84
N THR A 2 0.22 10.39 1.56
CA THR A 2 0.55 9.16 0.80
C THR A 2 1.60 8.32 1.55
N VAL A 3 1.47 7.02 1.50
CA VAL A 3 2.45 6.15 2.21
C VAL A 3 3.69 5.97 1.33
N GLN A 4 4.83 6.38 1.81
CA GLN A 4 6.06 6.23 0.98
C GLN A 4 7.03 5.23 1.61
N ASP A 5 7.55 4.33 0.81
CA ASP A 5 8.50 3.32 1.35
C ASP A 5 9.94 3.84 1.19
N GLY A 6 10.48 3.75 0.02
CA GLY A 6 11.87 4.23 -0.21
C GLY A 6 11.80 5.62 -0.84
N ASN A 7 12.40 5.80 -1.99
CA ASN A 7 12.37 7.13 -2.66
C ASN A 7 11.09 7.29 -3.48
N PHE A 8 10.16 6.39 -3.33
CA PHE A 8 8.88 6.49 -4.10
C PHE A 8 7.68 6.55 -3.15
N SER A 9 6.72 7.40 -3.42
CA SER A 9 5.53 7.49 -2.54
C SER A 9 4.45 6.53 -3.01
N PHE A 10 3.94 5.71 -2.13
CA PHE A 10 2.88 4.73 -2.53
C PHE A 10 1.56 5.02 -1.78
N SER A 11 0.48 5.15 -2.51
CA SER A 11 -0.82 5.43 -1.84
C SER A 11 -1.17 4.26 -0.90
N LEU A 12 -2.01 4.50 0.07
CA LEU A 12 -2.37 3.39 1.01
C LEU A 12 -3.74 2.79 0.65
N GLU A 13 -4.58 3.54 0.01
CA GLU A 13 -5.93 3.00 -0.37
C GLU A 13 -5.79 1.71 -1.20
N SER A 14 -5.25 1.81 -2.38
CA SER A 14 -5.09 0.61 -3.23
C SER A 14 -4.37 -0.50 -2.47
N VAL A 15 -3.39 -0.15 -1.68
CA VAL A 15 -2.67 -1.18 -0.89
C VAL A 15 -3.65 -1.95 -0.01
N LYS A 16 -4.50 -1.25 0.68
CA LYS A 16 -5.50 -1.96 1.53
C LYS A 16 -6.31 -2.91 0.65
N LYS A 17 -6.90 -2.39 -0.40
CA LYS A 17 -7.69 -3.26 -1.31
C LYS A 17 -6.75 -4.00 -2.27
N LEU A 18 -5.47 -3.97 -1.99
CA LEU A 18 -4.50 -4.67 -2.87
C LEU A 18 -4.82 -6.16 -2.94
N LYS A 19 -5.20 -6.74 -1.83
CA LYS A 19 -5.54 -8.20 -1.83
C LYS A 19 -6.52 -8.50 -2.97
N ASP A 20 -7.50 -7.66 -3.16
CA ASP A 20 -8.49 -7.88 -4.25
C ASP A 20 -9.02 -6.53 -4.74
N LEU A 21 -9.32 -6.42 -6.01
CA LEU A 21 -9.84 -5.12 -6.52
C LEU A 21 -11.34 -5.18 -6.74
N GLN A 22 -12.06 -4.25 -6.17
CA GLN A 22 -13.54 -4.23 -6.33
C GLN A 22 -14.02 -2.79 -6.45
N GLU A 23 -15.17 -2.57 -7.04
CA GLU A 23 -15.68 -1.17 -7.19
C GLU A 23 -14.63 -0.32 -7.92
N PRO A 24 -14.90 0.95 -8.04
CA PRO A 24 -13.97 1.86 -8.72
C PRO A 24 -12.63 1.92 -7.98
N GLN A 25 -11.56 2.20 -8.69
CA GLN A 25 -10.23 2.27 -8.02
C GLN A 25 -10.26 3.26 -6.85
N GLU A 26 -10.98 4.34 -7.01
CA GLU A 26 -11.05 5.34 -5.91
C GLU A 26 -12.48 5.85 -5.74
N PRO A 27 -13.28 5.07 -5.05
CA PRO A 27 -14.69 5.44 -4.82
C PRO A 27 -14.77 6.73 -3.98
N ARG A 28 -15.75 7.56 -4.27
CA ARG A 28 -15.88 8.83 -3.50
C ARG A 28 -16.74 8.60 -2.25
N VAL A 29 -16.60 9.44 -1.26
CA VAL A 29 -17.39 9.28 -0.01
C VAL A 29 -17.63 7.80 0.29
N GLY A 30 -16.71 7.17 0.96
CA GLY A 30 -16.89 5.72 1.28
C GLY A 30 -16.41 5.44 2.70
N LYS A 31 -15.78 4.31 2.91
CA LYS A 31 -15.28 3.99 4.29
C LYS A 31 -13.89 4.59 4.50
N LEU A 32 -13.45 4.69 5.72
CA LEU A 32 -12.11 5.26 6.00
C LEU A 32 -11.05 4.15 6.07
N ARG A 33 -9.86 4.43 5.63
CA ARG A 33 -8.80 3.38 5.67
C ARG A 33 -7.95 3.53 6.94
N ASN A 34 -8.17 2.70 7.91
CA ASN A 34 -7.38 2.78 9.18
C ASN A 34 -7.90 1.77 10.20
N PHE A 35 -7.98 0.52 9.83
CA PHE A 35 -8.47 -0.51 10.79
C PHE A 35 -7.41 -1.60 10.99
N ALA A 36 -7.44 -2.29 12.09
CA ALA A 36 -6.44 -3.36 12.34
C ALA A 36 -6.28 -4.23 11.08
N PRO A 37 -5.18 -4.05 10.40
CA PRO A 37 -4.90 -4.83 9.17
C PRO A 37 -4.70 -6.31 9.50
N ILE A 38 -4.11 -7.03 8.58
CA ILE A 38 -3.88 -8.49 8.81
C ILE A 38 -2.66 -8.94 7.99
N PRO A 39 -1.50 -8.55 8.45
CA PRO A 39 -0.24 -8.91 7.75
C PRO A 39 -0.08 -10.44 7.68
N GLY A 40 0.55 -10.93 6.65
CA GLY A 40 0.74 -12.40 6.53
C GLY A 40 0.29 -12.87 5.14
N GLU A 41 0.07 -11.96 4.23
CA GLU A 41 -0.38 -12.37 2.87
C GLU A 41 0.64 -11.90 1.82
N PRO A 42 1.72 -12.63 1.73
CA PRO A 42 2.80 -12.29 0.76
C PRO A 42 2.25 -12.30 -0.67
N VAL A 43 2.73 -11.41 -1.49
CA VAL A 43 2.24 -11.37 -2.90
C VAL A 43 3.41 -11.54 -3.87
N VAL A 44 3.19 -11.27 -5.13
CA VAL A 44 4.28 -11.42 -6.13
C VAL A 44 4.74 -12.87 -6.22
N PRO A 45 3.80 -13.75 -6.45
CA PRO A 45 4.11 -15.20 -6.56
C PRO A 45 5.05 -15.44 -7.74
N ILE A 46 5.02 -14.59 -8.73
CA ILE A 46 5.91 -14.75 -9.91
C ILE A 46 6.05 -13.43 -10.65
N LEU A 47 4.99 -12.69 -10.75
CA LEU A 47 5.06 -11.38 -11.46
C LEU A 47 3.90 -10.48 -11.03
N CYS A 48 4.10 -9.70 -9.99
CA CYS A 48 3.01 -8.78 -9.52
C CYS A 48 1.69 -9.54 -9.40
N SER A 49 1.24 -9.76 -8.19
CA SER A 49 -0.06 -10.48 -8.01
C SER A 49 -1.20 -9.72 -8.69
N ASN A 50 -1.79 -8.79 -7.99
CA ASN A 50 -2.92 -8.01 -8.58
C ASN A 50 -2.43 -7.16 -9.75
N PRO A 51 -2.87 -7.49 -10.93
CA PRO A 51 -2.49 -6.73 -12.13
C PRO A 51 -3.06 -5.31 -12.06
N ASN A 52 -3.89 -5.06 -11.08
CA ASN A 52 -4.49 -3.71 -10.93
C ASN A 52 -4.21 -3.15 -9.53
N PHE A 53 -3.15 -3.58 -8.91
CA PHE A 53 -2.81 -3.04 -7.56
C PHE A 53 -2.16 -1.67 -7.72
N PRO A 54 -1.80 -1.06 -6.62
CA PRO A 54 -1.16 0.27 -6.70
C PRO A 54 0.11 0.16 -7.54
N GLU A 55 -0.05 0.08 -8.83
CA GLU A 55 1.12 -0.06 -9.74
C GLU A 55 2.27 0.80 -9.25
N GLU A 56 1.99 1.87 -8.56
CA GLU A 56 3.09 2.71 -8.02
C GLU A 56 4.05 1.82 -7.24
N LEU A 57 3.61 0.64 -6.86
CA LEU A 57 4.48 -0.29 -6.10
C LEU A 57 5.25 -1.18 -7.08
N LYS A 58 5.17 -0.89 -8.35
CA LYS A 58 5.90 -1.71 -9.36
C LYS A 58 7.28 -2.10 -8.83
N PRO A 59 8.02 -1.13 -8.36
CA PRO A 59 9.36 -1.41 -7.83
C PRO A 59 9.27 -2.48 -6.74
N LEU A 60 8.27 -2.41 -5.89
CA LEU A 60 8.16 -3.44 -4.82
C LEU A 60 8.03 -4.83 -5.43
N CYS A 61 7.26 -4.97 -6.48
CA CYS A 61 7.11 -6.30 -7.12
C CYS A 61 8.42 -6.73 -7.80
N LYS A 62 9.18 -5.78 -8.27
CA LYS A 62 10.46 -6.13 -8.95
C LYS A 62 11.56 -6.42 -7.93
N GLU A 63 11.22 -6.41 -6.66
CA GLU A 63 12.26 -6.70 -5.62
C GLU A 63 11.82 -7.87 -4.75
N PRO A 64 12.75 -8.73 -4.44
CA PRO A 64 12.45 -9.92 -3.60
C PRO A 64 11.97 -9.49 -2.22
N ASN A 65 12.18 -8.26 -1.86
CA ASN A 65 11.72 -7.79 -0.52
C ASN A 65 10.23 -7.46 -0.56
N ALA A 66 9.64 -7.47 -1.72
CA ALA A 66 8.19 -7.17 -1.83
C ALA A 66 7.41 -8.03 -0.83
N GLN A 67 7.85 -9.24 -0.61
CA GLN A 67 7.13 -10.12 0.35
C GLN A 67 7.19 -9.51 1.75
N GLU A 68 8.29 -8.92 2.11
CA GLU A 68 8.40 -8.28 3.45
C GLU A 68 7.72 -6.91 3.43
N ILE A 69 7.96 -6.15 2.39
CA ILE A 69 7.32 -4.81 2.30
C ILE A 69 5.81 -4.96 2.23
N LEU A 70 5.34 -5.93 1.51
CA LEU A 70 3.87 -6.16 1.39
C LEU A 70 3.20 -6.10 2.76
N GLN A 71 3.49 -7.03 3.63
CA GLN A 71 2.86 -7.01 4.98
C GLN A 71 2.91 -5.60 5.57
N ARG A 72 4.08 -5.02 5.64
CA ARG A 72 4.21 -3.65 6.21
C ARG A 72 3.26 -2.69 5.48
N LEU A 73 3.38 -2.62 4.18
CA LEU A 73 2.48 -1.70 3.41
C LEU A 73 1.02 -1.93 3.82
N GLU A 74 0.56 -3.15 3.75
CA GLU A 74 -0.85 -3.42 4.15
C GLU A 74 -1.14 -2.82 5.53
N GLU A 75 -0.25 -3.00 6.46
CA GLU A 75 -0.47 -2.43 7.82
C GLU A 75 -0.75 -0.93 7.73
N ILE A 76 0.12 -0.20 7.08
CA ILE A 76 -0.10 1.27 6.95
C ILE A 76 -1.41 1.54 6.20
N ALA A 77 -1.70 0.75 5.21
CA ALA A 77 -2.97 0.96 4.44
C ALA A 77 -4.17 0.84 5.37
N GLU A 78 -4.12 -0.06 6.31
CA GLU A 78 -5.26 -0.21 7.27
C GLU A 78 -4.90 0.42 8.61
N ASP A 79 -3.85 1.19 8.64
CA ASP A 79 -3.44 1.86 9.90
C ASP A 79 -2.52 3.04 9.59
N PRO A 80 -3.06 4.23 9.74
CA PRO A 80 -2.28 5.45 9.47
C PRO A 80 -1.01 5.50 10.32
N GLY A 81 -1.14 5.59 11.62
CA GLY A 81 0.07 5.63 12.49
C GLY A 81 0.65 7.04 12.49
N THR A 82 1.95 7.15 12.39
CA THR A 82 2.59 8.51 12.39
C THR A 82 2.44 9.15 11.01
N CYS A 83 2.25 8.35 9.99
CA CYS A 83 2.11 8.92 8.62
C CYS A 83 1.15 10.11 8.63
N GLU A 84 -0.06 9.91 9.06
CA GLU A 84 -1.06 11.01 9.08
C GLU A 84 -0.56 12.21 9.89
N ILE A 85 0.13 11.98 10.97
CA ILE A 85 0.62 13.14 11.79
C ILE A 85 2.01 13.58 11.30
N CYS A 86 2.42 13.11 10.15
CA CYS A 86 3.76 13.50 9.61
C CYS A 86 4.86 13.30 10.67
N ALA A 87 4.60 12.48 11.66
CA ALA A 87 5.64 12.24 12.69
C ALA A 87 6.75 11.35 12.13
N TYR A 88 6.60 10.90 10.91
CA TYR A 88 7.64 10.03 10.30
C TYR A 88 7.65 10.19 8.78
N ALA A 89 8.62 9.62 8.12
CA ALA A 89 8.70 9.74 6.64
C ALA A 89 7.67 8.83 5.97
N ALA A 90 6.83 8.19 6.75
CA ALA A 90 5.80 7.28 6.17
C ALA A 90 4.81 8.08 5.31
N CYS A 91 4.56 9.31 5.66
CA CYS A 91 3.59 10.12 4.86
C CYS A 91 4.29 11.29 4.18
N THR A 92 4.15 11.40 2.89
CA THR A 92 4.81 12.53 2.17
C THR A 92 3.77 13.47 1.59
N GLY A 93 4.12 14.72 1.43
CA GLY A 93 3.15 15.71 0.87
C GLY A 93 2.50 16.50 2.01
N CYS A 94 2.52 15.96 3.20
CA CYS A 94 1.91 16.68 4.35
C CYS A 94 2.31 18.16 4.32
N VAL A 1 -0.82 13.52 1.71
CA VAL A 1 0.25 12.72 2.37
C VAL A 1 0.25 11.29 1.80
N THR A 2 1.37 10.84 1.30
CA THR A 2 1.44 9.47 0.74
C THR A 2 2.43 8.61 1.52
N VAL A 3 2.27 7.31 1.51
CA VAL A 3 3.22 6.44 2.25
C VAL A 3 4.46 6.18 1.40
N GLN A 4 5.62 6.51 1.91
CA GLN A 4 6.86 6.29 1.11
C GLN A 4 7.73 5.21 1.75
N ASP A 5 8.03 4.17 1.01
CA ASP A 5 8.88 3.08 1.57
C ASP A 5 10.32 3.24 1.08
N GLY A 6 10.64 4.38 0.52
CA GLY A 6 12.03 4.61 0.02
C GLY A 6 12.08 5.96 -0.70
N ASN A 7 12.66 6.00 -1.86
CA ASN A 7 12.74 7.29 -2.61
C ASN A 7 11.51 7.43 -3.53
N PHE A 8 10.51 6.64 -3.30
CA PHE A 8 9.28 6.72 -4.15
C PHE A 8 8.04 6.83 -3.27
N SER A 9 7.20 7.80 -3.52
CA SER A 9 5.96 7.95 -2.70
C SER A 9 4.89 6.96 -3.16
N PHE A 10 4.42 6.13 -2.27
CA PHE A 10 3.38 5.14 -2.66
C PHE A 10 2.06 5.39 -1.92
N SER A 11 0.98 5.55 -2.63
CA SER A 11 -0.33 5.79 -1.95
C SER A 11 -0.74 4.57 -1.14
N LEU A 12 -1.68 4.70 -0.26
CA LEU A 12 -2.11 3.54 0.57
C LEU A 12 -3.51 3.08 0.19
N GLU A 13 -4.20 3.83 -0.63
CA GLU A 13 -5.59 3.44 -1.04
C GLU A 13 -5.57 2.08 -1.74
N SER A 14 -5.04 2.02 -2.93
CA SER A 14 -5.00 0.72 -3.67
C SER A 14 -4.57 -0.41 -2.73
N VAL A 15 -3.62 -0.17 -1.88
CA VAL A 15 -3.17 -1.23 -0.96
C VAL A 15 -4.30 -1.60 0.00
N LYS A 16 -4.93 -0.63 0.61
CA LYS A 16 -6.06 -0.96 1.52
C LYS A 16 -7.09 -1.79 0.75
N LYS A 17 -7.49 -1.32 -0.40
CA LYS A 17 -8.48 -2.08 -1.21
C LYS A 17 -7.76 -3.21 -1.96
N LEU A 18 -6.49 -3.38 -1.72
CA LEU A 18 -5.73 -4.44 -2.41
C LEU A 18 -6.38 -5.81 -2.15
N LYS A 19 -7.08 -5.95 -1.06
CA LYS A 19 -7.74 -7.25 -0.77
C LYS A 19 -8.75 -7.59 -1.87
N ASP A 20 -9.41 -6.59 -2.39
CA ASP A 20 -10.41 -6.85 -3.47
C ASP A 20 -9.70 -6.86 -4.84
N LEU A 21 -9.60 -8.01 -5.45
CA LEU A 21 -8.92 -8.08 -6.78
C LEU A 21 -9.96 -8.26 -7.89
N GLN A 22 -9.55 -8.04 -9.11
CA GLN A 22 -10.51 -8.20 -10.26
C GLN A 22 -11.68 -7.23 -10.10
N GLU A 23 -11.39 -5.95 -10.01
CA GLU A 23 -12.48 -4.95 -9.84
C GLU A 23 -12.23 -3.74 -10.76
N PRO A 24 -13.24 -2.93 -10.91
CA PRO A 24 -13.14 -1.71 -11.76
C PRO A 24 -12.07 -0.76 -11.21
N GLN A 25 -11.37 -0.08 -12.08
CA GLN A 25 -10.31 0.86 -11.61
C GLN A 25 -10.91 1.88 -10.63
N GLU A 26 -10.15 2.32 -9.68
CA GLU A 26 -10.67 3.31 -8.70
C GLU A 26 -9.75 4.54 -8.63
N PRO A 27 -9.78 5.33 -9.67
CA PRO A 27 -8.95 6.54 -9.73
C PRO A 27 -9.34 7.51 -8.61
N ARG A 28 -10.59 7.57 -8.28
CA ARG A 28 -11.04 8.48 -7.19
C ARG A 28 -12.22 7.84 -6.44
N VAL A 29 -12.07 7.62 -5.16
CA VAL A 29 -13.17 7.00 -4.39
C VAL A 29 -13.50 7.84 -3.14
N GLY A 30 -14.75 8.08 -2.89
CA GLY A 30 -15.13 8.88 -1.68
C GLY A 30 -15.31 7.94 -0.50
N LYS A 31 -15.18 6.66 -0.71
CA LYS A 31 -15.34 5.68 0.39
C LYS A 31 -14.16 5.78 1.36
N LEU A 32 -14.36 5.45 2.61
CA LEU A 32 -13.24 5.52 3.60
C LEU A 32 -12.18 4.48 3.27
N ARG A 33 -10.94 4.78 3.53
CA ARG A 33 -9.85 3.80 3.23
C ARG A 33 -9.30 3.21 4.53
N ASN A 34 -9.55 1.94 4.75
CA ASN A 34 -9.04 1.30 6.01
C ASN A 34 -9.67 -0.09 6.17
N PHE A 35 -9.73 -0.59 7.39
CA PHE A 35 -10.32 -1.94 7.62
C PHE A 35 -9.53 -3.01 6.88
N ALA A 36 -8.28 -2.75 6.59
CA ALA A 36 -7.46 -3.76 5.86
C ALA A 36 -7.17 -4.96 6.77
N PRO A 37 -7.10 -6.12 6.18
CA PRO A 37 -6.83 -7.36 6.94
C PRO A 37 -5.45 -7.30 7.60
N ILE A 38 -4.83 -8.44 7.78
CA ILE A 38 -3.47 -8.46 8.41
C ILE A 38 -2.41 -8.83 7.37
N PRO A 39 -1.25 -8.23 7.51
CA PRO A 39 -0.13 -8.51 6.57
C PRO A 39 0.24 -9.98 6.61
N GLY A 40 0.51 -10.56 5.47
CA GLY A 40 0.88 -12.01 5.45
C GLY A 40 1.97 -12.25 4.39
N GLU A 41 2.45 -11.22 3.77
CA GLU A 41 3.51 -11.40 2.73
C GLU A 41 2.98 -12.28 1.59
N PRO A 42 2.11 -11.72 0.81
CA PRO A 42 1.49 -12.44 -0.33
C PRO A 42 2.56 -12.86 -1.34
N VAL A 43 2.15 -13.25 -2.51
CA VAL A 43 3.13 -13.68 -3.55
C VAL A 43 3.45 -12.51 -4.49
N VAL A 44 4.70 -12.23 -4.71
CA VAL A 44 5.08 -11.11 -5.62
C VAL A 44 6.51 -11.29 -6.13
N PRO A 45 6.76 -12.45 -6.68
CA PRO A 45 8.11 -12.77 -7.21
C PRO A 45 8.51 -11.75 -8.28
N ILE A 46 7.79 -11.69 -9.37
CA ILE A 46 8.14 -10.72 -10.44
C ILE A 46 6.89 -10.27 -11.19
N LEU A 47 5.93 -11.12 -11.33
CA LEU A 47 4.68 -10.73 -12.05
C LEU A 47 3.60 -10.27 -11.07
N CYS A 48 3.92 -10.21 -9.80
CA CYS A 48 2.91 -9.76 -8.81
C CYS A 48 1.67 -10.67 -8.88
N SER A 49 1.29 -11.26 -7.78
CA SER A 49 0.10 -12.16 -7.79
C SER A 49 -1.17 -11.40 -8.15
N ASN A 50 -1.33 -10.21 -7.62
CA ASN A 50 -2.56 -9.42 -7.92
C ASN A 50 -2.42 -8.71 -9.28
N PRO A 51 -3.14 -9.21 -10.25
CA PRO A 51 -3.09 -8.61 -11.61
C PRO A 51 -3.57 -7.16 -11.57
N ASN A 52 -4.23 -6.78 -10.52
CA ASN A 52 -4.71 -5.38 -10.42
C ASN A 52 -4.28 -4.72 -9.11
N PHE A 53 -3.09 -5.01 -8.64
CA PHE A 53 -2.63 -4.35 -7.38
C PHE A 53 -2.13 -2.95 -7.72
N PRO A 54 -1.83 -2.17 -6.72
CA PRO A 54 -1.33 -0.80 -6.94
C PRO A 54 -0.11 -0.87 -7.87
N GLU A 55 -0.34 -1.06 -9.13
CA GLU A 55 0.79 -1.15 -10.10
C GLU A 55 1.87 -0.13 -9.75
N GLU A 56 1.49 0.96 -9.13
CA GLU A 56 2.51 1.96 -8.74
C GLU A 56 3.61 1.26 -7.94
N LEU A 57 3.31 0.09 -7.45
CA LEU A 57 4.32 -0.69 -6.68
C LEU A 57 5.10 -1.59 -7.65
N LYS A 58 4.93 -1.37 -8.93
CA LYS A 58 5.65 -2.19 -9.94
C LYS A 58 7.08 -2.47 -9.48
N PRO A 59 7.79 -1.43 -9.12
CA PRO A 59 9.18 -1.60 -8.64
C PRO A 59 9.20 -2.60 -7.49
N LEU A 60 8.30 -2.46 -6.56
CA LEU A 60 8.26 -3.41 -5.42
C LEU A 60 8.29 -4.84 -5.94
N CYS A 61 7.44 -5.15 -6.89
CA CYS A 61 7.42 -6.53 -7.46
C CYS A 61 8.76 -6.87 -8.10
N LYS A 62 9.47 -5.89 -8.58
CA LYS A 62 10.78 -6.17 -9.22
C LYS A 62 11.88 -6.36 -8.16
N GLU A 63 11.55 -6.21 -6.91
CA GLU A 63 12.58 -6.39 -5.85
C GLU A 63 12.09 -7.41 -4.81
N PRO A 64 13.03 -8.17 -4.29
CA PRO A 64 12.71 -9.20 -3.29
C PRO A 64 12.12 -8.56 -2.02
N ASN A 65 12.16 -7.26 -1.93
CA ASN A 65 11.62 -6.58 -0.71
C ASN A 65 10.09 -6.49 -0.78
N ALA A 66 9.52 -6.65 -1.94
CA ALA A 66 8.02 -6.56 -2.04
C ALA A 66 7.39 -7.36 -0.92
N GLN A 67 7.93 -8.50 -0.59
CA GLN A 67 7.35 -9.33 0.50
C GLN A 67 7.50 -8.60 1.84
N GLU A 68 8.62 -7.95 2.05
CA GLU A 68 8.82 -7.22 3.33
C GLU A 68 8.10 -5.86 3.26
N ILE A 69 8.25 -5.17 2.16
CA ILE A 69 7.57 -3.84 2.03
C ILE A 69 6.06 -4.02 2.06
N LEU A 70 5.56 -5.03 1.38
CA LEU A 70 4.09 -5.27 1.37
C LEU A 70 3.56 -5.32 2.81
N GLN A 71 4.14 -6.13 3.64
CA GLN A 71 3.68 -6.23 5.05
C GLN A 71 3.40 -4.83 5.61
N ARG A 72 4.37 -3.95 5.51
CA ARG A 72 4.18 -2.58 6.03
C ARG A 72 2.99 -1.89 5.34
N LEU A 73 2.98 -1.86 4.03
CA LEU A 73 1.85 -1.21 3.31
C LEU A 73 0.52 -1.73 3.85
N GLU A 74 0.32 -3.02 3.82
CA GLU A 74 -0.96 -3.59 4.31
C GLU A 74 -1.23 -3.13 5.75
N GLU A 75 -0.27 -3.27 6.63
CA GLU A 75 -0.47 -2.85 8.04
C GLU A 75 -0.92 -1.38 8.10
N ILE A 76 -0.18 -0.49 7.49
CA ILE A 76 -0.57 0.94 7.51
C ILE A 76 -1.94 1.11 6.83
N ALA A 77 -2.20 0.33 5.82
CA ALA A 77 -3.51 0.44 5.12
C ALA A 77 -4.65 0.23 6.13
N GLU A 78 -4.45 -0.61 7.10
CA GLU A 78 -5.51 -0.85 8.11
C GLU A 78 -5.84 0.44 8.84
N ASP A 79 -4.85 1.23 9.17
CA ASP A 79 -5.11 2.51 9.89
C ASP A 79 -4.00 3.52 9.59
N PRO A 80 -4.30 4.76 9.82
CA PRO A 80 -3.31 5.85 9.60
C PRO A 80 -2.08 5.65 10.47
N GLY A 81 -2.25 5.62 11.76
CA GLY A 81 -1.07 5.43 12.67
C GLY A 81 -0.29 6.74 12.74
N THR A 82 1.02 6.66 12.74
CA THR A 82 1.84 7.90 12.80
C THR A 82 1.97 8.52 11.41
N CYS A 83 1.78 7.75 10.38
CA CYS A 83 1.89 8.30 9.00
C CYS A 83 0.94 9.50 8.85
N GLU A 84 -0.30 9.33 9.23
CA GLU A 84 -1.27 10.45 9.10
C GLU A 84 -0.81 11.67 9.91
N ILE A 85 -0.13 11.46 11.00
CA ILE A 85 0.32 12.62 11.83
C ILE A 85 1.80 12.93 11.53
N CYS A 86 2.34 12.33 10.51
CA CYS A 86 3.77 12.59 10.16
C CYS A 86 4.68 12.29 11.35
N ALA A 87 4.19 11.56 12.33
CA ALA A 87 5.05 11.24 13.50
C ALA A 87 6.28 10.44 13.06
N TYR A 88 6.23 9.87 11.89
CA TYR A 88 7.39 9.08 11.40
C TYR A 88 7.60 9.32 9.89
N ALA A 89 8.61 8.74 9.33
CA ALA A 89 8.86 8.93 7.87
C ALA A 89 7.86 8.13 7.04
N ALA A 90 6.95 7.45 7.68
CA ALA A 90 5.94 6.65 6.93
C ALA A 90 5.14 7.54 5.98
N CYS A 91 4.77 8.72 6.41
CA CYS A 91 3.98 9.62 5.53
C CYS A 91 4.79 10.85 5.15
N THR A 92 4.97 11.09 3.88
CA THR A 92 5.75 12.27 3.44
C THR A 92 4.81 13.36 2.89
N GLY A 93 5.35 14.49 2.53
CA GLY A 93 4.49 15.58 2.01
C GLY A 93 4.15 16.55 3.15
N CYS A 94 4.53 16.21 4.35
CA CYS A 94 4.23 17.10 5.51
C CYS A 94 5.38 18.10 5.71
N VAL A 1 -1.17 12.45 3.01
CA VAL A 1 -0.73 11.35 3.92
C VAL A 1 -0.48 10.07 3.12
N THR A 2 0.44 10.11 2.20
CA THR A 2 0.72 8.89 1.38
C THR A 2 1.81 8.04 2.05
N VAL A 3 1.71 6.74 1.87
CA VAL A 3 2.74 5.83 2.47
C VAL A 3 3.80 5.49 1.41
N GLN A 4 5.03 5.85 1.64
CA GLN A 4 6.09 5.55 0.63
C GLN A 4 7.19 4.67 1.23
N ASP A 5 8.15 4.29 0.43
CA ASP A 5 9.26 3.43 0.94
C ASP A 5 10.54 3.69 0.15
N GLY A 6 10.51 3.42 -1.13
CA GLY A 6 11.72 3.65 -1.97
C GLY A 6 11.74 5.11 -2.41
N ASN A 7 11.65 5.35 -3.69
CA ASN A 7 11.67 6.75 -4.19
C ASN A 7 10.27 7.17 -4.67
N PHE A 8 9.27 6.40 -4.34
CA PHE A 8 7.89 6.74 -4.78
C PHE A 8 6.92 6.64 -3.61
N SER A 9 5.79 7.28 -3.70
CA SER A 9 4.81 7.24 -2.58
C SER A 9 3.69 6.25 -2.91
N PHE A 10 3.29 5.44 -1.96
CA PHE A 10 2.21 4.45 -2.23
C PHE A 10 0.96 4.79 -1.42
N SER A 11 -0.15 4.96 -2.07
CA SER A 11 -1.41 5.29 -1.34
C SER A 11 -1.83 4.10 -0.48
N LEU A 12 -2.64 4.34 0.52
CA LEU A 12 -3.08 3.22 1.41
C LEU A 12 -4.32 2.52 0.82
N GLU A 13 -5.11 3.22 0.07
CA GLU A 13 -6.33 2.59 -0.52
C GLU A 13 -5.95 1.43 -1.44
N SER A 14 -5.30 1.70 -2.54
CA SER A 14 -4.92 0.59 -3.46
C SER A 14 -4.35 -0.58 -2.67
N VAL A 15 -3.44 -0.32 -1.77
CA VAL A 15 -2.85 -1.43 -0.98
C VAL A 15 -3.95 -2.14 -0.19
N LYS A 16 -4.82 -1.43 0.46
CA LYS A 16 -5.91 -2.12 1.21
C LYS A 16 -6.72 -2.96 0.22
N LYS A 17 -7.17 -2.36 -0.84
CA LYS A 17 -7.93 -3.12 -1.87
C LYS A 17 -6.96 -3.87 -2.77
N LEU A 18 -5.72 -3.94 -2.38
CA LEU A 18 -4.70 -4.66 -3.21
C LEU A 18 -5.15 -6.11 -3.43
N LYS A 19 -5.74 -6.72 -2.44
CA LYS A 19 -6.20 -8.13 -2.61
C LYS A 19 -7.22 -8.20 -3.75
N ASP A 20 -8.08 -7.22 -3.83
CA ASP A 20 -9.10 -7.20 -4.92
C ASP A 20 -9.29 -5.76 -5.43
N LEU A 21 -9.13 -5.55 -6.70
CA LEU A 21 -9.28 -4.17 -7.24
C LEU A 21 -10.59 -3.54 -6.75
N GLN A 22 -11.68 -4.25 -6.85
CA GLN A 22 -12.98 -3.68 -6.39
C GLN A 22 -13.14 -2.25 -6.93
N GLU A 23 -13.06 -2.08 -8.22
CA GLU A 23 -13.20 -0.71 -8.79
C GLU A 23 -12.42 0.30 -7.94
N PRO A 24 -11.12 0.29 -8.10
CA PRO A 24 -10.25 1.21 -7.33
C PRO A 24 -10.59 2.67 -7.65
N GLN A 25 -10.65 3.50 -6.65
CA GLN A 25 -10.97 4.93 -6.90
C GLN A 25 -10.28 5.81 -5.85
N GLU A 26 -10.27 7.10 -6.05
CA GLU A 26 -9.61 8.01 -5.06
C GLU A 26 -10.54 9.17 -4.71
N PRO A 27 -11.67 8.84 -4.14
CA PRO A 27 -12.66 9.86 -3.75
C PRO A 27 -12.07 10.81 -2.71
N ARG A 28 -12.56 12.02 -2.64
CA ARG A 28 -12.01 12.98 -1.64
C ARG A 28 -12.93 13.05 -0.41
N VAL A 29 -12.36 13.07 0.76
CA VAL A 29 -13.20 13.13 1.99
C VAL A 29 -14.18 11.94 2.02
N GLY A 30 -13.97 11.01 2.89
CA GLY A 30 -14.88 9.83 2.96
C GLY A 30 -14.56 9.00 4.21
N LYS A 31 -15.11 7.82 4.30
CA LYS A 31 -14.83 6.96 5.48
C LYS A 31 -13.36 6.57 5.53
N LEU A 32 -12.82 6.37 6.70
CA LEU A 32 -11.39 5.98 6.81
C LEU A 32 -11.17 4.57 6.25
N ARG A 33 -9.98 4.25 5.82
CA ARG A 33 -9.72 2.90 5.27
C ARG A 33 -9.06 2.01 6.33
N ASN A 34 -9.59 0.84 6.55
CA ASN A 34 -8.99 -0.07 7.57
C ASN A 34 -8.94 -1.50 7.02
N PHE A 35 -8.00 -2.28 7.45
CA PHE A 35 -7.91 -3.69 6.96
C PHE A 35 -7.57 -4.64 8.13
N ALA A 36 -7.86 -5.90 7.98
CA ALA A 36 -7.57 -6.87 9.07
C ALA A 36 -6.06 -6.89 9.37
N PRO A 37 -5.74 -6.76 10.64
CA PRO A 37 -4.32 -6.78 11.07
C PRO A 37 -3.68 -8.13 10.79
N ILE A 38 -3.58 -8.51 9.54
CA ILE A 38 -2.97 -9.83 9.21
C ILE A 38 -1.84 -9.65 8.19
N PRO A 39 -0.80 -8.97 8.61
CA PRO A 39 0.36 -8.73 7.72
C PRO A 39 1.00 -10.05 7.32
N GLY A 40 1.57 -10.11 6.14
CA GLY A 40 2.21 -11.37 5.69
C GLY A 40 1.49 -11.90 4.44
N GLU A 41 1.11 -11.01 3.56
CA GLU A 41 0.40 -11.45 2.33
C GLU A 41 1.05 -10.84 1.08
N PRO A 42 2.21 -11.36 0.75
CA PRO A 42 2.95 -10.87 -0.44
C PRO A 42 2.12 -11.07 -1.71
N VAL A 43 2.16 -10.14 -2.62
CA VAL A 43 1.36 -10.30 -3.87
C VAL A 43 2.16 -9.80 -5.08
N VAL A 44 3.34 -10.31 -5.29
CA VAL A 44 4.14 -9.88 -6.47
C VAL A 44 4.77 -11.09 -7.17
N PRO A 45 3.95 -12.09 -7.42
CA PRO A 45 4.44 -13.31 -8.10
C PRO A 45 4.98 -12.96 -9.50
N ILE A 46 4.88 -13.87 -10.42
CA ILE A 46 5.38 -13.58 -11.80
C ILE A 46 4.65 -12.37 -12.39
N LEU A 47 5.36 -11.31 -12.66
CA LEU A 47 4.71 -10.10 -13.23
C LEU A 47 3.69 -9.53 -12.24
N CYS A 48 4.02 -9.51 -10.97
CA CYS A 48 3.08 -8.97 -9.96
C CYS A 48 1.79 -9.79 -9.93
N SER A 49 1.11 -9.79 -8.81
CA SER A 49 -0.16 -10.57 -8.71
C SER A 49 -1.34 -9.73 -9.18
N ASN A 50 -1.56 -8.60 -8.56
CA ASN A 50 -2.70 -7.72 -8.97
C ASN A 50 -2.33 -6.92 -10.22
N PRO A 51 -2.97 -7.26 -11.32
CA PRO A 51 -2.70 -6.56 -12.60
C PRO A 51 -3.06 -5.08 -12.47
N ASN A 52 -3.73 -4.70 -11.42
CA ASN A 52 -4.13 -3.28 -11.25
C ASN A 52 -3.75 -2.77 -9.86
N PHE A 53 -2.66 -3.24 -9.31
CA PHE A 53 -2.25 -2.76 -7.96
C PHE A 53 -1.55 -1.41 -8.12
N PRO A 54 -1.23 -0.80 -7.02
CA PRO A 54 -0.54 0.51 -7.07
C PRO A 54 0.75 0.36 -7.88
N GLU A 55 0.60 0.29 -9.18
CA GLU A 55 1.79 0.11 -10.07
C GLU A 55 2.98 0.90 -9.54
N GLU A 56 2.73 1.97 -8.83
CA GLU A 56 3.87 2.75 -8.28
C GLU A 56 4.77 1.78 -7.49
N LEU A 57 4.22 0.66 -7.09
CA LEU A 57 5.01 -0.35 -6.34
C LEU A 57 5.79 -1.24 -7.33
N LYS A 58 5.77 -0.88 -8.59
CA LYS A 58 6.49 -1.71 -9.60
C LYS A 58 7.83 -2.20 -9.04
N PRO A 59 8.61 -1.29 -8.52
CA PRO A 59 9.92 -1.66 -7.95
C PRO A 59 9.76 -2.72 -6.86
N LEU A 60 8.80 -2.57 -5.98
CA LEU A 60 8.63 -3.59 -4.89
C LEU A 60 8.33 -4.97 -5.49
N CYS A 61 7.53 -5.02 -6.53
CA CYS A 61 7.21 -6.33 -7.15
C CYS A 61 8.46 -6.96 -7.78
N LYS A 62 9.39 -6.16 -8.20
CA LYS A 62 10.62 -6.72 -8.82
C LYS A 62 11.70 -6.96 -7.77
N GLU A 63 11.38 -6.78 -6.51
CA GLU A 63 12.41 -7.01 -5.45
C GLU A 63 11.85 -7.92 -4.35
N PRO A 64 12.69 -8.75 -3.81
CA PRO A 64 12.29 -9.68 -2.73
C PRO A 64 11.81 -8.91 -1.49
N ASN A 65 11.98 -7.61 -1.49
CA ASN A 65 11.56 -6.82 -0.30
C ASN A 65 10.04 -6.58 -0.34
N ALA A 66 9.44 -6.64 -1.50
CA ALA A 66 7.97 -6.44 -1.59
C ALA A 66 7.27 -7.36 -0.59
N GLN A 67 7.78 -8.54 -0.40
CA GLN A 67 7.13 -9.48 0.57
C GLN A 67 7.17 -8.88 1.97
N GLU A 68 8.27 -8.30 2.36
CA GLU A 68 8.36 -7.67 3.71
C GLU A 68 7.71 -6.30 3.68
N ILE A 69 7.94 -5.55 2.62
CA ILE A 69 7.33 -4.19 2.52
C ILE A 69 5.81 -4.32 2.45
N LEU A 70 5.32 -5.20 1.63
CA LEU A 70 3.84 -5.38 1.52
C LEU A 70 3.22 -5.51 2.91
N GLN A 71 3.70 -6.43 3.70
CA GLN A 71 3.14 -6.60 5.06
C GLN A 71 2.97 -5.23 5.73
N ARG A 72 4.02 -4.45 5.78
CA ARG A 72 3.92 -3.11 6.41
C ARG A 72 2.84 -2.29 5.71
N LEU A 73 2.94 -2.16 4.41
CA LEU A 73 1.91 -1.38 3.67
C LEU A 73 0.52 -1.77 4.15
N GLU A 74 0.19 -3.03 4.08
CA GLU A 74 -1.15 -3.49 4.55
C GLU A 74 -1.43 -2.95 5.95
N GLU A 75 -0.55 -3.19 6.88
CA GLU A 75 -0.76 -2.71 8.28
C GLU A 75 -1.00 -1.20 8.29
N ILE A 76 -0.10 -0.44 7.73
CA ILE A 76 -0.29 1.04 7.72
C ILE A 76 -1.61 1.39 7.02
N ALA A 77 -1.95 0.68 5.98
CA ALA A 77 -3.21 0.97 5.27
C ALA A 77 -4.38 0.86 6.24
N GLU A 78 -4.28 -0.01 7.20
CA GLU A 78 -5.39 -0.16 8.20
C GLU A 78 -5.62 1.15 8.94
N ASP A 79 -4.57 1.83 9.33
CA ASP A 79 -4.73 3.12 10.07
C ASP A 79 -3.59 4.07 9.72
N PRO A 80 -3.82 5.33 9.96
CA PRO A 80 -2.80 6.37 9.67
C PRO A 80 -1.53 6.11 10.48
N GLY A 81 -1.64 6.04 11.78
CA GLY A 81 -0.43 5.78 12.62
C GLY A 81 0.39 7.07 12.71
N THR A 82 1.69 6.95 12.67
CA THR A 82 2.56 8.16 12.74
C THR A 82 2.59 8.87 11.39
N CYS A 83 2.27 8.17 10.34
CA CYS A 83 2.27 8.82 8.99
C CYS A 83 1.38 10.05 9.00
N GLU A 84 0.15 9.91 9.41
CA GLU A 84 -0.78 11.08 9.43
C GLU A 84 -0.20 12.22 10.26
N ILE A 85 0.55 11.93 11.29
CA ILE A 85 1.13 13.01 12.13
C ILE A 85 2.56 13.32 11.68
N CYS A 86 2.98 12.78 10.57
CA CYS A 86 4.36 13.04 10.09
C CYS A 86 5.39 12.62 11.14
N ALA A 87 5.00 11.79 12.06
CA ALA A 87 5.97 11.35 13.12
C ALA A 87 7.00 10.41 12.51
N TYR A 88 6.82 10.03 11.27
CA TYR A 88 7.79 9.11 10.62
C TYR A 88 7.89 9.41 9.13
N ALA A 89 8.88 8.86 8.47
CA ALA A 89 9.04 9.12 7.00
C ALA A 89 8.00 8.33 6.20
N ALA A 90 7.09 7.67 6.87
CA ALA A 90 6.06 6.89 6.13
C ALA A 90 5.15 7.81 5.34
N CYS A 91 4.86 8.97 5.86
CA CYS A 91 3.97 9.93 5.13
C CYS A 91 4.79 10.94 4.35
N THR A 92 4.61 10.98 3.06
CA THR A 92 5.39 11.94 2.23
C THR A 92 4.50 13.11 1.80
N GLY A 93 3.23 13.06 2.10
CA GLY A 93 2.34 14.18 1.72
C GLY A 93 2.42 15.29 2.78
N CYS A 94 2.57 14.90 4.01
CA CYS A 94 2.67 15.93 5.10
C CYS A 94 1.64 17.05 4.87
N VAL A 1 -1.45 13.11 2.98
CA VAL A 1 -0.11 12.53 3.24
C VAL A 1 -0.01 11.11 2.66
N THR A 2 0.86 10.91 1.70
CA THR A 2 0.99 9.56 1.08
C THR A 2 1.99 8.71 1.88
N VAL A 3 1.82 7.42 1.86
CA VAL A 3 2.77 6.53 2.61
C VAL A 3 3.86 6.05 1.67
N GLN A 4 5.10 6.32 1.99
CA GLN A 4 6.21 5.87 1.09
C GLN A 4 7.02 4.75 1.75
N ASP A 5 7.39 3.77 0.98
CA ASP A 5 8.18 2.63 1.55
C ASP A 5 9.61 2.67 0.98
N GLY A 6 9.96 3.74 0.31
CA GLY A 6 11.33 3.84 -0.27
C GLY A 6 11.44 5.14 -1.06
N ASN A 7 11.93 5.07 -2.27
CA ASN A 7 12.07 6.32 -3.08
C ASN A 7 10.78 6.57 -3.87
N PHE A 8 9.75 5.81 -3.59
CA PHE A 8 8.47 6.02 -4.33
C PHE A 8 7.34 6.33 -3.34
N SER A 9 6.28 6.93 -3.81
CA SER A 9 5.15 7.26 -2.89
C SER A 9 3.97 6.31 -3.13
N PHE A 10 3.54 5.63 -2.11
CA PHE A 10 2.39 4.68 -2.26
C PHE A 10 1.21 5.09 -1.38
N SER A 11 0.04 5.16 -1.94
CA SER A 11 -1.14 5.56 -1.13
C SER A 11 -1.63 4.37 -0.30
N LEU A 12 -2.58 4.58 0.58
CA LEU A 12 -3.08 3.46 1.42
C LEU A 12 -4.36 2.87 0.82
N GLU A 13 -4.88 3.46 -0.23
CA GLU A 13 -6.13 2.93 -0.85
C GLU A 13 -5.83 1.65 -1.63
N SER A 14 -5.20 1.78 -2.77
CA SER A 14 -4.87 0.58 -3.60
C SER A 14 -4.44 -0.59 -2.71
N VAL A 15 -3.50 -0.37 -1.83
CA VAL A 15 -3.05 -1.48 -0.96
C VAL A 15 -4.20 -1.91 -0.05
N LYS A 16 -4.90 -0.98 0.55
CA LYS A 16 -6.03 -1.37 1.42
C LYS A 16 -7.00 -2.25 0.62
N LYS A 17 -7.49 -1.74 -0.49
CA LYS A 17 -8.42 -2.56 -1.33
C LYS A 17 -7.61 -3.53 -2.19
N LEU A 18 -6.34 -3.63 -1.93
CA LEU A 18 -5.47 -4.56 -2.70
C LEU A 18 -6.04 -5.98 -2.66
N LYS A 19 -6.63 -6.36 -1.56
CA LYS A 19 -7.22 -7.73 -1.47
C LYS A 19 -8.29 -7.92 -2.54
N ASP A 20 -9.12 -6.92 -2.74
CA ASP A 20 -10.18 -7.04 -3.77
C ASP A 20 -9.70 -6.41 -5.09
N LEU A 21 -9.24 -7.20 -6.00
CA LEU A 21 -8.76 -6.65 -7.30
C LEU A 21 -9.93 -6.14 -8.13
N GLN A 22 -11.05 -6.81 -8.06
CA GLN A 22 -12.24 -6.35 -8.85
C GLN A 22 -12.57 -4.90 -8.52
N GLU A 23 -13.71 -4.42 -8.93
CA GLU A 23 -14.08 -3.01 -8.64
C GLU A 23 -13.04 -2.06 -9.25
N PRO A 24 -13.41 -0.81 -9.35
CA PRO A 24 -12.50 0.21 -9.93
C PRO A 24 -11.20 0.29 -9.11
N GLN A 25 -10.14 0.78 -9.71
CA GLN A 25 -8.85 0.87 -8.98
C GLN A 25 -8.95 1.91 -7.86
N GLU A 26 -9.75 2.93 -8.04
CA GLU A 26 -9.88 3.97 -6.99
C GLU A 26 -11.35 4.27 -6.70
N PRO A 27 -12.01 3.29 -6.13
CA PRO A 27 -13.44 3.43 -5.79
C PRO A 27 -13.66 4.55 -4.76
N ARG A 28 -14.84 5.07 -4.67
CA ARG A 28 -15.10 6.16 -3.69
C ARG A 28 -14.63 5.74 -2.30
N VAL A 29 -13.99 6.63 -1.58
CA VAL A 29 -13.50 6.27 -0.22
C VAL A 29 -13.96 7.31 0.80
N GLY A 30 -14.22 6.90 2.01
CA GLY A 30 -14.67 7.86 3.05
C GLY A 30 -13.46 8.62 3.61
N LYS A 31 -13.67 9.44 4.60
CA LYS A 31 -12.52 10.21 5.18
C LYS A 31 -11.52 9.25 5.82
N LEU A 32 -11.97 8.12 6.30
CA LEU A 32 -11.04 7.15 6.93
C LEU A 32 -10.78 5.96 6.00
N ARG A 33 -9.57 5.49 5.96
CA ARG A 33 -9.25 4.33 5.08
C ARG A 33 -8.49 3.28 5.88
N ASN A 34 -9.13 2.19 6.23
CA ASN A 34 -8.42 1.14 7.02
C ASN A 34 -8.73 -0.25 6.48
N PHE A 35 -7.99 -1.24 6.91
CA PHE A 35 -8.24 -2.63 6.43
C PHE A 35 -8.76 -3.50 7.58
N ALA A 36 -9.84 -4.21 7.36
CA ALA A 36 -10.40 -5.06 8.44
C ALA A 36 -9.41 -6.18 8.82
N PRO A 37 -9.01 -6.94 7.83
CA PRO A 37 -8.06 -8.05 8.07
C PRO A 37 -6.72 -7.52 8.60
N ILE A 38 -5.65 -8.22 8.32
CA ILE A 38 -4.31 -7.76 8.80
C ILE A 38 -3.23 -8.19 7.81
N PRO A 39 -2.17 -7.42 7.75
CA PRO A 39 -1.05 -7.73 6.84
C PRO A 39 -0.48 -9.13 7.12
N GLY A 40 0.24 -9.69 6.19
CA GLY A 40 0.81 -11.04 6.41
C GLY A 40 0.46 -11.94 5.22
N GLU A 41 0.09 -11.37 4.11
CA GLU A 41 -0.26 -12.21 2.92
C GLU A 41 0.88 -12.18 1.89
N PRO A 42 1.45 -13.33 1.64
CA PRO A 42 2.57 -13.44 0.68
C PRO A 42 2.12 -12.97 -0.71
N VAL A 43 2.46 -11.77 -1.09
CA VAL A 43 2.05 -11.26 -2.42
C VAL A 43 3.25 -10.63 -3.14
N VAL A 44 3.09 -10.27 -4.39
CA VAL A 44 4.20 -9.64 -5.16
C VAL A 44 5.25 -10.70 -5.59
N PRO A 45 4.79 -11.86 -5.97
CA PRO A 45 5.72 -12.93 -6.41
C PRO A 45 6.53 -12.46 -7.62
N ILE A 46 7.54 -13.19 -8.00
CA ILE A 46 8.36 -12.78 -9.18
C ILE A 46 7.43 -12.30 -10.30
N LEU A 47 6.35 -13.00 -10.52
CA LEU A 47 5.40 -12.58 -11.59
C LEU A 47 4.27 -11.74 -10.98
N CYS A 48 4.55 -11.07 -9.89
CA CYS A 48 3.50 -10.23 -9.24
C CYS A 48 2.24 -11.06 -8.99
N SER A 49 1.38 -10.60 -8.12
CA SER A 49 0.13 -11.36 -7.83
C SER A 49 -1.07 -10.66 -8.45
N ASN A 50 -1.45 -9.54 -7.92
CA ASN A 50 -2.62 -8.80 -8.46
C ASN A 50 -2.21 -8.02 -9.72
N PRO A 51 -2.72 -8.44 -10.84
CA PRO A 51 -2.39 -7.77 -12.13
C PRO A 51 -2.93 -6.34 -12.12
N ASN A 52 -3.72 -6.00 -11.13
CA ASN A 52 -4.28 -4.63 -11.06
C ASN A 52 -3.96 -3.98 -9.70
N PHE A 53 -2.83 -4.33 -9.13
CA PHE A 53 -2.45 -3.73 -7.82
C PHE A 53 -1.87 -2.35 -8.07
N PRO A 54 -1.52 -1.66 -7.02
CA PRO A 54 -0.93 -0.31 -7.16
C PRO A 54 0.32 -0.41 -8.02
N GLU A 55 0.14 -0.55 -9.31
CA GLU A 55 1.29 -0.68 -10.23
C GLU A 55 2.42 0.25 -9.80
N GLU A 56 2.09 1.33 -9.15
CA GLU A 56 3.17 2.25 -8.68
C GLU A 56 4.18 1.44 -7.89
N LEU A 57 3.78 0.27 -7.45
CA LEU A 57 4.71 -0.61 -6.68
C LEU A 57 5.49 -1.50 -7.64
N LYS A 58 5.39 -1.23 -8.92
CA LYS A 58 6.12 -2.06 -9.92
C LYS A 58 7.52 -2.42 -9.41
N PRO A 59 8.25 -1.42 -8.97
CA PRO A 59 9.59 -1.66 -8.44
C PRO A 59 9.53 -2.70 -7.31
N LEU A 60 8.57 -2.58 -6.45
CA LEU A 60 8.46 -3.58 -5.34
C LEU A 60 8.42 -4.98 -5.92
N CYS A 61 7.70 -5.19 -6.99
CA CYS A 61 7.64 -6.53 -7.61
C CYS A 61 9.02 -6.94 -8.14
N LYS A 62 9.82 -5.99 -8.51
CA LYS A 62 11.17 -6.32 -9.07
C LYS A 62 12.23 -6.38 -7.96
N GLU A 63 11.85 -6.20 -6.72
CA GLU A 63 12.87 -6.26 -5.63
C GLU A 63 12.51 -7.35 -4.62
N PRO A 64 13.53 -8.02 -4.13
CA PRO A 64 13.33 -9.11 -3.15
C PRO A 64 12.71 -8.60 -1.84
N ASN A 65 12.79 -7.31 -1.61
CA ASN A 65 12.22 -6.76 -0.34
C ASN A 65 10.69 -6.61 -0.48
N ALA A 66 10.18 -6.72 -1.67
CA ALA A 66 8.71 -6.59 -1.86
C ALA A 66 7.95 -7.43 -0.83
N GLN A 67 8.42 -8.61 -0.56
CA GLN A 67 7.72 -9.49 0.43
C GLN A 67 7.60 -8.76 1.77
N GLU A 68 8.64 -8.10 2.20
CA GLU A 68 8.57 -7.37 3.50
C GLU A 68 7.85 -6.04 3.34
N ILE A 69 8.00 -5.40 2.20
CA ILE A 69 7.31 -4.10 1.99
C ILE A 69 5.80 -4.31 1.87
N LEU A 70 5.38 -5.27 1.09
CA LEU A 70 3.93 -5.53 0.94
C LEU A 70 3.23 -5.57 2.30
N GLN A 71 3.61 -6.50 3.14
CA GLN A 71 2.96 -6.59 4.49
C GLN A 71 2.95 -5.23 5.18
N ARG A 72 4.10 -4.61 5.30
CA ARG A 72 4.16 -3.28 5.98
C ARG A 72 3.14 -2.32 5.36
N LEU A 73 3.19 -2.15 4.06
CA LEU A 73 2.23 -1.21 3.41
C LEU A 73 0.80 -1.54 3.84
N GLU A 74 0.42 -2.79 3.78
CA GLU A 74 -0.96 -3.17 4.19
C GLU A 74 -1.23 -2.70 5.62
N GLU A 75 -0.29 -2.84 6.51
CA GLU A 75 -0.50 -2.40 7.92
C GLU A 75 -0.67 -0.88 7.99
N ILE A 76 0.29 -0.14 7.50
CA ILE A 76 0.17 1.34 7.53
C ILE A 76 -1.09 1.77 6.79
N ALA A 77 -1.36 1.14 5.68
CA ALA A 77 -2.58 1.48 4.90
C ALA A 77 -3.82 1.18 5.75
N GLU A 78 -3.70 0.23 6.63
CA GLU A 78 -4.85 -0.14 7.50
C GLU A 78 -5.21 1.02 8.45
N ASP A 79 -4.23 1.75 8.92
CA ASP A 79 -4.52 2.88 9.84
C ASP A 79 -3.48 3.99 9.69
N PRO A 80 -3.87 5.17 10.08
CA PRO A 80 -2.98 6.35 9.98
C PRO A 80 -1.73 6.15 10.84
N GLY A 81 -1.87 6.19 12.14
CA GLY A 81 -0.68 6.01 13.02
C GLY A 81 0.12 7.31 13.06
N THR A 82 1.42 7.21 13.04
CA THR A 82 2.25 8.45 13.06
C THR A 82 2.29 9.06 11.66
N CYS A 83 2.09 8.27 10.66
CA CYS A 83 2.11 8.80 9.26
C CYS A 83 1.16 10.00 9.14
N GLU A 84 -0.08 9.81 9.52
CA GLU A 84 -1.06 10.93 9.43
C GLU A 84 -0.60 12.15 10.23
N ILE A 85 0.10 11.94 11.32
CA ILE A 85 0.56 13.10 12.14
C ILE A 85 2.02 13.44 11.80
N CYS A 86 2.55 12.87 10.76
CA CYS A 86 3.96 13.16 10.38
C CYS A 86 4.92 12.78 11.51
N ALA A 87 4.43 12.07 12.50
CA ALA A 87 5.32 11.68 13.63
C ALA A 87 6.42 10.74 13.13
N TYR A 88 6.25 10.18 11.97
CA TYR A 88 7.28 9.25 11.42
C TYR A 88 7.51 9.55 9.93
N ALA A 89 8.57 9.01 9.37
CA ALA A 89 8.84 9.25 7.93
C ALA A 89 7.88 8.45 7.05
N ALA A 90 6.95 7.75 7.66
CA ALA A 90 5.98 6.95 6.87
C ALA A 90 5.14 7.86 5.97
N CYS A 91 4.76 9.01 6.46
CA CYS A 91 3.94 9.94 5.64
C CYS A 91 4.78 11.09 5.11
N THR A 92 4.90 11.21 3.81
CA THR A 92 5.71 12.31 3.23
C THR A 92 4.79 13.41 2.69
N GLY A 93 5.33 14.56 2.40
CA GLY A 93 4.48 15.67 1.89
C GLY A 93 4.01 16.54 3.05
N CYS A 94 4.31 16.13 4.26
CA CYS A 94 3.88 16.92 5.44
C CYS A 94 5.06 17.75 5.99
N VAL A 1 -0.55 13.17 2.38
CA VAL A 1 -0.09 12.18 3.39
C VAL A 1 -0.15 10.76 2.82
N THR A 2 0.94 10.27 2.33
CA THR A 2 0.95 8.89 1.75
C THR A 2 2.10 8.07 2.34
N VAL A 3 2.10 6.79 2.11
CA VAL A 3 3.20 5.94 2.64
C VAL A 3 4.30 5.80 1.58
N GLN A 4 5.46 6.31 1.86
CA GLN A 4 6.57 6.22 0.87
C GLN A 4 7.67 5.28 1.35
N ASP A 5 7.96 4.25 0.60
CA ASP A 5 9.02 3.30 1.01
C ASP A 5 10.30 3.63 0.24
N GLY A 6 10.28 4.67 -0.55
CA GLY A 6 11.48 5.04 -1.34
C GLY A 6 11.22 6.39 -2.03
N ASN A 7 11.69 6.56 -3.23
CA ASN A 7 11.48 7.85 -3.94
C ASN A 7 10.09 7.88 -4.59
N PHE A 8 9.32 6.84 -4.41
CA PHE A 8 7.96 6.83 -5.03
C PHE A 8 6.87 6.96 -3.94
N SER A 9 5.90 7.80 -4.18
CA SER A 9 4.81 7.98 -3.17
C SER A 9 3.73 6.92 -3.38
N PHE A 10 3.39 6.18 -2.35
CA PHE A 10 2.35 5.13 -2.51
C PHE A 10 1.13 5.42 -1.62
N SER A 11 -0.04 5.43 -2.20
CA SER A 11 -1.27 5.71 -1.40
C SER A 11 -1.66 4.47 -0.59
N LEU A 12 -2.64 4.60 0.27
CA LEU A 12 -3.06 3.44 1.11
C LEU A 12 -4.33 2.80 0.52
N GLU A 13 -4.91 3.40 -0.48
CA GLU A 13 -6.15 2.83 -1.08
C GLU A 13 -5.83 1.56 -1.88
N SER A 14 -5.25 1.70 -3.03
CA SER A 14 -4.92 0.50 -3.86
C SER A 14 -4.35 -0.61 -2.98
N VAL A 15 -3.38 -0.31 -2.16
CA VAL A 15 -2.79 -1.35 -1.29
C VAL A 15 -3.86 -1.97 -0.39
N LYS A 16 -4.68 -1.17 0.23
CA LYS A 16 -5.75 -1.74 1.09
C LYS A 16 -6.62 -2.66 0.25
N LYS A 17 -7.16 -2.16 -0.83
CA LYS A 17 -7.99 -3.02 -1.72
C LYS A 17 -7.09 -3.85 -2.63
N LEU A 18 -5.81 -3.88 -2.34
CA LEU A 18 -4.86 -4.68 -3.16
C LEU A 18 -5.28 -6.16 -3.17
N LYS A 19 -5.90 -6.61 -2.11
CA LYS A 19 -6.33 -8.04 -2.06
C LYS A 19 -7.41 -8.30 -3.12
N ASP A 20 -8.25 -7.33 -3.37
CA ASP A 20 -9.33 -7.53 -4.40
C ASP A 20 -9.40 -6.32 -5.32
N LEU A 21 -9.63 -6.53 -6.58
CA LEU A 21 -9.71 -5.37 -7.53
C LEU A 21 -11.12 -4.79 -7.56
N GLN A 22 -11.24 -3.49 -7.58
CA GLN A 22 -12.59 -2.86 -7.61
C GLN A 22 -12.64 -1.78 -8.69
N GLU A 23 -13.79 -1.23 -8.95
CA GLU A 23 -13.90 -0.16 -9.99
C GLU A 23 -12.73 0.81 -9.86
N PRO A 24 -12.16 1.18 -10.98
CA PRO A 24 -11.01 2.11 -11.00
C PRO A 24 -11.43 3.48 -10.44
N GLN A 25 -11.87 3.53 -9.22
CA GLN A 25 -12.29 4.82 -8.62
C GLN A 25 -11.56 5.05 -7.29
N GLU A 26 -11.13 6.26 -7.04
CA GLU A 26 -10.41 6.53 -5.76
C GLU A 26 -11.00 7.76 -5.07
N PRO A 27 -12.18 7.60 -4.54
CA PRO A 27 -12.87 8.71 -3.84
C PRO A 27 -12.05 9.16 -2.62
N ARG A 28 -12.07 10.43 -2.32
CA ARG A 28 -11.29 10.91 -1.13
C ARG A 28 -12.24 11.36 -0.02
N VAL A 29 -12.05 10.87 1.17
CA VAL A 29 -12.93 11.28 2.30
C VAL A 29 -12.10 11.52 3.57
N GLY A 30 -12.48 12.48 4.36
CA GLY A 30 -11.72 12.76 5.61
C GLY A 30 -11.56 11.47 6.42
N LYS A 31 -12.49 10.57 6.30
CA LYS A 31 -12.40 9.29 7.06
C LYS A 31 -11.27 8.43 6.50
N LEU A 32 -10.88 8.66 5.27
CA LEU A 32 -9.78 7.86 4.66
C LEU A 32 -10.13 6.37 4.72
N ARG A 33 -9.13 5.52 4.70
CA ARG A 33 -9.40 4.06 4.74
C ARG A 33 -8.75 3.44 5.98
N ASN A 34 -9.50 2.66 6.73
CA ASN A 34 -8.91 2.02 7.95
C ASN A 34 -9.47 0.60 8.11
N PHE A 35 -8.63 -0.39 7.92
CA PHE A 35 -9.10 -1.80 8.07
C PHE A 35 -8.23 -2.55 9.07
N ALA A 36 -8.68 -3.68 9.55
CA ALA A 36 -7.88 -4.45 10.54
C ALA A 36 -6.52 -4.84 9.91
N PRO A 37 -5.47 -4.43 10.57
CA PRO A 37 -4.10 -4.73 10.08
C PRO A 37 -3.80 -6.23 10.19
N ILE A 38 -4.14 -6.99 9.19
CA ILE A 38 -3.85 -8.46 9.24
C ILE A 38 -2.97 -8.87 8.06
N PRO A 39 -1.74 -8.44 8.10
CA PRO A 39 -0.76 -8.77 7.03
C PRO A 39 -0.59 -10.28 6.91
N GLY A 40 -0.36 -10.77 5.72
CA GLY A 40 -0.18 -12.24 5.54
C GLY A 40 -0.40 -12.61 4.07
N GLU A 41 0.04 -11.77 3.17
CA GLU A 41 -0.12 -12.08 1.72
C GLU A 41 1.23 -12.06 1.01
N PRO A 42 2.02 -13.07 1.28
CA PRO A 42 3.37 -13.16 0.66
C PRO A 42 3.24 -13.26 -0.86
N VAL A 43 2.95 -12.16 -1.52
CA VAL A 43 2.81 -12.20 -2.99
C VAL A 43 3.82 -11.23 -3.64
N VAL A 44 4.61 -11.72 -4.57
CA VAL A 44 5.60 -10.84 -5.24
C VAL A 44 6.59 -11.68 -6.05
N PRO A 45 7.19 -12.66 -5.40
CA PRO A 45 8.16 -13.54 -6.07
C PRO A 45 7.50 -14.28 -7.24
N ILE A 46 6.30 -14.76 -7.05
CA ILE A 46 5.60 -15.48 -8.15
C ILE A 46 5.46 -14.55 -9.36
N LEU A 47 4.69 -13.49 -9.22
CA LEU A 47 4.50 -12.53 -10.34
C LEU A 47 3.29 -11.63 -10.07
N CYS A 48 3.41 -10.74 -9.13
CA CYS A 48 2.27 -9.82 -8.81
C CYS A 48 0.93 -10.55 -8.99
N SER A 49 0.39 -11.08 -7.93
CA SER A 49 -0.92 -11.80 -8.04
C SER A 49 -1.96 -10.94 -8.76
N ASN A 50 -2.32 -9.83 -8.19
CA ASN A 50 -3.34 -8.96 -8.83
C ASN A 50 -2.71 -8.12 -9.94
N PRO A 51 -3.13 -8.38 -11.16
CA PRO A 51 -2.62 -7.64 -12.33
C PRO A 51 -3.00 -6.15 -12.24
N ASN A 52 -3.68 -5.77 -11.19
CA ASN A 52 -4.09 -4.34 -11.06
C ASN A 52 -3.79 -3.82 -9.64
N PHE A 53 -2.76 -4.33 -9.02
CA PHE A 53 -2.42 -3.84 -7.64
C PHE A 53 -1.75 -2.47 -7.76
N PRO A 54 -1.33 -1.93 -6.64
CA PRO A 54 -0.66 -0.61 -6.66
C PRO A 54 0.54 -0.64 -7.61
N GLU A 55 0.28 -0.61 -8.89
CA GLU A 55 1.39 -0.65 -9.88
C GLU A 55 2.50 0.30 -9.45
N GLU A 56 2.18 1.39 -8.83
CA GLU A 56 3.23 2.33 -8.37
C GLU A 56 4.23 1.55 -7.50
N LEU A 57 3.80 0.41 -7.01
CA LEU A 57 4.68 -0.44 -6.18
C LEU A 57 5.30 -1.53 -7.05
N LYS A 58 5.12 -1.41 -8.34
CA LYS A 58 5.69 -2.41 -9.26
C LYS A 58 7.13 -2.74 -8.86
N PRO A 59 7.93 -1.72 -8.64
CA PRO A 59 9.32 -1.93 -8.23
C PRO A 59 9.36 -2.84 -6.99
N LEU A 60 8.49 -2.61 -6.04
CA LEU A 60 8.49 -3.48 -4.83
C LEU A 60 8.34 -4.93 -5.25
N CYS A 61 7.50 -5.19 -6.23
CA CYS A 61 7.30 -6.59 -6.71
C CYS A 61 8.60 -7.12 -7.32
N LYS A 62 9.43 -6.25 -7.82
CA LYS A 62 10.71 -6.70 -8.45
C LYS A 62 11.82 -6.82 -7.40
N GLU A 63 11.56 -6.43 -6.18
CA GLU A 63 12.62 -6.53 -5.14
C GLU A 63 12.22 -7.57 -4.08
N PRO A 64 13.22 -8.21 -3.53
CA PRO A 64 12.99 -9.26 -2.51
C PRO A 64 12.36 -8.65 -1.24
N ASN A 65 12.45 -7.35 -1.09
CA ASN A 65 11.87 -6.72 0.14
C ASN A 65 10.36 -6.56 -0.01
N ALA A 66 9.84 -6.71 -1.20
CA ALA A 66 8.37 -6.56 -1.40
C ALA A 66 7.61 -7.34 -0.32
N GLN A 67 8.08 -8.52 0.01
CA GLN A 67 7.39 -9.33 1.04
C GLN A 67 7.28 -8.54 2.34
N GLU A 68 8.32 -7.85 2.71
CA GLU A 68 8.29 -7.04 3.96
C GLU A 68 7.55 -5.73 3.73
N ILE A 69 7.69 -5.15 2.57
CA ILE A 69 6.99 -3.88 2.27
C ILE A 69 5.50 -4.13 2.09
N LEU A 70 5.14 -5.02 1.21
CA LEU A 70 3.70 -5.32 0.97
C LEU A 70 2.97 -5.44 2.32
N GLN A 71 3.37 -6.37 3.15
CA GLN A 71 2.68 -6.53 4.47
C GLN A 71 2.63 -5.18 5.20
N ARG A 72 3.75 -4.53 5.34
CA ARG A 72 3.76 -3.21 6.03
C ARG A 72 2.77 -2.26 5.36
N LEU A 73 2.93 -2.03 4.08
CA LEU A 73 1.99 -1.12 3.36
C LEU A 73 0.54 -1.46 3.72
N GLU A 74 0.17 -2.70 3.61
CA GLU A 74 -1.22 -3.10 3.93
C GLU A 74 -1.57 -2.70 5.37
N GLU A 75 -0.64 -2.83 6.28
CA GLU A 75 -0.93 -2.46 7.69
C GLU A 75 -1.06 -0.93 7.84
N ILE A 76 -0.07 -0.21 7.39
CA ILE A 76 -0.14 1.28 7.49
C ILE A 76 -1.26 1.81 6.61
N ALA A 77 -1.54 1.13 5.52
CA ALA A 77 -2.64 1.58 4.62
C ALA A 77 -3.97 1.43 5.34
N GLU A 78 -4.10 0.40 6.15
CA GLU A 78 -5.38 0.19 6.89
C GLU A 78 -5.29 0.83 8.27
N ASP A 79 -4.34 1.69 8.47
CA ASP A 79 -4.19 2.36 9.80
C ASP A 79 -3.17 3.50 9.70
N PRO A 80 -3.58 4.67 10.15
CA PRO A 80 -2.70 5.85 10.12
C PRO A 80 -1.44 5.62 10.97
N GLY A 81 -1.59 5.68 12.26
CA GLY A 81 -0.40 5.47 13.15
C GLY A 81 0.42 6.76 13.18
N THR A 82 1.73 6.64 13.19
CA THR A 82 2.58 7.86 13.21
C THR A 82 2.68 8.46 11.81
N CYS A 83 2.45 7.67 10.80
CA CYS A 83 2.53 8.19 9.42
C CYS A 83 1.62 9.41 9.27
N GLU A 84 0.38 9.30 9.65
CA GLU A 84 -0.57 10.45 9.53
C GLU A 84 -0.05 11.66 10.31
N ILE A 85 0.62 11.45 11.41
CA ILE A 85 1.12 12.61 12.21
C ILE A 85 2.58 12.92 11.84
N CYS A 86 3.08 12.34 10.79
CA CYS A 86 4.49 12.60 10.37
C CYS A 86 5.45 12.23 11.50
N ALA A 87 4.99 11.52 12.50
CA ALA A 87 5.89 11.13 13.62
C ALA A 87 6.95 10.15 13.12
N TYR A 88 6.75 9.58 11.97
CA TYR A 88 7.74 8.61 11.41
C TYR A 88 7.96 8.86 9.92
N ALA A 89 8.99 8.28 9.36
CA ALA A 89 9.26 8.49 7.91
C ALA A 89 8.25 7.70 7.07
N ALA A 90 7.30 7.06 7.70
CA ALA A 90 6.29 6.28 6.93
C ALA A 90 5.47 7.20 6.03
N CYS A 91 5.13 8.36 6.51
CA CYS A 91 4.33 9.31 5.67
C CYS A 91 5.21 10.42 5.12
N THR A 92 5.32 10.52 3.83
CA THR A 92 6.17 11.58 3.23
C THR A 92 5.30 12.62 2.50
N GLY A 93 4.01 12.49 2.62
CA GLY A 93 3.10 13.45 1.95
C GLY A 93 3.14 14.79 2.70
N CYS A 94 2.83 14.77 3.97
CA CYS A 94 2.84 16.02 4.77
C CYS A 94 4.09 16.84 4.46
N VAL A 1 -0.83 13.33 1.53
CA VAL A 1 -0.32 12.44 2.62
C VAL A 1 -0.26 10.99 2.14
N THR A 2 0.91 10.52 1.79
CA THR A 2 1.04 9.12 1.30
C THR A 2 2.09 8.36 2.10
N VAL A 3 1.98 7.06 2.14
CA VAL A 3 2.98 6.24 2.88
C VAL A 3 4.04 5.75 1.91
N GLN A 4 5.29 6.05 2.15
CA GLN A 4 6.35 5.61 1.20
C GLN A 4 7.49 4.90 1.94
N ASP A 5 8.49 4.49 1.20
CA ASP A 5 9.67 3.81 1.81
C ASP A 5 10.95 4.33 1.17
N GLY A 6 11.09 4.17 -0.11
CA GLY A 6 12.31 4.67 -0.81
C GLY A 6 12.00 6.05 -1.38
N ASN A 7 12.53 6.37 -2.53
CA ASN A 7 12.27 7.70 -3.13
C ASN A 7 10.90 7.71 -3.83
N PHE A 8 10.13 6.67 -3.68
CA PHE A 8 8.79 6.62 -4.34
C PHE A 8 7.67 6.68 -3.29
N SER A 9 6.64 7.41 -3.56
CA SER A 9 5.51 7.51 -2.58
C SER A 9 4.34 6.62 -3.01
N PHE A 10 3.72 5.94 -2.09
CA PHE A 10 2.57 5.07 -2.45
C PHE A 10 1.33 5.45 -1.65
N SER A 11 0.20 5.54 -2.29
CA SER A 11 -1.05 5.91 -1.55
C SER A 11 -1.55 4.71 -0.73
N LEU A 12 -2.53 4.92 0.11
CA LEU A 12 -3.06 3.80 0.93
C LEU A 12 -4.40 3.31 0.38
N GLU A 13 -4.90 3.95 -0.64
CA GLU A 13 -6.22 3.53 -1.21
C GLU A 13 -6.12 2.11 -1.79
N SER A 14 -5.44 1.96 -2.89
CA SER A 14 -5.32 0.61 -3.53
C SER A 14 -4.72 -0.41 -2.56
N VAL A 15 -3.75 -0.01 -1.77
CA VAL A 15 -3.15 -0.99 -0.81
C VAL A 15 -4.22 -1.48 0.15
N LYS A 16 -4.95 -0.59 0.75
CA LYS A 16 -6.02 -1.03 1.69
C LYS A 16 -6.97 -1.97 0.94
N LYS A 17 -7.52 -1.50 -0.15
CA LYS A 17 -8.44 -2.37 -0.95
C LYS A 17 -7.63 -3.33 -1.82
N LEU A 18 -6.35 -3.42 -1.60
CA LEU A 18 -5.52 -4.33 -2.43
C LEU A 18 -5.75 -5.78 -2.00
N LYS A 19 -6.44 -5.98 -0.91
CA LYS A 19 -6.72 -7.37 -0.44
C LYS A 19 -7.60 -8.08 -1.47
N ASP A 20 -8.45 -7.35 -2.13
CA ASP A 20 -9.33 -7.95 -3.17
C ASP A 20 -9.18 -7.20 -4.49
N LEU A 21 -8.81 -7.88 -5.54
CA LEU A 21 -8.64 -7.18 -6.85
C LEU A 21 -9.81 -7.49 -7.78
N GLN A 22 -10.60 -6.51 -8.12
CA GLN A 22 -11.76 -6.75 -9.04
C GLN A 22 -12.59 -5.48 -9.18
N GLU A 23 -13.37 -5.40 -10.22
CA GLU A 23 -14.21 -4.17 -10.43
C GLU A 23 -13.33 -2.92 -10.43
N PRO A 24 -13.95 -1.80 -10.65
CA PRO A 24 -13.22 -0.51 -10.67
C PRO A 24 -12.55 -0.24 -9.32
N GLN A 25 -11.62 0.66 -9.28
CA GLN A 25 -10.92 0.96 -8.00
C GLN A 25 -11.03 2.45 -7.66
N GLU A 26 -10.76 2.81 -6.43
CA GLU A 26 -10.83 4.24 -6.04
C GLU A 26 -12.27 4.77 -6.18
N PRO A 27 -13.19 4.06 -5.57
CA PRO A 27 -14.61 4.47 -5.63
C PRO A 27 -14.81 5.85 -4.99
N ARG A 28 -15.83 6.56 -5.37
CA ARG A 28 -16.06 7.90 -4.77
C ARG A 28 -16.81 7.77 -3.45
N VAL A 29 -16.13 7.48 -2.38
CA VAL A 29 -16.80 7.33 -1.06
C VAL A 29 -16.26 8.35 -0.07
N GLY A 30 -17.12 8.97 0.69
CA GLY A 30 -16.65 9.98 1.69
C GLY A 30 -16.13 9.25 2.93
N LYS A 31 -16.26 7.96 2.97
CA LYS A 31 -15.78 7.19 4.16
C LYS A 31 -14.24 7.23 4.22
N LEU A 32 -13.69 7.24 5.40
CA LEU A 32 -12.21 7.29 5.53
C LEU A 32 -11.61 5.91 5.22
N ARG A 33 -10.54 5.87 4.48
CA ARG A 33 -9.91 4.57 4.14
C ARG A 33 -9.22 3.97 5.38
N ASN A 34 -9.40 2.69 5.61
CA ASN A 34 -8.78 2.05 6.80
C ASN A 34 -9.15 0.56 6.84
N PHE A 35 -8.90 -0.16 5.78
CA PHE A 35 -9.24 -1.60 5.76
C PHE A 35 -8.00 -2.44 6.08
N ALA A 36 -8.10 -3.36 7.01
CA ALA A 36 -6.92 -4.21 7.36
C ALA A 36 -6.75 -5.33 6.33
N PRO A 37 -5.70 -5.22 5.55
CA PRO A 37 -5.42 -6.24 4.50
C PRO A 37 -5.03 -7.58 5.14
N ILE A 38 -4.33 -8.40 4.42
CA ILE A 38 -3.90 -9.72 4.99
C ILE A 38 -2.39 -9.91 4.79
N PRO A 39 -1.62 -9.25 5.61
CA PRO A 39 -0.15 -9.33 5.53
C PRO A 39 0.33 -10.78 5.77
N GLY A 40 1.37 -11.19 5.11
CA GLY A 40 1.88 -12.58 5.31
C GLY A 40 1.30 -13.49 4.22
N GLU A 41 0.69 -12.93 3.22
CA GLU A 41 0.11 -13.77 2.13
C GLU A 41 1.11 -13.89 0.97
N PRO A 42 1.02 -15.00 0.27
CA PRO A 42 1.93 -15.25 -0.88
C PRO A 42 1.73 -14.16 -1.94
N VAL A 43 2.71 -13.32 -2.13
CA VAL A 43 2.57 -12.25 -3.15
C VAL A 43 3.82 -12.15 -4.02
N VAL A 44 3.68 -11.69 -5.24
CA VAL A 44 4.84 -11.56 -6.15
C VAL A 44 5.55 -12.90 -6.35
N PRO A 45 4.81 -13.88 -6.81
CA PRO A 45 5.39 -15.21 -7.07
C PRO A 45 6.49 -15.08 -8.15
N ILE A 46 6.38 -14.05 -8.94
CA ILE A 46 7.40 -13.80 -10.00
C ILE A 46 7.35 -12.31 -10.36
N LEU A 47 6.20 -11.71 -10.22
CA LEU A 47 6.05 -10.25 -10.51
C LEU A 47 5.06 -9.66 -9.51
N CYS A 48 3.91 -9.21 -9.97
CA CYS A 48 2.92 -8.63 -9.02
C CYS A 48 1.68 -9.54 -8.96
N SER A 49 1.28 -9.94 -7.80
CA SER A 49 0.08 -10.82 -7.68
C SER A 49 -1.16 -10.13 -8.25
N ASN A 50 -1.58 -9.05 -7.65
CA ASN A 50 -2.78 -8.33 -8.16
C ASN A 50 -2.47 -7.61 -9.48
N PRO A 51 -3.09 -8.07 -10.54
CA PRO A 51 -2.88 -7.45 -11.86
C PRO A 51 -3.34 -5.99 -11.87
N ASN A 52 -4.05 -5.59 -10.87
CA ASN A 52 -4.53 -4.17 -10.81
C ASN A 52 -4.16 -3.54 -9.47
N PHE A 53 -3.04 -3.93 -8.93
CA PHE A 53 -2.61 -3.34 -7.62
C PHE A 53 -1.98 -1.97 -7.86
N PRO A 54 -1.54 -1.34 -6.80
CA PRO A 54 -0.90 -0.03 -6.93
C PRO A 54 0.34 -0.16 -7.82
N GLU A 55 0.14 -0.29 -9.10
CA GLU A 55 1.29 -0.47 -10.03
C GLU A 55 2.45 0.42 -9.61
N GLU A 56 2.17 1.51 -8.95
CA GLU A 56 3.28 2.38 -8.49
C GLU A 56 4.26 1.53 -7.67
N LEU A 57 3.81 0.38 -7.22
CA LEU A 57 4.70 -0.52 -6.44
C LEU A 57 5.39 -1.51 -7.38
N LYS A 58 5.23 -1.33 -8.66
CA LYS A 58 5.87 -2.26 -9.65
C LYS A 58 7.28 -2.62 -9.18
N PRO A 59 8.07 -1.63 -8.87
CA PRO A 59 9.45 -1.88 -8.40
C PRO A 59 9.42 -2.84 -7.22
N LEU A 60 8.49 -2.65 -6.31
CA LEU A 60 8.42 -3.56 -5.13
C LEU A 60 8.29 -5.01 -5.61
N CYS A 61 7.48 -5.25 -6.60
CA CYS A 61 7.33 -6.64 -7.12
C CYS A 61 8.62 -7.10 -7.80
N LYS A 62 9.35 -6.19 -8.37
CA LYS A 62 10.62 -6.59 -9.06
C LYS A 62 11.74 -6.78 -8.04
N GLU A 63 11.48 -6.52 -6.79
CA GLU A 63 12.54 -6.69 -5.75
C GLU A 63 12.15 -7.82 -4.79
N PRO A 64 13.13 -8.58 -4.38
CA PRO A 64 12.90 -9.71 -3.45
C PRO A 64 12.33 -9.22 -2.11
N ASN A 65 12.46 -7.94 -1.84
CA ASN A 65 11.93 -7.42 -0.55
C ASN A 65 10.42 -7.20 -0.65
N ALA A 66 9.86 -7.33 -1.82
CA ALA A 66 8.39 -7.14 -1.96
C ALA A 66 7.64 -7.96 -0.92
N GLN A 67 8.12 -9.14 -0.62
CA GLN A 67 7.42 -9.99 0.39
C GLN A 67 7.45 -9.31 1.76
N GLU A 68 8.54 -8.67 2.09
CA GLU A 68 8.63 -7.98 3.42
C GLU A 68 7.92 -6.62 3.32
N ILE A 69 8.07 -5.95 2.22
CA ILE A 69 7.40 -4.62 2.06
C ILE A 69 5.88 -4.84 1.98
N LEU A 70 5.46 -5.83 1.23
CA LEU A 70 4.00 -6.10 1.11
C LEU A 70 3.36 -6.17 2.49
N GLN A 71 3.80 -7.06 3.33
CA GLN A 71 3.20 -7.17 4.68
C GLN A 71 3.16 -5.80 5.37
N ARG A 72 4.29 -5.15 5.46
CA ARG A 72 4.33 -3.80 6.11
C ARG A 72 3.33 -2.86 5.45
N LEU A 73 3.52 -2.56 4.20
CA LEU A 73 2.59 -1.64 3.49
C LEU A 73 1.14 -1.96 3.88
N GLU A 74 0.76 -3.21 3.80
CA GLU A 74 -0.62 -3.60 4.17
C GLU A 74 -0.94 -3.15 5.60
N GLU A 75 -0.05 -3.38 6.53
CA GLU A 75 -0.30 -2.96 7.94
C GLU A 75 -0.63 -1.47 7.99
N ILE A 76 0.22 -0.64 7.44
CA ILE A 76 -0.05 0.82 7.46
C ILE A 76 -1.39 1.11 6.77
N ALA A 77 -1.69 0.35 5.75
CA ALA A 77 -2.98 0.55 5.03
C ALA A 77 -4.14 0.35 6.01
N GLU A 78 -3.96 -0.49 6.99
CA GLU A 78 -5.04 -0.74 7.98
C GLU A 78 -5.38 0.56 8.74
N ASP A 79 -4.40 1.33 9.09
CA ASP A 79 -4.68 2.60 9.83
C ASP A 79 -3.63 3.67 9.49
N PRO A 80 -3.98 4.89 9.73
CA PRO A 80 -3.07 6.02 9.46
C PRO A 80 -1.82 5.93 10.32
N GLY A 81 -1.98 5.95 11.62
CA GLY A 81 -0.77 5.86 12.50
C GLY A 81 -0.11 7.23 12.57
N THR A 82 1.20 7.26 12.57
CA THR A 82 1.91 8.58 12.63
C THR A 82 2.01 9.16 11.22
N CYS A 83 1.84 8.34 10.21
CA CYS A 83 1.94 8.85 8.82
C CYS A 83 0.90 9.96 8.60
N GLU A 84 -0.33 9.70 8.89
CA GLU A 84 -1.40 10.74 8.69
C GLU A 84 -1.09 12.00 9.51
N ILE A 85 -0.35 11.87 10.58
CA ILE A 85 -0.05 13.07 11.40
C ILE A 85 1.39 13.54 11.17
N CYS A 86 2.01 13.09 10.10
CA CYS A 86 3.41 13.51 9.81
C CYS A 86 4.30 13.31 11.04
N ALA A 87 3.87 12.50 11.97
CA ALA A 87 4.71 12.28 13.19
C ALA A 87 6.02 11.59 12.80
N TYR A 88 6.10 11.08 11.61
CA TYR A 88 7.35 10.39 11.17
C TYR A 88 7.54 10.57 9.66
N ALA A 89 8.59 10.03 9.12
CA ALA A 89 8.83 10.17 7.65
C ALA A 89 7.94 9.20 6.87
N ALA A 90 7.11 8.46 7.57
CA ALA A 90 6.22 7.49 6.88
C ALA A 90 5.32 8.21 5.87
N CYS A 91 4.83 9.36 6.24
CA CYS A 91 3.94 10.12 5.31
C CYS A 91 4.66 11.34 4.74
N THR A 92 4.64 11.49 3.44
CA THR A 92 5.33 12.66 2.82
C THR A 92 4.29 13.64 2.26
N GLY A 93 4.67 14.87 2.06
CA GLY A 93 3.72 15.87 1.53
C GLY A 93 3.17 16.72 2.67
N CYS A 94 3.40 16.30 3.88
CA CYS A 94 2.90 17.09 5.05
C CYS A 94 3.36 18.55 4.95
N VAL A 1 -1.32 13.23 2.29
CA VAL A 1 -0.64 12.22 3.14
C VAL A 1 -0.42 10.92 2.35
N THR A 2 0.81 10.57 2.10
CA THR A 2 1.07 9.31 1.34
C THR A 2 2.14 8.46 2.03
N VAL A 3 2.06 7.17 1.88
CA VAL A 3 3.08 6.28 2.52
C VAL A 3 4.21 6.01 1.52
N GLN A 4 5.42 6.39 1.85
CA GLN A 4 6.55 6.16 0.91
C GLN A 4 7.57 5.21 1.50
N ASP A 5 8.22 4.44 0.67
CA ASP A 5 9.26 3.48 1.17
C ASP A 5 10.64 4.12 1.04
N GLY A 6 11.15 4.20 -0.15
CA GLY A 6 12.50 4.81 -0.34
C GLY A 6 12.32 6.24 -0.85
N ASN A 7 12.86 6.54 -2.00
CA ASN A 7 12.71 7.91 -2.55
C ASN A 7 11.40 8.04 -3.33
N PHE A 8 10.51 7.09 -3.16
CA PHE A 8 9.21 7.15 -3.88
C PHE A 8 8.05 7.04 -2.89
N SER A 9 6.93 7.66 -3.19
CA SER A 9 5.78 7.60 -2.24
C SER A 9 4.67 6.69 -2.80
N PHE A 10 4.08 5.88 -1.96
CA PHE A 10 2.99 4.97 -2.44
C PHE A 10 1.70 5.28 -1.68
N SER A 11 0.60 5.40 -2.39
CA SER A 11 -0.69 5.69 -1.71
C SER A 11 -1.12 4.50 -0.86
N LEU A 12 -2.04 4.69 0.04
CA LEU A 12 -2.50 3.56 0.90
C LEU A 12 -3.83 3.00 0.39
N GLU A 13 -4.40 3.62 -0.60
CA GLU A 13 -5.71 3.12 -1.14
C GLU A 13 -5.51 1.80 -1.87
N SER A 14 -4.91 1.81 -3.03
CA SER A 14 -4.70 0.53 -3.78
C SER A 14 -4.25 -0.58 -2.83
N VAL A 15 -3.18 -0.35 -2.10
CA VAL A 15 -2.69 -1.40 -1.17
C VAL A 15 -3.84 -1.88 -0.27
N LYS A 16 -4.63 -0.98 0.25
CA LYS A 16 -5.78 -1.42 1.10
C LYS A 16 -6.63 -2.39 0.29
N LYS A 17 -7.16 -1.94 -0.82
CA LYS A 17 -7.98 -2.84 -1.68
C LYS A 17 -7.06 -3.74 -2.51
N LEU A 18 -5.82 -3.86 -2.14
CA LEU A 18 -4.87 -4.72 -2.91
C LEU A 18 -5.31 -6.19 -2.81
N LYS A 19 -5.72 -6.61 -1.65
CA LYS A 19 -6.15 -8.03 -1.48
C LYS A 19 -7.22 -8.38 -2.53
N ASP A 20 -8.14 -7.51 -2.77
CA ASP A 20 -9.20 -7.80 -3.78
C ASP A 20 -9.50 -6.54 -4.61
N LEU A 21 -8.68 -6.25 -5.57
CA LEU A 21 -8.92 -5.03 -6.41
C LEU A 21 -9.49 -5.45 -7.78
N GLN A 22 -10.56 -4.83 -8.20
CA GLN A 22 -11.16 -5.20 -9.52
C GLN A 22 -10.81 -4.14 -10.58
N GLU A 23 -11.36 -4.29 -11.76
CA GLU A 23 -11.06 -3.30 -12.84
C GLU A 23 -11.11 -1.87 -12.29
N PRO A 24 -12.21 -1.54 -11.67
CA PRO A 24 -12.37 -0.17 -11.09
C PRO A 24 -11.27 0.11 -10.07
N GLN A 25 -10.75 1.32 -10.07
CA GLN A 25 -9.67 1.66 -9.11
C GLN A 25 -10.14 1.44 -7.67
N GLU A 26 -11.39 1.73 -7.39
CA GLU A 26 -11.90 1.53 -6.01
C GLU A 26 -13.43 1.55 -6.00
N PRO A 27 -14.01 0.38 -5.93
CA PRO A 27 -15.49 0.26 -5.91
C PRO A 27 -16.06 0.94 -4.67
N ARG A 28 -15.27 1.08 -3.63
CA ARG A 28 -15.77 1.75 -2.39
C ARG A 28 -14.80 2.85 -1.96
N VAL A 29 -15.31 3.96 -1.49
CA VAL A 29 -14.41 5.07 -1.06
C VAL A 29 -14.75 5.50 0.37
N GLY A 30 -13.75 5.81 1.16
CA GLY A 30 -14.02 6.24 2.56
C GLY A 30 -13.15 7.45 2.90
N LYS A 31 -13.56 8.25 3.84
CA LYS A 31 -12.76 9.44 4.21
C LYS A 31 -11.35 9.01 4.67
N LEU A 32 -11.28 8.03 5.53
CA LEU A 32 -9.93 7.57 5.99
C LEU A 32 -9.77 6.08 5.73
N ARG A 33 -8.61 5.67 5.26
CA ARG A 33 -8.39 4.22 4.98
C ARG A 33 -7.79 3.53 6.21
N ASN A 34 -8.54 2.64 6.82
CA ASN A 34 -8.02 1.93 8.02
C ASN A 34 -8.42 0.46 7.99
N PHE A 35 -9.01 0.01 6.92
CA PHE A 35 -9.44 -1.43 6.84
C PHE A 35 -8.46 -2.22 5.97
N ALA A 36 -7.20 -1.92 6.05
CA ALA A 36 -6.20 -2.65 5.22
C ALA A 36 -6.43 -4.16 5.34
N PRO A 37 -6.06 -4.88 4.31
CA PRO A 37 -6.21 -6.35 4.29
C PRO A 37 -5.31 -7.01 5.35
N ILE A 38 -4.63 -6.22 6.13
CA ILE A 38 -3.73 -6.79 7.19
C ILE A 38 -2.48 -7.40 6.53
N PRO A 39 -1.35 -7.13 7.12
CA PRO A 39 -0.06 -7.64 6.60
C PRO A 39 -0.03 -9.17 6.67
N GLY A 40 0.97 -9.78 6.10
CA GLY A 40 1.06 -11.27 6.15
C GLY A 40 0.41 -11.86 4.90
N GLU A 41 0.22 -11.06 3.88
CA GLU A 41 -0.41 -11.59 2.64
C GLU A 41 0.35 -11.08 1.40
N PRO A 42 1.45 -11.73 1.13
CA PRO A 42 2.30 -11.36 -0.03
C PRO A 42 1.51 -11.52 -1.34
N VAL A 43 1.53 -10.53 -2.18
CA VAL A 43 0.78 -10.64 -3.46
C VAL A 43 1.72 -10.52 -4.65
N VAL A 44 2.76 -11.31 -4.69
CA VAL A 44 3.71 -11.24 -5.83
C VAL A 44 4.59 -12.50 -5.88
N PRO A 45 3.96 -13.64 -5.89
CA PRO A 45 4.69 -14.92 -5.95
C PRO A 45 5.52 -14.99 -7.24
N ILE A 46 4.99 -14.45 -8.30
CA ILE A 46 5.72 -14.47 -9.60
C ILE A 46 5.67 -13.08 -10.26
N LEU A 47 4.68 -12.29 -9.95
CA LEU A 47 4.58 -10.94 -10.56
C LEU A 47 3.26 -10.27 -10.15
N CYS A 48 3.27 -9.53 -9.07
CA CYS A 48 2.02 -8.84 -8.62
C CYS A 48 0.80 -9.74 -8.83
N SER A 49 0.39 -10.46 -7.82
CA SER A 49 -0.81 -11.34 -7.98
C SER A 49 -1.99 -10.54 -8.50
N ASN A 50 -2.30 -9.44 -7.88
CA ASN A 50 -3.44 -8.60 -8.35
C ASN A 50 -3.11 -7.90 -9.67
N PRO A 51 -3.79 -8.31 -10.71
CA PRO A 51 -3.56 -7.71 -12.04
C PRO A 51 -3.93 -6.23 -12.02
N ASN A 52 -4.56 -5.78 -10.97
CA ASN A 52 -4.94 -4.35 -10.88
C ASN A 52 -4.50 -3.75 -9.54
N PHE A 53 -3.39 -4.19 -9.02
CA PHE A 53 -2.90 -3.63 -7.72
C PHE A 53 -2.23 -2.28 -8.00
N PRO A 54 -1.77 -1.65 -6.96
CA PRO A 54 -1.09 -0.34 -7.12
C PRO A 54 0.09 -0.50 -8.08
N GLU A 55 -0.18 -0.63 -9.35
CA GLU A 55 0.92 -0.82 -10.34
C GLU A 55 2.11 0.07 -9.99
N GLU A 56 1.88 1.16 -9.32
CA GLU A 56 3.02 2.03 -8.93
C GLU A 56 4.01 1.20 -8.11
N LEU A 57 3.57 0.06 -7.64
CA LEU A 57 4.47 -0.82 -6.85
C LEU A 57 5.15 -1.82 -7.78
N LYS A 58 5.10 -1.58 -9.06
CA LYS A 58 5.76 -2.52 -10.02
C LYS A 58 7.10 -2.99 -9.46
N PRO A 59 7.90 -2.05 -9.02
CA PRO A 59 9.22 -2.42 -8.44
C PRO A 59 9.02 -3.41 -7.29
N LEU A 60 8.11 -3.11 -6.40
CA LEU A 60 7.86 -4.05 -5.26
C LEU A 60 7.75 -5.47 -5.78
N CYS A 61 6.92 -5.70 -6.75
CA CYS A 61 6.77 -7.07 -7.30
C CYS A 61 8.05 -7.51 -8.02
N LYS A 62 8.76 -6.58 -8.59
CA LYS A 62 10.02 -6.95 -9.31
C LYS A 62 11.17 -7.16 -8.32
N GLU A 63 10.91 -7.06 -7.05
CA GLU A 63 12.00 -7.27 -6.06
C GLU A 63 11.59 -8.31 -5.01
N PRO A 64 12.54 -9.10 -4.59
CA PRO A 64 12.28 -10.15 -3.59
C PRO A 64 11.79 -9.53 -2.26
N ASN A 65 12.01 -8.27 -2.07
CA ASN A 65 11.57 -7.63 -0.80
C ASN A 65 10.06 -7.31 -0.85
N ALA A 66 9.45 -7.46 -1.99
CA ALA A 66 8.00 -7.17 -2.09
C ALA A 66 7.25 -7.86 -0.94
N GLN A 67 7.61 -9.08 -0.65
CA GLN A 67 6.93 -9.81 0.45
C GLN A 67 7.10 -9.06 1.78
N GLU A 68 8.28 -8.57 2.04
CA GLU A 68 8.50 -7.82 3.33
C GLU A 68 7.96 -6.40 3.19
N ILE A 69 8.16 -5.78 2.06
CA ILE A 69 7.66 -4.39 1.85
C ILE A 69 6.12 -4.40 1.84
N LEU A 70 5.54 -5.29 1.09
CA LEU A 70 4.06 -5.35 1.03
C LEU A 70 3.47 -5.40 2.44
N GLN A 71 3.88 -6.35 3.23
CA GLN A 71 3.36 -6.44 4.63
C GLN A 71 3.39 -5.07 5.29
N ARG A 72 4.52 -4.41 5.27
CA ARG A 72 4.61 -3.06 5.90
C ARG A 72 3.55 -2.14 5.32
N LEU A 73 3.47 -2.04 4.02
CA LEU A 73 2.44 -1.16 3.40
C LEU A 73 1.05 -1.50 3.94
N GLU A 74 0.68 -2.75 3.88
CA GLU A 74 -0.66 -3.15 4.39
C GLU A 74 -0.83 -2.71 5.85
N GLU A 75 0.20 -2.79 6.64
CA GLU A 75 0.09 -2.39 8.06
C GLU A 75 -0.19 -0.88 8.20
N ILE A 76 0.63 -0.07 7.59
CA ILE A 76 0.39 1.40 7.67
C ILE A 76 -0.97 1.75 7.06
N ALA A 77 -1.31 1.09 5.99
CA ALA A 77 -2.63 1.36 5.35
C ALA A 77 -3.76 1.01 6.33
N GLU A 78 -3.49 0.09 7.22
CA GLU A 78 -4.53 -0.31 8.21
C GLU A 78 -4.87 0.83 9.16
N ASP A 79 -3.92 1.65 9.52
CA ASP A 79 -4.22 2.76 10.46
C ASP A 79 -3.12 3.84 10.41
N PRO A 80 -3.35 4.85 9.63
CA PRO A 80 -2.39 5.97 9.50
C PRO A 80 -2.30 6.76 10.80
N GLY A 81 -2.23 6.08 11.92
CA GLY A 81 -2.15 6.79 13.24
C GLY A 81 -1.04 7.83 13.20
N THR A 82 0.19 7.41 13.26
CA THR A 82 1.33 8.38 13.23
C THR A 82 1.44 9.02 11.85
N CYS A 83 1.63 8.23 10.83
CA CYS A 83 1.76 8.79 9.47
C CYS A 83 0.78 9.94 9.26
N GLU A 84 -0.46 9.78 9.65
CA GLU A 84 -1.45 10.87 9.47
C GLU A 84 -1.06 12.09 10.30
N ILE A 85 -0.33 11.90 11.36
CA ILE A 85 0.06 13.06 12.20
C ILE A 85 1.55 13.36 12.01
N CYS A 86 2.14 12.89 10.95
CA CYS A 86 3.58 13.17 10.70
C CYS A 86 4.43 12.64 11.85
N ALA A 87 3.88 11.79 12.67
CA ALA A 87 4.67 11.25 13.81
C ALA A 87 5.90 10.50 13.29
N TYR A 88 5.84 10.04 12.06
CA TYR A 88 7.00 9.30 11.49
C TYR A 88 7.18 9.66 10.01
N ALA A 89 8.28 9.27 9.43
CA ALA A 89 8.52 9.60 8.00
C ALA A 89 7.73 8.65 7.09
N ALA A 90 6.91 7.81 7.67
CA ALA A 90 6.11 6.85 6.84
C ALA A 90 5.14 7.62 5.95
N CYS A 91 4.47 8.62 6.49
CA CYS A 91 3.51 9.40 5.67
C CYS A 91 4.19 10.64 5.08
N THR A 92 3.99 10.89 3.81
CA THR A 92 4.61 12.09 3.19
C THR A 92 3.54 13.06 2.71
N GLY A 93 3.86 14.32 2.61
CA GLY A 93 2.85 15.32 2.17
C GLY A 93 2.31 16.08 3.37
N CYS A 94 2.65 15.64 4.56
CA CYS A 94 2.16 16.34 5.79
C CYS A 94 2.14 17.85 5.57
N VAL A 1 -0.55 13.48 1.97
CA VAL A 1 0.18 12.51 2.85
C VAL A 1 0.09 11.10 2.26
N THR A 2 1.19 10.56 1.81
CA THR A 2 1.15 9.19 1.21
C THR A 2 2.19 8.28 1.88
N VAL A 3 1.97 7.00 1.84
CA VAL A 3 2.94 6.06 2.46
C VAL A 3 3.97 5.62 1.41
N GLN A 4 5.22 5.93 1.62
CA GLN A 4 6.25 5.54 0.61
C GLN A 4 7.40 4.78 1.27
N ASP A 5 8.32 4.30 0.46
CA ASP A 5 9.48 3.56 1.01
C ASP A 5 10.75 4.00 0.29
N GLY A 6 10.78 3.86 -1.01
CA GLY A 6 11.98 4.29 -1.79
C GLY A 6 11.71 5.67 -2.40
N ASN A 7 12.13 5.89 -3.60
CA ASN A 7 11.89 7.21 -4.24
C ASN A 7 10.45 7.30 -4.77
N PHE A 8 9.67 6.27 -4.56
CA PHE A 8 8.26 6.29 -5.04
C PHE A 8 7.29 6.37 -3.86
N SER A 9 6.12 6.93 -4.07
CA SER A 9 5.13 7.04 -2.97
C SER A 9 3.93 6.14 -3.24
N PHE A 10 3.46 5.43 -2.25
CA PHE A 10 2.29 4.54 -2.44
C PHE A 10 1.11 5.00 -1.58
N SER A 11 -0.04 5.17 -2.18
CA SER A 11 -1.23 5.63 -1.39
C SER A 11 -1.74 4.49 -0.50
N LEU A 12 -2.56 4.81 0.47
CA LEU A 12 -3.09 3.75 1.38
C LEU A 12 -4.32 3.09 0.76
N GLU A 13 -5.01 3.78 -0.11
CA GLU A 13 -6.23 3.19 -0.74
C GLU A 13 -5.85 1.97 -1.59
N SER A 14 -5.17 2.17 -2.69
CA SER A 14 -4.78 1.02 -3.54
C SER A 14 -4.26 -0.13 -2.68
N VAL A 15 -3.33 0.15 -1.81
CA VAL A 15 -2.80 -0.92 -0.93
C VAL A 15 -3.93 -1.52 -0.11
N LYS A 16 -4.72 -0.68 0.52
CA LYS A 16 -5.86 -1.22 1.31
C LYS A 16 -6.69 -2.14 0.41
N LYS A 17 -7.14 -1.63 -0.70
CA LYS A 17 -7.94 -2.46 -1.65
C LYS A 17 -7.00 -3.31 -2.51
N LEU A 18 -5.75 -3.41 -2.13
CA LEU A 18 -4.79 -4.23 -2.93
C LEU A 18 -5.19 -5.72 -2.87
N LYS A 19 -5.47 -6.22 -1.71
CA LYS A 19 -5.86 -7.66 -1.60
C LYS A 19 -7.11 -7.92 -2.44
N ASP A 20 -8.10 -7.08 -2.31
CA ASP A 20 -9.35 -7.27 -3.10
C ASP A 20 -9.38 -6.28 -4.27
N LEU A 21 -9.48 -6.77 -5.48
CA LEU A 21 -9.50 -5.85 -6.65
C LEU A 21 -10.93 -5.66 -7.16
N GLN A 22 -11.32 -4.43 -7.38
CA GLN A 22 -12.70 -4.16 -7.89
C GLN A 22 -12.67 -3.03 -8.91
N GLU A 23 -13.77 -2.75 -9.54
CA GLU A 23 -13.79 -1.66 -10.56
C GLU A 23 -12.87 -0.51 -10.13
N PRO A 24 -11.68 -0.51 -10.67
CA PRO A 24 -10.68 0.53 -10.34
C PRO A 24 -11.18 1.91 -10.76
N GLN A 25 -10.97 2.91 -9.93
CA GLN A 25 -11.43 4.28 -10.28
C GLN A 25 -10.50 5.31 -9.64
N GLU A 26 -10.25 5.17 -8.36
CA GLU A 26 -9.36 6.14 -7.66
C GLU A 26 -9.71 7.58 -8.02
N PRO A 27 -10.95 7.93 -7.83
CA PRO A 27 -11.42 9.30 -8.14
C PRO A 27 -10.67 10.32 -7.28
N ARG A 28 -10.65 10.09 -5.98
CA ARG A 28 -9.94 11.03 -5.07
C ARG A 28 -9.45 10.29 -3.84
N VAL A 29 -8.68 10.93 -3.01
CA VAL A 29 -8.16 10.24 -1.77
C VAL A 29 -9.34 9.67 -0.97
N GLY A 30 -9.26 8.41 -0.63
CA GLY A 30 -10.37 7.80 0.16
C GLY A 30 -10.25 8.20 1.63
N LYS A 31 -11.13 9.03 2.11
CA LYS A 31 -11.06 9.46 3.53
C LYS A 31 -11.25 8.25 4.45
N LEU A 32 -12.01 7.29 4.03
CA LEU A 32 -12.23 6.09 4.89
C LEU A 32 -11.31 4.94 4.45
N ARG A 33 -10.67 4.31 5.40
CA ARG A 33 -9.75 3.19 5.06
C ARG A 33 -9.20 2.57 6.34
N ASN A 34 -10.06 2.16 7.24
CA ASN A 34 -9.58 1.57 8.52
C ASN A 34 -9.56 0.04 8.43
N PHE A 35 -10.71 -0.57 8.40
CA PHE A 35 -10.78 -2.06 8.33
C PHE A 35 -10.04 -2.57 7.09
N ALA A 36 -8.74 -2.65 7.17
CA ALA A 36 -7.96 -3.16 6.00
C ALA A 36 -8.01 -4.69 5.94
N PRO A 37 -7.66 -5.22 4.81
CA PRO A 37 -7.65 -6.70 4.62
C PRO A 37 -6.65 -7.37 5.56
N ILE A 38 -5.91 -6.59 6.31
CA ILE A 38 -4.91 -7.18 7.24
C ILE A 38 -3.84 -7.93 6.45
N PRO A 39 -2.60 -7.70 6.80
CA PRO A 39 -1.47 -8.37 6.12
C PRO A 39 -1.55 -9.89 6.29
N GLY A 40 -0.86 -10.63 5.47
CA GLY A 40 -0.90 -12.11 5.59
C GLY A 40 -0.80 -12.76 4.20
N GLU A 41 -0.85 -11.97 3.17
CA GLU A 41 -0.77 -12.54 1.79
C GLU A 41 0.45 -11.98 1.05
N PRO A 42 1.62 -12.44 1.42
CA PRO A 42 2.87 -11.98 0.78
C PRO A 42 2.87 -12.33 -0.71
N VAL A 43 2.87 -11.33 -1.55
CA VAL A 43 2.88 -11.60 -3.02
C VAL A 43 3.88 -10.69 -3.73
N VAL A 44 4.57 -11.19 -4.72
CA VAL A 44 5.56 -10.34 -5.45
C VAL A 44 6.52 -11.22 -6.28
N PRO A 45 7.08 -12.23 -5.65
CA PRO A 45 8.03 -13.13 -6.34
C PRO A 45 7.35 -13.78 -7.55
N ILE A 46 6.04 -13.80 -7.57
CA ILE A 46 5.32 -14.42 -8.72
C ILE A 46 5.09 -13.36 -9.81
N LEU A 47 4.14 -12.49 -9.61
CA LEU A 47 3.86 -11.43 -10.62
C LEU A 47 2.69 -10.55 -10.17
N CYS A 48 2.88 -9.80 -9.13
CA CYS A 48 1.77 -8.91 -8.64
C CYS A 48 0.43 -9.63 -8.77
N SER A 49 0.01 -10.29 -7.74
CA SER A 49 -1.29 -11.03 -7.79
C SER A 49 -2.43 -10.12 -8.25
N ASN A 50 -2.47 -8.91 -7.75
CA ASN A 50 -3.57 -7.98 -8.16
C ASN A 50 -3.23 -7.33 -9.52
N PRO A 51 -3.98 -7.70 -10.52
CA PRO A 51 -3.76 -7.15 -11.88
C PRO A 51 -3.89 -5.63 -11.87
N ASN A 52 -4.37 -5.06 -10.79
CA ASN A 52 -4.51 -3.58 -10.74
C ASN A 52 -4.10 -3.05 -9.37
N PHE A 53 -3.01 -3.54 -8.82
CA PHE A 53 -2.56 -3.02 -7.49
C PHE A 53 -1.86 -1.69 -7.71
N PRO A 54 -1.44 -1.06 -6.65
CA PRO A 54 -0.74 0.23 -6.77
C PRO A 54 0.49 0.03 -7.64
N GLU A 55 0.29 -0.06 -8.93
CA GLU A 55 1.43 -0.29 -9.87
C GLU A 55 2.65 0.50 -9.40
N GLU A 56 2.44 1.59 -8.74
CA GLU A 56 3.62 2.37 -8.25
C GLU A 56 4.54 1.41 -7.48
N LEU A 57 4.01 0.29 -7.07
CA LEU A 57 4.82 -0.71 -6.32
C LEU A 57 5.56 -1.63 -7.30
N LYS A 58 5.40 -1.38 -8.57
CA LYS A 58 6.08 -2.24 -9.59
C LYS A 58 7.49 -2.60 -9.12
N PRO A 59 8.24 -1.61 -8.71
CA PRO A 59 9.62 -1.85 -8.23
C PRO A 59 9.61 -2.88 -7.10
N LEU A 60 8.68 -2.80 -6.19
CA LEU A 60 8.65 -3.78 -5.07
C LEU A 60 8.48 -5.20 -5.63
N CYS A 61 7.69 -5.36 -6.65
CA CYS A 61 7.49 -6.72 -7.23
C CYS A 61 8.81 -7.27 -7.76
N LYS A 62 9.72 -6.42 -8.14
CA LYS A 62 11.02 -6.90 -8.69
C LYS A 62 12.12 -6.91 -7.62
N GLU A 63 11.78 -6.71 -6.37
CA GLU A 63 12.83 -6.72 -5.32
C GLU A 63 12.39 -7.57 -4.12
N PRO A 64 13.35 -8.19 -3.49
CA PRO A 64 13.09 -9.06 -2.31
C PRO A 64 12.49 -8.25 -1.16
N ASN A 65 12.52 -6.95 -1.25
CA ASN A 65 11.98 -6.11 -0.15
C ASN A 65 10.45 -6.05 -0.22
N ALA A 66 9.89 -6.27 -1.38
CA ALA A 66 8.41 -6.24 -1.49
C ALA A 66 7.78 -7.10 -0.39
N GLN A 67 8.37 -8.22 -0.09
CA GLN A 67 7.81 -9.10 0.97
C GLN A 67 7.70 -8.34 2.29
N GLU A 68 8.71 -7.61 2.66
CA GLU A 68 8.66 -6.84 3.94
C GLU A 68 7.85 -5.56 3.75
N ILE A 69 7.87 -4.99 2.57
CA ILE A 69 7.08 -3.74 2.34
C ILE A 69 5.60 -4.09 2.18
N LEU A 70 5.29 -4.98 1.29
CA LEU A 70 3.86 -5.35 1.08
C LEU A 70 3.16 -5.55 2.42
N GLN A 71 3.55 -6.53 3.18
CA GLN A 71 2.90 -6.78 4.49
C GLN A 71 2.80 -5.49 5.30
N ARG A 72 3.91 -4.83 5.50
CA ARG A 72 3.89 -3.56 6.29
C ARG A 72 2.89 -2.58 5.67
N LEU A 73 3.04 -2.28 4.41
CA LEU A 73 2.09 -1.34 3.75
C LEU A 73 0.65 -1.71 4.10
N GLU A 74 0.28 -2.96 3.92
CA GLU A 74 -1.11 -3.38 4.24
C GLU A 74 -1.45 -3.04 5.68
N GLU A 75 -0.59 -3.39 6.61
CA GLU A 75 -0.87 -3.08 8.04
C GLU A 75 -1.17 -1.59 8.20
N ILE A 76 -0.30 -0.73 7.72
CA ILE A 76 -0.57 0.72 7.84
C ILE A 76 -1.86 1.05 7.11
N ALA A 77 -2.14 0.37 6.04
CA ALA A 77 -3.41 0.63 5.30
C ALA A 77 -4.59 0.47 6.26
N GLU A 78 -4.47 -0.42 7.20
CA GLU A 78 -5.57 -0.62 8.18
C GLU A 78 -5.77 0.65 9.01
N ASP A 79 -4.69 1.26 9.45
CA ASP A 79 -4.82 2.51 10.26
C ASP A 79 -3.68 3.47 9.89
N PRO A 80 -3.97 4.74 9.97
CA PRO A 80 -2.96 5.78 9.66
C PRO A 80 -1.72 5.60 10.54
N GLY A 81 -1.88 5.61 11.82
CA GLY A 81 -0.70 5.44 12.72
C GLY A 81 0.11 6.73 12.76
N THR A 82 1.40 6.63 12.70
CA THR A 82 2.25 7.86 12.75
C THR A 82 2.34 8.50 11.35
N CYS A 83 2.11 7.73 10.32
CA CYS A 83 2.19 8.31 8.94
C CYS A 83 1.23 9.50 8.82
N GLU A 84 -0.02 9.30 9.14
CA GLU A 84 -1.00 10.41 9.03
C GLU A 84 -0.58 11.61 9.91
N ILE A 85 0.15 11.37 10.96
CA ILE A 85 0.56 12.52 11.83
C ILE A 85 2.02 12.91 11.53
N CYS A 86 2.55 12.45 10.43
CA CYS A 86 3.97 12.79 10.07
C CYS A 86 4.91 12.42 11.22
N ALA A 87 4.47 11.60 12.14
CA ALA A 87 5.35 11.21 13.27
C ALA A 87 6.54 10.39 12.75
N TYR A 88 6.47 9.97 11.52
CA TYR A 88 7.59 9.16 10.94
C TYR A 88 7.75 9.45 9.45
N ALA A 89 8.76 8.90 8.84
CA ALA A 89 8.98 9.14 7.37
C ALA A 89 7.99 8.32 6.55
N ALA A 90 7.09 7.62 7.20
CA ALA A 90 6.10 6.80 6.46
C ALA A 90 5.24 7.69 5.56
N CYS A 91 4.80 8.81 6.07
CA CYS A 91 3.93 9.71 5.25
C CYS A 91 4.72 10.93 4.79
N THR A 92 4.76 11.18 3.51
CA THR A 92 5.50 12.36 2.98
C THR A 92 4.52 13.41 2.47
N GLY A 93 4.98 14.63 2.29
CA GLY A 93 4.07 15.70 1.80
C GLY A 93 3.64 16.58 2.98
N CYS A 94 4.17 16.31 4.13
CA CYS A 94 3.81 17.12 5.33
C CYS A 94 3.91 18.61 5.01
N VAL A 1 0.16 13.30 1.68
CA VAL A 1 0.68 12.37 2.73
C VAL A 1 0.42 10.92 2.34
N THR A 2 1.39 10.28 1.73
CA THR A 2 1.20 8.86 1.32
C THR A 2 2.20 7.96 2.04
N VAL A 3 1.97 6.67 2.05
CA VAL A 3 2.92 5.74 2.72
C VAL A 3 4.11 5.47 1.80
N GLN A 4 5.30 5.71 2.26
CA GLN A 4 6.50 5.47 1.39
C GLN A 4 7.36 4.34 1.94
N ASP A 5 7.56 3.31 1.16
CA ASP A 5 8.39 2.16 1.63
C ASP A 5 9.82 2.31 1.08
N GLY A 6 10.14 3.47 0.57
CA GLY A 6 11.50 3.71 0.02
C GLY A 6 11.53 5.09 -0.65
N ASN A 7 12.05 5.17 -1.84
CA ASN A 7 12.09 6.49 -2.54
C ASN A 7 10.85 6.65 -3.43
N PHE A 8 9.86 5.84 -3.20
CA PHE A 8 8.62 5.94 -4.02
C PHE A 8 7.40 6.24 -3.14
N SER A 9 6.64 7.25 -3.47
CA SER A 9 5.44 7.58 -2.65
C SER A 9 4.28 6.67 -3.07
N PHE A 10 3.78 5.87 -2.16
CA PHE A 10 2.66 4.95 -2.51
C PHE A 10 1.41 5.27 -1.67
N SER A 11 0.31 5.55 -2.31
CA SER A 11 -0.94 5.87 -1.55
C SER A 11 -1.43 4.62 -0.82
N LEU A 12 -2.38 4.78 0.06
CA LEU A 12 -2.91 3.60 0.81
C LEU A 12 -4.16 3.04 0.15
N GLU A 13 -4.58 3.63 -0.95
CA GLU A 13 -5.81 3.13 -1.63
C GLU A 13 -5.52 1.79 -2.34
N SER A 14 -4.82 1.84 -3.45
CA SER A 14 -4.52 0.57 -4.18
C SER A 14 -4.13 -0.54 -3.21
N VAL A 15 -3.35 -0.23 -2.22
CA VAL A 15 -2.94 -1.29 -1.24
C VAL A 15 -4.16 -1.72 -0.41
N LYS A 16 -4.86 -0.78 0.16
CA LYS A 16 -6.05 -1.15 0.97
C LYS A 16 -6.90 -2.13 0.17
N LYS A 17 -7.14 -1.85 -1.08
CA LYS A 17 -7.95 -2.77 -1.93
C LYS A 17 -7.10 -3.99 -2.28
N LEU A 18 -5.95 -3.76 -2.84
CA LEU A 18 -5.04 -4.89 -3.22
C LEU A 18 -5.26 -6.10 -2.30
N LYS A 19 -5.43 -5.86 -1.03
CA LYS A 19 -5.66 -7.00 -0.09
C LYS A 19 -6.80 -7.87 -0.61
N ASP A 20 -7.89 -7.27 -1.01
CA ASP A 20 -9.03 -8.07 -1.53
C ASP A 20 -9.22 -7.80 -3.03
N LEU A 21 -8.43 -6.93 -3.59
CA LEU A 21 -8.54 -6.63 -5.05
C LEU A 21 -10.02 -6.43 -5.43
N GLN A 22 -10.42 -5.21 -5.64
CA GLN A 22 -11.83 -4.95 -6.03
C GLN A 22 -11.89 -4.23 -7.39
N GLU A 23 -13.04 -4.18 -7.99
CA GLU A 23 -13.14 -3.50 -9.31
C GLU A 23 -12.35 -2.18 -9.30
N PRO A 24 -12.14 -1.66 -10.48
CA PRO A 24 -11.38 -0.39 -10.61
C PRO A 24 -12.09 0.76 -9.87
N GLN A 25 -12.09 0.71 -8.56
CA GLN A 25 -12.75 1.80 -7.79
C GLN A 25 -11.80 2.99 -7.62
N GLU A 26 -10.72 3.00 -8.35
CA GLU A 26 -9.75 4.12 -8.24
C GLU A 26 -10.46 5.47 -8.34
N PRO A 27 -11.29 5.62 -9.35
CA PRO A 27 -12.02 6.89 -9.55
C PRO A 27 -12.90 7.21 -8.33
N ARG A 28 -13.10 6.26 -7.47
CA ARG A 28 -13.93 6.51 -6.26
C ARG A 28 -13.15 6.17 -4.99
N VAL A 29 -13.01 7.10 -4.09
CA VAL A 29 -12.25 6.82 -2.84
C VAL A 29 -13.13 7.07 -1.61
N GLY A 30 -13.09 6.19 -0.65
CA GLY A 30 -13.92 6.38 0.57
C GLY A 30 -13.23 7.37 1.50
N LYS A 31 -13.99 8.08 2.29
CA LYS A 31 -13.38 9.08 3.22
C LYS A 31 -12.39 8.39 4.16
N LEU A 32 -12.68 7.17 4.56
CA LEU A 32 -11.75 6.45 5.48
C LEU A 32 -11.15 5.24 4.76
N ARG A 33 -9.85 5.08 4.84
CA ARG A 33 -9.19 3.92 4.17
C ARG A 33 -8.51 3.03 5.22
N ASN A 34 -9.24 2.60 6.21
CA ASN A 34 -8.64 1.73 7.26
C ASN A 34 -9.45 0.43 7.40
N PHE A 35 -10.47 0.27 6.61
CA PHE A 35 -11.29 -0.97 6.70
C PHE A 35 -10.50 -2.17 6.18
N ALA A 36 -9.35 -1.94 5.60
CA ALA A 36 -8.55 -3.08 5.08
C ALA A 36 -8.13 -4.00 6.22
N PRO A 37 -7.97 -5.26 5.90
CA PRO A 37 -7.58 -6.28 6.91
C PRO A 37 -6.19 -5.93 7.48
N ILE A 38 -5.43 -6.93 7.84
CA ILE A 38 -4.07 -6.66 8.40
C ILE A 38 -3.01 -7.34 7.55
N PRO A 39 -1.79 -6.88 7.70
CA PRO A 39 -0.65 -7.46 6.93
C PRO A 39 -0.47 -8.95 7.27
N GLY A 40 0.12 -9.70 6.38
CA GLY A 40 0.33 -11.14 6.65
C GLY A 40 0.10 -11.97 5.39
N GLU A 41 -0.15 -11.32 4.27
CA GLU A 41 -0.39 -12.08 3.02
C GLU A 41 0.41 -11.47 1.85
N PRO A 42 1.71 -11.45 2.01
CA PRO A 42 2.60 -10.89 0.96
C PRO A 42 2.46 -11.69 -0.34
N VAL A 43 2.44 -11.03 -1.46
CA VAL A 43 2.31 -11.76 -2.75
C VAL A 43 3.19 -11.09 -3.83
N VAL A 44 4.13 -11.81 -4.38
CA VAL A 44 5.01 -11.23 -5.43
C VAL A 44 5.39 -12.28 -6.47
N PRO A 45 4.39 -12.77 -7.16
CA PRO A 45 4.61 -13.80 -8.21
C PRO A 45 5.53 -13.24 -9.31
N ILE A 46 5.64 -13.94 -10.41
CA ILE A 46 6.52 -13.45 -11.51
C ILE A 46 5.99 -12.11 -12.05
N LEU A 47 4.70 -11.91 -11.99
CA LEU A 47 4.13 -10.63 -12.51
C LEU A 47 3.11 -10.07 -11.51
N CYS A 48 3.51 -9.87 -10.29
CA CYS A 48 2.57 -9.32 -9.26
C CYS A 48 1.34 -10.23 -9.15
N SER A 49 0.94 -10.55 -7.95
CA SER A 49 -0.25 -11.43 -7.77
C SER A 49 -1.53 -10.70 -8.18
N ASN A 50 -1.77 -9.58 -7.59
CA ASN A 50 -3.01 -8.80 -7.93
C ASN A 50 -2.82 -8.05 -9.24
N PRO A 51 -3.57 -8.45 -10.24
CA PRO A 51 -3.48 -7.80 -11.58
C PRO A 51 -3.89 -6.33 -11.49
N ASN A 52 -4.48 -5.95 -10.39
CA ASN A 52 -4.91 -4.52 -10.23
C ASN A 52 -4.36 -3.95 -8.93
N PHE A 53 -3.16 -4.34 -8.55
CA PHE A 53 -2.57 -3.80 -7.29
C PHE A 53 -1.99 -2.42 -7.56
N PRO A 54 -1.45 -1.81 -6.54
CA PRO A 54 -0.84 -0.47 -6.69
C PRO A 54 0.24 -0.51 -7.77
N GLU A 55 -0.16 -0.55 -9.02
CA GLU A 55 0.83 -0.59 -10.13
C GLU A 55 1.97 0.39 -9.86
N GLU A 56 1.67 1.51 -9.24
CA GLU A 56 2.76 2.48 -8.94
C GLU A 56 3.86 1.75 -8.16
N LEU A 57 3.52 0.63 -7.59
CA LEU A 57 4.52 -0.17 -6.82
C LEU A 57 5.10 -1.25 -7.74
N LYS A 58 4.96 -1.04 -9.01
CA LYS A 58 5.49 -2.02 -10.00
C LYS A 58 6.89 -2.48 -9.60
N PRO A 59 7.76 -1.54 -9.33
CA PRO A 59 9.13 -1.88 -8.92
C PRO A 59 9.10 -2.81 -7.71
N LEU A 60 8.34 -2.47 -6.70
CA LEU A 60 8.27 -3.36 -5.50
C LEU A 60 8.03 -4.79 -5.94
N CYS A 61 7.07 -5.01 -6.80
CA CYS A 61 6.79 -6.40 -7.27
C CYS A 61 8.00 -6.95 -8.04
N LYS A 62 8.82 -6.10 -8.58
CA LYS A 62 10.01 -6.58 -9.35
C LYS A 62 11.22 -6.73 -8.43
N GLU A 63 11.05 -6.54 -7.15
CA GLU A 63 12.21 -6.68 -6.22
C GLU A 63 11.88 -7.67 -5.10
N PRO A 64 12.88 -8.41 -4.69
CA PRO A 64 12.69 -9.41 -3.61
C PRO A 64 12.26 -8.73 -2.31
N ASN A 65 12.38 -7.43 -2.23
CA ASN A 65 11.98 -6.73 -0.98
C ASN A 65 10.47 -6.55 -0.93
N ALA A 66 9.82 -6.59 -2.07
CA ALA A 66 8.34 -6.43 -2.08
C ALA A 66 7.71 -7.31 -0.99
N GLN A 67 8.22 -8.50 -0.83
CA GLN A 67 7.65 -9.40 0.22
C GLN A 67 7.86 -8.76 1.60
N GLU A 68 8.97 -8.10 1.79
CA GLU A 68 9.23 -7.42 3.09
C GLU A 68 8.48 -6.09 3.12
N ILE A 69 8.45 -5.39 2.02
CA ILE A 69 7.74 -4.09 1.97
C ILE A 69 6.23 -4.31 2.04
N LEU A 70 5.74 -5.24 1.27
CA LEU A 70 4.27 -5.51 1.27
C LEU A 70 3.72 -5.47 2.69
N GLN A 71 4.07 -6.42 3.51
CA GLN A 71 3.56 -6.42 4.91
C GLN A 71 3.59 -5.01 5.50
N ARG A 72 4.72 -4.36 5.44
CA ARG A 72 4.82 -2.97 5.99
C ARG A 72 3.73 -2.09 5.39
N LEU A 73 3.72 -1.95 4.09
CA LEU A 73 2.66 -1.11 3.44
C LEU A 73 1.29 -1.47 4.00
N GLU A 74 0.93 -2.72 3.95
CA GLU A 74 -0.41 -3.14 4.47
C GLU A 74 -0.59 -2.61 5.90
N GLU A 75 0.40 -2.77 6.73
CA GLU A 75 0.27 -2.28 8.13
C GLU A 75 -0.04 -0.78 8.13
N ILE A 76 0.75 -0.01 7.43
CA ILE A 76 0.50 1.46 7.38
C ILE A 76 -0.90 1.72 6.79
N ALA A 77 -1.27 0.95 5.80
CA ALA A 77 -2.61 1.15 5.19
C ALA A 77 -3.70 1.07 6.28
N GLU A 78 -3.53 0.19 7.23
CA GLU A 78 -4.54 0.08 8.32
C GLU A 78 -4.92 1.48 8.80
N ASP A 79 -3.99 2.40 8.77
CA ASP A 79 -4.24 3.80 9.23
C ASP A 79 -3.83 3.97 10.68
N PRO A 80 -2.54 4.00 10.91
CA PRO A 80 -2.00 4.17 12.27
C PRO A 80 -2.45 5.51 12.86
N GLY A 81 -2.56 6.50 12.02
CA GLY A 81 -2.96 7.84 12.51
C GLY A 81 -1.69 8.62 12.78
N THR A 82 -0.63 7.93 13.11
CA THR A 82 0.67 8.60 13.35
C THR A 82 1.23 9.00 12.00
N CYS A 83 1.11 8.15 11.02
CA CYS A 83 1.62 8.49 9.67
C CYS A 83 0.93 9.76 9.18
N GLU A 84 -0.35 9.88 9.42
CA GLU A 84 -1.09 11.10 8.98
C GLU A 84 -0.56 12.32 9.73
N ILE A 85 -0.15 12.16 10.96
CA ILE A 85 0.37 13.32 11.73
C ILE A 85 1.89 13.40 11.61
N CYS A 86 2.47 12.63 10.72
CA CYS A 86 3.95 12.66 10.56
C CYS A 86 4.64 12.08 11.80
N ALA A 87 3.90 11.44 12.66
CA ALA A 87 4.53 10.86 13.89
C ALA A 87 5.62 9.86 13.48
N TYR A 88 5.39 9.14 12.41
CA TYR A 88 6.42 8.14 11.96
C TYR A 88 6.84 8.44 10.52
N ALA A 89 7.90 7.85 10.07
CA ALA A 89 8.36 8.10 8.67
C ALA A 89 7.40 7.44 7.67
N ALA A 90 6.47 6.66 8.17
CA ALA A 90 5.50 5.97 7.27
C ALA A 90 4.84 6.97 6.31
N CYS A 91 4.57 8.17 6.78
CA CYS A 91 3.90 9.17 5.88
C CYS A 91 4.91 10.22 5.41
N THR A 92 5.11 10.32 4.12
CA THR A 92 6.08 11.34 3.61
C THR A 92 5.33 12.58 3.13
N GLY A 93 6.03 13.59 2.69
CA GLY A 93 5.36 14.82 2.22
C GLY A 93 5.18 15.78 3.40
N CYS A 94 5.50 15.35 4.59
CA CYS A 94 5.35 16.22 5.78
C CYS A 94 6.72 16.51 6.39
N VAL A 1 -0.33 12.88 3.61
CA VAL A 1 0.54 11.89 4.31
C VAL A 1 0.54 10.56 3.55
N THR A 2 1.25 10.50 2.44
CA THR A 2 1.29 9.23 1.66
C THR A 2 2.44 8.35 2.15
N VAL A 3 2.29 7.06 2.02
CA VAL A 3 3.37 6.14 2.47
C VAL A 3 4.47 6.06 1.42
N GLN A 4 5.59 6.70 1.66
CA GLN A 4 6.70 6.67 0.66
C GLN A 4 7.86 5.81 1.18
N ASP A 5 8.25 4.81 0.43
CA ASP A 5 9.37 3.93 0.89
C ASP A 5 10.66 4.33 0.16
N GLY A 6 10.62 5.37 -0.62
CA GLY A 6 11.85 5.81 -1.34
C GLY A 6 11.55 7.10 -2.11
N ASN A 7 12.04 7.20 -3.31
CA ASN A 7 11.79 8.44 -4.11
C ASN A 7 10.39 8.40 -4.73
N PHE A 8 9.65 7.35 -4.48
CA PHE A 8 8.27 7.26 -5.05
C PHE A 8 7.24 7.23 -3.93
N SER A 9 6.23 8.05 -4.02
CA SER A 9 5.18 8.07 -2.96
C SER A 9 4.12 7.01 -3.24
N PHE A 10 3.72 6.27 -2.24
CA PHE A 10 2.67 5.22 -2.46
C PHE A 10 1.39 5.58 -1.70
N SER A 11 0.28 5.62 -2.38
CA SER A 11 -1.00 5.96 -1.68
C SER A 11 -1.45 4.78 -0.82
N LEU A 12 -2.45 4.99 0.01
CA LEU A 12 -2.94 3.87 0.88
C LEU A 12 -4.20 3.25 0.29
N GLU A 13 -4.71 3.80 -0.79
CA GLU A 13 -5.94 3.23 -1.40
C GLU A 13 -5.64 1.87 -2.05
N SER A 14 -4.96 1.87 -3.15
CA SER A 14 -4.65 0.58 -3.83
C SER A 14 -4.25 -0.48 -2.82
N VAL A 15 -3.34 -0.18 -1.94
CA VAL A 15 -2.92 -1.18 -0.93
C VAL A 15 -4.11 -1.53 -0.03
N LYS A 16 -4.80 -0.55 0.47
CA LYS A 16 -5.98 -0.83 1.34
C LYS A 16 -6.96 -1.72 0.57
N LYS A 17 -7.38 -1.29 -0.59
CA LYS A 17 -8.32 -2.12 -1.40
C LYS A 17 -7.54 -3.21 -2.13
N LEU A 18 -6.27 -3.34 -1.83
CA LEU A 18 -5.44 -4.38 -2.51
C LEU A 18 -6.09 -5.76 -2.35
N LYS A 19 -6.71 -6.01 -1.24
CA LYS A 19 -7.38 -7.33 -1.05
C LYS A 19 -8.38 -7.58 -2.18
N ASP A 20 -9.11 -6.56 -2.56
CA ASP A 20 -10.08 -6.72 -3.67
C ASP A 20 -9.53 -6.07 -4.95
N LEU A 21 -9.10 -6.87 -5.89
CA LEU A 21 -8.54 -6.31 -7.15
C LEU A 21 -9.45 -5.20 -7.70
N GLN A 22 -10.73 -5.42 -7.67
CA GLN A 22 -11.67 -4.38 -8.20
C GLN A 22 -11.61 -3.11 -7.34
N GLU A 23 -11.06 -2.05 -7.88
CA GLU A 23 -10.96 -0.78 -7.09
C GLU A 23 -11.58 0.37 -7.89
N PRO A 24 -12.47 1.08 -7.26
CA PRO A 24 -13.14 2.22 -7.93
C PRO A 24 -12.12 3.30 -8.30
N GLN A 25 -12.42 4.10 -9.29
CA GLN A 25 -11.46 5.17 -9.71
C GLN A 25 -11.19 6.12 -8.53
N GLU A 26 -9.96 6.52 -8.35
CA GLU A 26 -9.63 7.45 -7.24
C GLU A 26 -8.95 8.72 -7.78
N PRO A 27 -9.77 9.62 -8.26
CA PRO A 27 -9.26 10.89 -8.83
C PRO A 27 -8.49 11.69 -7.77
N ARG A 28 -9.18 12.37 -6.91
CA ARG A 28 -8.48 13.18 -5.86
C ARG A 28 -9.20 13.06 -4.52
N VAL A 29 -8.48 13.15 -3.44
CA VAL A 29 -9.12 13.06 -2.09
C VAL A 29 -10.10 11.89 -2.04
N GLY A 30 -9.70 10.78 -1.46
CA GLY A 30 -10.61 9.61 -1.37
C GLY A 30 -11.48 9.74 -0.11
N LYS A 31 -12.31 8.77 0.14
CA LYS A 31 -13.19 8.84 1.36
C LYS A 31 -12.41 8.35 2.59
N LEU A 32 -12.71 7.17 3.06
CA LEU A 32 -11.99 6.65 4.26
C LEU A 32 -11.04 5.52 3.85
N ARG A 33 -9.89 5.45 4.46
CA ARG A 33 -8.92 4.37 4.11
C ARG A 33 -8.56 3.55 5.34
N ASN A 34 -9.52 2.85 5.89
CA ASN A 34 -9.23 2.02 7.10
C ASN A 34 -9.79 0.60 6.91
N PHE A 35 -10.12 0.23 5.70
CA PHE A 35 -10.68 -1.13 5.46
C PHE A 35 -9.56 -2.09 5.03
N ALA A 36 -8.33 -1.65 5.10
CA ALA A 36 -7.21 -2.54 4.69
C ALA A 36 -7.10 -3.73 5.66
N PRO A 37 -6.87 -4.89 5.12
CA PRO A 37 -6.73 -6.12 5.94
C PRO A 37 -5.52 -6.01 6.87
N ILE A 38 -4.89 -7.11 7.18
CA ILE A 38 -3.70 -7.05 8.08
C ILE A 38 -2.47 -7.61 7.35
N PRO A 39 -1.32 -7.30 7.90
CA PRO A 39 -0.05 -7.78 7.30
C PRO A 39 0.01 -9.31 7.30
N GLY A 40 0.94 -9.88 6.58
CA GLY A 40 1.04 -11.37 6.55
C GLY A 40 0.45 -11.89 5.25
N GLU A 41 0.11 -11.01 4.34
CA GLU A 41 -0.48 -11.46 3.04
C GLU A 41 0.37 -10.94 1.87
N PRO A 42 1.49 -11.57 1.67
CA PRO A 42 2.41 -11.17 0.58
C PRO A 42 1.71 -11.29 -0.79
N VAL A 43 1.96 -10.38 -1.67
CA VAL A 43 1.32 -10.44 -3.02
C VAL A 43 2.38 -10.51 -4.12
N VAL A 44 3.23 -11.50 -4.06
CA VAL A 44 4.29 -11.62 -5.11
C VAL A 44 4.48 -13.09 -5.52
N PRO A 45 3.45 -13.64 -6.11
CA PRO A 45 3.49 -15.05 -6.58
C PRO A 45 4.62 -15.24 -7.59
N ILE A 46 4.32 -15.70 -8.78
CA ILE A 46 5.41 -15.88 -9.79
C ILE A 46 5.90 -14.48 -10.17
N LEU A 47 4.99 -13.55 -10.18
CA LEU A 47 5.34 -12.14 -10.50
C LEU A 47 4.62 -11.24 -9.49
N CYS A 48 3.41 -10.84 -9.79
CA CYS A 48 2.66 -9.99 -8.83
C CYS A 48 1.28 -10.62 -8.58
N SER A 49 0.82 -10.61 -7.36
CA SER A 49 -0.50 -11.23 -7.06
C SER A 49 -1.63 -10.51 -7.80
N ASN A 50 -1.98 -9.34 -7.37
CA ASN A 50 -3.09 -8.60 -8.05
C ASN A 50 -2.59 -7.91 -9.32
N PRO A 51 -3.09 -8.36 -10.45
CA PRO A 51 -2.69 -7.78 -11.75
C PRO A 51 -3.16 -6.32 -11.85
N ASN A 52 -3.92 -5.87 -10.89
CA ASN A 52 -4.40 -4.47 -10.91
C ASN A 52 -4.11 -3.80 -9.57
N PHE A 53 -3.03 -4.17 -8.93
CA PHE A 53 -2.68 -3.55 -7.62
C PHE A 53 -2.02 -2.20 -7.88
N PRO A 54 -1.58 -1.55 -6.83
CA PRO A 54 -0.91 -0.24 -6.98
C PRO A 54 0.33 -0.42 -7.87
N GLU A 55 0.12 -0.57 -9.14
CA GLU A 55 1.26 -0.78 -10.08
C GLU A 55 2.45 0.10 -9.69
N GLU A 56 2.20 1.25 -9.13
CA GLU A 56 3.35 2.11 -8.71
C GLU A 56 4.27 1.29 -7.82
N LEU A 57 3.74 0.27 -7.19
CA LEU A 57 4.57 -0.61 -6.33
C LEU A 57 5.23 -1.69 -7.18
N LYS A 58 5.00 -1.66 -8.46
CA LYS A 58 5.62 -2.69 -9.36
C LYS A 58 7.07 -2.96 -8.94
N PRO A 59 7.84 -1.91 -8.77
CA PRO A 59 9.25 -2.07 -8.37
C PRO A 59 9.36 -2.92 -7.10
N LEU A 60 8.46 -2.74 -6.16
CA LEU A 60 8.53 -3.55 -4.91
C LEU A 60 8.22 -5.02 -5.23
N CYS A 61 7.40 -5.26 -6.21
CA CYS A 61 7.05 -6.67 -6.56
C CYS A 61 8.27 -7.37 -7.17
N LYS A 62 9.16 -6.62 -7.77
CA LYS A 62 10.37 -7.25 -8.36
C LYS A 62 11.52 -7.16 -7.36
N GLU A 63 11.19 -6.98 -6.12
CA GLU A 63 12.25 -6.85 -5.08
C GLU A 63 12.17 -8.03 -4.10
N PRO A 64 13.32 -8.50 -3.69
CA PRO A 64 13.38 -9.62 -2.72
C PRO A 64 12.73 -9.18 -1.41
N ASN A 65 12.74 -7.91 -1.13
CA ASN A 65 12.14 -7.41 0.15
C ASN A 65 10.63 -7.18 -0.04
N ALA A 66 10.13 -7.32 -1.24
CA ALA A 66 8.67 -7.11 -1.46
C ALA A 66 7.86 -7.79 -0.37
N GLN A 67 8.28 -8.96 0.05
CA GLN A 67 7.53 -9.69 1.11
C GLN A 67 7.46 -8.84 2.39
N GLU A 68 8.53 -8.18 2.74
CA GLU A 68 8.52 -7.34 3.97
C GLU A 68 7.86 -5.99 3.67
N ILE A 69 8.12 -5.43 2.53
CA ILE A 69 7.51 -4.12 2.18
C ILE A 69 5.99 -4.25 2.10
N LEU A 70 5.51 -5.25 1.41
CA LEU A 70 4.03 -5.43 1.30
C LEU A 70 3.39 -5.45 2.69
N GLN A 71 3.87 -6.29 3.56
CA GLN A 71 3.28 -6.35 4.93
C GLN A 71 3.15 -4.93 5.52
N ARG A 72 4.23 -4.20 5.56
CA ARG A 72 4.16 -2.83 6.12
C ARG A 72 3.01 -2.05 5.48
N LEU A 73 2.97 -2.01 4.18
CA LEU A 73 1.86 -1.27 3.49
C LEU A 73 0.51 -1.73 4.03
N GLU A 74 0.28 -3.01 4.07
CA GLU A 74 -1.02 -3.53 4.58
C GLU A 74 -1.32 -2.98 5.97
N GLU A 75 -0.35 -2.95 6.84
CA GLU A 75 -0.60 -2.43 8.23
C GLU A 75 -1.00 -0.95 8.19
N ILE A 76 -0.19 -0.12 7.59
CA ILE A 76 -0.54 1.33 7.53
C ILE A 76 -1.84 1.52 6.75
N ALA A 77 -2.03 0.76 5.71
CA ALA A 77 -3.27 0.89 4.92
C ALA A 77 -4.49 0.60 5.80
N GLU A 78 -4.34 -0.27 6.76
CA GLU A 78 -5.48 -0.60 7.66
C GLU A 78 -5.93 0.64 8.43
N ASP A 79 -5.02 1.48 8.83
CA ASP A 79 -5.42 2.69 9.60
C ASP A 79 -4.27 3.70 9.65
N PRO A 80 -4.63 4.96 9.74
CA PRO A 80 -3.63 6.05 9.80
C PRO A 80 -2.76 5.91 11.04
N GLY A 81 -1.84 4.98 11.04
CA GLY A 81 -0.95 4.80 12.20
C GLY A 81 -0.14 6.09 12.40
N THR A 82 1.14 5.98 12.63
CA THR A 82 1.96 7.20 12.81
C THR A 82 2.20 7.86 11.45
N CYS A 83 2.05 7.10 10.40
CA CYS A 83 2.25 7.68 9.04
C CYS A 83 1.26 8.82 8.82
N GLU A 84 0.02 8.61 9.15
CA GLU A 84 -1.00 9.68 8.95
C GLU A 84 -0.62 10.94 9.73
N ILE A 85 0.07 10.81 10.84
CA ILE A 85 0.44 12.01 11.61
C ILE A 85 1.92 12.35 11.40
N CYS A 86 2.54 11.75 10.42
CA CYS A 86 3.97 12.05 10.15
C CYS A 86 4.82 11.68 11.36
N ALA A 87 4.27 10.94 12.28
CA ALA A 87 5.06 10.55 13.49
C ALA A 87 6.24 9.66 13.09
N TYR A 88 6.15 9.03 11.95
CA TYR A 88 7.27 8.15 11.51
C TYR A 88 7.65 8.46 10.06
N ALA A 89 8.76 7.97 9.61
CA ALA A 89 9.20 8.24 8.21
C ALA A 89 8.31 7.49 7.22
N ALA A 90 7.30 6.80 7.71
CA ALA A 90 6.40 6.05 6.80
C ALA A 90 5.62 7.01 5.90
N CYS A 91 5.19 8.13 6.44
CA CYS A 91 4.41 9.10 5.62
C CYS A 91 5.25 10.34 5.31
N THR A 92 5.56 10.57 4.08
CA THR A 92 6.38 11.77 3.72
C THR A 92 5.47 12.89 3.19
N GLY A 93 6.03 14.02 2.89
CA GLY A 93 5.21 15.16 2.37
C GLY A 93 4.58 15.91 3.55
N CYS A 94 5.03 15.63 4.75
CA CYS A 94 4.45 16.34 5.93
C CYS A 94 4.31 17.83 5.64
N VAL A 1 -1.89 13.00 2.51
CA VAL A 1 -0.95 12.09 3.21
C VAL A 1 -0.72 10.82 2.39
N THR A 2 0.51 10.50 2.11
CA THR A 2 0.80 9.28 1.30
C THR A 2 1.87 8.42 1.98
N VAL A 3 1.80 7.13 1.79
CA VAL A 3 2.81 6.23 2.41
C VAL A 3 3.96 5.99 1.43
N GLN A 4 5.16 6.35 1.81
CA GLN A 4 6.32 6.17 0.89
C GLN A 4 7.27 5.09 1.43
N ASP A 5 7.50 4.06 0.66
CA ASP A 5 8.42 2.98 1.12
C ASP A 5 9.81 3.20 0.52
N GLY A 6 10.02 4.33 -0.11
CA GLY A 6 11.35 4.61 -0.71
C GLY A 6 11.32 6.01 -1.36
N ASN A 7 11.89 6.13 -2.52
CA ASN A 7 11.89 7.47 -3.20
C ASN A 7 10.56 7.68 -3.93
N PHE A 8 9.64 6.77 -3.79
CA PHE A 8 8.32 6.93 -4.48
C PHE A 8 7.17 6.92 -3.46
N SER A 9 6.27 7.86 -3.57
CA SER A 9 5.13 7.91 -2.62
C SER A 9 4.05 6.90 -3.03
N PHE A 10 3.63 6.05 -2.12
CA PHE A 10 2.59 5.05 -2.47
C PHE A 10 1.31 5.31 -1.68
N SER A 11 0.19 5.43 -2.35
CA SER A 11 -1.08 5.69 -1.64
C SER A 11 -1.53 4.43 -0.88
N LEU A 12 -2.49 4.56 0.01
CA LEU A 12 -2.94 3.38 0.78
C LEU A 12 -4.20 2.77 0.15
N GLU A 13 -4.77 3.43 -0.83
CA GLU A 13 -5.99 2.89 -1.49
C GLU A 13 -5.66 1.57 -2.20
N SER A 14 -4.89 1.62 -3.25
CA SER A 14 -4.55 0.38 -3.98
C SER A 14 -4.16 -0.76 -3.03
N VAL A 15 -3.28 -0.51 -2.11
CA VAL A 15 -2.88 -1.60 -1.17
C VAL A 15 -4.10 -2.13 -0.42
N LYS A 16 -4.91 -1.26 0.12
CA LYS A 16 -6.12 -1.75 0.85
C LYS A 16 -6.86 -2.73 -0.06
N LYS A 17 -7.12 -2.33 -1.27
CA LYS A 17 -7.81 -3.26 -2.22
C LYS A 17 -6.85 -4.40 -2.55
N LEU A 18 -5.70 -4.06 -3.07
CA LEU A 18 -4.66 -5.08 -3.42
C LEU A 18 -5.16 -6.50 -3.13
N LYS A 19 -5.28 -6.88 -1.89
CA LYS A 19 -5.78 -8.26 -1.59
C LYS A 19 -7.06 -8.51 -2.40
N ASP A 20 -8.07 -7.71 -2.18
CA ASP A 20 -9.34 -7.88 -2.95
C ASP A 20 -9.49 -6.73 -3.95
N LEU A 21 -9.12 -6.95 -5.18
CA LEU A 21 -9.23 -5.86 -6.20
C LEU A 21 -10.54 -5.98 -6.99
N GLN A 22 -11.19 -4.87 -7.23
CA GLN A 22 -12.46 -4.91 -8.00
C GLN A 22 -12.26 -4.25 -9.37
N GLU A 23 -13.33 -4.02 -10.09
CA GLU A 23 -13.18 -3.37 -11.42
C GLU A 23 -12.23 -2.17 -11.32
N PRO A 24 -11.67 -1.78 -12.43
CA PRO A 24 -10.73 -0.64 -12.45
C PRO A 24 -11.42 0.63 -11.94
N GLN A 25 -10.65 1.62 -11.54
CA GLN A 25 -11.26 2.88 -11.03
C GLN A 25 -12.04 2.61 -9.75
N GLU A 26 -11.38 2.60 -8.62
CA GLU A 26 -12.08 2.34 -7.33
C GLU A 26 -13.47 2.97 -7.35
N PRO A 27 -14.45 2.16 -7.66
CA PRO A 27 -15.86 2.63 -7.72
C PRO A 27 -16.34 3.05 -6.33
N ARG A 28 -15.77 2.50 -5.30
CA ARG A 28 -16.21 2.86 -3.91
C ARG A 28 -15.63 4.22 -3.52
N VAL A 29 -16.38 4.98 -2.76
CA VAL A 29 -15.87 6.32 -2.33
C VAL A 29 -16.19 6.56 -0.86
N GLY A 30 -15.26 7.12 -0.12
CA GLY A 30 -15.51 7.38 1.33
C GLY A 30 -14.27 8.03 1.95
N LYS A 31 -14.26 8.18 3.25
CA LYS A 31 -13.08 8.81 3.91
C LYS A 31 -12.39 7.81 4.83
N LEU A 32 -11.15 8.03 5.15
CA LEU A 32 -10.42 7.09 6.05
C LEU A 32 -10.51 5.66 5.52
N ARG A 33 -9.46 5.17 4.92
CA ARG A 33 -9.48 3.79 4.38
C ARG A 33 -8.70 2.84 5.32
N ASN A 34 -9.14 2.72 6.53
CA ASN A 34 -8.43 1.83 7.49
C ASN A 34 -8.99 0.40 7.40
N PHE A 35 -9.70 0.10 6.36
CA PHE A 35 -10.27 -1.28 6.21
C PHE A 35 -9.25 -2.20 5.54
N ALA A 36 -8.00 -1.82 5.53
CA ALA A 36 -6.97 -2.67 4.89
C ALA A 36 -7.04 -4.09 5.45
N PRO A 37 -6.71 -5.05 4.62
CA PRO A 37 -6.73 -6.48 5.03
C PRO A 37 -5.75 -6.71 6.18
N ILE A 38 -5.18 -7.89 6.25
CA ILE A 38 -4.21 -8.18 7.34
C ILE A 38 -2.88 -8.67 6.75
N PRO A 39 -1.80 -8.26 7.37
CA PRO A 39 -0.46 -8.66 6.90
C PRO A 39 -0.29 -10.19 6.98
N GLY A 40 0.70 -10.72 6.31
CA GLY A 40 0.91 -12.19 6.35
C GLY A 40 0.38 -12.83 5.07
N GLU A 41 -0.07 -12.02 4.14
CA GLU A 41 -0.60 -12.57 2.86
C GLU A 41 0.19 -12.01 1.68
N PRO A 42 1.32 -12.63 1.41
CA PRO A 42 2.18 -12.20 0.28
C PRO A 42 1.44 -12.31 -1.04
N VAL A 43 1.63 -11.36 -1.91
CA VAL A 43 0.93 -11.41 -3.24
C VAL A 43 1.81 -10.76 -4.32
N VAL A 44 2.95 -11.33 -4.59
CA VAL A 44 3.84 -10.74 -5.64
C VAL A 44 4.31 -11.82 -6.61
N PRO A 45 3.36 -12.44 -7.26
CA PRO A 45 3.68 -13.51 -8.23
C PRO A 45 4.56 -12.96 -9.36
N ILE A 46 5.12 -13.82 -10.17
CA ILE A 46 5.99 -13.33 -11.29
C ILE A 46 5.26 -12.25 -12.08
N LEU A 47 3.99 -12.43 -12.32
CA LEU A 47 3.23 -11.41 -13.09
C LEU A 47 2.34 -10.58 -12.16
N CYS A 48 2.73 -10.48 -10.91
CA CYS A 48 1.92 -9.69 -9.94
C CYS A 48 0.50 -10.27 -9.86
N SER A 49 -0.09 -10.27 -8.71
CA SER A 49 -1.46 -10.83 -8.58
C SER A 49 -2.47 -9.92 -9.28
N ASN A 50 -2.80 -8.81 -8.67
CA ASN A 50 -3.78 -7.88 -9.30
C ASN A 50 -3.09 -7.01 -10.35
N PRO A 51 -3.51 -7.18 -11.58
CA PRO A 51 -2.95 -6.39 -12.70
C PRO A 51 -3.28 -4.89 -12.53
N ASN A 52 -3.94 -4.54 -11.47
CA ASN A 52 -4.29 -3.11 -11.26
C ASN A 52 -3.97 -2.70 -9.81
N PHE A 53 -2.96 -3.30 -9.23
CA PHE A 53 -2.59 -2.94 -7.83
C PHE A 53 -1.86 -1.60 -7.83
N PRO A 54 -1.41 -1.17 -6.68
CA PRO A 54 -0.68 0.11 -6.59
C PRO A 54 0.52 0.10 -7.52
N GLU A 55 0.27 0.21 -8.80
CA GLU A 55 1.39 0.21 -9.80
C GLU A 55 2.54 1.06 -9.30
N GLU A 56 2.26 2.14 -8.60
CA GLU A 56 3.36 2.99 -8.08
C GLU A 56 4.31 2.11 -7.24
N LEU A 57 3.84 0.96 -6.85
CA LEU A 57 4.68 0.03 -6.05
C LEU A 57 5.29 -1.02 -6.98
N LYS A 58 5.18 -0.79 -8.26
CA LYS A 58 5.74 -1.76 -9.25
C LYS A 58 7.09 -2.30 -8.78
N PRO A 59 7.98 -1.41 -8.44
CA PRO A 59 9.31 -1.84 -7.96
C PRO A 59 9.18 -2.83 -6.81
N LEU A 60 8.28 -2.59 -5.89
CA LEU A 60 8.11 -3.54 -4.76
C LEU A 60 7.69 -4.91 -5.30
N CYS A 61 6.91 -4.93 -6.35
CA CYS A 61 6.48 -6.24 -6.93
C CYS A 61 7.68 -6.97 -7.52
N LYS A 62 8.66 -6.25 -7.98
CA LYS A 62 9.86 -6.91 -8.57
C LYS A 62 11.01 -6.83 -7.57
N GLU A 63 10.69 -6.70 -6.32
CA GLU A 63 11.76 -6.61 -5.29
C GLU A 63 11.69 -7.80 -4.33
N PRO A 64 12.84 -8.29 -3.96
CA PRO A 64 12.90 -9.42 -3.01
C PRO A 64 12.32 -9.00 -1.67
N ASN A 65 12.44 -7.75 -1.31
CA ASN A 65 11.90 -7.28 0.00
C ASN A 65 10.38 -7.06 -0.09
N ALA A 66 9.82 -7.14 -1.27
CA ALA A 66 8.35 -6.95 -1.42
C ALA A 66 7.60 -7.73 -0.34
N GLN A 67 8.05 -8.92 -0.04
CA GLN A 67 7.38 -9.74 1.00
C GLN A 67 7.40 -9.01 2.35
N GLU A 68 8.50 -8.39 2.68
CA GLU A 68 8.58 -7.66 3.98
C GLU A 68 7.91 -6.29 3.85
N ILE A 69 8.07 -5.66 2.72
CA ILE A 69 7.44 -4.32 2.53
C ILE A 69 5.92 -4.44 2.52
N LEU A 70 5.40 -5.45 1.87
CA LEU A 70 3.92 -5.62 1.82
C LEU A 70 3.33 -5.70 3.23
N GLN A 71 3.78 -6.64 4.02
CA GLN A 71 3.24 -6.75 5.41
C GLN A 71 3.24 -5.37 6.06
N ARG A 72 3.98 -4.45 5.52
CA ARG A 72 4.00 -3.08 6.09
C ARG A 72 2.87 -2.28 5.47
N LEU A 73 2.87 -2.16 4.17
CA LEU A 73 1.76 -1.42 3.51
C LEU A 73 0.44 -1.97 4.02
N GLU A 74 0.28 -3.27 3.97
CA GLU A 74 -0.98 -3.87 4.48
C GLU A 74 -1.22 -3.43 5.92
N GLU A 75 -0.27 -3.65 6.79
CA GLU A 75 -0.45 -3.23 8.21
C GLU A 75 -0.65 -1.71 8.29
N ILE A 76 0.26 -0.95 7.73
CA ILE A 76 0.11 0.53 7.77
C ILE A 76 -1.16 0.95 7.04
N ALA A 77 -1.50 0.23 6.00
CA ALA A 77 -2.74 0.58 5.25
C ALA A 77 -3.94 0.52 6.19
N GLU A 78 -3.93 -0.37 7.12
CA GLU A 78 -5.06 -0.49 8.09
C GLU A 78 -5.25 0.84 8.84
N ASP A 79 -4.19 1.49 9.21
CA ASP A 79 -4.31 2.78 9.95
C ASP A 79 -3.19 3.74 9.55
N PRO A 80 -3.47 5.00 9.67
CA PRO A 80 -2.47 6.05 9.32
C PRO A 80 -1.20 5.87 10.16
N GLY A 81 -1.33 5.83 11.45
CA GLY A 81 -0.12 5.66 12.31
C GLY A 81 0.64 6.99 12.38
N THR A 82 1.95 6.93 12.33
CA THR A 82 2.74 8.18 12.39
C THR A 82 2.78 8.86 11.01
N CYS A 83 2.51 8.12 9.98
CA CYS A 83 2.52 8.73 8.62
C CYS A 83 1.57 9.92 8.57
N GLU A 84 0.34 9.72 8.95
CA GLU A 84 -0.65 10.84 8.92
C GLU A 84 -0.15 12.03 9.75
N ILE A 85 0.61 11.78 10.78
CA ILE A 85 1.09 12.92 11.62
C ILE A 85 2.53 13.30 11.22
N CYS A 86 2.97 12.84 10.08
CA CYS A 86 4.36 13.17 9.64
C CYS A 86 5.37 12.87 10.75
N ALA A 87 5.02 11.99 11.65
CA ALA A 87 5.96 11.66 12.76
C ALA A 87 7.14 10.85 12.22
N TYR A 88 7.06 10.38 11.00
CA TYR A 88 8.18 9.59 10.43
C TYR A 88 8.22 9.77 8.91
N ALA A 89 9.26 9.27 8.27
CA ALA A 89 9.36 9.43 6.80
C ALA A 89 8.45 8.42 6.10
N ALA A 90 7.72 7.64 6.86
CA ALA A 90 6.81 6.63 6.24
C ALA A 90 5.70 7.33 5.45
N CYS A 91 5.56 8.62 5.60
CA CYS A 91 4.49 9.36 4.87
C CYS A 91 5.11 10.23 3.77
N THR A 92 4.32 11.04 3.13
CA THR A 92 4.86 11.91 2.05
C THR A 92 4.05 13.21 1.94
N GLY A 93 2.89 13.26 2.52
CA GLY A 93 2.07 14.51 2.44
C GLY A 93 2.76 15.63 3.21
N CYS A 94 3.60 15.29 4.16
CA CYS A 94 4.30 16.35 4.94
C CYS A 94 5.81 16.12 4.90
N VAL A 1 -0.40 13.57 2.32
CA VAL A 1 0.28 12.54 3.16
C VAL A 1 0.25 11.18 2.46
N THR A 2 1.32 10.80 1.83
CA THR A 2 1.34 9.48 1.12
C THR A 2 2.44 8.59 1.71
N VAL A 3 2.24 7.30 1.69
CA VAL A 3 3.27 6.39 2.25
C VAL A 3 4.35 6.11 1.19
N GLN A 4 5.54 6.57 1.42
CA GLN A 4 6.63 6.35 0.42
C GLN A 4 7.67 5.36 0.96
N ASP A 5 7.85 4.26 0.30
CA ASP A 5 8.86 3.26 0.76
C ASP A 5 10.12 3.38 -0.08
N GLY A 6 10.19 4.37 -0.93
CA GLY A 6 11.39 4.56 -1.78
C GLY A 6 11.32 5.92 -2.48
N ASN A 7 11.76 5.99 -3.71
CA ASN A 7 11.71 7.29 -4.44
C ASN A 7 10.31 7.53 -5.01
N PHE A 8 9.38 6.67 -4.70
CA PHE A 8 7.99 6.86 -5.23
C PHE A 8 6.98 6.85 -4.08
N SER A 9 6.03 7.75 -4.11
CA SER A 9 5.02 7.79 -3.01
C SER A 9 3.96 6.72 -3.24
N PHE A 10 3.66 5.95 -2.23
CA PHE A 10 2.64 4.87 -2.39
C PHE A 10 1.40 5.18 -1.55
N SER A 11 0.26 5.26 -2.17
CA SER A 11 -1.00 5.55 -1.39
C SER A 11 -1.44 4.29 -0.64
N LEU A 12 -2.41 4.41 0.22
CA LEU A 12 -2.88 3.22 0.99
C LEU A 12 -4.19 2.68 0.41
N GLU A 13 -4.83 3.43 -0.45
CA GLU A 13 -6.12 2.95 -1.04
C GLU A 13 -5.90 1.68 -1.87
N SER A 14 -5.31 1.81 -3.04
CA SER A 14 -5.07 0.62 -3.89
C SER A 14 -4.62 -0.56 -3.04
N VAL A 15 -3.71 -0.33 -2.12
CA VAL A 15 -3.24 -1.45 -1.26
C VAL A 15 -4.42 -1.99 -0.45
N LYS A 16 -5.19 -1.14 0.15
CA LYS A 16 -6.37 -1.64 0.93
C LYS A 16 -7.21 -2.51 0.00
N LYS A 17 -7.54 -2.01 -1.15
CA LYS A 17 -8.35 -2.81 -2.12
C LYS A 17 -7.45 -3.81 -2.84
N LEU A 18 -6.20 -3.90 -2.45
CA LEU A 18 -5.26 -4.85 -3.11
C LEU A 18 -5.73 -6.29 -2.90
N LYS A 19 -6.50 -6.54 -1.87
CA LYS A 19 -6.97 -7.93 -1.62
C LYS A 19 -7.94 -8.37 -2.72
N ASP A 20 -8.69 -7.45 -3.27
CA ASP A 20 -9.66 -7.82 -4.34
C ASP A 20 -9.29 -7.10 -5.64
N LEU A 21 -9.06 -7.84 -6.69
CA LEU A 21 -8.69 -7.20 -7.99
C LEU A 21 -9.95 -6.79 -8.76
N GLN A 22 -9.80 -6.02 -9.79
CA GLN A 22 -10.99 -5.59 -10.59
C GLN A 22 -11.97 -4.82 -9.70
N GLU A 23 -11.51 -3.80 -9.05
CA GLU A 23 -12.40 -3.00 -8.17
C GLU A 23 -12.14 -1.50 -8.37
N PRO A 24 -13.07 -0.70 -7.93
CA PRO A 24 -12.95 0.76 -8.07
C PRO A 24 -11.70 1.27 -7.32
N GLN A 25 -10.84 1.98 -8.00
CA GLN A 25 -9.61 2.49 -7.33
C GLN A 25 -9.99 3.35 -6.13
N GLU A 26 -11.03 4.13 -6.26
CA GLU A 26 -11.45 5.01 -5.12
C GLU A 26 -12.98 5.07 -5.07
N PRO A 27 -13.57 4.04 -4.54
CA PRO A 27 -15.04 3.96 -4.41
C PRO A 27 -15.57 5.10 -3.52
N ARG A 28 -16.70 5.64 -3.84
CA ARG A 28 -17.28 6.73 -3.00
C ARG A 28 -17.33 6.30 -1.53
N VAL A 29 -17.16 7.22 -0.63
CA VAL A 29 -17.21 6.87 0.82
C VAL A 29 -16.19 5.76 1.11
N GLY A 30 -15.92 5.50 2.36
CA GLY A 30 -14.94 4.43 2.71
C GLY A 30 -13.53 5.02 2.71
N LYS A 31 -13.41 6.31 2.70
CA LYS A 31 -12.06 6.94 2.69
C LYS A 31 -11.20 6.36 3.82
N LEU A 32 -11.82 5.92 4.89
CA LEU A 32 -11.04 5.35 6.01
C LEU A 32 -10.17 4.19 5.52
N ARG A 33 -10.69 3.37 4.66
CA ARG A 33 -9.90 2.22 4.13
C ARG A 33 -9.03 1.63 5.24
N ASN A 34 -9.63 0.93 6.17
CA ASN A 34 -8.84 0.34 7.28
C ASN A 34 -9.04 -1.18 7.35
N PHE A 35 -9.01 -1.85 6.23
CA PHE A 35 -9.19 -3.32 6.25
C PHE A 35 -7.85 -4.01 5.95
N ALA A 36 -7.37 -4.82 6.85
CA ALA A 36 -6.07 -5.51 6.63
C ALA A 36 -6.23 -6.64 5.60
N PRO A 37 -5.55 -6.49 4.49
CA PRO A 37 -5.60 -7.51 3.41
C PRO A 37 -5.02 -8.84 3.91
N ILE A 38 -4.48 -8.86 5.10
CA ILE A 38 -3.89 -10.13 5.63
C ILE A 38 -2.59 -10.46 4.90
N PRO A 39 -1.54 -9.77 5.28
CA PRO A 39 -0.21 -9.99 4.66
C PRO A 39 0.27 -11.41 4.91
N GLY A 40 1.16 -11.90 4.08
CA GLY A 40 1.67 -13.28 4.27
C GLY A 40 1.27 -14.16 3.08
N GLU A 41 1.38 -13.63 1.90
CA GLU A 41 1.00 -14.42 0.68
C GLU A 41 2.19 -14.52 -0.28
N PRO A 42 2.03 -15.37 -1.27
CA PRO A 42 3.10 -15.57 -2.28
C PRO A 42 3.38 -14.29 -3.06
N VAL A 43 4.57 -14.16 -3.60
CA VAL A 43 4.94 -12.94 -4.37
C VAL A 43 4.26 -11.69 -3.79
N VAL A 44 4.83 -11.09 -2.78
CA VAL A 44 4.20 -9.87 -2.21
C VAL A 44 2.69 -10.13 -2.05
N PRO A 45 1.90 -9.09 -1.92
CA PRO A 45 0.43 -9.29 -1.76
C PRO A 45 -0.13 -10.09 -2.95
N ILE A 46 -1.00 -11.02 -2.68
CA ILE A 46 -1.58 -11.85 -3.77
C ILE A 46 -1.89 -11.00 -5.02
N LEU A 47 -2.37 -9.81 -4.83
CA LEU A 47 -2.69 -8.95 -6.02
C LEU A 47 -1.55 -7.99 -6.31
N CYS A 48 -0.39 -8.21 -5.74
CA CYS A 48 0.75 -7.30 -6.01
C CYS A 48 1.23 -7.51 -7.45
N SER A 49 1.56 -8.73 -7.81
CA SER A 49 2.01 -8.99 -9.20
C SER A 49 0.87 -8.63 -10.15
N ASN A 50 -0.34 -8.68 -9.68
CA ASN A 50 -1.51 -8.34 -10.53
C ASN A 50 -1.27 -6.99 -11.22
N PRO A 51 -1.49 -6.96 -12.51
CA PRO A 51 -1.30 -5.71 -13.29
C PRO A 51 -2.35 -4.65 -12.89
N ASN A 52 -3.20 -4.95 -11.94
CA ASN A 52 -4.22 -3.96 -11.52
C ASN A 52 -3.96 -3.47 -10.09
N PHE A 53 -2.86 -3.86 -9.51
CA PHE A 53 -2.56 -3.41 -8.11
C PHE A 53 -2.00 -1.99 -8.15
N PRO A 54 -1.64 -1.48 -6.99
CA PRO A 54 -1.06 -0.12 -6.92
C PRO A 54 0.22 -0.08 -7.75
N GLU A 55 0.08 -0.09 -9.05
CA GLU A 55 1.28 -0.08 -9.94
C GLU A 55 2.35 0.83 -9.36
N GLU A 56 1.97 1.84 -8.63
CA GLU A 56 3.00 2.74 -8.03
C GLU A 56 3.97 1.90 -7.20
N LEU A 57 3.56 0.74 -6.78
CA LEU A 57 4.46 -0.16 -5.99
C LEU A 57 5.20 -1.11 -6.93
N LYS A 58 5.13 -0.87 -8.20
CA LYS A 58 5.82 -1.75 -9.18
C LYS A 58 7.19 -2.17 -8.66
N PRO A 59 7.97 -1.20 -8.26
CA PRO A 59 9.32 -1.50 -7.72
C PRO A 59 9.23 -2.50 -6.57
N LEU A 60 8.30 -2.31 -5.65
CA LEU A 60 8.19 -3.26 -4.51
C LEU A 60 7.97 -4.68 -5.03
N CYS A 61 7.15 -4.84 -6.03
CA CYS A 61 6.90 -6.22 -6.57
C CYS A 61 8.17 -6.75 -7.22
N LYS A 62 9.03 -5.90 -7.68
CA LYS A 62 10.29 -6.37 -8.33
C LYS A 62 11.45 -6.33 -7.34
N GLU A 63 11.19 -5.93 -6.11
CA GLU A 63 12.29 -5.88 -5.10
C GLU A 63 12.12 -7.01 -4.08
N PRO A 64 13.23 -7.61 -3.71
CA PRO A 64 13.20 -8.72 -2.74
C PRO A 64 12.66 -8.25 -1.38
N ASN A 65 12.71 -6.98 -1.12
CA ASN A 65 12.22 -6.47 0.20
C ASN A 65 10.68 -6.36 0.19
N ALA A 66 10.07 -6.49 -0.96
CA ALA A 66 8.58 -6.41 -1.01
C ALA A 66 7.97 -7.30 0.07
N GLN A 67 8.62 -8.39 0.38
CA GLN A 67 8.09 -9.31 1.43
C GLN A 67 8.00 -8.57 2.76
N GLU A 68 8.98 -7.74 3.05
CA GLU A 68 8.95 -6.98 4.33
C GLU A 68 8.02 -5.77 4.18
N ILE A 69 8.09 -5.11 3.06
CA ILE A 69 7.21 -3.92 2.85
C ILE A 69 5.76 -4.37 2.74
N LEU A 70 5.50 -5.36 1.93
CA LEU A 70 4.10 -5.87 1.78
C LEU A 70 3.42 -5.94 3.15
N GLN A 71 3.86 -6.80 4.01
CA GLN A 71 3.23 -6.91 5.36
C GLN A 71 3.01 -5.51 5.95
N ARG A 72 4.05 -4.71 5.97
CA ARG A 72 3.90 -3.34 6.54
C ARG A 72 2.92 -2.52 5.71
N LEU A 73 3.10 -2.48 4.41
CA LEU A 73 2.18 -1.71 3.55
C LEU A 73 0.73 -2.01 3.94
N GLU A 74 0.31 -3.24 3.85
CA GLU A 74 -1.08 -3.60 4.25
C GLU A 74 -1.39 -3.03 5.63
N GLU A 75 -0.53 -3.27 6.59
CA GLU A 75 -0.78 -2.75 7.96
C GLU A 75 -1.08 -1.24 7.91
N ILE A 76 -0.21 -0.46 7.33
CA ILE A 76 -0.47 0.99 7.25
C ILE A 76 -1.79 1.25 6.54
N ALA A 77 -2.08 0.49 5.52
CA ALA A 77 -3.36 0.67 4.79
C ALA A 77 -4.54 0.56 5.77
N GLU A 78 -4.40 -0.29 6.76
CA GLU A 78 -5.49 -0.45 7.76
C GLU A 78 -5.72 0.87 8.51
N ASP A 79 -4.67 1.55 8.88
CA ASP A 79 -4.85 2.84 9.61
C ASP A 79 -3.65 3.75 9.36
N PRO A 80 -3.87 5.02 9.56
CA PRO A 80 -2.80 6.03 9.36
C PRO A 80 -1.61 5.74 10.29
N GLY A 81 -1.84 5.62 11.57
CA GLY A 81 -0.73 5.34 12.50
C GLY A 81 0.15 6.58 12.64
N THR A 82 1.44 6.41 12.70
CA THR A 82 2.35 7.58 12.83
C THR A 82 2.59 8.22 11.46
N CYS A 83 2.36 7.49 10.41
CA CYS A 83 2.58 8.08 9.04
C CYS A 83 1.72 9.32 8.88
N GLU A 84 0.47 9.25 9.25
CA GLU A 84 -0.43 10.43 9.09
C GLU A 84 0.06 11.62 9.93
N ILE A 85 0.72 11.37 11.03
CA ILE A 85 1.20 12.50 11.87
C ILE A 85 2.67 12.81 11.57
N CYS A 86 3.23 12.17 10.57
CA CYS A 86 4.65 12.44 10.22
C CYS A 86 5.59 11.95 11.33
N ALA A 87 5.05 11.29 12.32
CA ALA A 87 5.92 10.78 13.43
C ALA A 87 6.87 9.71 12.89
N TYR A 88 6.57 9.15 11.75
CA TYR A 88 7.44 8.10 11.17
C TYR A 88 7.81 8.45 9.73
N ALA A 89 8.89 7.90 9.24
CA ALA A 89 9.29 8.20 7.84
C ALA A 89 8.33 7.51 6.86
N ALA A 90 7.37 6.80 7.36
CA ALA A 90 6.41 6.10 6.46
C ALA A 90 5.62 7.12 5.62
N CYS A 91 5.36 8.28 6.16
CA CYS A 91 4.59 9.29 5.39
C CYS A 91 5.49 10.45 4.96
N THR A 92 5.74 10.58 3.69
CA THR A 92 6.62 11.69 3.22
C THR A 92 5.79 12.83 2.64
N GLY A 93 6.41 13.91 2.29
CA GLY A 93 5.65 15.06 1.73
C GLY A 93 5.29 16.03 2.86
N CYS A 94 5.41 15.59 4.07
CA CYS A 94 5.08 16.47 5.23
C CYS A 94 5.79 17.82 5.07
#